data_4NG3
#
_entry.id   4NG3
#
_cell.length_a   80.544
_cell.length_b   100.399
_cell.length_c   100.024
_cell.angle_alpha   66.64
_cell.angle_beta   67.96
_cell.angle_gamma   88.24
#
_symmetry.space_group_name_H-M   'P 1'
#
loop_
_entity.id
_entity.type
_entity.pdbx_description
1 polymer '5-carboxyvanillate decarboxylase'
2 non-polymer 'MANGANESE (II) ION'
3 non-polymer '4-hydroxy-3-methoxy-5-nitrobenzoic acid'
4 non-polymer 1,2-ETHANEDIOL
5 non-polymer DI(HYDROXYETHYL)ETHER
6 water water
#
_entity_poly.entity_id   1
_entity_poly.type   'polypeptide(L)'
_entity_poly.pdbx_seq_one_letter_code
;SLRLIATEEAVTFQPVVDALRAHSRTDDASLDMILVRDVYGDEPARPAMIGRLSDVTGERLAEMDSNGVDMHLLSLTAPG
VQMFDAETGTRLARIANDLMAQTVAANPTRFAGLGTFAPQDPASAAREIERVATQLRLNGLVINSHTNDLYYDDPFFHPV
FEAIEASGLALYIHPRAPSKQIDRAFRDYGMNSAIWGYGIETSTNAVRMILSGLFDRFPRLKIVLGHMGEAIPFWLWRLD
YMHGNATTFGGAPKLKLKPSEYFRRNFAITTSGVESHAALRYSIEVLGPENVMWAIDYPYQPMAPAVQFIRTAPIPEDVK
AMVAGGNAARIFRIT
;
_entity_poly.pdbx_strand_id   A,B,C,D,E,F,G,H
#
loop_
_chem_comp.id
_chem_comp.type
_chem_comp.name
_chem_comp.formula
1DF non-polymer '4-hydroxy-3-methoxy-5-nitrobenzoic acid' 'C8 H7 N O6'
EDO non-polymer 1,2-ETHANEDIOL 'C2 H6 O2'
MN non-polymer 'MANGANESE (II) ION' 'Mn 2'
PEG non-polymer DI(HYDROXYETHYL)ETHER 'C4 H10 O3'
#
# COMPACT_ATOMS: atom_id res chain seq x y z
N SER A 1 20.32 -12.85 -13.36
CA SER A 1 19.91 -12.05 -14.50
C SER A 1 20.02 -10.56 -14.22
N LEU A 2 19.91 -10.18 -12.96
CA LEU A 2 20.08 -8.78 -12.59
C LEU A 2 21.50 -8.35 -12.94
N ARG A 3 21.65 -7.36 -13.81
CA ARG A 3 23.00 -6.89 -14.13
C ARG A 3 23.56 -5.97 -13.06
N LEU A 4 24.63 -6.40 -12.41
CA LEU A 4 25.19 -5.63 -11.31
C LEU A 4 26.48 -4.95 -11.72
N ILE A 5 26.46 -3.61 -11.76
CA ILE A 5 27.65 -2.81 -12.03
C ILE A 5 27.99 -1.99 -10.80
N ALA A 6 29.07 -2.36 -10.13
CA ALA A 6 29.47 -1.68 -8.89
C ALA A 6 30.28 -0.43 -9.22
N THR A 7 29.87 0.73 -8.70
CA THR A 7 30.41 1.99 -9.23
C THR A 7 31.50 2.70 -8.41
N GLU A 8 31.88 2.17 -7.26
CA GLU A 8 32.91 2.84 -6.46
C GLU A 8 33.98 1.87 -6.00
N GLU A 9 34.64 1.23 -6.95
CA GLU A 9 35.50 0.12 -6.63
C GLU A 9 36.96 0.52 -6.73
N ALA A 10 37.63 0.53 -5.59
CA ALA A 10 38.97 1.10 -5.50
C ALA A 10 40.02 0.14 -6.02
N VAL A 11 41.06 0.71 -6.63
CA VAL A 11 42.19 -0.03 -7.13
C VAL A 11 43.43 0.86 -6.95
N THR A 12 44.61 0.27 -7.01
CA THR A 12 45.82 1.07 -7.06
C THR A 12 46.84 0.38 -7.94
N PHE A 13 47.91 1.09 -8.27
CA PHE A 13 48.97 0.58 -9.14
C PHE A 13 50.31 0.81 -8.47
N GLN A 14 51.27 -0.05 -8.77
CA GLN A 14 52.58 0.00 -8.12
C GLN A 14 53.28 1.38 -8.11
N PRO A 15 53.25 2.11 -9.25
CA PRO A 15 53.91 3.42 -9.18
C PRO A 15 53.26 4.38 -8.18
N VAL A 16 51.95 4.29 -8.00
CA VAL A 16 51.28 5.12 -7.02
C VAL A 16 51.55 4.62 -5.60
N VAL A 17 51.52 3.31 -5.41
CA VAL A 17 51.83 2.73 -4.12
C VAL A 17 53.22 3.15 -3.63
N ASP A 18 54.21 3.05 -4.52
CA ASP A 18 55.58 3.41 -4.15
C ASP A 18 55.72 4.90 -3.83
N ALA A 19 54.99 5.74 -4.54
CA ALA A 19 55.05 7.17 -4.25
C ALA A 19 54.43 7.48 -2.87
N LEU A 20 53.35 6.77 -2.54
CA LEU A 20 52.68 6.98 -1.26
C LEU A 20 53.50 6.41 -0.10
N ARG A 21 54.18 5.30 -0.36
CA ARG A 21 55.11 4.75 0.61
C ARG A 21 56.15 5.81 0.98
N ALA A 22 56.70 6.48 -0.02
CA ALA A 22 57.68 7.53 0.24
C ALA A 22 57.02 8.72 0.93
N HIS A 23 55.81 9.07 0.50
CA HIS A 23 55.13 10.23 1.08
C HIS A 23 54.84 10.04 2.57
N SER A 24 54.67 8.78 2.98
CA SER A 24 54.29 8.47 4.35
C SER A 24 55.39 8.85 5.35
N ARG A 25 56.61 9.02 4.85
CA ARG A 25 57.73 9.32 5.74
C ARG A 25 57.95 10.81 5.89
N THR A 26 57.14 11.61 5.20
CA THR A 26 57.36 13.05 5.13
C THR A 26 56.64 13.79 6.24
N ASP A 27 56.83 15.10 6.27
CA ASP A 27 56.30 15.99 7.30
C ASP A 27 54.91 16.52 6.98
N ASP A 28 54.26 15.96 5.97
CA ASP A 28 52.93 16.40 5.55
C ASP A 28 51.94 16.43 6.71
N ALA A 29 51.26 17.57 6.89
CA ALA A 29 50.29 17.74 7.96
C ALA A 29 48.85 17.42 7.55
N SER A 30 48.63 17.09 6.27
CA SER A 30 47.30 16.68 5.81
C SER A 30 46.69 15.56 6.67
N LEU A 31 45.40 15.65 6.93
CA LEU A 31 44.71 14.63 7.71
C LEU A 31 44.69 13.28 6.98
N ASP A 32 44.95 13.28 5.68
CA ASP A 32 45.04 12.03 4.92
C ASP A 32 46.26 11.20 5.31
N MET A 33 47.19 11.82 6.03
CA MET A 33 48.38 11.11 6.47
C MET A 33 48.06 9.97 7.42
N ILE A 34 46.89 10.03 8.07
CA ILE A 34 46.48 8.94 8.95
C ILE A 34 46.27 7.68 8.09
N LEU A 35 45.43 7.80 7.06
CA LEU A 35 45.24 6.71 6.11
C LEU A 35 46.58 6.31 5.47
N VAL A 36 47.34 7.29 5.03
CA VAL A 36 48.55 7.01 4.27
C VAL A 36 49.55 6.21 5.11
N ARG A 37 49.66 6.54 6.39
CA ARG A 37 50.54 5.74 7.25
C ARG A 37 49.95 4.36 7.52
N ASP A 38 48.64 4.29 7.72
CA ASP A 38 47.97 3.03 8.07
C ASP A 38 48.06 1.99 6.96
N VAL A 39 48.02 2.46 5.71
CA VAL A 39 48.01 1.58 4.55
C VAL A 39 49.37 1.51 3.85
N TYR A 40 49.99 2.67 3.64
CA TYR A 40 51.20 2.76 2.81
C TYR A 40 52.48 2.92 3.62
N GLY A 41 52.35 2.95 4.94
CA GLY A 41 53.49 3.23 5.80
C GLY A 41 54.39 2.04 6.07
N ASP A 42 55.57 2.31 6.63
CA ASP A 42 56.54 1.27 6.92
C ASP A 42 56.09 0.26 7.98
N GLU A 43 55.27 0.69 8.93
CA GLU A 43 54.73 -0.22 9.93
C GLU A 43 53.20 -0.10 9.93
N PRO A 44 52.55 -0.62 8.88
CA PRO A 44 51.15 -0.30 8.63
C PRO A 44 50.16 -1.03 9.54
N ALA A 45 49.19 -0.28 10.07
CA ALA A 45 48.13 -0.88 10.89
C ALA A 45 47.22 -1.75 10.03
N ARG A 46 47.19 -1.46 8.73
CA ARG A 46 46.34 -2.17 7.80
C ARG A 46 47.19 -2.79 6.70
N PRO A 47 48.03 -3.77 7.06
CA PRO A 47 49.06 -4.32 6.17
C PRO A 47 48.52 -5.06 4.94
N ALA A 48 47.30 -5.56 4.98
CA ALA A 48 46.77 -6.32 3.84
C ALA A 48 46.15 -5.45 2.73
N MET A 49 45.90 -4.18 3.04
CA MET A 49 45.13 -3.33 2.15
C MET A 49 45.81 -3.03 0.79
N ILE A 50 47.12 -2.87 0.74
CA ILE A 50 47.77 -2.62 -0.54
C ILE A 50 47.53 -3.79 -1.50
N GLY A 51 47.66 -5.00 -0.97
CA GLY A 51 47.49 -6.21 -1.78
C GLY A 51 46.07 -6.30 -2.30
N ARG A 52 45.12 -5.97 -1.44
CA ARG A 52 43.71 -6.03 -1.85
C ARG A 52 43.33 -4.97 -2.89
N LEU A 53 43.81 -3.75 -2.71
CA LEU A 53 43.62 -2.69 -3.69
C LEU A 53 44.26 -3.01 -5.05
N SER A 54 45.46 -3.57 -5.02
CA SER A 54 46.23 -3.83 -6.23
C SER A 54 45.65 -4.96 -7.07
N ASP A 55 45.06 -5.94 -6.38
CA ASP A 55 44.50 -7.11 -7.03
C ASP A 55 43.24 -6.79 -7.83
N VAL A 56 43.21 -7.28 -9.06
CA VAL A 56 42.03 -7.13 -9.92
C VAL A 56 41.52 -8.50 -10.41
N THR A 57 42.42 -9.33 -10.93
CA THR A 57 42.03 -10.61 -11.55
C THR A 57 42.09 -11.83 -10.63
N GLY A 58 42.49 -11.63 -9.38
CA GLY A 58 42.56 -12.70 -8.41
C GLY A 58 41.34 -12.75 -7.50
N GLU A 59 41.54 -12.41 -6.23
CA GLU A 59 40.47 -12.39 -5.24
C GLU A 59 39.27 -11.56 -5.70
N ARG A 60 39.52 -10.38 -6.24
CA ARG A 60 38.44 -9.47 -6.65
C ARG A 60 37.52 -10.14 -7.65
N LEU A 61 38.11 -10.70 -8.71
CA LEU A 61 37.35 -11.38 -9.73
C LEU A 61 36.67 -12.64 -9.19
N ALA A 62 37.36 -13.40 -8.33
CA ALA A 62 36.71 -14.56 -7.73
C ALA A 62 35.48 -14.18 -6.91
N GLU A 63 35.61 -13.13 -6.11
CA GLU A 63 34.48 -12.62 -5.32
C GLU A 63 33.35 -12.14 -6.23
N MET A 64 33.69 -11.47 -7.33
CA MET A 64 32.67 -11.04 -8.27
C MET A 64 31.89 -12.23 -8.82
N ASP A 65 32.61 -13.28 -9.21
CA ASP A 65 31.97 -14.49 -9.73
C ASP A 65 31.08 -15.17 -8.68
N SER A 66 31.60 -15.29 -7.45
N SER A 66 31.58 -15.30 -7.46
CA SER A 66 30.88 -15.99 -6.39
CA SER A 66 30.85 -16.02 -6.42
C SER A 66 29.60 -15.28 -5.99
C SER A 66 29.61 -15.27 -5.95
N ASN A 67 29.57 -13.96 -6.19
CA ASN A 67 28.39 -13.16 -5.84
C ASN A 67 27.56 -12.67 -7.04
N GLY A 68 27.96 -13.09 -8.23
CA GLY A 68 27.21 -12.75 -9.43
C GLY A 68 27.26 -11.27 -9.76
N VAL A 69 28.42 -10.66 -9.56
CA VAL A 69 28.62 -9.26 -9.91
C VAL A 69 29.19 -9.20 -11.32
N ASP A 70 28.50 -8.48 -12.21
CA ASP A 70 28.92 -8.37 -13.60
C ASP A 70 30.19 -7.53 -13.76
N MET A 71 30.21 -6.33 -13.17
CA MET A 71 31.35 -5.43 -13.37
C MET A 71 31.76 -4.61 -12.14
N HIS A 72 33.03 -4.23 -12.11
CA HIS A 72 33.48 -3.17 -11.21
C HIS A 72 33.89 -1.99 -12.08
N LEU A 73 33.36 -0.82 -11.75
CA LEU A 73 33.87 0.42 -12.31
C LEU A 73 35.01 0.85 -11.39
N LEU A 74 36.23 0.72 -11.88
CA LEU A 74 37.43 0.95 -11.08
C LEU A 74 37.83 2.43 -11.00
N SER A 75 38.35 2.84 -9.84
CA SER A 75 38.91 4.17 -9.64
C SER A 75 40.15 4.11 -8.76
N LEU A 76 41.18 4.88 -9.11
CA LEU A 76 42.36 4.99 -8.26
C LEU A 76 41.91 5.45 -6.88
N THR A 77 42.32 4.70 -5.86
CA THR A 77 41.80 4.89 -4.52
C THR A 77 42.24 6.24 -3.95
N ALA A 78 41.44 6.77 -3.04
CA ALA A 78 41.83 8.00 -2.36
C ALA A 78 43.14 7.77 -1.64
N PRO A 79 44.00 8.81 -1.58
CA PRO A 79 43.80 10.19 -2.03
C PRO A 79 44.26 10.44 -3.47
N GLY A 80 44.30 9.39 -4.28
CA GLY A 80 44.68 9.56 -5.67
C GLY A 80 46.08 10.11 -5.86
N VAL A 81 46.23 11.06 -6.76
CA VAL A 81 47.52 11.69 -6.97
C VAL A 81 47.54 13.09 -6.37
N GLN A 82 46.54 13.39 -5.54
CA GLN A 82 46.35 14.77 -5.07
C GLN A 82 47.28 15.26 -3.96
N MET A 83 47.98 14.34 -3.29
CA MET A 83 48.84 14.74 -2.18
C MET A 83 50.23 15.16 -2.65
N PHE A 84 50.55 14.83 -3.90
CA PHE A 84 51.90 15.07 -4.40
C PHE A 84 52.04 16.51 -4.88
N ASP A 85 53.27 16.97 -5.04
CA ASP A 85 53.51 18.26 -5.67
C ASP A 85 52.99 18.22 -7.11
N ALA A 86 52.83 19.38 -7.71
CA ALA A 86 52.20 19.50 -9.03
C ALA A 86 52.87 18.60 -10.08
N GLU A 87 54.18 18.68 -10.20
CA GLU A 87 54.90 17.92 -11.22
C GLU A 87 54.73 16.40 -11.04
N THR A 88 54.91 15.92 -9.81
CA THR A 88 54.79 14.50 -9.51
C THR A 88 53.35 14.03 -9.73
N GLY A 89 52.38 14.81 -9.24
CA GLY A 89 50.98 14.49 -9.41
C GLY A 89 50.65 14.33 -10.88
N THR A 90 51.05 15.32 -11.68
CA THR A 90 50.81 15.32 -13.11
C THR A 90 51.39 14.08 -13.80
N ARG A 91 52.63 13.73 -13.46
CA ARG A 91 53.28 12.54 -14.01
C ARG A 91 52.56 11.26 -13.60
N LEU A 92 52.27 11.12 -12.31
CA LEU A 92 51.63 9.91 -11.82
C LEU A 92 50.20 9.76 -12.33
N ALA A 93 49.52 10.87 -12.61
CA ALA A 93 48.18 10.77 -13.19
C ALA A 93 48.24 10.07 -14.54
N ARG A 94 49.13 10.53 -15.42
CA ARG A 94 49.27 9.92 -16.74
C ARG A 94 49.54 8.42 -16.63
N ILE A 95 50.47 8.04 -15.76
CA ILE A 95 50.83 6.64 -15.53
C ILE A 95 49.64 5.83 -15.02
N ALA A 96 48.98 6.32 -13.99
CA ALA A 96 47.84 5.61 -13.45
C ALA A 96 46.72 5.43 -14.46
N ASN A 97 46.50 6.44 -15.30
CA ASN A 97 45.42 6.35 -16.29
C ASN A 97 45.77 5.35 -17.40
N ASP A 98 47.04 5.30 -17.77
CA ASP A 98 47.52 4.33 -18.74
C ASP A 98 47.34 2.92 -18.18
N LEU A 99 47.69 2.75 -16.91
CA LEU A 99 47.52 1.46 -16.25
C LEU A 99 46.05 1.08 -16.08
N MET A 100 45.21 2.08 -15.79
CA MET A 100 43.78 1.85 -15.70
C MET A 100 43.24 1.35 -17.04
N ALA A 101 43.59 2.06 -18.12
CA ALA A 101 43.15 1.66 -19.45
C ALA A 101 43.58 0.23 -19.79
N GLN A 102 44.81 -0.14 -19.41
CA GLN A 102 45.31 -1.48 -19.68
C GLN A 102 44.57 -2.53 -18.86
N THR A 103 44.26 -2.18 -17.62
CA THR A 103 43.51 -3.06 -16.75
C THR A 103 42.13 -3.35 -17.33
N VAL A 104 41.49 -2.31 -17.86
CA VAL A 104 40.20 -2.45 -18.50
C VAL A 104 40.29 -3.30 -19.78
N ALA A 105 41.28 -3.03 -20.61
CA ALA A 105 41.44 -3.77 -21.86
C ALA A 105 41.74 -5.25 -21.67
N ALA A 106 42.26 -5.61 -20.50
CA ALA A 106 42.56 -7.01 -20.21
C ALA A 106 41.29 -7.81 -19.90
N ASN A 107 40.26 -7.15 -19.36
CA ASN A 107 38.99 -7.82 -19.07
C ASN A 107 37.80 -6.87 -19.23
N PRO A 108 37.53 -6.41 -20.46
CA PRO A 108 36.62 -5.29 -20.69
C PRO A 108 35.13 -5.59 -20.45
N THR A 109 34.76 -6.87 -20.33
CA THR A 109 33.39 -7.20 -19.94
C THR A 109 33.19 -7.18 -18.41
N ARG A 110 34.30 -7.19 -17.68
CA ARG A 110 34.25 -7.26 -16.21
C ARG A 110 34.66 -5.97 -15.53
N PHE A 111 35.42 -5.13 -16.23
CA PHE A 111 35.89 -3.89 -15.63
C PHE A 111 35.72 -2.71 -16.54
N ALA A 112 35.28 -1.60 -15.95
CA ALA A 112 35.30 -0.31 -16.59
C ALA A 112 36.22 0.55 -15.74
N GLY A 113 36.59 1.73 -16.23
CA GLY A 113 37.53 2.55 -15.48
C GLY A 113 37.26 4.04 -15.50
N LEU A 114 37.58 4.69 -14.40
CA LEU A 114 37.57 6.15 -14.30
C LEU A 114 39.01 6.65 -14.28
N GLY A 115 39.34 7.64 -15.10
CA GLY A 115 40.65 8.23 -15.05
C GLY A 115 40.70 9.35 -14.01
N THR A 116 41.90 9.69 -13.54
CA THR A 116 42.02 10.77 -12.57
C THR A 116 42.91 11.86 -13.11
N PHE A 117 43.21 12.86 -12.29
CA PHE A 117 44.04 13.99 -12.72
C PHE A 117 44.57 14.73 -11.51
N ALA A 118 45.53 15.61 -11.74
CA ALA A 118 46.15 16.37 -10.66
C ALA A 118 45.79 17.85 -10.77
N PRO A 119 44.73 18.27 -10.04
CA PRO A 119 44.20 19.63 -10.13
C PRO A 119 45.17 20.65 -9.55
N GLN A 120 46.28 20.19 -8.96
CA GLN A 120 47.34 21.09 -8.52
C GLN A 120 47.80 21.99 -9.66
N ASP A 121 47.71 21.47 -10.89
CA ASP A 121 48.07 22.20 -12.11
C ASP A 121 46.86 22.13 -13.03
N PRO A 122 45.91 23.08 -12.89
CA PRO A 122 44.63 23.02 -13.62
C PRO A 122 44.79 22.90 -15.13
N ALA A 123 45.76 23.60 -15.70
CA ALA A 123 45.99 23.53 -17.14
C ALA A 123 46.47 22.14 -17.57
N SER A 124 47.36 21.54 -16.80
CA SER A 124 47.84 20.20 -17.16
C SER A 124 46.77 19.13 -16.92
N ALA A 125 45.98 19.32 -15.86
CA ALA A 125 44.86 18.43 -15.60
C ALA A 125 43.82 18.51 -16.72
N ALA A 126 43.58 19.70 -17.26
CA ALA A 126 42.67 19.85 -18.39
C ALA A 126 43.16 19.03 -19.58
N ARG A 127 44.47 19.04 -19.80
CA ARG A 127 45.05 18.25 -20.90
C ARG A 127 44.90 16.75 -20.66
N GLU A 128 45.06 16.31 -19.41
CA GLU A 128 44.94 14.88 -19.13
C GLU A 128 43.48 14.43 -19.22
N ILE A 129 42.54 15.30 -18.83
CA ILE A 129 41.12 14.98 -18.95
C ILE A 129 40.74 14.73 -20.40
N GLU A 130 41.21 15.60 -21.29
CA GLU A 130 41.01 15.41 -22.73
C GLU A 130 41.61 14.09 -23.24
N ARG A 131 42.80 13.74 -22.75
CA ARG A 131 43.44 12.50 -23.16
C ARG A 131 42.66 11.29 -22.65
N VAL A 132 42.19 11.37 -21.41
CA VAL A 132 41.37 10.30 -20.86
C VAL A 132 40.11 10.08 -21.69
N ALA A 133 39.48 11.19 -22.09
CA ALA A 133 38.23 11.12 -22.88
C ALA A 133 38.43 10.59 -24.29
N THR A 134 39.41 11.15 -25.02
CA THR A 134 39.53 10.88 -26.45
C THR A 134 40.57 9.84 -26.85
N GLN A 135 41.64 9.70 -26.07
CA GLN A 135 42.67 8.72 -26.44
C GLN A 135 42.52 7.42 -25.68
N LEU A 136 42.42 7.48 -24.36
CA LEU A 136 42.27 6.29 -23.54
C LEU A 136 40.85 5.76 -23.63
N ARG A 137 39.90 6.68 -23.82
CA ARG A 137 38.49 6.37 -23.89
C ARG A 137 37.99 5.64 -22.64
N LEU A 138 38.39 6.16 -21.48
CA LEU A 138 37.89 5.65 -20.21
C LEU A 138 36.45 6.10 -19.96
N ASN A 139 35.80 5.51 -18.96
CA ASN A 139 34.35 5.65 -18.82
C ASN A 139 33.91 6.91 -18.10
N GLY A 140 34.83 7.56 -17.40
CA GLY A 140 34.51 8.77 -16.68
C GLY A 140 35.73 9.24 -15.92
N LEU A 141 35.52 10.10 -14.93
CA LEU A 141 36.62 10.64 -14.15
C LEU A 141 36.33 10.48 -12.66
N VAL A 142 37.41 10.43 -11.87
CA VAL A 142 37.33 10.44 -10.41
C VAL A 142 38.34 11.43 -9.81
N ILE A 143 37.91 12.15 -8.78
CA ILE A 143 38.80 13.02 -8.01
C ILE A 143 38.38 12.90 -6.54
N ASN A 144 39.32 13.06 -5.61
CA ASN A 144 39.00 12.87 -4.20
C ASN A 144 38.83 14.17 -3.44
N SER A 145 37.60 14.66 -3.39
CA SER A 145 37.28 15.96 -2.78
C SER A 145 38.36 17.01 -3.04
N HIS A 146 38.78 17.69 -1.98
CA HIS A 146 39.65 18.88 -2.12
C HIS A 146 41.03 18.63 -2.71
N THR A 147 41.60 19.67 -3.30
CA THR A 147 43.02 19.69 -3.65
C THR A 147 43.67 20.93 -3.08
N ASN A 148 44.84 20.75 -2.47
CA ASN A 148 45.56 21.85 -1.83
C ASN A 148 44.72 22.60 -0.79
N ASP A 149 43.80 21.88 -0.15
CA ASP A 149 42.92 22.44 0.87
C ASP A 149 42.06 23.58 0.30
N LEU A 150 41.73 23.45 -0.98
CA LEU A 150 40.78 24.34 -1.64
C LEU A 150 39.62 23.52 -2.18
N TYR A 151 38.42 24.11 -2.19
CA TYR A 151 37.25 23.42 -2.71
C TYR A 151 36.93 23.87 -4.13
N TYR A 152 36.05 23.14 -4.79
CA TYR A 152 35.89 23.27 -6.24
C TYR A 152 35.00 24.41 -6.71
N ASP A 153 34.64 25.28 -5.78
CA ASP A 153 34.04 26.54 -6.14
C ASP A 153 35.13 27.54 -6.55
N ASP A 154 36.38 27.22 -6.19
CA ASP A 154 37.47 28.15 -6.42
C ASP A 154 37.72 28.33 -7.92
N PRO A 155 37.74 29.58 -8.41
CA PRO A 155 38.00 29.89 -9.82
C PRO A 155 39.31 29.31 -10.33
N PHE A 156 40.24 29.03 -9.42
CA PHE A 156 41.51 28.39 -9.77
C PHE A 156 41.28 27.10 -10.56
N PHE A 157 40.20 26.39 -10.26
CA PHE A 157 39.89 25.13 -10.92
C PHE A 157 38.98 25.22 -12.16
N HIS A 158 38.63 26.43 -12.58
CA HIS A 158 37.79 26.58 -13.79
C HIS A 158 38.31 25.83 -15.05
N PRO A 159 39.64 25.85 -15.32
CA PRO A 159 40.11 25.10 -16.49
C PRO A 159 39.83 23.60 -16.43
N VAL A 160 39.80 23.06 -15.21
CA VAL A 160 39.47 21.66 -15.02
C VAL A 160 38.01 21.42 -15.39
N PHE A 161 37.09 22.18 -14.79
CA PHE A 161 35.67 21.94 -15.07
C PHE A 161 35.25 22.29 -16.50
N GLU A 162 35.92 23.26 -17.10
CA GLU A 162 35.73 23.54 -18.50
C GLU A 162 36.04 22.29 -19.30
N ALA A 163 37.16 21.66 -19.00
CA ALA A 163 37.59 20.45 -19.70
C ALA A 163 36.65 19.28 -19.43
N ILE A 164 36.23 19.11 -18.18
CA ILE A 164 35.33 18.02 -17.85
C ILE A 164 34.00 18.20 -18.59
N GLU A 165 33.44 19.40 -18.54
CA GLU A 165 32.20 19.68 -19.24
C GLU A 165 32.30 19.38 -20.74
N ALA A 166 33.37 19.83 -21.38
CA ALA A 166 33.55 19.59 -22.80
C ALA A 166 33.70 18.10 -23.14
N SER A 167 34.25 17.33 -22.20
CA SER A 167 34.57 15.93 -22.45
C SER A 167 33.33 15.07 -22.45
N GLY A 168 32.33 15.50 -21.68
CA GLY A 168 31.11 14.72 -21.53
C GLY A 168 31.25 13.61 -20.51
N LEU A 169 32.44 13.46 -19.93
CA LEU A 169 32.65 12.47 -18.88
C LEU A 169 32.06 12.92 -17.55
N ALA A 170 31.38 12.02 -16.86
CA ALA A 170 30.90 12.30 -15.51
C ALA A 170 32.08 12.26 -14.53
N LEU A 171 32.02 13.10 -13.50
CA LEU A 171 33.10 13.17 -12.50
C LEU A 171 32.58 12.66 -11.17
N TYR A 172 33.17 11.56 -10.70
CA TYR A 172 32.86 11.02 -9.38
C TYR A 172 33.74 11.78 -8.41
N ILE A 173 33.13 12.57 -7.53
CA ILE A 173 33.89 13.21 -6.47
C ILE A 173 33.85 12.31 -5.24
N HIS A 174 34.95 11.58 -5.05
CA HIS A 174 35.10 10.62 -3.96
C HIS A 174 35.63 11.35 -2.72
N PRO A 175 35.40 10.79 -1.52
CA PRO A 175 35.95 11.50 -0.35
C PRO A 175 37.46 11.40 -0.21
N ARG A 176 37.99 12.29 0.61
CA ARG A 176 39.29 12.12 1.25
C ARG A 176 39.10 12.75 2.64
N ALA A 177 40.12 12.70 3.49
CA ALA A 177 40.00 13.27 4.81
C ALA A 177 39.70 14.77 4.73
N PRO A 178 38.96 15.30 5.72
CA PRO A 178 38.73 16.73 5.88
C PRO A 178 39.97 17.56 5.62
N SER A 179 39.82 18.59 4.80
CA SER A 179 40.92 19.50 4.46
C SER A 179 41.40 20.30 5.68
N LYS A 180 42.50 21.04 5.53
CA LYS A 180 43.01 21.83 6.64
C LYS A 180 42.04 22.90 7.11
N GLN A 181 41.05 23.25 6.27
CA GLN A 181 40.05 24.24 6.67
C GLN A 181 39.18 23.71 7.79
N ILE A 182 39.03 22.38 7.86
CA ILE A 182 38.12 21.80 8.84
C ILE A 182 38.72 20.68 9.69
N ASP A 183 39.95 20.29 9.43
CA ASP A 183 40.47 19.05 10.03
C ASP A 183 40.63 19.02 11.57
N ARG A 184 40.73 20.19 12.20
CA ARG A 184 40.90 20.23 13.67
C ARG A 184 39.83 19.46 14.43
N ALA A 185 38.60 19.43 13.91
CA ALA A 185 37.48 18.78 14.57
C ALA A 185 37.38 17.28 14.29
N PHE A 186 38.32 16.74 13.51
CA PHE A 186 38.23 15.36 13.06
C PHE A 186 39.45 14.52 13.44
N ARG A 187 40.15 14.95 14.48
CA ARG A 187 41.38 14.27 14.89
C ARG A 187 41.12 13.18 15.93
N ASP A 188 39.86 13.08 16.38
CA ASP A 188 39.54 12.17 17.47
C ASP A 188 38.56 11.08 17.07
N TYR A 189 38.62 9.94 17.76
CA TYR A 189 37.67 8.84 17.60
C TYR A 189 37.58 8.27 16.18
N GLY A 190 38.66 8.35 15.42
CA GLY A 190 38.68 7.86 14.06
C GLY A 190 37.82 8.66 13.08
N MET A 191 37.46 9.87 13.49
CA MET A 191 36.55 10.68 12.69
C MET A 191 37.19 11.27 11.43
N ASN A 192 38.49 11.11 11.27
CA ASN A 192 39.14 11.50 10.02
C ASN A 192 38.59 10.75 8.82
N SER A 193 38.04 9.56 9.07
CA SER A 193 37.77 8.60 8.01
C SER A 193 36.30 8.51 7.62
N ALA A 194 35.93 7.35 7.08
CA ALA A 194 34.58 7.13 6.55
C ALA A 194 33.46 7.28 7.57
N ILE A 195 33.76 7.05 8.83
CA ILE A 195 32.74 7.14 9.87
C ILE A 195 32.10 8.54 9.98
N TRP A 196 32.82 9.60 9.64
CA TRP A 196 32.23 10.94 9.69
C TRP A 196 32.91 11.98 8.79
N GLY A 197 34.23 12.11 8.92
CA GLY A 197 34.96 13.11 8.19
C GLY A 197 34.82 13.06 6.67
N TYR A 198 34.83 11.87 6.09
CA TYR A 198 34.72 11.74 4.64
C TYR A 198 33.44 12.41 4.12
N GLY A 199 32.33 12.19 4.81
CA GLY A 199 31.05 12.73 4.38
C GLY A 199 30.97 14.25 4.50
N ILE A 200 31.47 14.77 5.61
CA ILE A 200 31.39 16.20 5.87
C ILE A 200 32.26 16.95 4.87
N GLU A 201 33.47 16.45 4.69
CA GLU A 201 34.41 17.01 3.73
C GLU A 201 33.84 17.05 2.32
N THR A 202 33.22 15.95 1.89
CA THR A 202 32.81 15.82 0.50
C THR A 202 31.51 16.58 0.23
N SER A 203 30.57 16.48 1.16
CA SER A 203 29.29 17.18 1.03
C SER A 203 29.50 18.69 1.07
N THR A 204 30.44 19.15 1.90
CA THR A 204 30.73 20.58 1.99
C THR A 204 31.37 21.09 0.69
N ASN A 205 32.24 20.28 0.09
CA ASN A 205 32.79 20.63 -1.23
C ASN A 205 31.65 20.81 -2.23
N ALA A 206 30.77 19.82 -2.30
CA ALA A 206 29.67 19.85 -3.25
C ALA A 206 28.71 21.02 -3.03
N VAL A 207 28.39 21.31 -1.77
CA VAL A 207 27.50 22.44 -1.47
C VAL A 207 28.13 23.76 -1.91
N ARG A 208 29.43 23.94 -1.65
CA ARG A 208 30.12 25.13 -2.15
C ARG A 208 30.03 25.20 -3.68
N MET A 209 30.16 24.05 -4.35
CA MET A 209 30.08 24.04 -5.81
C MET A 209 28.72 24.57 -6.29
N ILE A 210 27.65 24.03 -5.72
CA ILE A 210 26.31 24.46 -6.08
C ILE A 210 26.07 25.95 -5.79
N LEU A 211 26.28 26.34 -4.53
CA LEU A 211 25.99 27.71 -4.09
C LEU A 211 26.86 28.78 -4.77
N SER A 212 28.03 28.38 -5.26
CA SER A 212 28.91 29.34 -5.94
C SER A 212 28.45 29.63 -7.36
N GLY A 213 27.50 28.83 -7.85
CA GLY A 213 27.03 28.99 -9.20
C GLY A 213 27.85 28.25 -10.25
N LEU A 214 28.69 27.32 -9.80
CA LEU A 214 29.51 26.56 -10.76
C LEU A 214 28.68 25.91 -11.87
N PHE A 215 27.45 25.50 -11.54
CA PHE A 215 26.62 24.81 -12.52
C PHE A 215 25.78 25.75 -13.38
N ASP A 216 25.86 27.05 -13.11
CA ASP A 216 25.41 28.01 -14.10
C ASP A 216 26.53 28.24 -15.13
N ARG A 217 27.78 28.20 -14.67
CA ARG A 217 28.91 28.41 -15.57
C ARG A 217 29.15 27.18 -16.45
N PHE A 218 28.92 25.99 -15.87
CA PHE A 218 29.12 24.73 -16.58
C PHE A 218 27.89 23.85 -16.42
N PRO A 219 26.79 24.19 -17.12
CA PRO A 219 25.52 23.51 -16.85
C PRO A 219 25.45 22.06 -17.31
N ARG A 220 26.40 21.60 -18.12
CA ARG A 220 26.39 20.22 -18.59
C ARG A 220 27.27 19.27 -17.76
N LEU A 221 27.87 19.78 -16.69
CA LEU A 221 28.64 18.92 -15.79
C LEU A 221 27.75 17.83 -15.20
N LYS A 222 28.29 16.62 -15.10
CA LYS A 222 27.65 15.60 -14.30
C LYS A 222 28.61 15.18 -13.17
N ILE A 223 28.13 15.31 -11.93
CA ILE A 223 28.91 14.94 -10.76
C ILE A 223 28.25 13.73 -10.13
N VAL A 224 29.08 12.82 -9.63
CA VAL A 224 28.57 11.65 -8.92
C VAL A 224 29.15 11.65 -7.52
N LEU A 225 28.29 11.43 -6.52
CA LEU A 225 28.70 11.36 -5.12
C LEU A 225 28.31 10.01 -4.55
N GLY A 226 29.24 9.37 -3.84
CA GLY A 226 28.93 8.10 -3.19
C GLY A 226 28.28 8.29 -1.83
N HIS A 227 28.16 7.20 -1.08
CA HIS A 227 27.66 7.24 0.30
C HIS A 227 26.29 7.92 0.39
N MET A 228 25.41 7.48 -0.51
CA MET A 228 24.04 7.97 -0.63
C MET A 228 24.02 9.49 -0.77
N GLY A 229 24.93 10.01 -1.59
CA GLY A 229 24.96 11.42 -1.90
C GLY A 229 25.55 12.26 -0.80
N GLU A 230 26.34 11.61 0.07
CA GLU A 230 26.95 12.29 1.21
C GLU A 230 25.91 13.08 2.02
N ALA A 231 24.71 12.49 2.09
CA ALA A 231 23.56 13.03 2.82
C ALA A 231 22.94 14.28 2.24
N ILE A 232 23.50 14.82 1.17
CA ILE A 232 22.86 15.97 0.52
C ILE A 232 21.38 15.75 0.14
N PRO A 233 21.02 14.54 -0.36
CA PRO A 233 19.60 14.31 -0.60
C PRO A 233 18.69 14.55 0.63
N PHE A 234 19.21 14.34 1.83
CA PHE A 234 18.41 14.55 3.04
C PHE A 234 18.18 16.04 3.33
N TRP A 235 19.14 16.87 2.93
CA TRP A 235 19.16 18.31 3.24
C TRP A 235 18.49 19.18 2.19
N LEU A 236 17.91 18.58 1.16
CA LEU A 236 17.45 19.35 0.00
C LEU A 236 16.44 20.46 0.33
N TRP A 237 15.48 20.17 1.20
CA TRP A 237 14.43 21.16 1.49
C TRP A 237 15.02 22.38 2.17
N ARG A 238 15.97 22.16 3.09
CA ARG A 238 16.59 23.23 3.86
C ARG A 238 17.54 24.06 2.99
N LEU A 239 18.29 23.38 2.13
CA LEU A 239 19.15 24.07 1.16
C LEU A 239 18.32 25.04 0.32
N ASP A 240 17.17 24.58 -0.16
CA ASP A 240 16.26 25.44 -0.91
C ASP A 240 15.66 26.55 -0.06
N TYR A 241 15.15 26.22 1.12
CA TYR A 241 14.45 27.21 1.91
C TYR A 241 15.36 28.38 2.28
N MET A 242 16.56 28.05 2.75
CA MET A 242 17.48 29.06 3.27
C MET A 242 18.26 29.80 2.19
N HIS A 243 18.05 29.45 0.93
CA HIS A 243 18.81 30.06 -0.14
C HIS A 243 18.51 31.54 -0.29
N GLY A 244 17.25 31.92 -0.02
CA GLY A 244 16.85 33.31 -0.11
C GLY A 244 17.64 34.17 0.85
N ASN A 245 17.72 33.73 2.11
CA ASN A 245 18.59 34.41 3.08
C ASN A 245 20.02 34.52 2.62
N ALA A 246 20.51 33.45 1.98
CA ALA A 246 21.90 33.37 1.58
C ALA A 246 22.21 34.42 0.51
N THR A 247 21.28 34.61 -0.43
CA THR A 247 21.51 35.57 -1.50
C THR A 247 21.11 36.97 -1.08
N THR A 248 20.23 37.08 -0.09
CA THR A 248 19.75 38.38 0.38
C THR A 248 20.74 39.07 1.32
N PHE A 249 21.19 38.37 2.36
CA PHE A 249 22.16 38.99 3.27
C PHE A 249 23.43 38.18 3.51
N GLY A 250 23.56 37.04 2.83
CA GLY A 250 24.72 36.18 3.03
C GLY A 250 25.83 36.35 2.01
N GLY A 251 25.55 37.05 0.92
CA GLY A 251 26.55 37.29 -0.11
C GLY A 251 26.69 36.17 -1.11
N ALA A 252 25.71 35.27 -1.13
CA ALA A 252 25.70 34.21 -2.13
C ALA A 252 25.21 34.79 -3.44
N PRO A 253 25.76 34.29 -4.57
CA PRO A 253 25.37 34.81 -5.87
C PRO A 253 23.98 34.33 -6.26
N LYS A 254 23.24 35.15 -7.00
CA LYS A 254 21.95 34.73 -7.54
C LYS A 254 22.19 33.58 -8.53
N LEU A 255 21.29 32.59 -8.48
CA LEU A 255 21.40 31.38 -9.29
C LEU A 255 20.18 31.23 -10.18
N LYS A 256 20.34 30.58 -11.32
CA LYS A 256 19.22 30.40 -12.24
C LYS A 256 18.21 29.40 -11.70
N LEU A 257 18.70 28.42 -10.94
CA LEU A 257 17.87 27.35 -10.37
C LEU A 257 17.94 27.35 -8.83
N LYS A 258 17.07 26.55 -8.21
CA LYS A 258 17.15 26.26 -6.77
C LYS A 258 18.28 25.25 -6.54
N PRO A 259 18.92 25.29 -5.37
CA PRO A 259 19.97 24.34 -5.03
C PRO A 259 19.59 22.88 -5.29
N SER A 260 18.37 22.48 -4.91
CA SER A 260 17.94 21.10 -5.12
C SER A 260 17.78 20.77 -6.59
N GLU A 261 17.48 21.78 -7.40
CA GLU A 261 17.31 21.57 -8.83
C GLU A 261 18.65 21.31 -9.50
N TYR A 262 19.70 21.97 -9.02
CA TYR A 262 21.06 21.63 -9.49
C TYR A 262 21.42 20.24 -9.06
N PHE A 263 21.02 19.87 -7.85
CA PHE A 263 21.39 18.55 -7.39
C PHE A 263 20.73 17.48 -8.26
N ARG A 264 19.46 17.67 -8.61
CA ARG A 264 18.81 16.67 -9.46
C ARG A 264 19.28 16.78 -10.91
N ARG A 265 19.57 17.98 -11.40
CA ARG A 265 19.96 18.13 -12.80
C ARG A 265 21.38 17.65 -13.05
N ASN A 266 22.27 17.99 -12.12
CA ASN A 266 23.70 17.85 -12.35
C ASN A 266 24.39 16.76 -11.55
N PHE A 267 23.70 16.15 -10.59
CA PHE A 267 24.30 15.12 -9.76
C PHE A 267 23.56 13.79 -9.89
N ALA A 268 24.30 12.69 -9.69
CA ALA A 268 23.69 11.38 -9.42
C ALA A 268 24.39 10.86 -8.19
N ILE A 269 23.80 9.87 -7.52
CA ILE A 269 24.43 9.34 -6.30
C ILE A 269 24.64 7.83 -6.38
N THR A 270 25.54 7.32 -5.55
CA THR A 270 25.67 5.87 -5.39
C THR A 270 25.40 5.46 -3.94
N THR A 271 25.22 4.17 -3.73
CA THR A 271 24.87 3.62 -2.43
C THR A 271 26.07 3.06 -1.67
N SER A 272 27.28 3.41 -2.10
CA SER A 272 28.48 2.89 -1.44
C SER A 272 28.45 3.12 0.06
N GLY A 273 28.63 2.05 0.83
CA GLY A 273 28.73 2.16 2.27
C GLY A 273 27.46 2.59 2.99
N VAL A 274 26.35 2.63 2.28
CA VAL A 274 25.05 2.94 2.89
C VAL A 274 24.06 1.87 2.47
N GLU A 275 24.17 0.69 3.08
CA GLU A 275 23.29 -0.43 2.74
C GLU A 275 21.98 -0.40 3.55
N SER A 276 21.25 0.70 3.38
CA SER A 276 20.00 0.91 4.08
C SER A 276 18.86 1.00 3.08
N HIS A 277 17.90 0.08 3.17
CA HIS A 277 16.74 0.15 2.28
C HIS A 277 15.93 1.41 2.51
N ALA A 278 15.86 1.86 3.77
CA ALA A 278 15.13 3.10 4.05
C ALA A 278 15.77 4.30 3.37
N ALA A 279 17.09 4.39 3.45
CA ALA A 279 17.80 5.50 2.83
C ALA A 279 17.75 5.41 1.30
N LEU A 280 17.75 4.19 0.77
CA LEU A 280 17.63 3.99 -0.67
C LEU A 280 16.26 4.45 -1.15
N ARG A 281 15.22 4.04 -0.44
CA ARG A 281 13.87 4.45 -0.82
C ARG A 281 13.71 5.97 -0.79
N TYR A 282 14.20 6.59 0.29
CA TYR A 282 14.15 8.04 0.43
C TYR A 282 14.80 8.71 -0.78
N SER A 283 16.00 8.24 -1.15
CA SER A 283 16.76 8.85 -2.24
C SER A 283 16.08 8.70 -3.58
N ILE A 284 15.53 7.53 -3.85
CA ILE A 284 14.76 7.31 -5.06
C ILE A 284 13.57 8.24 -5.11
N GLU A 285 12.88 8.41 -3.97
CA GLU A 285 11.70 9.28 -3.90
C GLU A 285 12.03 10.75 -4.23
N VAL A 286 13.14 11.26 -3.69
CA VAL A 286 13.42 12.69 -3.81
C VAL A 286 14.33 13.06 -4.99
N LEU A 287 15.08 12.08 -5.50
CA LEU A 287 15.93 12.34 -6.66
C LEU A 287 15.40 11.75 -7.96
N GLY A 288 14.53 10.75 -7.85
CA GLY A 288 14.09 10.00 -9.02
C GLY A 288 14.96 8.77 -9.16
N PRO A 289 14.38 7.68 -9.70
CA PRO A 289 15.12 6.42 -9.80
C PRO A 289 16.27 6.44 -10.81
N GLU A 290 16.31 7.38 -11.75
CA GLU A 290 17.41 7.43 -12.71
C GLU A 290 18.69 7.98 -12.10
N ASN A 291 18.56 8.55 -10.90
CA ASN A 291 19.68 9.25 -10.26
C ASN A 291 20.40 8.49 -9.16
N VAL A 292 20.06 7.21 -8.97
CA VAL A 292 20.69 6.40 -7.93
C VAL A 292 21.38 5.16 -8.49
N MET A 293 22.64 4.95 -8.13
CA MET A 293 23.42 3.80 -8.62
C MET A 293 23.93 2.96 -7.48
N TRP A 294 24.01 1.67 -7.71
CA TRP A 294 24.54 0.75 -6.71
C TRP A 294 26.05 0.76 -6.75
N ALA A 295 26.68 0.53 -5.60
CA ALA A 295 28.11 0.34 -5.53
C ALA A 295 28.44 -0.54 -4.32
N ILE A 296 29.69 -1.00 -4.27
CA ILE A 296 30.13 -1.85 -3.15
C ILE A 296 31.07 -1.10 -2.24
N ASP A 297 31.99 -0.34 -2.84
CA ASP A 297 33.13 0.29 -2.13
C ASP A 297 34.19 -0.76 -1.74
N TYR A 298 34.36 -1.78 -2.58
CA TYR A 298 35.43 -2.77 -2.42
C TYR A 298 36.77 -2.08 -2.64
N PRO A 299 37.82 -2.47 -1.88
CA PRO A 299 37.85 -3.50 -0.83
C PRO A 299 37.62 -2.96 0.58
N TYR A 300 37.18 -1.71 0.70
CA TYR A 300 36.90 -1.12 2.01
C TYR A 300 35.60 -1.67 2.60
N GLN A 301 34.74 -2.21 1.73
CA GLN A 301 33.53 -2.94 2.15
C GLN A 301 33.53 -4.28 1.42
N PRO A 302 32.95 -5.31 2.06
CA PRO A 302 32.87 -6.64 1.43
C PRO A 302 31.74 -6.73 0.40
N MET A 303 31.90 -7.59 -0.61
CA MET A 303 30.93 -7.61 -1.70
C MET A 303 29.59 -8.26 -1.36
N ALA A 304 29.61 -9.40 -0.68
CA ALA A 304 28.36 -10.13 -0.45
C ALA A 304 27.23 -9.31 0.21
N PRO A 305 27.55 -8.60 1.31
CA PRO A 305 26.46 -7.80 1.90
C PRO A 305 25.95 -6.70 0.95
N ALA A 306 26.85 -6.06 0.21
CA ALA A 306 26.43 -5.00 -0.71
C ALA A 306 25.52 -5.58 -1.79
N VAL A 307 25.90 -6.75 -2.32
CA VAL A 307 25.10 -7.42 -3.35
C VAL A 307 23.73 -7.82 -2.85
N GLN A 308 23.68 -8.39 -1.64
CA GLN A 308 22.42 -8.86 -1.10
C GLN A 308 21.48 -7.68 -0.73
N PHE A 309 22.08 -6.58 -0.30
CA PHE A 309 21.36 -5.31 -0.10
C PHE A 309 20.52 -4.93 -1.32
N ILE A 310 21.14 -4.89 -2.49
CA ILE A 310 20.39 -4.48 -3.68
C ILE A 310 19.50 -5.62 -4.21
N ARG A 311 19.96 -6.88 -4.10
CA ARG A 311 19.11 -8.00 -4.52
C ARG A 311 17.80 -8.10 -3.74
N THR A 312 17.80 -7.62 -2.50
CA THR A 312 16.62 -7.73 -1.65
C THR A 312 15.92 -6.38 -1.44
N ALA A 313 16.30 -5.37 -2.21
CA ALA A 313 15.69 -4.05 -2.04
C ALA A 313 14.19 -4.11 -2.36
N PRO A 314 13.37 -3.50 -1.50
CA PRO A 314 11.90 -3.51 -1.64
C PRO A 314 11.44 -2.45 -2.63
N ILE A 315 11.86 -2.62 -3.87
CA ILE A 315 11.52 -1.75 -5.00
C ILE A 315 11.13 -2.63 -6.17
N PRO A 316 10.35 -2.08 -7.13
CA PRO A 316 9.96 -2.88 -8.30
C PRO A 316 11.19 -3.33 -9.08
N GLU A 317 11.03 -4.43 -9.82
CA GLU A 317 12.17 -5.03 -10.51
C GLU A 317 12.77 -4.08 -11.54
N ASP A 318 11.94 -3.28 -12.22
CA ASP A 318 12.49 -2.37 -13.21
C ASP A 318 13.32 -1.24 -12.60
N VAL A 319 12.88 -0.72 -11.45
CA VAL A 319 13.68 0.24 -10.74
C VAL A 319 14.96 -0.40 -10.18
N LYS A 320 14.84 -1.64 -9.71
CA LYS A 320 16.01 -2.31 -9.17
C LYS A 320 17.06 -2.46 -10.26
N ALA A 321 16.63 -2.80 -11.47
CA ALA A 321 17.56 -2.94 -12.60
C ALA A 321 18.25 -1.61 -12.93
N MET A 322 17.51 -0.51 -12.87
CA MET A 322 18.11 0.80 -13.06
C MET A 322 19.20 1.06 -12.02
N VAL A 323 18.86 0.84 -10.74
CA VAL A 323 19.81 1.08 -9.67
C VAL A 323 21.02 0.15 -9.73
N ALA A 324 20.75 -1.13 -10.00
CA ALA A 324 21.80 -2.15 -9.99
C ALA A 324 22.87 -1.98 -11.07
N GLY A 325 22.48 -1.45 -12.22
CA GLY A 325 23.43 -1.28 -13.31
C GLY A 325 23.00 -0.43 -14.51
N GLY A 326 21.69 -0.27 -14.69
CA GLY A 326 21.19 0.45 -15.86
C GLY A 326 21.62 1.91 -15.87
N ASN A 327 21.54 2.55 -14.72
CA ASN A 327 21.90 3.96 -14.63
C ASN A 327 23.39 4.13 -14.86
N ALA A 328 24.19 3.27 -14.24
CA ALA A 328 25.64 3.32 -14.40
C ALA A 328 26.04 3.12 -15.86
N ALA A 329 25.35 2.21 -16.55
CA ALA A 329 25.62 1.97 -17.98
C ALA A 329 25.42 3.25 -18.78
N ARG A 330 24.36 3.99 -18.44
CA ARG A 330 24.09 5.27 -19.08
C ARG A 330 25.13 6.32 -18.70
N ILE A 331 25.31 6.53 -17.40
CA ILE A 331 26.16 7.62 -16.92
C ILE A 331 27.64 7.45 -17.25
N PHE A 332 28.08 6.20 -17.23
CA PHE A 332 29.50 5.92 -17.44
C PHE A 332 29.80 5.20 -18.76
N ARG A 333 28.89 5.31 -19.73
CA ARG A 333 29.13 4.84 -21.09
C ARG A 333 29.56 3.37 -21.16
N ILE A 334 28.78 2.48 -20.56
CA ILE A 334 29.14 1.07 -20.58
C ILE A 334 28.12 0.32 -21.41
N THR A 335 28.58 -0.45 -22.39
CA THR A 335 27.68 -1.29 -23.17
C THR A 335 27.28 -2.55 -22.41
N SER B 1 0.42 -18.24 -20.71
CA SER B 1 1.68 -17.64 -21.13
C SER B 1 2.71 -17.57 -20.00
N LEU B 2 2.24 -17.62 -18.75
CA LEU B 2 3.14 -17.77 -17.62
C LEU B 2 3.83 -19.12 -17.75
N ARG B 3 5.15 -19.12 -17.90
CA ARG B 3 5.91 -20.37 -18.05
C ARG B 3 6.14 -21.01 -16.69
N LEU B 4 5.51 -22.17 -16.48
CA LEU B 4 5.60 -22.89 -15.22
C LEU B 4 6.58 -24.05 -15.32
N ILE B 5 7.71 -23.93 -14.63
CA ILE B 5 8.68 -25.02 -14.53
C ILE B 5 8.73 -25.54 -13.10
N ALA B 6 8.18 -26.73 -12.89
CA ALA B 6 8.11 -27.31 -11.55
C ALA B 6 9.44 -27.99 -11.22
N THR B 7 10.02 -27.68 -10.06
CA THR B 7 11.42 -28.05 -9.80
C THR B 7 11.70 -29.20 -8.84
N GLU B 8 10.67 -29.82 -8.27
CA GLU B 8 10.89 -30.94 -7.35
C GLU B 8 9.98 -32.12 -7.68
N GLU B 9 10.10 -32.61 -8.90
CA GLU B 9 9.13 -33.55 -9.42
C GLU B 9 9.72 -34.96 -9.47
N ALA B 10 9.29 -35.80 -8.53
CA ALA B 10 9.91 -37.11 -8.30
C ALA B 10 9.56 -38.11 -9.39
N VAL B 11 10.52 -39.00 -9.67
CA VAL B 11 10.30 -40.04 -10.66
C VAL B 11 11.05 -41.27 -10.14
N THR B 12 10.78 -42.43 -10.73
CA THR B 12 11.61 -43.58 -10.43
C THR B 12 11.71 -44.45 -11.67
N PHE B 13 12.61 -45.42 -11.62
CA PHE B 13 12.85 -46.29 -12.75
C PHE B 13 12.85 -47.72 -12.29
N GLN B 14 12.55 -48.64 -13.20
CA GLN B 14 12.35 -50.03 -12.81
C GLN B 14 13.54 -50.67 -12.07
N PRO B 15 14.79 -50.39 -12.49
CA PRO B 15 15.89 -51.00 -11.72
C PRO B 15 15.97 -50.52 -10.27
N VAL B 16 15.63 -49.26 -10.01
CA VAL B 16 15.63 -48.76 -8.64
C VAL B 16 14.46 -49.35 -7.85
N VAL B 17 13.28 -49.36 -8.45
CA VAL B 17 12.12 -49.99 -7.82
C VAL B 17 12.41 -51.43 -7.41
N ASP B 18 12.94 -52.22 -8.34
CA ASP B 18 13.28 -53.61 -8.07
C ASP B 18 14.25 -53.75 -6.89
N ALA B 19 15.25 -52.88 -6.81
CA ALA B 19 16.19 -52.92 -5.70
C ALA B 19 15.53 -52.48 -4.39
N LEU B 20 14.62 -51.51 -4.45
CA LEU B 20 13.93 -51.06 -3.23
C LEU B 20 12.95 -52.09 -2.71
N ARG B 21 12.28 -52.79 -3.63
CA ARG B 21 11.40 -53.90 -3.25
C ARG B 21 12.18 -54.97 -2.49
N ALA B 22 13.35 -55.33 -3.03
CA ALA B 22 14.24 -56.25 -2.32
C ALA B 22 14.63 -55.70 -0.94
N HIS B 23 15.03 -54.43 -0.90
CA HIS B 23 15.49 -53.81 0.35
C HIS B 23 14.37 -53.76 1.41
N SER B 24 13.13 -53.59 0.96
CA SER B 24 11.97 -53.49 1.85
C SER B 24 11.83 -54.70 2.77
N ARG B 25 12.44 -55.82 2.39
CA ARG B 25 12.34 -57.05 3.16
C ARG B 25 13.47 -57.24 4.16
N THR B 26 14.46 -56.35 4.14
CA THR B 26 15.63 -56.52 5.01
C THR B 26 15.41 -55.95 6.42
N ASP B 27 16.38 -56.14 7.31
CA ASP B 27 16.26 -55.68 8.68
C ASP B 27 16.92 -54.32 8.89
N ASP B 28 17.10 -53.58 7.81
CA ASP B 28 17.64 -52.24 7.87
C ASP B 28 16.83 -51.43 8.88
N ALA B 29 17.54 -50.78 9.81
CA ALA B 29 16.91 -50.00 10.86
C ALA B 29 16.71 -48.53 10.52
N SER B 30 17.11 -48.12 9.32
CA SER B 30 16.94 -46.73 8.90
C SER B 30 15.48 -46.35 8.98
N LEU B 31 15.20 -45.12 9.42
CA LEU B 31 13.83 -44.65 9.50
C LEU B 31 13.17 -44.51 8.12
N ASP B 32 13.97 -44.43 7.06
CA ASP B 32 13.42 -44.47 5.71
C ASP B 32 12.71 -45.80 5.40
N MET B 33 12.92 -46.82 6.22
CA MET B 33 12.24 -48.09 5.95
C MET B 33 10.72 -47.99 6.09
N ILE B 34 10.25 -46.97 6.79
CA ILE B 34 8.80 -46.78 6.90
C ILE B 34 8.22 -46.45 5.53
N LEU B 35 8.79 -45.43 4.91
CA LEU B 35 8.48 -45.10 3.51
C LEU B 35 8.70 -46.27 2.56
N VAL B 36 9.85 -46.93 2.67
CA VAL B 36 10.19 -47.97 1.71
C VAL B 36 9.18 -49.13 1.78
N ARG B 37 8.79 -49.52 2.99
CA ARG B 37 7.78 -50.57 3.12
C ARG B 37 6.40 -50.10 2.66
N ASP B 38 6.06 -48.85 2.95
CA ASP B 38 4.77 -48.29 2.54
C ASP B 38 4.60 -48.22 1.02
N VAL B 39 5.68 -47.91 0.31
CA VAL B 39 5.60 -47.74 -1.15
C VAL B 39 6.08 -48.96 -1.94
N TYR B 40 7.19 -49.56 -1.50
CA TYR B 40 7.86 -50.58 -2.29
C TYR B 40 7.69 -51.98 -1.73
N GLY B 41 7.05 -52.11 -0.59
CA GLY B 41 6.88 -53.41 0.03
C GLY B 41 5.82 -54.30 -0.59
N ASP B 42 5.78 -55.54 -0.14
CA ASP B 42 4.89 -56.55 -0.70
C ASP B 42 3.42 -56.29 -0.36
N GLU B 43 3.19 -55.56 0.72
CA GLU B 43 1.84 -55.20 1.14
C GLU B 43 1.78 -53.69 1.35
N PRO B 44 1.92 -52.91 0.26
CA PRO B 44 2.08 -51.47 0.38
C PRO B 44 0.84 -50.76 0.95
N ALA B 45 1.03 -49.93 1.96
CA ALA B 45 -0.05 -49.09 2.48
C ALA B 45 -0.33 -47.94 1.52
N ARG B 46 0.63 -47.63 0.64
CA ARG B 46 0.47 -46.56 -0.34
C ARG B 46 0.69 -47.08 -1.76
N PRO B 47 -0.26 -47.91 -2.24
CA PRO B 47 -0.09 -48.69 -3.47
C PRO B 47 -0.12 -47.86 -4.77
N ALA B 48 -0.51 -46.59 -4.70
CA ALA B 48 -0.57 -45.75 -5.89
C ALA B 48 0.79 -45.18 -6.25
N MET B 49 1.67 -45.10 -5.27
CA MET B 49 2.89 -44.29 -5.45
C MET B 49 3.83 -44.79 -6.55
N ILE B 50 4.13 -46.07 -6.58
CA ILE B 50 5.08 -46.57 -7.60
C ILE B 50 4.63 -46.24 -9.02
N GLY B 51 3.33 -46.43 -9.27
CA GLY B 51 2.76 -46.17 -10.57
C GLY B 51 2.90 -44.71 -10.94
N ARG B 52 2.58 -43.82 -10.01
N ARG B 52 2.57 -43.84 -10.01
CA ARG B 52 2.68 -42.38 -10.27
CA ARG B 52 2.68 -42.39 -10.22
C ARG B 52 4.13 -41.93 -10.46
C ARG B 52 4.12 -41.95 -10.45
N LEU B 53 5.03 -42.49 -9.66
CA LEU B 53 6.46 -42.16 -9.75
C LEU B 53 7.06 -42.64 -11.07
N SER B 54 6.64 -43.82 -11.52
CA SER B 54 7.20 -44.42 -12.71
C SER B 54 6.72 -43.73 -13.99
N ASP B 55 5.48 -43.26 -13.96
CA ASP B 55 4.87 -42.64 -15.11
C ASP B 55 5.40 -41.23 -15.39
N VAL B 56 5.77 -40.99 -16.64
CA VAL B 56 6.20 -39.67 -17.11
C VAL B 56 5.32 -39.17 -18.26
N THR B 57 5.16 -39.98 -19.31
CA THR B 57 4.47 -39.50 -20.50
C THR B 57 2.97 -39.81 -20.55
N GLY B 58 2.45 -40.42 -19.48
CA GLY B 58 1.04 -40.76 -19.42
C GLY B 58 0.26 -39.74 -18.60
N GLU B 59 -0.19 -40.16 -17.42
CA GLU B 59 -0.98 -39.29 -16.55
C GLU B 59 -0.24 -38.00 -16.17
N ARG B 60 1.06 -38.12 -15.90
CA ARG B 60 1.86 -36.95 -15.52
C ARG B 60 1.78 -35.87 -16.59
N LEU B 61 2.07 -36.25 -17.82
CA LEU B 61 2.00 -35.31 -18.94
C LEU B 61 0.58 -34.80 -19.19
N ALA B 62 -0.39 -35.70 -19.06
CA ALA B 62 -1.78 -35.29 -19.23
C ALA B 62 -2.16 -34.24 -18.18
N GLU B 63 -1.70 -34.43 -16.95
CA GLU B 63 -2.01 -33.48 -15.88
C GLU B 63 -1.26 -32.16 -16.09
N MET B 64 -0.04 -32.24 -16.59
CA MET B 64 0.71 -31.04 -16.94
C MET B 64 -0.05 -30.23 -17.99
N ASP B 65 -0.59 -30.92 -18.99
CA ASP B 65 -1.32 -30.24 -20.05
C ASP B 65 -2.62 -29.64 -19.53
N SER B 66 -3.29 -30.35 -18.63
N SER B 66 -3.30 -30.35 -18.62
CA SER B 66 -4.58 -29.91 -18.11
CA SER B 66 -4.60 -29.88 -18.14
C SER B 66 -4.46 -28.67 -17.23
C SER B 66 -4.47 -28.68 -17.21
N ASN B 67 -3.30 -28.52 -16.60
CA ASN B 67 -3.05 -27.40 -15.70
C ASN B 67 -2.12 -26.33 -16.27
N GLY B 68 -1.69 -26.52 -17.52
CA GLY B 68 -0.85 -25.55 -18.19
C GLY B 68 0.54 -25.46 -17.58
N VAL B 69 1.08 -26.59 -17.17
CA VAL B 69 2.45 -26.65 -16.67
C VAL B 69 3.39 -26.95 -17.83
N ASP B 70 4.39 -26.11 -18.02
CA ASP B 70 5.29 -26.30 -19.17
C ASP B 70 6.24 -27.46 -18.95
N MET B 71 6.89 -27.49 -17.79
CA MET B 71 7.93 -28.49 -17.53
C MET B 71 7.91 -29.08 -16.14
N HIS B 72 8.36 -30.34 -16.03
CA HIS B 72 8.81 -30.89 -14.75
C HIS B 72 10.31 -31.03 -14.82
N LEU B 73 11.00 -30.55 -13.79
CA LEU B 73 12.40 -30.90 -13.57
C LEU B 73 12.40 -32.18 -12.75
N LEU B 74 12.78 -33.30 -13.37
CA LEU B 74 12.64 -34.61 -12.74
C LEU B 74 13.81 -34.95 -11.83
N SER B 75 13.53 -35.73 -10.79
CA SER B 75 14.57 -36.22 -9.88
C SER B 75 14.21 -37.59 -9.34
N LEU B 76 15.20 -38.47 -9.25
CA LEU B 76 15.00 -39.79 -8.63
C LEU B 76 14.50 -39.57 -7.22
N THR B 77 13.35 -40.14 -6.91
CA THR B 77 12.69 -39.91 -5.64
C THR B 77 13.53 -40.40 -4.45
N ALA B 78 13.34 -39.76 -3.31
CA ALA B 78 13.99 -40.21 -2.08
C ALA B 78 13.54 -41.64 -1.79
N PRO B 79 14.44 -42.47 -1.23
CA PRO B 79 15.80 -42.14 -0.77
C PRO B 79 16.88 -42.32 -1.82
N GLY B 80 16.52 -42.19 -3.09
CA GLY B 80 17.48 -42.34 -4.17
C GLY B 80 18.21 -43.68 -4.16
N VAL B 81 19.54 -43.64 -4.27
CA VAL B 81 20.33 -44.86 -4.18
C VAL B 81 21.13 -44.91 -2.89
N GLN B 82 20.77 -44.08 -1.92
CA GLN B 82 21.60 -43.93 -0.74
C GLN B 82 21.47 -45.03 0.32
N MET B 83 20.42 -45.84 0.26
CA MET B 83 20.25 -46.90 1.24
C MET B 83 21.06 -48.16 0.92
N PHE B 84 21.55 -48.24 -0.31
CA PHE B 84 22.21 -49.46 -0.77
C PHE B 84 23.66 -49.47 -0.32
N ASP B 85 24.32 -50.63 -0.40
CA ASP B 85 25.76 -50.67 -0.17
C ASP B 85 26.46 -49.90 -1.30
N ALA B 86 27.74 -49.58 -1.13
CA ALA B 86 28.43 -48.68 -2.08
C ALA B 86 28.45 -49.20 -3.53
N GLU B 87 28.77 -50.47 -3.70
CA GLU B 87 28.83 -51.06 -5.03
C GLU B 87 27.47 -50.99 -5.72
N THR B 88 26.42 -51.35 -4.98
CA THR B 88 25.07 -51.33 -5.55
C THR B 88 24.59 -49.92 -5.85
N GLY B 89 24.82 -49.01 -4.91
CA GLY B 89 24.44 -47.62 -5.10
C GLY B 89 25.14 -46.99 -6.29
N THR B 90 26.43 -47.29 -6.42
CA THR B 90 27.23 -46.73 -7.51
C THR B 90 26.72 -47.23 -8.86
N ARG B 91 26.43 -48.53 -8.93
N ARG B 91 26.45 -48.53 -8.93
CA ARG B 91 25.93 -49.15 -10.15
CA ARG B 91 25.92 -49.14 -10.15
C ARG B 91 24.53 -48.64 -10.52
C ARG B 91 24.54 -48.58 -10.52
N LEU B 92 23.65 -48.51 -9.54
CA LEU B 92 22.27 -48.05 -9.79
C LEU B 92 22.18 -46.56 -10.16
N ALA B 93 23.08 -45.76 -9.63
CA ALA B 93 23.09 -44.34 -9.94
C ALA B 93 23.41 -44.15 -11.43
N ARG B 94 24.39 -44.89 -11.93
CA ARG B 94 24.72 -44.84 -13.35
C ARG B 94 23.52 -45.22 -14.22
N ILE B 95 22.84 -46.32 -13.85
CA ILE B 95 21.68 -46.80 -14.59
C ILE B 95 20.52 -45.80 -14.55
N ALA B 96 20.22 -45.29 -13.36
CA ALA B 96 19.13 -44.32 -13.21
C ALA B 96 19.45 -43.01 -13.92
N ASN B 97 20.70 -42.57 -13.84
CA ASN B 97 21.10 -41.34 -14.55
C ASN B 97 20.98 -41.50 -16.07
N ASP B 98 21.34 -42.67 -16.59
CA ASP B 98 21.16 -42.94 -18.00
C ASP B 98 19.68 -42.91 -18.36
N LEU B 99 18.84 -43.52 -17.52
CA LEU B 99 17.40 -43.56 -17.82
C LEU B 99 16.81 -42.16 -17.75
N MET B 100 17.29 -41.35 -16.82
CA MET B 100 16.87 -39.95 -16.70
C MET B 100 17.19 -39.16 -17.97
N ALA B 101 18.42 -39.30 -18.45
CA ALA B 101 18.82 -38.60 -19.67
C ALA B 101 17.97 -39.03 -20.87
N GLN B 102 17.67 -40.32 -20.96
CA GLN B 102 16.83 -40.84 -22.03
C GLN B 102 15.42 -40.27 -21.92
N THR B 103 14.92 -40.22 -20.70
CA THR B 103 13.59 -39.71 -20.43
C THR B 103 13.51 -38.25 -20.85
N VAL B 104 14.55 -37.49 -20.52
CA VAL B 104 14.59 -36.08 -20.89
C VAL B 104 14.71 -35.92 -22.41
N ALA B 105 15.57 -36.73 -23.03
CA ALA B 105 15.79 -36.63 -24.47
C ALA B 105 14.51 -36.94 -25.27
N ALA B 106 13.63 -37.76 -24.71
CA ALA B 106 12.39 -38.14 -25.37
C ALA B 106 11.39 -36.99 -25.47
N ASN B 107 11.38 -36.10 -24.48
CA ASN B 107 10.49 -34.93 -24.53
C ASN B 107 11.16 -33.72 -23.91
N PRO B 108 12.20 -33.20 -24.57
CA PRO B 108 13.06 -32.20 -23.94
C PRO B 108 12.42 -30.83 -23.76
N THR B 109 11.27 -30.58 -24.38
CA THR B 109 10.59 -29.31 -24.13
C THR B 109 9.71 -29.40 -22.89
N ARG B 110 9.47 -30.62 -22.42
CA ARG B 110 8.58 -30.84 -21.29
C ARG B 110 9.28 -31.37 -20.04
N PHE B 111 10.45 -31.97 -20.20
CA PHE B 111 11.16 -32.51 -19.05
C PHE B 111 12.62 -32.11 -19.01
N ALA B 112 13.06 -31.76 -17.81
CA ALA B 112 14.46 -31.54 -17.51
C ALA B 112 14.81 -32.55 -16.44
N GLY B 113 16.08 -32.71 -16.10
CA GLY B 113 16.42 -33.79 -15.19
C GLY B 113 17.63 -33.56 -14.32
N LEU B 114 17.54 -34.00 -13.07
CA LEU B 114 18.66 -33.96 -12.15
C LEU B 114 19.28 -35.35 -12.09
N GLY B 115 20.60 -35.42 -12.12
CA GLY B 115 21.28 -36.71 -11.93
C GLY B 115 21.54 -36.92 -10.46
N THR B 116 21.72 -38.17 -10.05
CA THR B 116 22.02 -38.44 -8.65
C THR B 116 23.36 -39.19 -8.53
N PHE B 117 23.72 -39.59 -7.32
CA PHE B 117 25.00 -40.25 -7.10
C PHE B 117 24.96 -40.97 -5.76
N ALA B 118 25.96 -41.82 -5.53
CA ALA B 118 26.03 -42.65 -4.34
C ALA B 118 27.21 -42.21 -3.49
N PRO B 119 26.96 -41.29 -2.56
CA PRO B 119 28.06 -40.70 -1.76
C PRO B 119 28.65 -41.69 -0.79
N GLN B 120 28.08 -42.90 -0.70
CA GLN B 120 28.68 -43.99 0.06
C GLN B 120 30.13 -44.21 -0.38
N ASP B 121 30.42 -43.87 -1.65
CA ASP B 121 31.75 -43.96 -2.24
C ASP B 121 32.08 -42.60 -2.85
N PRO B 122 32.68 -41.70 -2.06
CA PRO B 122 32.87 -40.33 -2.53
C PRO B 122 33.68 -40.21 -3.82
N ALA B 123 34.70 -41.04 -4.00
CA ALA B 123 35.50 -41.02 -5.23
C ALA B 123 34.71 -41.43 -6.47
N SER B 124 33.94 -42.51 -6.36
CA SER B 124 33.10 -42.95 -7.46
C SER B 124 31.99 -41.95 -7.75
N ALA B 125 31.45 -41.33 -6.69
CA ALA B 125 30.39 -40.34 -6.85
C ALA B 125 30.92 -39.13 -7.59
N ALA B 126 32.15 -38.73 -7.28
CA ALA B 126 32.80 -37.61 -7.96
C ALA B 126 32.95 -37.89 -9.45
N ARG B 127 33.26 -39.14 -9.79
CA ARG B 127 33.36 -39.51 -11.19
C ARG B 127 31.99 -39.44 -11.87
N GLU B 128 30.95 -39.88 -11.17
CA GLU B 128 29.60 -39.86 -11.76
C GLU B 128 29.07 -38.43 -11.92
N ILE B 129 29.38 -37.57 -10.96
CA ILE B 129 28.99 -36.16 -11.06
C ILE B 129 29.60 -35.55 -12.33
N GLU B 130 30.88 -35.82 -12.57
CA GLU B 130 31.54 -35.38 -13.79
C GLU B 130 30.88 -35.92 -15.08
N ARG B 131 30.47 -37.19 -15.04
CA ARG B 131 29.78 -37.79 -16.20
C ARG B 131 28.41 -37.16 -16.40
N VAL B 132 27.69 -36.89 -15.30
CA VAL B 132 26.39 -36.25 -15.39
C VAL B 132 26.50 -34.88 -16.05
N ALA B 133 27.55 -34.14 -15.69
CA ALA B 133 27.71 -32.79 -16.19
C ALA B 133 28.18 -32.75 -17.63
N THR B 134 29.12 -33.61 -17.99
CA THR B 134 29.81 -33.47 -19.27
C THR B 134 29.29 -34.39 -20.37
N GLN B 135 28.84 -35.58 -20.00
CA GLN B 135 28.42 -36.57 -21.00
C GLN B 135 26.90 -36.60 -21.15
N LEU B 136 26.19 -36.76 -20.05
CA LEU B 136 24.72 -36.80 -20.09
C LEU B 136 24.18 -35.39 -20.27
N ARG B 137 24.95 -34.41 -19.80
CA ARG B 137 24.55 -33.00 -19.78
C ARG B 137 23.18 -32.76 -19.15
N LEU B 138 22.95 -33.38 -18.00
CA LEU B 138 21.71 -33.15 -17.26
C LEU B 138 21.72 -31.74 -16.65
N ASN B 139 20.58 -31.35 -16.10
CA ASN B 139 20.35 -29.96 -15.68
C ASN B 139 20.92 -29.60 -14.32
N GLY B 140 21.22 -30.61 -13.52
CA GLY B 140 21.75 -30.39 -12.18
C GLY B 140 21.85 -31.71 -11.45
N LEU B 141 21.88 -31.66 -10.13
CA LEU B 141 22.05 -32.85 -9.32
C LEU B 141 21.07 -32.87 -8.17
N VAL B 142 20.81 -34.06 -7.65
CA VAL B 142 19.97 -34.21 -6.48
C VAL B 142 20.54 -35.27 -5.54
N ILE B 143 20.34 -35.07 -4.25
CA ILE B 143 20.75 -36.06 -3.26
C ILE B 143 19.80 -35.87 -2.09
N ASN B 144 19.52 -36.95 -1.37
CA ASN B 144 18.51 -36.91 -0.31
C ASN B 144 19.13 -36.88 1.07
N SER B 145 19.11 -35.68 1.68
CA SER B 145 19.86 -35.36 2.89
C SER B 145 21.02 -36.33 3.18
N HIS B 146 21.02 -36.94 4.36
CA HIS B 146 22.17 -37.71 4.82
C HIS B 146 22.54 -38.95 4.00
N THR B 147 23.79 -39.38 4.15
CA THR B 147 24.23 -40.67 3.65
C THR B 147 25.02 -41.36 4.75
N ASN B 148 24.74 -42.64 4.98
CA ASN B 148 25.35 -43.40 6.06
C ASN B 148 25.24 -42.74 7.42
N ASP B 149 24.16 -41.99 7.61
CA ASP B 149 23.89 -41.26 8.85
C ASP B 149 24.96 -40.23 9.17
N LEU B 150 25.58 -39.69 8.11
CA LEU B 150 26.51 -38.56 8.22
C LEU B 150 25.98 -37.38 7.44
N TYR B 151 26.36 -36.18 7.87
CA TYR B 151 25.92 -34.96 7.22
C TYR B 151 27.06 -34.38 6.39
N TYR B 152 26.75 -33.43 5.53
CA TYR B 152 27.69 -33.03 4.49
C TYR B 152 28.76 -32.02 4.95
N ASP B 153 28.81 -31.73 6.25
CA ASP B 153 29.95 -31.02 6.81
C ASP B 153 31.15 -31.95 6.96
N ASP B 154 30.88 -33.25 6.95
CA ASP B 154 31.93 -34.25 7.15
C ASP B 154 32.94 -34.23 5.99
N PRO B 155 34.24 -34.12 6.31
CA PRO B 155 35.30 -34.08 5.29
C PRO B 155 35.32 -35.32 4.39
N PHE B 156 34.71 -36.41 4.85
CA PHE B 156 34.56 -37.61 4.02
C PHE B 156 33.96 -37.29 2.64
N PHE B 157 33.07 -36.30 2.60
CA PHE B 157 32.36 -35.97 1.36
C PHE B 157 33.02 -34.87 0.55
N HIS B 158 34.19 -34.39 0.98
CA HIS B 158 34.88 -33.35 0.22
C HIS B 158 35.08 -33.66 -1.28
N PRO B 159 35.45 -34.91 -1.64
CA PRO B 159 35.58 -35.18 -3.08
C PRO B 159 34.27 -34.98 -3.85
N VAL B 160 33.14 -35.23 -3.21
CA VAL B 160 31.85 -34.97 -3.82
C VAL B 160 31.68 -33.48 -4.09
N PHE B 161 31.87 -32.67 -3.05
CA PHE B 161 31.62 -31.23 -3.22
C PHE B 161 32.62 -30.55 -4.13
N GLU B 162 33.85 -31.05 -4.14
CA GLU B 162 34.83 -30.53 -5.09
C GLU B 162 34.35 -30.77 -6.51
N ALA B 163 33.78 -31.94 -6.78
CA ALA B 163 33.34 -32.26 -8.13
C ALA B 163 32.08 -31.47 -8.48
N ILE B 164 31.19 -31.32 -7.51
CA ILE B 164 29.97 -30.57 -7.76
C ILE B 164 30.34 -29.12 -8.07
N GLU B 165 31.21 -28.54 -7.24
CA GLU B 165 31.59 -27.15 -7.46
C GLU B 165 32.23 -26.97 -8.84
N ALA B 166 33.09 -27.91 -9.22
CA ALA B 166 33.82 -27.81 -10.48
C ALA B 166 32.87 -27.96 -11.67
N SER B 167 31.79 -28.71 -11.47
CA SER B 167 30.86 -29.02 -12.55
C SER B 167 29.94 -27.85 -12.90
N GLY B 168 29.71 -26.96 -11.94
CA GLY B 168 28.80 -25.84 -12.15
C GLY B 168 27.34 -26.21 -11.95
N LEU B 169 27.07 -27.48 -11.66
CA LEU B 169 25.71 -27.93 -11.44
C LEU B 169 25.19 -27.60 -10.04
N ALA B 170 23.95 -27.12 -9.97
CA ALA B 170 23.31 -26.88 -8.70
C ALA B 170 22.95 -28.22 -8.09
N LEU B 171 23.01 -28.29 -6.75
CA LEU B 171 22.66 -29.52 -6.03
C LEU B 171 21.41 -29.31 -5.20
N TYR B 172 20.36 -30.03 -5.58
CA TYR B 172 19.13 -30.03 -4.82
C TYR B 172 19.31 -31.04 -3.69
N ILE B 173 19.32 -30.55 -2.44
CA ILE B 173 19.35 -31.44 -1.30
C ILE B 173 17.92 -31.65 -0.82
N HIS B 174 17.34 -32.74 -1.29
CA HIS B 174 15.97 -33.14 -0.98
C HIS B 174 15.97 -33.86 0.37
N PRO B 175 14.82 -33.89 1.06
CA PRO B 175 14.85 -34.65 2.32
C PRO B 175 14.92 -36.17 2.15
N ARG B 176 15.18 -36.80 3.27
CA ARG B 176 14.87 -38.20 3.53
C ARG B 176 14.52 -38.22 5.03
N ALA B 177 14.18 -39.39 5.56
CA ALA B 177 13.81 -39.44 6.97
C ALA B 177 15.02 -39.11 7.84
N PRO B 178 14.77 -38.52 9.02
CA PRO B 178 15.81 -38.30 10.03
C PRO B 178 16.80 -39.45 10.14
N SER B 179 18.09 -39.12 10.14
CA SER B 179 19.15 -40.14 10.24
C SER B 179 19.13 -40.77 11.63
N LYS B 180 19.99 -41.77 11.83
CA LYS B 180 20.08 -42.43 13.13
C LYS B 180 20.52 -41.51 14.25
N GLN B 181 21.17 -40.41 13.90
CA GLN B 181 21.60 -39.44 14.90
C GLN B 181 20.40 -38.81 15.62
N ILE B 182 19.25 -38.78 14.95
CA ILE B 182 18.09 -38.07 15.51
C ILE B 182 16.77 -38.82 15.45
N ASP B 183 16.74 -39.99 14.83
CA ASP B 183 15.45 -40.63 14.51
C ASP B 183 14.59 -41.07 15.70
N ARG B 184 15.21 -41.28 16.86
CA ARG B 184 14.45 -41.68 18.05
C ARG B 184 13.25 -40.77 18.35
N ALA B 185 13.35 -39.48 18.01
CA ALA B 185 12.27 -38.54 18.35
C ALA B 185 11.19 -38.45 17.27
N PHE B 186 11.36 -39.22 16.20
CA PHE B 186 10.49 -39.15 15.04
C PHE B 186 9.81 -40.47 14.72
N ARG B 187 9.61 -41.31 15.73
CA ARG B 187 9.03 -42.62 15.53
C ARG B 187 7.52 -42.62 15.72
N ASP B 188 6.97 -41.49 16.17
CA ASP B 188 5.55 -41.42 16.50
C ASP B 188 4.77 -40.41 15.63
N TYR B 189 3.46 -40.63 15.52
CA TYR B 189 2.56 -39.65 14.88
C TYR B 189 2.89 -39.34 13.42
N GLY B 190 3.56 -40.27 12.76
CA GLY B 190 3.95 -40.10 11.37
C GLY B 190 5.05 -39.08 11.16
N MET B 191 5.72 -38.70 12.25
CA MET B 191 6.74 -37.64 12.18
C MET B 191 8.02 -38.02 11.43
N ASN B 192 8.14 -39.28 11.03
CA ASN B 192 9.26 -39.70 10.19
C ASN B 192 9.26 -38.97 8.86
N SER B 193 8.09 -38.49 8.45
CA SER B 193 7.85 -38.11 7.06
C SER B 193 7.83 -36.60 6.85
N ALA B 194 7.13 -36.17 5.80
CA ALA B 194 7.09 -34.77 5.41
C ALA B 194 6.45 -33.86 6.46
N ILE B 195 5.62 -34.41 7.34
CA ILE B 195 4.93 -33.57 8.32
C ILE B 195 5.91 -32.92 9.31
N TRP B 196 7.06 -33.55 9.58
CA TRP B 196 8.03 -32.91 10.48
C TRP B 196 9.47 -33.37 10.30
N GLY B 197 9.70 -34.68 10.29
CA GLY B 197 11.06 -35.21 10.25
C GLY B 197 11.88 -34.75 9.04
N TYR B 198 11.24 -34.69 7.87
CA TYR B 198 11.91 -34.30 6.63
C TYR B 198 12.58 -32.93 6.77
N GLY B 199 11.84 -31.96 7.31
CA GLY B 199 12.35 -30.60 7.47
C GLY B 199 13.47 -30.48 8.48
N ILE B 200 13.34 -31.18 9.60
CA ILE B 200 14.35 -31.12 10.64
C ILE B 200 15.63 -31.79 10.16
N GLU B 201 15.48 -32.94 9.51
CA GLU B 201 16.62 -33.68 8.97
C GLU B 201 17.39 -32.81 7.98
N THR B 202 16.67 -32.23 7.03
CA THR B 202 17.28 -31.50 5.93
C THR B 202 17.89 -30.17 6.36
N SER B 203 17.14 -29.39 7.15
CA SER B 203 17.64 -28.09 7.59
C SER B 203 18.88 -28.26 8.47
N THR B 204 18.90 -29.28 9.30
CA THR B 204 20.03 -29.49 10.20
C THR B 204 21.28 -29.85 9.40
N ASN B 205 21.09 -30.64 8.34
CA ASN B 205 22.17 -30.95 7.42
C ASN B 205 22.74 -29.65 6.85
N ALA B 206 21.86 -28.80 6.35
CA ALA B 206 22.27 -27.57 5.68
C ALA B 206 22.93 -26.60 6.65
N VAL B 207 22.41 -26.51 7.86
CA VAL B 207 22.99 -25.64 8.90
C VAL B 207 24.41 -26.10 9.25
N ARG B 208 24.60 -27.42 9.40
CA ARG B 208 25.95 -27.95 9.63
C ARG B 208 26.88 -27.58 8.48
N MET B 209 26.39 -27.68 7.25
CA MET B 209 27.20 -27.33 6.08
C MET B 209 27.69 -25.89 6.19
N ILE B 210 26.77 -24.98 6.49
CA ILE B 210 27.09 -23.56 6.60
C ILE B 210 28.08 -23.30 7.73
N LEU B 211 27.76 -23.78 8.93
CA LEU B 211 28.56 -23.46 10.11
C LEU B 211 29.94 -24.13 10.08
N SER B 212 30.04 -25.25 9.36
CA SER B 212 31.33 -25.94 9.28
C SER B 212 32.31 -25.22 8.37
N GLY B 213 31.79 -24.29 7.58
CA GLY B 213 32.59 -23.51 6.65
C GLY B 213 32.73 -24.18 5.29
N LEU B 214 31.80 -25.06 4.95
CA LEU B 214 31.87 -25.75 3.67
C LEU B 214 31.87 -24.73 2.52
N PHE B 215 31.21 -23.60 2.71
CA PHE B 215 31.08 -22.63 1.63
C PHE B 215 32.23 -21.62 1.55
N ASP B 216 33.14 -21.70 2.51
CA ASP B 216 34.43 -21.04 2.34
C ASP B 216 35.39 -21.93 1.58
N ARG B 217 35.28 -23.24 1.78
CA ARG B 217 36.10 -24.21 1.03
C ARG B 217 35.66 -24.32 -0.43
N PHE B 218 34.36 -24.27 -0.65
CA PHE B 218 33.79 -24.39 -1.99
C PHE B 218 32.79 -23.26 -2.19
N PRO B 219 33.28 -22.04 -2.42
CA PRO B 219 32.41 -20.87 -2.49
C PRO B 219 31.52 -20.78 -3.75
N ARG B 220 31.73 -21.61 -4.76
CA ARG B 220 30.86 -21.54 -5.95
C ARG B 220 29.78 -22.63 -5.96
N LEU B 221 29.65 -23.36 -4.86
CA LEU B 221 28.54 -24.30 -4.74
C LEU B 221 27.23 -23.56 -4.82
N LYS B 222 26.27 -24.19 -5.50
CA LYS B 222 24.89 -23.75 -5.42
C LYS B 222 24.05 -24.90 -4.89
N ILE B 223 23.40 -24.67 -3.76
CA ILE B 223 22.55 -25.68 -3.14
C ILE B 223 21.11 -25.22 -3.27
N VAL B 224 20.20 -26.14 -3.59
CA VAL B 224 18.78 -25.82 -3.60
C VAL B 224 18.06 -26.63 -2.53
N LEU B 225 17.19 -25.98 -1.76
CA LEU B 225 16.37 -26.66 -0.75
C LEU B 225 14.90 -26.44 -1.02
N GLY B 226 14.12 -27.52 -0.94
CA GLY B 226 12.69 -27.42 -1.10
C GLY B 226 11.97 -26.98 0.19
N HIS B 227 10.64 -27.01 0.16
CA HIS B 227 9.82 -26.80 1.35
C HIS B 227 10.07 -25.44 1.98
N MET B 228 10.08 -24.43 1.10
CA MET B 228 10.35 -23.04 1.45
C MET B 228 11.67 -22.92 2.20
N GLY B 229 12.68 -23.64 1.72
CA GLY B 229 14.02 -23.61 2.31
C GLY B 229 14.14 -24.36 3.64
N GLU B 230 13.25 -25.32 3.87
CA GLU B 230 13.21 -26.07 5.11
C GLU B 230 13.24 -25.16 6.33
N ALA B 231 12.51 -24.05 6.21
CA ALA B 231 12.38 -23.01 7.25
C ALA B 231 13.64 -22.19 7.60
N ILE B 232 14.78 -22.54 7.01
CA ILE B 232 16.00 -21.74 7.25
C ILE B 232 15.79 -20.23 6.97
N PRO B 233 15.04 -19.87 5.91
CA PRO B 233 14.79 -18.42 5.73
C PRO B 233 14.18 -17.76 6.95
N PHE B 234 13.40 -18.49 7.75
CA PHE B 234 12.77 -17.90 8.92
C PHE B 234 13.76 -17.66 10.06
N TRP B 235 14.81 -18.48 10.12
CA TRP B 235 15.78 -18.44 11.22
C TRP B 235 17.01 -17.58 10.95
N LEU B 236 17.02 -16.84 9.84
CA LEU B 236 18.25 -16.14 9.43
C LEU B 236 18.80 -15.14 10.46
N TRP B 237 17.91 -14.37 11.10
CA TRP B 237 18.41 -13.36 12.03
C TRP B 237 19.09 -14.04 13.22
N ARG B 238 18.44 -15.07 13.75
CA ARG B 238 18.94 -15.78 14.93
C ARG B 238 20.23 -16.55 14.64
N LEU B 239 20.31 -17.16 13.46
CA LEU B 239 21.55 -17.81 13.04
C LEU B 239 22.69 -16.82 13.02
N ASP B 240 22.42 -15.65 12.45
CA ASP B 240 23.41 -14.57 12.44
C ASP B 240 23.77 -14.07 13.83
N TYR B 241 22.76 -13.80 14.64
CA TYR B 241 23.01 -13.20 15.95
C TYR B 241 23.88 -14.11 16.82
N MET B 242 23.52 -15.39 16.86
CA MET B 242 24.17 -16.34 17.75
C MET B 242 25.51 -16.86 17.24
N HIS B 243 25.87 -16.50 16.02
CA HIS B 243 27.11 -17.02 15.45
C HIS B 243 28.36 -16.62 16.26
N GLY B 244 28.35 -15.41 16.81
CA GLY B 244 29.47 -14.98 17.63
C GLY B 244 29.71 -15.89 18.83
N ASN B 245 28.62 -16.24 19.52
CA ASN B 245 28.71 -17.20 20.64
C ASN B 245 29.25 -18.54 20.18
N ALA B 246 28.78 -18.95 19.01
CA ALA B 246 29.19 -20.24 18.44
C ALA B 246 30.70 -20.29 18.19
N THR B 247 31.26 -19.22 17.65
CA THR B 247 32.70 -19.21 17.36
C THR B 247 33.55 -18.82 18.57
N THR B 248 32.95 -18.14 19.54
CA THR B 248 33.69 -17.70 20.71
C THR B 248 33.85 -18.80 21.76
N PHE B 249 32.77 -19.48 22.11
CA PHE B 249 32.91 -20.54 23.10
C PHE B 249 32.31 -21.87 22.68
N GLY B 250 31.79 -21.95 21.46
CA GLY B 250 31.19 -23.18 20.98
C GLY B 250 32.08 -23.96 20.04
N GLY B 251 33.24 -23.40 19.71
CA GLY B 251 34.21 -24.10 18.88
C GLY B 251 33.90 -24.13 17.39
N ALA B 252 32.92 -23.34 16.97
CA ALA B 252 32.62 -23.22 15.55
C ALA B 252 33.76 -22.45 14.90
N PRO B 253 34.14 -22.83 13.67
CA PRO B 253 35.25 -22.14 13.02
C PRO B 253 34.85 -20.75 12.58
N LYS B 254 35.82 -19.83 12.54
CA LYS B 254 35.53 -18.50 12.03
C LYS B 254 35.27 -18.58 10.52
N LEU B 255 34.27 -17.82 10.07
CA LEU B 255 33.85 -17.81 8.67
C LEU B 255 34.08 -16.45 8.03
N LYS B 256 34.24 -16.44 6.71
CA LYS B 256 34.41 -15.18 5.98
C LYS B 256 33.14 -14.32 5.98
N LEU B 257 31.97 -14.96 5.93
CA LEU B 257 30.67 -14.27 5.85
C LEU B 257 29.79 -14.66 7.03
N LYS B 258 28.66 -13.98 7.18
CA LYS B 258 27.64 -14.37 8.15
C LYS B 258 26.84 -15.56 7.60
N PRO B 259 26.26 -16.38 8.50
CA PRO B 259 25.44 -17.51 8.08
C PRO B 259 24.39 -17.13 7.03
N SER B 260 23.65 -16.05 7.26
CA SER B 260 22.59 -15.68 6.32
C SER B 260 23.17 -15.24 4.98
N GLU B 261 24.42 -14.80 4.98
CA GLU B 261 25.04 -14.36 3.76
C GLU B 261 25.42 -15.56 2.91
N TYR B 262 25.87 -16.64 3.54
CA TYR B 262 26.01 -17.92 2.84
C TYR B 262 24.68 -18.39 2.29
N PHE B 263 23.64 -18.27 3.10
CA PHE B 263 22.34 -18.72 2.64
C PHE B 263 21.90 -17.99 1.38
N ARG B 264 21.99 -16.66 1.39
CA ARG B 264 21.67 -15.90 0.20
C ARG B 264 22.65 -16.08 -0.97
N ARG B 265 23.94 -16.22 -0.69
CA ARG B 265 24.92 -16.35 -1.77
C ARG B 265 24.89 -17.74 -2.44
N ASN B 266 24.80 -18.78 -1.62
CA ASN B 266 25.00 -20.16 -2.08
C ASN B 266 23.75 -21.02 -2.16
N PHE B 267 22.64 -20.54 -1.62
CA PHE B 267 21.42 -21.33 -1.64
C PHE B 267 20.32 -20.64 -2.42
N ALA B 268 19.42 -21.45 -2.97
CA ALA B 268 18.14 -20.98 -3.44
C ALA B 268 17.11 -21.97 -2.92
N ILE B 269 15.84 -21.60 -2.96
CA ILE B 269 14.79 -22.43 -2.35
C ILE B 269 13.65 -22.67 -3.32
N THR B 270 12.85 -23.69 -3.03
CA THR B 270 11.62 -23.90 -3.78
C THR B 270 10.40 -23.92 -2.87
N THR B 271 9.22 -23.79 -3.48
CA THR B 271 7.98 -23.71 -2.72
C THR B 271 7.28 -25.04 -2.50
N SER B 272 7.95 -26.14 -2.83
CA SER B 272 7.34 -27.45 -2.73
C SER B 272 6.69 -27.70 -1.38
N GLY B 273 5.42 -28.09 -1.41
CA GLY B 273 4.73 -28.47 -0.18
C GLY B 273 4.46 -27.32 0.77
N VAL B 274 4.68 -26.09 0.32
CA VAL B 274 4.41 -24.91 1.13
C VAL B 274 3.66 -23.88 0.29
N GLU B 275 2.38 -24.16 0.07
CA GLU B 275 1.55 -23.32 -0.77
C GLU B 275 0.93 -22.21 0.08
N SER B 276 1.80 -21.41 0.67
CA SER B 276 1.40 -20.30 1.53
C SER B 276 1.88 -18.99 0.92
N HIS B 277 0.95 -18.13 0.53
CA HIS B 277 1.31 -16.83 -0.01
C HIS B 277 2.08 -16.02 1.01
N ALA B 278 1.72 -16.15 2.28
CA ALA B 278 2.40 -15.41 3.32
C ALA B 278 3.85 -15.86 3.44
N ALA B 279 4.08 -17.17 3.39
CA ALA B 279 5.44 -17.69 3.50
C ALA B 279 6.25 -17.33 2.25
N LEU B 280 5.58 -17.35 1.11
CA LEU B 280 6.23 -16.97 -0.16
C LEU B 280 6.69 -15.52 -0.11
N ARG B 281 5.79 -14.64 0.34
CA ARG B 281 6.12 -13.21 0.44
C ARG B 281 7.28 -12.98 1.39
N TYR B 282 7.23 -13.64 2.56
CA TYR B 282 8.35 -13.56 3.49
C TYR B 282 9.65 -13.96 2.82
N SER B 283 9.64 -15.09 2.11
CA SER B 283 10.86 -15.62 1.54
C SER B 283 11.44 -14.69 0.47
N ILE B 284 10.56 -14.16 -0.35
CA ILE B 284 10.97 -13.19 -1.38
C ILE B 284 11.59 -11.96 -0.71
N GLU B 285 11.01 -11.50 0.40
CA GLU B 285 11.53 -10.32 1.09
C GLU B 285 12.94 -10.52 1.65
N VAL B 286 13.18 -11.68 2.25
CA VAL B 286 14.45 -11.87 2.95
C VAL B 286 15.55 -12.49 2.11
N LEU B 287 15.17 -13.20 1.05
CA LEU B 287 16.15 -13.84 0.16
C LEU B 287 16.38 -13.06 -1.12
N GLY B 288 15.38 -12.29 -1.54
CA GLY B 288 15.38 -11.70 -2.87
C GLY B 288 14.61 -12.56 -3.86
N PRO B 289 13.95 -11.93 -4.84
CA PRO B 289 13.09 -12.71 -5.75
C PRO B 289 13.86 -13.67 -6.67
N GLU B 290 15.17 -13.45 -6.85
CA GLU B 290 15.95 -14.39 -7.68
C GLU B 290 16.19 -15.75 -7.03
N ASN B 291 15.91 -15.84 -5.73
CA ASN B 291 16.28 -17.01 -4.96
C ASN B 291 15.13 -17.95 -4.62
N VAL B 292 13.94 -17.68 -5.18
CA VAL B 292 12.77 -18.53 -4.92
C VAL B 292 12.21 -19.15 -6.20
N MET B 293 12.04 -20.46 -6.18
CA MET B 293 11.50 -21.18 -7.32
C MET B 293 10.21 -21.90 -6.96
N TRP B 294 9.32 -22.01 -7.93
CA TRP B 294 8.11 -22.79 -7.77
C TRP B 294 8.38 -24.27 -7.97
N ALA B 295 7.65 -25.11 -7.23
CA ALA B 295 7.69 -26.55 -7.40
C ALA B 295 6.31 -27.14 -7.05
N ILE B 296 6.05 -28.36 -7.50
CA ILE B 296 4.83 -29.07 -7.12
C ILE B 296 5.05 -30.10 -6.02
N ASP B 297 6.13 -30.86 -6.16
CA ASP B 297 6.39 -32.07 -5.36
C ASP B 297 5.48 -33.22 -5.81
N TYR B 298 5.18 -33.25 -7.11
CA TYR B 298 4.43 -34.37 -7.70
C TYR B 298 5.28 -35.63 -7.62
N PRO B 299 4.65 -36.79 -7.30
CA PRO B 299 3.23 -37.07 -7.10
C PRO B 299 2.81 -37.09 -5.64
N TYR B 300 3.70 -36.66 -4.75
CA TYR B 300 3.38 -36.58 -3.32
C TYR B 300 2.40 -35.45 -3.02
N GLN B 301 2.37 -34.46 -3.91
CA GLN B 301 1.37 -33.39 -3.90
C GLN B 301 0.69 -33.39 -5.25
N PRO B 302 -0.60 -33.02 -5.31
CA PRO B 302 -1.30 -32.89 -6.58
C PRO B 302 -0.92 -31.63 -7.34
N MET B 303 -1.02 -31.65 -8.66
CA MET B 303 -0.58 -30.51 -9.46
C MET B 303 -1.48 -29.28 -9.39
N ALA B 304 -2.80 -29.46 -9.47
CA ALA B 304 -3.70 -28.30 -9.58
C ALA B 304 -3.56 -27.25 -8.46
N PRO B 305 -3.59 -27.69 -7.18
CA PRO B 305 -3.46 -26.70 -6.11
C PRO B 305 -2.12 -25.95 -6.15
N ALA B 306 -1.04 -26.66 -6.48
CA ALA B 306 0.27 -26.02 -6.55
C ALA B 306 0.33 -24.98 -7.65
N VAL B 307 -0.20 -25.35 -8.82
CA VAL B 307 -0.32 -24.40 -9.91
C VAL B 307 -1.16 -23.16 -9.54
N GLN B 308 -2.34 -23.38 -8.96
CA GLN B 308 -3.22 -22.26 -8.62
C GLN B 308 -2.63 -21.36 -7.52
N PHE B 309 -1.81 -21.96 -6.66
CA PHE B 309 -1.03 -21.23 -5.66
C PHE B 309 -0.17 -20.16 -6.31
N ILE B 310 0.62 -20.54 -7.32
CA ILE B 310 1.50 -19.56 -7.95
C ILE B 310 0.76 -18.60 -8.88
N ARG B 311 -0.23 -19.08 -9.62
CA ARG B 311 -1.00 -18.23 -10.53
C ARG B 311 -1.75 -17.13 -9.79
N THR B 312 -2.12 -17.38 -8.53
CA THR B 312 -2.85 -16.39 -7.76
C THR B 312 -1.97 -15.63 -6.73
N ALA B 313 -0.66 -15.83 -6.78
CA ALA B 313 0.21 -15.22 -5.76
C ALA B 313 0.12 -13.70 -5.84
N PRO B 314 -0.04 -13.02 -4.69
CA PRO B 314 -0.18 -11.57 -4.71
C PRO B 314 1.20 -10.89 -4.82
N ILE B 315 1.84 -11.09 -5.96
CA ILE B 315 3.14 -10.50 -6.28
C ILE B 315 3.06 -9.96 -7.70
N PRO B 316 3.94 -9.03 -8.05
CA PRO B 316 3.87 -8.46 -9.40
C PRO B 316 4.13 -9.52 -10.47
N GLU B 317 3.65 -9.27 -11.68
CA GLU B 317 3.81 -10.26 -12.75
C GLU B 317 5.25 -10.61 -13.07
N ASP B 318 6.16 -9.63 -13.04
CA ASP B 318 7.55 -9.95 -13.38
C ASP B 318 8.22 -10.82 -12.32
N VAL B 319 7.92 -10.55 -11.05
CA VAL B 319 8.41 -11.39 -9.97
C VAL B 319 7.76 -12.77 -10.05
N LYS B 320 6.49 -12.81 -10.44
CA LYS B 320 5.80 -14.09 -10.54
C LYS B 320 6.45 -14.93 -11.63
N ALA B 321 6.86 -14.30 -12.73
CA ALA B 321 7.49 -15.05 -13.81
C ALA B 321 8.83 -15.63 -13.38
N MET B 322 9.57 -14.87 -12.58
CA MET B 322 10.84 -15.37 -12.01
C MET B 322 10.61 -16.61 -11.16
N VAL B 323 9.65 -16.51 -10.24
CA VAL B 323 9.39 -17.61 -9.32
C VAL B 323 8.83 -18.84 -10.06
N ALA B 324 7.94 -18.59 -11.02
CA ALA B 324 7.25 -19.67 -11.72
C ALA B 324 8.17 -20.48 -12.63
N GLY B 325 9.20 -19.85 -13.18
CA GLY B 325 10.05 -20.54 -14.15
C GLY B 325 11.38 -19.88 -14.47
N GLY B 326 11.42 -18.55 -14.41
CA GLY B 326 12.62 -17.81 -14.77
C GLY B 326 13.85 -18.17 -13.94
N ASN B 327 13.72 -18.24 -12.62
CA ASN B 327 14.84 -18.64 -11.77
C ASN B 327 15.31 -20.06 -12.04
N ALA B 328 14.36 -20.97 -12.26
CA ALA B 328 14.68 -22.37 -12.55
C ALA B 328 15.45 -22.50 -13.86
N ALA B 329 15.02 -21.74 -14.86
CA ALA B 329 15.70 -21.79 -16.16
C ALA B 329 17.15 -21.36 -16.02
N ARG B 330 17.38 -20.36 -15.18
CA ARG B 330 18.75 -19.89 -14.94
C ARG B 330 19.55 -20.93 -14.15
N ILE B 331 19.05 -21.32 -12.98
CA ILE B 331 19.78 -22.19 -12.07
C ILE B 331 20.01 -23.61 -12.64
N PHE B 332 19.01 -24.11 -13.35
CA PHE B 332 19.07 -25.47 -13.90
C PHE B 332 19.29 -25.53 -15.42
N ARG B 333 19.78 -24.43 -16.00
CA ARG B 333 20.26 -24.44 -17.38
C ARG B 333 19.20 -24.93 -18.35
N ILE B 334 18.02 -24.35 -18.29
CA ILE B 334 16.94 -24.72 -19.17
C ILE B 334 16.72 -23.62 -20.18
N THR B 335 16.65 -23.98 -21.45
CA THR B 335 16.37 -22.99 -22.48
C THR B 335 14.87 -22.70 -22.58
N SER C 1 -2.83 2.56 -26.81
CA SER C 1 -2.21 1.37 -27.36
C SER C 1 -2.56 0.12 -26.57
N LEU C 2 -3.42 0.26 -25.56
CA LEU C 2 -4.01 -0.89 -24.90
C LEU C 2 -4.83 -1.66 -25.93
N ARG C 3 -4.49 -2.93 -26.16
CA ARG C 3 -5.27 -3.77 -27.08
C ARG C 3 -6.54 -4.27 -26.41
N LEU C 4 -7.69 -3.82 -26.91
CA LEU C 4 -8.98 -4.18 -26.36
C LEU C 4 -9.71 -5.19 -27.23
N ILE C 5 -9.93 -6.38 -26.70
CA ILE C 5 -10.71 -7.41 -27.38
C ILE C 5 -11.94 -7.71 -26.53
N ALA C 6 -13.11 -7.27 -26.99
CA ALA C 6 -14.33 -7.46 -26.21
C ALA C 6 -14.87 -8.86 -26.48
N THR C 7 -15.21 -9.62 -25.44
CA THR C 7 -15.45 -11.05 -25.59
C THR C 7 -16.91 -11.56 -25.56
N GLU C 8 -17.88 -10.70 -25.32
CA GLU C 8 -19.28 -11.14 -25.30
C GLU C 8 -20.15 -10.25 -26.18
N GLU C 9 -19.83 -10.19 -27.46
CA GLU C 9 -20.48 -9.19 -28.30
C GLU C 9 -21.48 -9.87 -29.20
N ALA C 10 -22.75 -9.57 -28.96
CA ALA C 10 -23.86 -10.25 -29.60
C ALA C 10 -24.09 -9.79 -31.04
N VAL C 11 -24.50 -10.73 -31.89
CA VAL C 11 -24.81 -10.42 -33.28
C VAL C 11 -25.99 -11.32 -33.67
N THR C 12 -26.71 -10.98 -34.73
CA THR C 12 -27.67 -11.94 -35.29
C THR C 12 -27.59 -11.96 -36.81
N PHE C 13 -28.30 -12.92 -37.42
CA PHE C 13 -28.30 -13.06 -38.86
C PHE C 13 -29.76 -13.19 -39.32
N GLN C 14 -30.05 -12.79 -40.55
CA GLN C 14 -31.43 -12.75 -41.03
C GLN C 14 -32.22 -14.09 -40.94
N PRO C 15 -31.60 -15.24 -41.29
CA PRO C 15 -32.37 -16.48 -41.14
C PRO C 15 -32.76 -16.79 -39.69
N VAL C 16 -31.95 -16.37 -38.73
CA VAL C 16 -32.25 -16.64 -37.33
C VAL C 16 -33.33 -15.68 -36.86
N VAL C 17 -33.18 -14.42 -37.24
CA VAL C 17 -34.20 -13.41 -36.96
C VAL C 17 -35.56 -13.84 -37.49
N ASP C 18 -35.59 -14.34 -38.73
CA ASP C 18 -36.85 -14.74 -39.34
C ASP C 18 -37.52 -15.89 -38.60
N ALA C 19 -36.71 -16.84 -38.14
CA ALA C 19 -37.21 -17.99 -37.36
C ALA C 19 -37.72 -17.56 -35.98
N LEU C 20 -37.05 -16.60 -35.37
CA LEU C 20 -37.49 -16.07 -34.08
C LEU C 20 -38.76 -15.22 -34.20
N ARG C 21 -38.89 -14.48 -35.31
CA ARG C 21 -40.13 -13.75 -35.56
C ARG C 21 -41.30 -14.72 -35.62
N ALA C 22 -41.14 -15.81 -36.36
CA ALA C 22 -42.19 -16.82 -36.43
C ALA C 22 -42.41 -17.46 -35.04
N HIS C 23 -41.30 -17.77 -34.37
CA HIS C 23 -41.40 -18.41 -33.05
C HIS C 23 -42.14 -17.53 -32.05
N SER C 24 -42.05 -16.22 -32.22
CA SER C 24 -42.66 -15.28 -31.28
C SER C 24 -44.18 -15.37 -31.29
N ARG C 25 -44.73 -15.97 -32.33
CA ARG C 25 -46.18 -16.08 -32.46
C ARG C 25 -46.71 -17.36 -31.85
N THR C 26 -45.79 -18.24 -31.42
CA THR C 26 -46.21 -19.51 -30.86
C THR C 26 -46.50 -19.41 -29.37
N ASP C 27 -47.05 -20.48 -28.81
CA ASP C 27 -47.40 -20.48 -27.39
C ASP C 27 -46.36 -21.20 -26.54
N ASP C 28 -45.11 -21.14 -26.97
CA ASP C 28 -43.99 -21.68 -26.20
C ASP C 28 -44.03 -21.10 -24.78
N ALA C 29 -43.96 -21.97 -23.77
CA ALA C 29 -44.00 -21.51 -22.37
C ALA C 29 -42.65 -21.14 -21.77
N SER C 30 -41.58 -21.26 -22.54
CA SER C 30 -40.25 -20.90 -22.06
C SER C 30 -40.19 -19.44 -21.62
N LEU C 31 -39.47 -19.17 -20.55
CA LEU C 31 -39.38 -17.81 -20.03
C LEU C 31 -38.64 -16.89 -21.02
N ASP C 32 -37.92 -17.51 -21.96
CA ASP C 32 -37.26 -16.73 -22.98
C ASP C 32 -38.24 -16.02 -23.93
N MET C 33 -39.52 -16.41 -23.87
CA MET C 33 -40.50 -15.83 -24.77
C MET C 33 -40.74 -14.35 -24.44
N ILE C 34 -40.38 -13.94 -23.22
CA ILE C 34 -40.42 -12.53 -22.87
C ILE C 34 -39.46 -11.74 -23.77
N LEU C 35 -38.19 -12.16 -23.81
CA LEU C 35 -37.19 -11.53 -24.67
C LEU C 35 -37.58 -11.67 -26.15
N VAL C 36 -38.01 -12.87 -26.53
CA VAL C 36 -38.33 -13.15 -27.93
C VAL C 36 -39.46 -12.25 -28.43
N ARG C 37 -40.48 -12.02 -27.61
CA ARG C 37 -41.56 -11.11 -27.98
C ARG C 37 -41.10 -9.65 -27.99
N ASP C 38 -40.30 -9.26 -27.00
CA ASP C 38 -39.83 -7.89 -26.89
C ASP C 38 -38.92 -7.48 -28.05
N VAL C 39 -38.15 -8.42 -28.57
CA VAL C 39 -37.18 -8.09 -29.63
C VAL C 39 -37.63 -8.56 -31.00
N TYR C 40 -38.20 -9.76 -31.07
CA TYR C 40 -38.51 -10.38 -32.37
C TYR C 40 -40.01 -10.40 -32.69
N GLY C 41 -40.81 -9.93 -31.73
CA GLY C 41 -42.26 -9.95 -31.86
C GLY C 41 -42.85 -8.98 -32.86
N ASP C 42 -44.15 -9.11 -33.10
CA ASP C 42 -44.84 -8.28 -34.08
C ASP C 42 -45.16 -6.89 -33.56
N GLU C 43 -45.11 -6.74 -32.25
CA GLU C 43 -45.30 -5.43 -31.64
C GLU C 43 -44.21 -5.28 -30.59
N PRO C 44 -42.96 -5.15 -31.04
CA PRO C 44 -41.83 -5.26 -30.11
C PRO C 44 -41.66 -4.05 -29.20
N ALA C 45 -41.44 -4.31 -27.91
CA ALA C 45 -41.17 -3.25 -26.96
C ALA C 45 -39.77 -2.67 -27.16
N ARG C 46 -38.90 -3.45 -27.79
CA ARG C 46 -37.53 -3.02 -28.05
C ARG C 46 -37.22 -3.05 -29.55
N PRO C 47 -37.88 -2.18 -30.33
CA PRO C 47 -37.90 -2.27 -31.79
C PRO C 47 -36.54 -2.04 -32.48
N ALA C 48 -35.60 -1.38 -31.80
CA ALA C 48 -34.32 -1.06 -32.42
C ALA C 48 -33.31 -2.21 -32.33
N MET C 49 -33.58 -3.17 -31.44
CA MET C 49 -32.59 -4.18 -31.09
C MET C 49 -32.16 -5.08 -32.29
N ILE C 50 -33.11 -5.52 -33.11
CA ILE C 50 -32.77 -6.41 -34.22
C ILE C 50 -31.77 -5.73 -35.12
N GLY C 51 -32.04 -4.47 -35.43
CA GLY C 51 -31.14 -3.69 -36.26
C GLY C 51 -29.75 -3.57 -35.64
N ARG C 52 -29.68 -3.40 -34.32
CA ARG C 52 -28.39 -3.18 -33.67
C ARG C 52 -27.60 -4.48 -33.55
N LEU C 53 -28.32 -5.58 -33.37
CA LEU C 53 -27.70 -6.90 -33.33
C LEU C 53 -27.17 -7.30 -34.71
N SER C 54 -27.92 -6.93 -35.76
CA SER C 54 -27.57 -7.36 -37.11
C SER C 54 -26.39 -6.57 -37.67
N ASP C 55 -26.28 -5.32 -37.25
CA ASP C 55 -25.22 -4.46 -37.73
C ASP C 55 -23.84 -4.85 -37.22
N VAL C 56 -22.89 -4.94 -38.14
CA VAL C 56 -21.50 -5.23 -37.80
C VAL C 56 -20.58 -4.11 -38.27
N THR C 57 -20.69 -3.72 -39.54
CA THR C 57 -19.75 -2.74 -40.12
C THR C 57 -20.23 -1.29 -40.16
N GLY C 58 -21.43 -1.03 -39.64
CA GLY C 58 -21.95 0.32 -39.58
C GLY C 58 -21.72 0.94 -38.22
N GLU C 59 -22.79 1.13 -37.45
CA GLU C 59 -22.68 1.73 -36.14
C GLU C 59 -21.70 1.00 -35.20
N ARG C 60 -21.73 -0.32 -35.20
CA ARG C 60 -20.84 -1.10 -34.33
C ARG C 60 -19.38 -0.77 -34.58
N LEU C 61 -18.95 -0.80 -35.84
CA LEU C 61 -17.57 -0.54 -36.16
C LEU C 61 -17.22 0.93 -35.87
N ALA C 62 -18.15 1.83 -36.19
CA ALA C 62 -17.95 3.23 -35.86
C ALA C 62 -17.75 3.46 -34.36
N GLU C 63 -18.52 2.74 -33.55
CA GLU C 63 -18.39 2.84 -32.09
C GLU C 63 -17.06 2.27 -31.63
N MET C 64 -16.65 1.18 -32.26
CA MET C 64 -15.37 0.58 -31.91
C MET C 64 -14.25 1.57 -32.20
N ASP C 65 -14.34 2.26 -33.33
CA ASP C 65 -13.28 3.20 -33.70
C ASP C 65 -13.24 4.42 -32.77
N SER C 66 -14.41 4.96 -32.42
N SER C 66 -14.40 4.96 -32.42
CA SER C 66 -14.47 6.14 -31.56
CA SER C 66 -14.44 6.15 -31.57
C SER C 66 -13.92 5.85 -30.17
C SER C 66 -14.02 5.88 -30.14
N ASN C 67 -14.05 4.61 -29.73
CA ASN C 67 -13.64 4.24 -28.38
C ASN C 67 -12.31 3.50 -28.29
N GLY C 68 -11.68 3.30 -29.45
CA GLY C 68 -10.37 2.65 -29.49
C GLY C 68 -10.43 1.17 -29.15
N VAL C 69 -11.49 0.50 -29.56
CA VAL C 69 -11.61 -0.94 -29.37
C VAL C 69 -11.09 -1.69 -30.59
N ASP C 70 -10.14 -2.59 -30.39
N ASP C 70 -10.12 -2.58 -30.41
CA ASP C 70 -9.51 -3.30 -31.50
CA ASP C 70 -9.54 -3.27 -31.55
C ASP C 70 -10.44 -4.34 -32.12
C ASP C 70 -10.48 -4.33 -32.14
N MET C 71 -11.07 -5.16 -31.28
CA MET C 71 -11.91 -6.26 -31.76
C MET C 71 -13.17 -6.54 -30.96
N HIS C 72 -14.16 -7.10 -31.65
CA HIS C 72 -15.28 -7.78 -31.01
C HIS C 72 -15.18 -9.26 -31.33
N LEU C 73 -15.28 -10.09 -30.29
CA LEU C 73 -15.47 -11.52 -30.47
C LEU C 73 -16.98 -11.75 -30.53
N LEU C 74 -17.46 -12.11 -31.71
CA LEU C 74 -18.90 -12.13 -31.98
C LEU C 74 -19.51 -13.47 -31.59
N SER C 75 -20.74 -13.43 -31.08
CA SER C 75 -21.52 -14.63 -30.82
C SER C 75 -22.98 -14.45 -31.19
N LEU C 76 -23.60 -15.48 -31.77
CA LEU C 76 -25.04 -15.41 -32.03
C LEU C 76 -25.76 -15.17 -30.70
N THR C 77 -26.58 -14.13 -30.66
CA THR C 77 -27.19 -13.68 -29.43
C THR C 77 -28.10 -14.75 -28.83
N ALA C 78 -28.24 -14.75 -27.51
CA ALA C 78 -29.21 -15.62 -26.86
C ALA C 78 -30.60 -15.29 -27.42
N PRO C 79 -31.47 -16.30 -27.58
CA PRO C 79 -31.31 -17.69 -27.15
C PRO C 79 -30.69 -18.59 -28.23
N GLY C 80 -29.93 -18.02 -29.14
CA GLY C 80 -29.26 -18.82 -30.17
C GLY C 80 -30.26 -19.64 -30.98
N VAL C 81 -29.97 -20.92 -31.21
CA VAL C 81 -30.87 -21.79 -31.96
C VAL C 81 -31.52 -22.82 -31.06
N GLN C 82 -31.48 -22.57 -29.75
CA GLN C 82 -31.87 -23.56 -28.77
C GLN C 82 -33.37 -23.69 -28.51
N MET C 83 -34.15 -22.71 -28.95
CA MET C 83 -35.60 -22.81 -28.74
C MET C 83 -36.33 -23.62 -29.81
N PHE C 84 -35.67 -23.84 -30.95
CA PHE C 84 -36.31 -24.51 -32.08
C PHE C 84 -36.34 -26.03 -31.91
N ASP C 85 -37.20 -26.70 -32.70
CA ASP C 85 -37.17 -28.15 -32.77
C ASP C 85 -35.78 -28.59 -33.25
N ALA C 86 -35.45 -29.86 -33.06
CA ALA C 86 -34.09 -30.33 -33.30
C ALA C 86 -33.62 -30.12 -34.75
N GLU C 87 -34.49 -30.44 -35.70
CA GLU C 87 -34.12 -30.34 -37.11
C GLU C 87 -33.94 -28.88 -37.56
N THR C 88 -34.82 -28.01 -37.08
CA THR C 88 -34.70 -26.57 -37.33
C THR C 88 -33.44 -25.98 -36.68
N GLY C 89 -33.22 -26.34 -35.42
CA GLY C 89 -32.04 -25.89 -34.70
C GLY C 89 -30.75 -26.31 -35.38
N THR C 90 -30.72 -27.56 -35.82
CA THR C 90 -29.55 -28.09 -36.55
C THR C 90 -29.31 -27.33 -37.85
N ARG C 91 -30.35 -27.12 -38.64
CA ARG C 91 -30.23 -26.41 -39.91
C ARG C 91 -29.74 -24.99 -39.70
N LEU C 92 -30.33 -24.32 -38.72
CA LEU C 92 -30.01 -22.91 -38.46
C LEU C 92 -28.62 -22.71 -37.87
N ALA C 93 -28.15 -23.66 -37.07
CA ALA C 93 -26.79 -23.58 -36.53
C ALA C 93 -25.75 -23.56 -37.65
N ARG C 94 -25.92 -24.45 -38.61
CA ARG C 94 -25.04 -24.51 -39.78
C ARG C 94 -25.03 -23.18 -40.51
N ILE C 95 -26.23 -22.67 -40.82
CA ILE C 95 -26.35 -21.40 -41.52
C ILE C 95 -25.73 -20.27 -40.72
N ALA C 96 -26.02 -20.23 -39.42
CA ALA C 96 -25.50 -19.15 -38.58
C ALA C 96 -23.97 -19.20 -38.49
N ASN C 97 -23.41 -20.40 -38.44
CA ASN C 97 -21.96 -20.54 -38.36
C ASN C 97 -21.28 -20.15 -39.67
N ASP C 98 -21.87 -20.56 -40.79
CA ASP C 98 -21.36 -20.12 -42.09
C ASP C 98 -21.38 -18.59 -42.20
N LEU C 99 -22.47 -17.97 -41.74
CA LEU C 99 -22.58 -16.50 -41.75
C LEU C 99 -21.61 -15.83 -40.79
N MET C 100 -21.37 -16.45 -39.64
CA MET C 100 -20.34 -15.95 -38.73
C MET C 100 -18.95 -15.96 -39.39
N ALA C 101 -18.59 -17.06 -40.03
CA ALA C 101 -17.29 -17.15 -40.72
C ALA C 101 -17.20 -16.11 -41.82
N GLN C 102 -18.31 -15.91 -42.51
CA GLN C 102 -18.40 -14.93 -43.59
C GLN C 102 -18.19 -13.52 -43.05
N THR C 103 -18.80 -13.25 -41.89
CA THR C 103 -18.73 -11.93 -41.27
C THR C 103 -17.31 -11.62 -40.80
N VAL C 104 -16.69 -12.58 -40.13
CA VAL C 104 -15.32 -12.45 -39.64
C VAL C 104 -14.34 -12.24 -40.79
N ALA C 105 -14.53 -13.01 -41.86
CA ALA C 105 -13.65 -12.94 -43.03
C ALA C 105 -13.57 -11.56 -43.67
N ALA C 106 -14.65 -10.78 -43.55
CA ALA C 106 -14.68 -9.45 -44.18
C ALA C 106 -13.81 -8.44 -43.44
N ASN C 107 -13.62 -8.64 -42.14
CA ASN C 107 -12.78 -7.76 -41.34
C ASN C 107 -12.08 -8.52 -40.21
N PRO C 108 -11.16 -9.44 -40.55
CA PRO C 108 -10.60 -10.36 -39.54
C PRO C 108 -9.64 -9.71 -38.53
N THR C 109 -9.26 -8.46 -38.74
CA THR C 109 -8.45 -7.76 -37.75
C THR C 109 -9.33 -7.07 -36.70
N ARG C 110 -10.62 -6.99 -36.99
CA ARG C 110 -11.57 -6.30 -36.11
C ARG C 110 -12.60 -7.25 -35.51
N PHE C 111 -12.82 -8.39 -36.14
CA PHE C 111 -13.80 -9.36 -35.60
C PHE C 111 -13.25 -10.77 -35.58
N ALA C 112 -13.59 -11.48 -34.50
CA ALA C 112 -13.40 -12.91 -34.42
C ALA C 112 -14.77 -13.47 -34.09
N GLY C 113 -14.92 -14.79 -34.09
CA GLY C 113 -16.26 -15.36 -33.98
C GLY C 113 -16.32 -16.65 -33.21
N LEU C 114 -17.42 -16.83 -32.48
CA LEU C 114 -17.73 -18.10 -31.81
C LEU C 114 -18.82 -18.79 -32.64
N GLY C 115 -18.70 -20.09 -32.84
CA GLY C 115 -19.75 -20.84 -33.50
C GLY C 115 -20.72 -21.38 -32.47
N THR C 116 -21.92 -21.74 -32.90
CA THR C 116 -22.90 -22.30 -31.96
C THR C 116 -23.40 -23.64 -32.47
N PHE C 117 -24.32 -24.25 -31.76
CA PHE C 117 -24.80 -25.58 -32.13
C PHE C 117 -26.15 -25.82 -31.48
N ALA C 118 -26.83 -26.87 -31.92
CA ALA C 118 -28.15 -27.21 -31.38
C ALA C 118 -28.08 -28.51 -30.56
N PRO C 119 -27.90 -28.38 -29.23
CA PRO C 119 -27.75 -29.53 -28.33
C PRO C 119 -29.05 -30.31 -28.18
N GLN C 120 -30.15 -29.82 -28.75
CA GLN C 120 -31.35 -30.64 -28.88
C GLN C 120 -31.04 -32.00 -29.49
N ASP C 121 -30.05 -32.04 -30.39
CA ASP C 121 -29.59 -33.27 -31.03
C ASP C 121 -28.08 -33.40 -30.78
N PRO C 122 -27.70 -34.09 -29.70
CA PRO C 122 -26.28 -34.15 -29.31
C PRO C 122 -25.34 -34.65 -30.41
N ALA C 123 -25.74 -35.70 -31.14
CA ALA C 123 -24.90 -36.25 -32.21
C ALA C 123 -24.66 -35.26 -33.33
N SER C 124 -25.73 -34.60 -33.78
CA SER C 124 -25.59 -33.61 -34.84
C SER C 124 -24.81 -32.40 -34.34
N ALA C 125 -25.03 -32.04 -33.08
CA ALA C 125 -24.30 -30.92 -32.49
C ALA C 125 -22.81 -31.23 -32.43
N ALA C 126 -22.47 -32.48 -32.10
CA ALA C 126 -21.06 -32.88 -32.07
C ALA C 126 -20.43 -32.77 -33.45
N ARG C 127 -21.18 -33.15 -34.48
CA ARG C 127 -20.68 -33.01 -35.85
C ARG C 127 -20.46 -31.55 -36.21
N GLU C 128 -21.39 -30.69 -35.83
CA GLU C 128 -21.27 -29.25 -36.11
C GLU C 128 -20.11 -28.60 -35.35
N ILE C 129 -19.88 -29.05 -34.12
CA ILE C 129 -18.73 -28.57 -33.35
C ILE C 129 -17.42 -28.93 -34.08
N GLU C 130 -17.33 -30.16 -34.56
CA GLU C 130 -16.16 -30.57 -35.33
C GLU C 130 -15.97 -29.69 -36.57
N ARG C 131 -17.07 -29.37 -37.24
CA ARG C 131 -17.04 -28.57 -38.46
C ARG C 131 -16.58 -27.14 -38.14
N VAL C 132 -17.09 -26.59 -37.04
CA VAL C 132 -16.72 -25.25 -36.61
C VAL C 132 -15.22 -25.19 -36.35
N ALA C 133 -14.70 -26.19 -35.64
CA ALA C 133 -13.30 -26.19 -35.25
C ALA C 133 -12.36 -26.43 -36.43
N THR C 134 -12.68 -27.42 -37.25
CA THR C 134 -11.76 -27.92 -38.27
C THR C 134 -11.97 -27.32 -39.65
N GLN C 135 -13.23 -27.17 -40.06
CA GLN C 135 -13.50 -26.67 -41.40
C GLN C 135 -13.63 -25.16 -41.46
N LEU C 136 -14.32 -24.55 -40.48
CA LEU C 136 -14.49 -23.10 -40.48
C LEU C 136 -13.37 -22.36 -39.75
N ARG C 137 -12.70 -23.06 -38.84
CA ARG C 137 -11.62 -22.48 -38.05
C ARG C 137 -12.06 -21.24 -37.29
N LEU C 138 -13.25 -21.28 -36.70
CA LEU C 138 -13.68 -20.19 -35.84
C LEU C 138 -12.91 -20.25 -34.51
N ASN C 139 -13.08 -19.22 -33.69
CA ASN C 139 -12.24 -19.02 -32.51
C ASN C 139 -12.69 -19.76 -31.27
N GLY C 140 -13.93 -20.21 -31.25
CA GLY C 140 -14.43 -20.93 -30.10
C GLY C 140 -15.90 -21.19 -30.29
N LEU C 141 -16.59 -21.48 -29.19
CA LEU C 141 -17.99 -21.83 -29.23
C LEU C 141 -18.78 -21.05 -28.20
N VAL C 142 -20.08 -20.95 -28.44
CA VAL C 142 -20.98 -20.29 -27.52
C VAL C 142 -22.29 -21.09 -27.45
N ILE C 143 -22.87 -21.18 -26.26
CA ILE C 143 -24.17 -21.82 -26.09
C ILE C 143 -24.87 -21.07 -24.96
N ASN C 144 -26.19 -21.05 -24.97
CA ASN C 144 -26.91 -20.24 -23.97
C ASN C 144 -27.56 -21.06 -22.90
N SER C 145 -26.85 -21.19 -21.78
CA SER C 145 -27.23 -22.05 -20.65
C SER C 145 -28.02 -23.28 -21.08
N HIS C 146 -29.19 -23.49 -20.48
CA HIS C 146 -29.90 -24.76 -20.65
C HIS C 146 -30.36 -25.04 -22.09
N THR C 147 -30.57 -26.31 -22.37
CA THR C 147 -31.30 -26.72 -23.57
C THR C 147 -32.36 -27.73 -23.17
N ASN C 148 -33.57 -27.54 -23.67
CA ASN C 148 -34.72 -28.41 -23.36
C ASN C 148 -34.96 -28.49 -21.85
N ASP C 149 -34.61 -27.41 -21.15
CA ASP C 149 -34.79 -27.32 -19.71
C ASP C 149 -33.98 -28.35 -18.94
N LEU C 150 -32.83 -28.71 -19.51
CA LEU C 150 -31.89 -29.61 -18.84
C LEU C 150 -30.56 -28.92 -18.77
N TYR C 151 -29.79 -29.23 -17.74
CA TYR C 151 -28.48 -28.62 -17.56
C TYR C 151 -27.37 -29.57 -18.04
N TYR C 152 -26.15 -29.06 -18.16
CA TYR C 152 -25.10 -29.80 -18.85
C TYR C 152 -24.37 -30.85 -18.01
N ASP C 153 -24.88 -31.12 -16.81
CA ASP C 153 -24.44 -32.30 -16.07
C ASP C 153 -25.10 -33.54 -16.64
N ASP C 154 -26.20 -33.35 -17.37
CA ASP C 154 -26.98 -34.49 -17.87
C ASP C 154 -26.17 -35.28 -18.87
N PRO C 155 -26.11 -36.62 -18.69
CA PRO C 155 -25.35 -37.47 -19.62
C PRO C 155 -25.84 -37.42 -21.06
N PHE C 156 -27.07 -36.93 -21.28
CA PHE C 156 -27.60 -36.74 -22.62
C PHE C 156 -26.61 -35.92 -23.46
N PHE C 157 -25.95 -34.97 -22.81
CA PHE C 157 -25.08 -34.04 -23.53
C PHE C 157 -23.62 -34.49 -23.60
N HIS C 158 -23.30 -35.68 -23.10
CA HIS C 158 -21.92 -36.17 -23.19
C HIS C 158 -21.28 -36.11 -24.59
N PRO C 159 -22.03 -36.51 -25.65
CA PRO C 159 -21.44 -36.42 -26.99
C PRO C 159 -21.06 -34.99 -27.41
N VAL C 160 -21.79 -33.99 -26.91
CA VAL C 160 -21.42 -32.60 -27.10
C VAL C 160 -20.08 -32.28 -26.43
N PHE C 161 -19.94 -32.59 -25.15
CA PHE C 161 -18.72 -32.24 -24.43
C PHE C 161 -17.50 -33.04 -24.86
N GLU C 162 -17.71 -34.29 -25.28
CA GLU C 162 -16.64 -35.06 -25.86
C GLU C 162 -16.09 -34.32 -27.10
N ALA C 163 -16.99 -33.86 -27.96
CA ALA C 163 -16.59 -33.15 -29.18
C ALA C 163 -15.93 -31.81 -28.89
N ILE C 164 -16.46 -31.07 -27.91
CA ILE C 164 -15.89 -29.79 -27.55
C ILE C 164 -14.48 -30.00 -27.00
N GLU C 165 -14.32 -30.96 -26.09
CA GLU C 165 -13.01 -31.21 -25.52
C GLU C 165 -11.98 -31.58 -26.58
N ALA C 166 -12.36 -32.45 -27.51
CA ALA C 166 -11.44 -32.90 -28.55
C ALA C 166 -11.09 -31.77 -29.51
N SER C 167 -11.99 -30.81 -29.64
CA SER C 167 -11.80 -29.71 -30.60
C SER C 167 -10.79 -28.68 -30.08
N GLY C 168 -10.64 -28.62 -28.77
CA GLY C 168 -9.77 -27.63 -28.14
C GLY C 168 -10.39 -26.25 -28.09
N LEU C 169 -11.62 -26.11 -28.58
CA LEU C 169 -12.31 -24.82 -28.53
C LEU C 169 -12.90 -24.56 -27.15
N ALA C 170 -12.74 -23.34 -26.67
CA ALA C 170 -13.35 -22.94 -25.40
C ALA C 170 -14.83 -22.73 -25.64
N LEU C 171 -15.64 -23.03 -24.64
CA LEU C 171 -17.08 -22.84 -24.75
C LEU C 171 -17.55 -21.74 -23.82
N TYR C 172 -18.13 -20.70 -24.41
CA TYR C 172 -18.72 -19.61 -23.65
C TYR C 172 -20.14 -20.03 -23.36
N ILE C 173 -20.46 -20.23 -22.08
CA ILE C 173 -21.82 -20.53 -21.70
C ILE C 173 -22.45 -19.22 -21.29
N HIS C 174 -23.15 -18.62 -22.25
CA HIS C 174 -23.83 -17.36 -22.10
C HIS C 174 -25.18 -17.61 -21.43
N PRO C 175 -25.75 -16.58 -20.76
CA PRO C 175 -27.07 -16.89 -20.18
C PRO C 175 -28.20 -16.98 -21.18
N ARG C 176 -29.30 -17.55 -20.69
CA ARG C 176 -30.64 -17.34 -21.24
C ARG C 176 -31.56 -17.25 -20.03
N ALA C 177 -32.86 -17.09 -20.25
CA ALA C 177 -33.78 -16.96 -19.12
C ALA C 177 -33.83 -18.28 -18.36
N PRO C 178 -34.07 -18.21 -17.04
CA PRO C 178 -34.26 -19.40 -16.20
C PRO C 178 -35.10 -20.48 -16.88
N SER C 179 -34.64 -21.72 -16.78
CA SER C 179 -35.34 -22.87 -17.33
C SER C 179 -36.64 -23.15 -16.59
N LYS C 180 -37.43 -24.07 -17.12
CA LYS C 180 -38.71 -24.42 -16.51
C LYS C 180 -38.54 -25.05 -15.13
N GLN C 181 -37.34 -25.52 -14.83
CA GLN C 181 -37.07 -26.06 -13.51
C GLN C 181 -37.16 -24.97 -12.44
N ILE C 182 -36.94 -23.71 -12.85
CA ILE C 182 -36.83 -22.63 -11.87
C ILE C 182 -37.60 -21.36 -12.24
N ASP C 183 -38.18 -21.31 -13.44
CA ASP C 183 -38.74 -20.04 -13.93
C ASP C 183 -39.87 -19.42 -13.11
N ARG C 184 -40.56 -20.21 -12.31
CA ARG C 184 -41.70 -19.71 -11.52
C ARG C 184 -41.34 -18.50 -10.64
N ALA C 185 -40.12 -18.48 -10.13
CA ALA C 185 -39.68 -17.40 -9.22
C ALA C 185 -39.16 -16.16 -9.94
N PHE C 186 -39.16 -16.18 -11.28
CA PHE C 186 -38.56 -15.10 -12.04
C PHE C 186 -39.56 -14.44 -12.97
N ARG C 187 -40.84 -14.53 -12.63
CA ARG C 187 -41.86 -13.99 -13.52
C ARG C 187 -42.19 -12.54 -13.20
N ASP C 188 -41.64 -12.03 -12.11
CA ASP C 188 -41.96 -10.68 -11.65
C ASP C 188 -40.78 -9.71 -11.68
N TYR C 189 -41.09 -8.42 -11.82
CA TYR C 189 -40.10 -7.34 -11.68
C TYR C 189 -38.95 -7.40 -12.70
N GLY C 190 -39.23 -7.98 -13.86
CA GLY C 190 -38.25 -8.13 -14.91
C GLY C 190 -37.11 -9.08 -14.62
N MET C 191 -37.29 -9.91 -13.59
CA MET C 191 -36.24 -10.83 -13.12
C MET C 191 -35.95 -11.99 -14.06
N ASN C 192 -36.74 -12.14 -15.11
CA ASN C 192 -36.46 -13.13 -16.15
C ASN C 192 -35.13 -12.85 -16.84
N SER C 193 -34.69 -11.60 -16.79
CA SER C 193 -33.61 -11.09 -17.62
C SER C 193 -32.27 -10.92 -16.86
N ALA C 194 -31.46 -9.99 -17.36
CA ALA C 194 -30.10 -9.78 -16.87
C ALA C 194 -30.01 -9.34 -15.41
N ILE C 195 -31.07 -8.72 -14.92
CA ILE C 195 -31.06 -8.16 -13.57
C ILE C 195 -30.94 -9.24 -12.49
N TRP C 196 -31.43 -10.45 -12.78
CA TRP C 196 -31.30 -11.55 -11.80
C TRP C 196 -31.34 -12.96 -12.38
N GLY C 197 -32.39 -13.27 -13.12
CA GLY C 197 -32.57 -14.62 -13.66
C GLY C 197 -31.41 -15.16 -14.48
N TYR C 198 -30.87 -14.33 -15.37
CA TYR C 198 -29.73 -14.74 -16.19
C TYR C 198 -28.60 -15.34 -15.35
N GLY C 199 -28.27 -14.67 -14.26
CA GLY C 199 -27.17 -15.11 -13.41
C GLY C 199 -27.46 -16.40 -12.66
N ILE C 200 -28.66 -16.48 -12.10
CA ILE C 200 -29.09 -17.66 -11.34
C ILE C 200 -29.12 -18.89 -12.25
N GLU C 201 -29.70 -18.71 -13.42
CA GLU C 201 -29.80 -19.79 -14.42
C GLU C 201 -28.42 -20.31 -14.81
N THR C 202 -27.53 -19.41 -15.21
CA THR C 202 -26.22 -19.80 -15.71
C THR C 202 -25.30 -20.35 -14.63
N SER C 203 -25.28 -19.72 -13.46
CA SER C 203 -24.40 -20.17 -12.39
C SER C 203 -24.82 -21.54 -11.87
N THR C 204 -26.14 -21.79 -11.83
CA THR C 204 -26.66 -23.10 -11.41
C THR C 204 -26.25 -24.21 -12.39
N ASN C 205 -26.36 -23.91 -13.68
CA ASN C 205 -25.87 -24.83 -14.71
C ASN C 205 -24.40 -25.17 -14.46
N ALA C 206 -23.57 -24.14 -14.35
CA ALA C 206 -22.15 -24.35 -14.12
C ALA C 206 -21.83 -25.14 -12.84
N VAL C 207 -22.53 -24.83 -11.75
CA VAL C 207 -22.30 -25.54 -10.49
C VAL C 207 -22.68 -27.01 -10.62
N ARG C 208 -23.80 -27.28 -11.27
CA ARG C 208 -24.17 -28.68 -11.57
C ARG C 208 -23.09 -29.38 -12.40
N MET C 209 -22.55 -28.68 -13.40
CA MET C 209 -21.49 -29.29 -14.21
C MET C 209 -20.30 -29.72 -13.33
N ILE C 210 -19.84 -28.80 -12.48
CA ILE C 210 -18.71 -29.08 -11.59
C ILE C 210 -19.02 -30.25 -10.62
N LEU C 211 -20.13 -30.13 -9.91
CA LEU C 211 -20.46 -31.10 -8.86
C LEU C 211 -20.75 -32.49 -9.40
N SER C 212 -21.24 -32.56 -10.64
CA SER C 212 -21.53 -33.85 -11.28
C SER C 212 -20.25 -34.59 -11.71
N GLY C 213 -19.12 -33.88 -11.71
CA GLY C 213 -17.86 -34.49 -12.08
C GLY C 213 -17.59 -34.44 -13.59
N LEU C 214 -18.28 -33.53 -14.28
CA LEU C 214 -18.11 -33.41 -15.72
C LEU C 214 -16.65 -33.14 -16.07
N PHE C 215 -15.96 -32.40 -15.22
CA PHE C 215 -14.57 -32.04 -15.49
C PHE C 215 -13.55 -33.09 -15.06
N ASP C 216 -14.01 -34.18 -14.46
CA ASP C 216 -13.17 -35.36 -14.35
C ASP C 216 -13.33 -36.20 -15.61
N ARG C 217 -14.52 -36.18 -16.20
CA ARG C 217 -14.76 -36.94 -17.42
C ARG C 217 -14.09 -36.27 -18.62
N PHE C 218 -14.13 -34.94 -18.63
CA PHE C 218 -13.58 -34.13 -19.71
C PHE C 218 -12.66 -33.05 -19.12
N PRO C 219 -11.48 -33.44 -18.67
CA PRO C 219 -10.62 -32.52 -17.92
C PRO C 219 -9.98 -31.41 -18.74
N ARG C 220 -10.03 -31.51 -20.07
CA ARG C 220 -9.44 -30.46 -20.92
C ARG C 220 -10.46 -29.42 -21.42
N LEU C 221 -11.71 -29.53 -20.98
CA LEU C 221 -12.71 -28.51 -21.32
C LEU C 221 -12.28 -27.14 -20.83
N LYS C 222 -12.50 -26.11 -21.64
CA LYS C 222 -12.41 -24.75 -21.15
C LYS C 222 -13.78 -24.10 -21.29
N ILE C 223 -14.33 -23.65 -20.16
CA ILE C 223 -15.62 -22.98 -20.13
C ILE C 223 -15.42 -21.51 -19.80
N VAL C 224 -16.12 -20.63 -20.51
CA VAL C 224 -16.05 -19.21 -20.18
C VAL C 224 -17.41 -18.73 -19.71
N LEU C 225 -17.43 -17.99 -18.58
CA LEU C 225 -18.66 -17.39 -18.09
C LEU C 225 -18.54 -15.87 -18.03
N GLY C 226 -19.58 -15.17 -18.46
CA GLY C 226 -19.59 -13.72 -18.39
C GLY C 226 -20.09 -13.21 -17.05
N HIS C 227 -20.31 -11.90 -16.97
CA HIS C 227 -20.91 -11.28 -15.81
C HIS C 227 -20.14 -11.62 -14.52
N MET C 228 -18.84 -11.41 -14.61
CA MET C 228 -17.89 -11.69 -13.54
C MET C 228 -18.06 -13.12 -13.02
N GLY C 229 -18.16 -14.06 -13.96
CA GLY C 229 -18.28 -15.46 -13.62
C GLY C 229 -19.61 -15.86 -13.01
N GLU C 230 -20.67 -15.09 -13.29
CA GLU C 230 -22.00 -15.32 -12.72
C GLU C 230 -21.97 -15.49 -11.20
N ALA C 231 -21.10 -14.71 -10.57
CA ALA C 231 -20.87 -14.70 -9.11
C ALA C 231 -20.23 -15.95 -8.51
N ILE C 232 -19.95 -16.95 -9.32
CA ILE C 232 -19.27 -18.13 -8.77
C ILE C 232 -17.93 -17.84 -8.09
N PRO C 233 -17.12 -16.88 -8.61
CA PRO C 233 -15.89 -16.56 -7.87
C PRO C 233 -16.16 -16.13 -6.43
N PHE C 234 -17.32 -15.52 -6.17
CA PHE C 234 -17.61 -15.04 -4.82
C PHE C 234 -17.90 -16.20 -3.88
N TRP C 235 -18.42 -17.30 -4.43
CA TRP C 235 -18.90 -18.44 -3.64
C TRP C 235 -17.86 -19.54 -3.44
N LEU C 236 -16.63 -19.33 -3.91
CA LEU C 236 -15.66 -20.44 -3.94
C LEU C 236 -15.40 -21.09 -2.59
N TRP C 237 -15.27 -20.30 -1.53
CA TRP C 237 -14.90 -20.88 -0.26
C TRP C 237 -16.02 -21.80 0.27
N ARG C 238 -17.26 -21.33 0.14
CA ARG C 238 -18.43 -22.11 0.59
C ARG C 238 -18.65 -23.36 -0.27
N LEU C 239 -18.46 -23.24 -1.57
CA LEU C 239 -18.54 -24.41 -2.45
C LEU C 239 -17.56 -25.50 -2.01
N ASP C 240 -16.34 -25.10 -1.70
CA ASP C 240 -15.33 -26.02 -1.19
C ASP C 240 -15.68 -26.58 0.17
N TYR C 241 -16.04 -25.70 1.11
CA TYR C 241 -16.26 -26.15 2.48
C TYR C 241 -17.39 -27.17 2.56
N MET C 242 -18.49 -26.89 1.89
CA MET C 242 -19.67 -27.73 2.00
C MET C 242 -19.61 -28.99 1.14
N HIS C 243 -18.56 -29.12 0.33
CA HIS C 243 -18.49 -30.27 -0.58
C HIS C 243 -18.45 -31.62 0.15
N GLY C 244 -17.72 -31.68 1.27
CA GLY C 244 -17.70 -32.88 2.09
C GLY C 244 -19.08 -33.35 2.51
N ASN C 245 -19.90 -32.43 3.01
CA ASN C 245 -21.31 -32.75 3.29
C ASN C 245 -22.04 -33.28 2.06
N ALA C 246 -21.80 -32.64 0.92
CA ALA C 246 -22.46 -33.04 -0.32
C ALA C 246 -22.12 -34.48 -0.69
N THR C 247 -20.85 -34.86 -0.61
CA THR C 247 -20.46 -36.23 -0.97
C THR C 247 -20.77 -37.24 0.13
N THR C 248 -20.79 -36.78 1.38
CA THR C 248 -21.06 -37.66 2.51
C THR C 248 -22.55 -37.96 2.70
N PHE C 249 -23.36 -36.90 2.76
CA PHE C 249 -24.79 -37.03 3.05
C PHE C 249 -25.66 -36.82 1.82
N GLY C 250 -25.14 -36.10 0.83
CA GLY C 250 -25.97 -35.56 -0.24
C GLY C 250 -26.00 -36.36 -1.52
N GLY C 251 -25.22 -37.44 -1.58
CA GLY C 251 -25.17 -38.27 -2.76
C GLY C 251 -24.38 -37.70 -3.93
N ALA C 252 -23.57 -36.67 -3.68
CA ALA C 252 -22.71 -36.13 -4.72
C ALA C 252 -21.54 -37.07 -4.97
N PRO C 253 -21.09 -37.19 -6.24
CA PRO C 253 -20.00 -38.12 -6.51
C PRO C 253 -18.67 -37.59 -6.00
N LYS C 254 -17.79 -38.48 -5.56
CA LYS C 254 -16.44 -38.04 -5.19
C LYS C 254 -15.74 -37.46 -6.43
N LEU C 255 -15.02 -36.36 -6.22
CA LEU C 255 -14.28 -35.69 -7.30
C LEU C 255 -12.78 -35.75 -7.06
N LYS C 256 -11.99 -35.63 -8.11
CA LYS C 256 -10.54 -35.62 -7.98
C LYS C 256 -10.02 -34.31 -7.36
N LEU C 257 -10.70 -33.21 -7.66
CA LEU C 257 -10.31 -31.88 -7.18
C LEU C 257 -11.41 -31.24 -6.33
N LYS C 258 -11.09 -30.11 -5.68
CA LYS C 258 -12.10 -29.33 -4.98
C LYS C 258 -12.90 -28.55 -6.02
N PRO C 259 -14.18 -28.25 -5.72
CA PRO C 259 -14.98 -27.41 -6.62
C PRO C 259 -14.26 -26.15 -7.12
N SER C 260 -13.60 -25.41 -6.24
CA SER C 260 -12.91 -24.18 -6.66
C SER C 260 -11.73 -24.47 -7.59
N GLU C 261 -11.10 -25.64 -7.42
CA GLU C 261 -9.97 -26.01 -8.28
C GLU C 261 -10.41 -26.33 -9.70
N TYR C 262 -11.58 -26.97 -9.86
CA TYR C 262 -12.20 -27.05 -11.19
C TYR C 262 -12.46 -25.66 -11.74
N PHE C 263 -12.95 -24.75 -10.91
CA PHE C 263 -13.27 -23.44 -11.42
C PHE C 263 -12.04 -22.74 -11.95
N ARG C 264 -10.92 -22.80 -11.21
CA ARG C 264 -9.70 -22.18 -11.67
C ARG C 264 -9.04 -22.90 -12.86
N ARG C 265 -9.10 -24.22 -12.86
CA ARG C 265 -8.45 -25.01 -13.90
C ARG C 265 -9.23 -24.99 -15.23
N ASN C 266 -10.54 -25.12 -15.14
CA ASN C 266 -11.38 -25.31 -16.31
C ASN C 266 -12.18 -24.09 -16.77
N PHE C 267 -12.27 -23.06 -15.92
CA PHE C 267 -13.10 -21.89 -16.26
C PHE C 267 -12.26 -20.62 -16.37
N ALA C 268 -12.75 -19.68 -17.18
CA ALA C 268 -12.25 -18.31 -17.15
C ALA C 268 -13.49 -17.45 -17.15
N ILE C 269 -13.36 -16.18 -16.76
CA ILE C 269 -14.54 -15.31 -16.71
C ILE C 269 -14.37 -14.06 -17.56
N THR C 270 -15.50 -13.41 -17.89
CA THR C 270 -15.43 -12.08 -18.47
C THR C 270 -16.15 -11.06 -17.59
N THR C 271 -15.89 -9.78 -17.84
CA THR C 271 -16.44 -8.71 -17.03
C THR C 271 -17.74 -8.11 -17.58
N SER C 272 -18.36 -8.76 -18.57
CA SER C 272 -19.56 -8.24 -19.21
C SER C 272 -20.60 -7.83 -18.19
N GLY C 273 -21.06 -6.59 -18.29
CA GLY C 273 -22.13 -6.10 -17.45
C GLY C 273 -21.81 -5.96 -15.96
N VAL C 274 -20.54 -6.09 -15.60
CA VAL C 274 -20.14 -5.90 -14.22
C VAL C 274 -18.93 -4.96 -14.23
N GLU C 275 -19.21 -3.68 -14.41
CA GLU C 275 -18.16 -2.67 -14.54
C GLU C 275 -17.84 -2.11 -13.16
N SER C 276 -17.36 -3.00 -12.30
CA SER C 276 -17.02 -2.68 -10.91
C SER C 276 -15.55 -2.98 -10.69
N HIS C 277 -14.76 -1.95 -10.38
CA HIS C 277 -13.35 -2.17 -10.09
C HIS C 277 -13.17 -3.07 -8.87
N ALA C 278 -14.05 -2.95 -7.90
CA ALA C 278 -13.98 -3.82 -6.71
C ALA C 278 -14.23 -5.29 -7.05
N ALA C 279 -15.23 -5.56 -7.88
CA ALA C 279 -15.51 -6.94 -8.23
C ALA C 279 -14.40 -7.50 -9.13
N LEU C 280 -13.82 -6.62 -9.95
CA LEU C 280 -12.72 -7.01 -10.84
C LEU C 280 -11.49 -7.38 -9.99
N ARG C 281 -11.15 -6.54 -9.02
CA ARG C 281 -9.99 -6.80 -8.16
C ARG C 281 -10.16 -8.10 -7.36
N TYR C 282 -11.35 -8.31 -6.81
CA TYR C 282 -11.69 -9.56 -6.11
C TYR C 282 -11.42 -10.74 -7.03
N SER C 283 -11.97 -10.69 -8.23
CA SER C 283 -11.87 -11.80 -9.16
C SER C 283 -10.43 -12.11 -9.54
N ILE C 284 -9.65 -11.07 -9.85
CA ILE C 284 -8.22 -11.25 -10.10
C ILE C 284 -7.51 -11.90 -8.93
N GLU C 285 -7.83 -11.45 -7.71
CA GLU C 285 -7.24 -12.01 -6.50
C GLU C 285 -7.52 -13.52 -6.29
N VAL C 286 -8.75 -13.98 -6.55
CA VAL C 286 -9.08 -15.37 -6.22
C VAL C 286 -8.95 -16.32 -7.41
N LEU C 287 -8.98 -15.78 -8.63
CA LEU C 287 -8.88 -16.61 -9.84
C LEU C 287 -7.51 -16.54 -10.47
N GLY C 288 -6.80 -15.44 -10.27
CA GLY C 288 -5.54 -15.19 -10.96
C GLY C 288 -5.81 -14.30 -12.15
N PRO C 289 -4.85 -13.45 -12.49
CA PRO C 289 -5.09 -12.50 -13.59
C PRO C 289 -5.20 -13.16 -14.97
N GLU C 290 -4.75 -14.40 -15.14
CA GLU C 290 -4.87 -15.06 -16.45
C GLU C 290 -6.29 -15.53 -16.76
N ASN C 291 -7.16 -15.50 -15.73
CA ASN C 291 -8.50 -16.07 -15.86
C ASN C 291 -9.62 -15.06 -16.06
N VAL C 292 -9.26 -13.79 -16.21
CA VAL C 292 -10.25 -12.73 -16.30
C VAL C 292 -10.12 -11.96 -17.61
N MET C 293 -11.22 -11.89 -18.37
CA MET C 293 -11.20 -11.17 -19.65
C MET C 293 -12.21 -10.03 -19.64
N TRP C 294 -11.89 -8.96 -20.35
CA TRP C 294 -12.80 -7.82 -20.51
C TRP C 294 -13.86 -8.14 -21.57
N ALA C 295 -15.04 -7.52 -21.43
CA ALA C 295 -16.10 -7.65 -22.42
C ALA C 295 -16.96 -6.39 -22.35
N ILE C 296 -17.79 -6.17 -23.38
CA ILE C 296 -18.72 -5.04 -23.37
C ILE C 296 -20.17 -5.51 -23.16
N ASP C 297 -20.53 -6.61 -23.80
CA ASP C 297 -21.93 -7.05 -23.90
C ASP C 297 -22.76 -6.16 -24.84
N TYR C 298 -22.11 -5.66 -25.90
CA TYR C 298 -22.78 -4.88 -26.94
C TYR C 298 -23.67 -5.81 -27.76
N PRO C 299 -24.86 -5.34 -28.17
CA PRO C 299 -25.42 -4.01 -27.98
C PRO C 299 -26.31 -3.87 -26.74
N TYR C 300 -26.28 -4.84 -25.83
CA TYR C 300 -27.10 -4.76 -24.61
C TYR C 300 -26.54 -3.79 -23.58
N GLN C 301 -25.24 -3.52 -23.70
CA GLN C 301 -24.57 -2.48 -22.91
C GLN C 301 -23.86 -1.57 -23.89
N PRO C 302 -23.68 -0.30 -23.52
CA PRO C 302 -22.97 0.65 -24.40
C PRO C 302 -21.45 0.49 -24.32
N MET C 303 -20.74 0.84 -25.40
CA MET C 303 -19.29 0.60 -25.40
C MET C 303 -18.45 1.55 -24.53
N ALA C 304 -18.72 2.84 -24.61
CA ALA C 304 -17.86 3.83 -23.91
C ALA C 304 -17.66 3.52 -22.42
N PRO C 305 -18.75 3.26 -21.67
CA PRO C 305 -18.55 2.99 -20.25
C PRO C 305 -17.75 1.74 -19.99
N ALA C 306 -17.97 0.69 -20.79
CA ALA C 306 -17.21 -0.56 -20.60
C ALA C 306 -15.73 -0.34 -20.89
N VAL C 307 -15.45 0.38 -21.97
CA VAL C 307 -14.08 0.74 -22.28
C VAL C 307 -13.42 1.56 -21.16
N GLN C 308 -14.12 2.56 -20.67
CA GLN C 308 -13.52 3.44 -19.66
C GLN C 308 -13.33 2.71 -18.33
N PHE C 309 -14.21 1.75 -18.06
CA PHE C 309 -14.05 0.83 -16.93
C PHE C 309 -12.67 0.14 -16.93
N ILE C 310 -12.28 -0.46 -18.06
CA ILE C 310 -11.01 -1.18 -18.05
C ILE C 310 -9.80 -0.22 -18.16
N ARG C 311 -9.94 0.84 -18.95
CA ARG C 311 -8.86 1.83 -19.08
C ARG C 311 -8.48 2.50 -17.75
N THR C 312 -9.43 2.59 -16.85
CA THR C 312 -9.20 3.27 -15.56
C THR C 312 -9.06 2.28 -14.41
N ALA C 313 -9.02 0.98 -14.71
CA ALA C 313 -8.95 -0.02 -13.64
C ALA C 313 -7.66 0.15 -12.80
N PRO C 314 -7.80 0.16 -11.46
CA PRO C 314 -6.65 0.37 -10.57
C PRO C 314 -5.80 -0.90 -10.43
N ILE C 315 -5.24 -1.36 -11.54
CA ILE C 315 -4.39 -2.55 -11.57
C ILE C 315 -3.14 -2.19 -12.40
N PRO C 316 -2.02 -2.90 -12.17
CA PRO C 316 -0.81 -2.59 -12.94
C PRO C 316 -1.04 -2.76 -14.44
N GLU C 317 -0.23 -2.06 -15.24
CA GLU C 317 -0.42 -2.08 -16.68
C GLU C 317 -0.28 -3.48 -17.30
N ASP C 318 0.63 -4.31 -16.80
CA ASP C 318 0.76 -5.65 -17.39
C ASP C 318 -0.49 -6.52 -17.18
N VAL C 319 -1.02 -6.47 -15.97
CA VAL C 319 -2.28 -7.15 -15.66
C VAL C 319 -3.44 -6.56 -16.46
N LYS C 320 -3.46 -5.23 -16.63
CA LYS C 320 -4.52 -4.59 -17.40
C LYS C 320 -4.53 -5.13 -18.85
N ALA C 321 -3.34 -5.27 -19.43
CA ALA C 321 -3.23 -5.78 -20.79
C ALA C 321 -3.74 -7.20 -20.94
N MET C 322 -3.43 -8.04 -19.94
CA MET C 322 -3.94 -9.41 -19.91
C MET C 322 -5.48 -9.38 -19.93
N VAL C 323 -6.06 -8.60 -19.02
CA VAL C 323 -7.51 -8.53 -18.92
C VAL C 323 -8.14 -7.90 -20.18
N ALA C 324 -7.51 -6.86 -20.70
CA ALA C 324 -8.05 -6.09 -21.81
C ALA C 324 -8.11 -6.90 -23.09
N GLY C 325 -7.15 -7.80 -23.27
CA GLY C 325 -7.13 -8.59 -24.50
C GLY C 325 -6.17 -9.75 -24.56
N GLY C 326 -5.11 -9.72 -23.74
CA GLY C 326 -4.10 -10.77 -23.78
C GLY C 326 -4.68 -12.15 -23.50
N ASN C 327 -5.48 -12.24 -22.45
CA ASN C 327 -6.11 -13.50 -22.10
C ASN C 327 -7.06 -14.02 -23.18
N ALA C 328 -7.90 -13.14 -23.71
CA ALA C 328 -8.82 -13.51 -24.79
C ALA C 328 -8.03 -14.00 -26.02
N ALA C 329 -6.89 -13.36 -26.28
CA ALA C 329 -6.10 -13.77 -27.44
C ALA C 329 -5.58 -15.20 -27.28
N ARG C 330 -5.24 -15.56 -26.05
CA ARG C 330 -4.81 -16.92 -25.73
C ARG C 330 -5.95 -17.93 -25.78
N ILE C 331 -7.01 -17.61 -25.06
CA ILE C 331 -8.12 -18.55 -24.88
C ILE C 331 -8.89 -18.77 -26.18
N PHE C 332 -9.08 -17.71 -26.95
CA PHE C 332 -9.80 -17.83 -28.21
C PHE C 332 -8.92 -17.82 -29.45
N ARG C 333 -7.63 -18.11 -29.27
CA ARG C 333 -6.64 -18.20 -30.34
C ARG C 333 -6.76 -17.12 -31.43
N ILE C 334 -6.61 -15.87 -31.00
CA ILE C 334 -6.70 -14.72 -31.87
C ILE C 334 -5.29 -14.24 -32.11
N THR C 335 -4.88 -14.15 -33.36
CA THR C 335 -3.55 -13.66 -33.66
C THR C 335 -3.51 -12.13 -33.58
N SER D 1 17.11 7.50 -19.62
CA SER D 1 16.54 6.89 -20.82
C SER D 1 15.02 7.03 -20.85
N LEU D 2 14.46 7.75 -19.89
CA LEU D 2 13.05 8.13 -19.98
C LEU D 2 12.93 9.06 -21.19
N ARG D 3 12.02 8.75 -22.11
CA ARG D 3 11.85 9.65 -23.26
C ARG D 3 10.85 10.75 -22.93
N LEU D 4 11.33 11.98 -22.88
CA LEU D 4 10.52 13.12 -22.50
C LEU D 4 10.12 13.94 -23.71
N ILE D 5 8.82 13.96 -24.02
CA ILE D 5 8.26 14.81 -25.08
C ILE D 5 7.36 15.87 -24.44
N ALA D 6 7.82 17.12 -24.42
CA ALA D 6 7.03 18.20 -23.81
C ALA D 6 5.98 18.70 -24.80
N THR D 7 4.72 18.80 -24.36
CA THR D 7 3.60 19.00 -25.28
C THR D 7 2.95 20.39 -25.39
N GLU D 8 3.39 21.36 -24.60
CA GLU D 8 2.79 22.70 -24.66
C GLU D 8 3.86 23.77 -24.76
N GLU D 9 4.71 23.66 -25.78
CA GLU D 9 5.91 24.48 -25.82
C GLU D 9 5.74 25.59 -26.85
N ALA D 10 5.58 26.80 -26.35
CA ALA D 10 5.23 27.95 -27.17
C ALA D 10 6.41 28.44 -27.99
N VAL D 11 6.10 28.97 -29.18
CA VAL D 11 7.09 29.53 -30.08
C VAL D 11 6.41 30.69 -30.79
N THR D 12 7.20 31.56 -31.43
CA THR D 12 6.60 32.58 -32.29
C THR D 12 7.50 32.78 -33.50
N PHE D 13 7.02 33.53 -34.46
CA PHE D 13 7.74 33.77 -35.70
C PHE D 13 7.64 35.26 -36.00
N GLN D 14 8.62 35.80 -36.70
CA GLN D 14 8.68 37.24 -36.93
C GLN D 14 7.40 37.88 -37.54
N PRO D 15 6.79 37.22 -38.55
CA PRO D 15 5.59 37.87 -39.11
C PRO D 15 4.44 38.01 -38.11
N VAL D 16 4.37 37.11 -37.14
CA VAL D 16 3.30 37.19 -36.15
C VAL D 16 3.65 38.25 -35.10
N VAL D 17 4.91 38.26 -34.66
CA VAL D 17 5.41 39.31 -33.77
C VAL D 17 5.15 40.70 -34.31
N ASP D 18 5.49 40.93 -35.58
CA ASP D 18 5.30 42.25 -36.18
C ASP D 18 3.82 42.62 -36.20
N ALA D 19 2.97 41.64 -36.48
CA ALA D 19 1.55 41.89 -36.52
C ALA D 19 0.99 42.23 -35.14
N LEU D 20 1.49 41.54 -34.12
CA LEU D 20 1.06 41.77 -32.74
C LEU D 20 1.58 43.11 -32.22
N ARG D 21 2.78 43.50 -32.65
CA ARG D 21 3.31 44.82 -32.30
C ARG D 21 2.36 45.91 -32.79
N ALA D 22 1.93 45.81 -34.05
CA ALA D 22 1.00 46.80 -34.59
C ALA D 22 -0.32 46.75 -33.84
N HIS D 23 -0.78 45.54 -33.54
CA HIS D 23 -2.06 45.39 -32.88
C HIS D 23 -2.04 45.97 -31.46
N SER D 24 -0.89 45.89 -30.81
CA SER D 24 -0.71 46.44 -29.46
C SER D 24 -1.01 47.92 -29.39
N ARG D 25 -0.93 48.61 -30.53
CA ARG D 25 -1.14 50.06 -30.53
C ARG D 25 -2.60 50.43 -30.76
N THR D 26 -3.44 49.45 -31.05
CA THR D 26 -4.85 49.74 -31.35
C THR D 26 -5.68 49.84 -30.08
N ASP D 27 -6.95 50.21 -30.24
CA ASP D 27 -7.84 50.33 -29.08
C ASP D 27 -8.68 49.08 -28.82
N ASP D 28 -8.20 47.93 -29.27
CA ASP D 28 -8.85 46.64 -29.00
C ASP D 28 -9.12 46.53 -27.49
N ALA D 29 -10.35 46.20 -27.13
CA ALA D 29 -10.73 46.08 -25.73
C ALA D 29 -10.56 44.66 -25.15
N SER D 30 -10.20 43.72 -26.01
CA SER D 30 -9.98 42.34 -25.57
C SER D 30 -9.02 42.25 -24.39
N LEU D 31 -9.35 41.41 -23.42
CA LEU D 31 -8.50 41.25 -22.23
C LEU D 31 -7.10 40.71 -22.56
N ASP D 32 -6.93 40.11 -23.73
CA ASP D 32 -5.60 39.68 -24.16
C ASP D 32 -4.65 40.83 -24.44
N MET D 33 -5.19 42.05 -24.56
CA MET D 33 -4.35 43.21 -24.77
C MET D 33 -3.39 43.45 -23.61
N ILE D 34 -3.67 42.87 -22.44
CA ILE D 34 -2.73 42.99 -21.32
C ILE D 34 -1.43 42.25 -21.64
N LEU D 35 -1.57 40.98 -22.00
CA LEU D 35 -0.43 40.18 -22.45
C LEU D 35 0.23 40.79 -23.68
N VAL D 36 -0.58 41.26 -24.63
CA VAL D 36 -0.01 41.73 -25.89
C VAL D 36 0.84 42.96 -25.66
N ARG D 37 0.37 43.87 -24.82
CA ARG D 37 1.20 45.02 -24.49
C ARG D 37 2.42 44.62 -23.66
N ASP D 38 2.27 43.70 -22.72
CA ASP D 38 3.37 43.28 -21.86
C ASP D 38 4.52 42.66 -22.63
N VAL D 39 4.19 41.96 -23.72
CA VAL D 39 5.17 41.17 -24.47
C VAL D 39 5.50 41.78 -25.81
N TYR D 40 4.47 42.20 -26.57
CA TYR D 40 4.68 42.65 -27.95
C TYR D 40 4.66 44.18 -28.14
N GLY D 41 4.33 44.91 -27.09
CA GLY D 41 4.13 46.34 -27.21
C GLY D 41 5.41 47.18 -27.22
N ASP D 42 5.24 48.49 -27.42
CA ASP D 42 6.36 49.42 -27.49
C ASP D 42 6.99 49.71 -26.14
N GLU D 43 6.28 49.36 -25.06
CA GLU D 43 6.78 49.58 -23.70
C GLU D 43 6.65 48.29 -22.87
N PRO D 44 7.28 47.19 -23.33
CA PRO D 44 6.96 45.88 -22.76
C PRO D 44 7.48 45.62 -21.33
N ALA D 45 6.55 45.27 -20.43
CA ALA D 45 6.88 44.90 -19.07
C ALA D 45 7.66 43.58 -19.01
N ARG D 46 7.57 42.78 -20.07
CA ARG D 46 8.27 41.50 -20.17
C ARG D 46 9.14 41.47 -21.43
N PRO D 47 10.24 42.24 -21.43
CA PRO D 47 11.03 42.50 -22.63
C PRO D 47 11.76 41.28 -23.20
N ALA D 48 12.08 40.30 -22.35
CA ALA D 48 12.84 39.13 -22.79
C ALA D 48 11.96 38.13 -23.53
N MET D 49 10.65 38.28 -23.42
CA MET D 49 9.74 37.19 -23.82
C MET D 49 9.77 36.90 -25.33
N ILE D 50 9.77 37.92 -26.16
CA ILE D 50 9.80 37.68 -27.61
C ILE D 50 11.02 36.86 -28.02
N GLY D 51 12.18 37.22 -27.50
CA GLY D 51 13.41 36.51 -27.81
C GLY D 51 13.37 35.05 -27.40
N ARG D 52 12.85 34.79 -26.21
CA ARG D 52 12.74 33.41 -25.71
C ARG D 52 11.75 32.59 -26.55
N LEU D 53 10.64 33.21 -26.93
CA LEU D 53 9.62 32.54 -27.74
C LEU D 53 10.15 32.25 -29.15
N SER D 54 10.89 33.20 -29.71
CA SER D 54 11.38 33.08 -31.09
C SER D 54 12.50 32.05 -31.22
N ASP D 55 13.27 31.92 -30.15
CA ASP D 55 14.41 31.01 -30.16
C ASP D 55 14.01 29.53 -30.09
N VAL D 56 14.64 28.73 -30.94
CA VAL D 56 14.38 27.29 -30.97
C VAL D 56 15.67 26.49 -30.84
N THR D 57 16.69 26.87 -31.60
CA THR D 57 17.92 26.08 -31.64
C THR D 57 19.04 26.61 -30.75
N GLY D 58 18.78 27.72 -30.06
CA GLY D 58 19.76 28.31 -29.17
C GLY D 58 19.55 27.89 -27.73
N GLU D 59 19.14 28.83 -26.89
CA GLU D 59 18.94 28.53 -25.48
C GLU D 59 17.93 27.42 -25.24
N ARG D 60 16.88 27.36 -26.04
CA ARG D 60 15.86 26.33 -25.86
C ARG D 60 16.45 24.93 -26.00
N LEU D 61 17.19 24.72 -27.09
CA LEU D 61 17.76 23.41 -27.36
C LEU D 61 18.85 23.07 -26.33
N ALA D 62 19.61 24.10 -25.92
CA ALA D 62 20.64 23.90 -24.91
C ALA D 62 20.02 23.47 -23.57
N GLU D 63 18.87 24.03 -23.25
CA GLU D 63 18.17 23.73 -22.01
C GLU D 63 17.58 22.32 -22.07
N MET D 64 17.06 21.96 -23.24
CA MET D 64 16.60 20.61 -23.46
C MET D 64 17.74 19.61 -23.26
N ASP D 65 18.92 19.93 -23.78
CA ASP D 65 20.07 19.04 -23.62
C ASP D 65 20.49 18.92 -22.15
N SER D 66 20.50 20.03 -21.44
CA SER D 66 21.01 20.02 -20.07
C SER D 66 20.07 19.29 -19.13
N ASN D 67 18.79 19.23 -19.49
CA ASN D 67 17.80 18.53 -18.66
C ASN D 67 17.33 17.18 -19.21
N GLY D 68 17.95 16.74 -20.30
CA GLY D 68 17.60 15.45 -20.88
C GLY D 68 16.20 15.38 -21.48
N VAL D 69 15.75 16.47 -22.10
CA VAL D 69 14.46 16.49 -22.77
C VAL D 69 14.64 16.10 -24.23
N ASP D 70 13.91 15.10 -24.68
CA ASP D 70 14.07 14.60 -26.04
C ASP D 70 13.48 15.57 -27.07
N MET D 71 12.25 16.02 -26.82
CA MET D 71 11.50 16.81 -27.80
C MET D 71 10.63 17.89 -27.19
N HIS D 72 10.43 18.96 -27.94
CA HIS D 72 9.34 19.90 -27.72
C HIS D 72 8.35 19.74 -28.85
N LEU D 73 7.07 19.65 -28.50
CA LEU D 73 6.00 19.79 -29.47
C LEU D 73 5.65 21.28 -29.53
N LEU D 74 5.98 21.94 -30.62
CA LEU D 74 5.87 23.40 -30.71
C LEU D 74 4.49 23.87 -31.12
N SER D 75 4.05 25.00 -30.53
CA SER D 75 2.76 25.60 -30.89
C SER D 75 2.90 27.12 -30.92
N LEU D 76 2.26 27.76 -31.89
CA LEU D 76 2.25 29.23 -31.92
C LEU D 76 1.59 29.71 -30.63
N THR D 77 2.30 30.58 -29.92
CA THR D 77 1.90 31.01 -28.60
C THR D 77 0.57 31.76 -28.64
N ALA D 78 -0.22 31.66 -27.57
CA ALA D 78 -1.45 32.47 -27.47
C ALA D 78 -1.08 33.96 -27.56
N PRO D 79 -1.95 34.77 -28.18
CA PRO D 79 -3.28 34.44 -28.72
C PRO D 79 -3.28 33.98 -30.17
N GLY D 80 -2.17 33.43 -30.63
CA GLY D 80 -2.06 32.90 -31.99
C GLY D 80 -2.38 33.96 -33.03
N VAL D 81 -3.29 33.65 -33.94
CA VAL D 81 -3.69 34.60 -34.97
C VAL D 81 -5.16 35.03 -34.79
N GLN D 82 -5.70 34.80 -33.60
CA GLN D 82 -7.14 34.96 -33.39
C GLN D 82 -7.60 36.39 -33.09
N MET D 83 -6.67 37.28 -32.76
CA MET D 83 -7.05 38.66 -32.46
C MET D 83 -7.21 39.51 -33.72
N PHE D 84 -6.68 39.04 -34.83
CA PHE D 84 -6.68 39.84 -36.06
C PHE D 84 -8.00 39.72 -36.80
N ASP D 85 -8.24 40.61 -37.76
CA ASP D 85 -9.40 40.45 -38.64
C ASP D 85 -9.23 39.18 -39.48
N ALA D 86 -10.32 38.72 -40.11
CA ALA D 86 -10.31 37.45 -40.82
C ALA D 86 -9.20 37.35 -41.86
N GLU D 87 -9.07 38.38 -42.69
CA GLU D 87 -8.11 38.35 -43.80
C GLU D 87 -6.70 38.20 -43.25
N THR D 88 -6.39 38.98 -42.23
CA THR D 88 -5.06 38.96 -41.62
C THR D 88 -4.78 37.66 -40.88
N GLY D 89 -5.75 37.20 -40.08
CA GLY D 89 -5.61 35.94 -39.38
C GLY D 89 -5.34 34.81 -40.36
N THR D 90 -6.13 34.75 -41.42
CA THR D 90 -6.01 33.67 -42.41
C THR D 90 -4.64 33.67 -43.07
N ARG D 91 -4.18 34.86 -43.46
N ARG D 91 -4.19 34.87 -43.47
CA ARG D 91 -2.86 35.01 -44.07
CA ARG D 91 -2.88 35.06 -44.07
C ARG D 91 -1.76 34.59 -43.11
C ARG D 91 -1.75 34.64 -43.13
N LEU D 92 -1.83 35.09 -41.88
CA LEU D 92 -0.80 34.79 -40.89
C LEU D 92 -0.77 33.31 -40.47
N ALA D 93 -1.90 32.64 -40.49
CA ALA D 93 -1.93 31.22 -40.16
C ALA D 93 -1.14 30.40 -41.18
N ARG D 94 -1.37 30.67 -42.47
CA ARG D 94 -0.63 29.99 -43.52
C ARG D 94 0.88 30.19 -43.35
N ILE D 95 1.27 31.46 -43.17
CA ILE D 95 2.68 31.81 -42.98
C ILE D 95 3.31 31.17 -41.74
N ALA D 96 2.62 31.25 -40.60
CA ALA D 96 3.12 30.65 -39.37
C ALA D 96 3.21 29.13 -39.49
N ASN D 97 2.25 28.52 -40.18
CA ASN D 97 2.26 27.07 -40.38
C ASN D 97 3.40 26.61 -41.27
N ASP D 98 3.68 27.35 -42.34
CA ASP D 98 4.86 27.08 -43.17
C ASP D 98 6.13 27.18 -42.35
N LEU D 99 6.23 28.22 -41.53
CA LEU D 99 7.43 28.40 -40.71
C LEU D 99 7.56 27.30 -39.65
N MET D 100 6.43 26.85 -39.12
CA MET D 100 6.42 25.73 -38.17
C MET D 100 6.96 24.46 -38.83
N ALA D 101 6.45 24.16 -40.01
CA ALA D 101 6.89 22.97 -40.75
C ALA D 101 8.39 23.03 -41.04
N GLN D 102 8.88 24.21 -41.44
CA GLN D 102 10.31 24.40 -41.71
C GLN D 102 11.15 24.19 -40.46
N THR D 103 10.66 24.71 -39.33
CA THR D 103 11.34 24.58 -38.04
C THR D 103 11.48 23.12 -37.65
N VAL D 104 10.39 22.38 -37.80
CA VAL D 104 10.37 20.95 -37.53
C VAL D 104 11.32 20.21 -38.46
N ALA D 105 11.24 20.54 -39.75
CA ALA D 105 12.09 19.88 -40.75
C ALA D 105 13.58 20.10 -40.50
N ALA D 106 13.94 21.24 -39.91
CA ALA D 106 15.35 21.50 -39.62
C ALA D 106 15.93 20.60 -38.52
N ASN D 107 15.11 20.22 -37.54
CA ASN D 107 15.55 19.34 -36.45
C ASN D 107 14.44 18.39 -35.99
N PRO D 108 14.09 17.42 -36.84
CA PRO D 108 12.87 16.63 -36.65
C PRO D 108 12.98 15.56 -35.58
N THR D 109 14.18 15.29 -35.06
CA THR D 109 14.26 14.40 -33.90
C THR D 109 14.11 15.16 -32.60
N ARG D 110 14.14 16.50 -32.65
CA ARG D 110 14.03 17.29 -31.43
C ARG D 110 12.75 18.12 -31.37
N PHE D 111 12.17 18.40 -32.53
CA PHE D 111 10.94 19.19 -32.56
C PHE D 111 9.82 18.58 -33.38
N ALA D 112 8.63 18.63 -32.80
CA ALA D 112 7.40 18.31 -33.52
C ALA D 112 6.58 19.60 -33.53
N GLY D 113 5.48 19.65 -34.28
CA GLY D 113 4.76 20.90 -34.40
C GLY D 113 3.26 20.83 -34.58
N LEU D 114 2.55 21.78 -33.99
CA LEU D 114 1.12 21.92 -34.18
C LEU D 114 0.85 23.09 -35.11
N GLY D 115 -0.10 22.91 -36.03
CA GLY D 115 -0.46 24.00 -36.92
C GLY D 115 -1.61 24.76 -36.29
N THR D 116 -1.81 26.00 -36.72
CA THR D 116 -2.95 26.75 -36.20
C THR D 116 -3.83 27.25 -37.34
N PHE D 117 -4.88 27.99 -37.01
CA PHE D 117 -5.80 28.45 -38.03
C PHE D 117 -6.58 29.65 -37.52
N ALA D 118 -7.32 30.29 -38.42
CA ALA D 118 -8.06 31.48 -38.06
C ALA D 118 -9.56 31.22 -38.12
N PRO D 119 -10.16 30.82 -36.98
CA PRO D 119 -11.58 30.47 -36.98
C PRO D 119 -12.49 31.66 -37.25
N GLN D 120 -11.94 32.88 -37.31
CA GLN D 120 -12.71 34.05 -37.74
C GLN D 120 -13.39 33.80 -39.10
N ASP D 121 -12.76 32.96 -39.91
CA ASP D 121 -13.27 32.56 -41.22
C ASP D 121 -13.29 31.03 -41.24
N PRO D 122 -14.39 30.42 -40.77
CA PRO D 122 -14.45 28.95 -40.64
C PRO D 122 -14.14 28.19 -41.94
N ALA D 123 -14.67 28.66 -43.06
CA ALA D 123 -14.45 27.95 -44.34
C ALA D 123 -12.97 27.95 -44.73
N SER D 124 -12.31 29.09 -44.56
CA SER D 124 -10.89 29.21 -44.87
C SER D 124 -10.04 28.41 -43.87
N ALA D 125 -10.48 28.39 -42.61
CA ALA D 125 -9.79 27.62 -41.58
C ALA D 125 -9.84 26.14 -41.91
N ALA D 126 -11.00 25.68 -42.39
CA ALA D 126 -11.18 24.28 -42.79
C ALA D 126 -10.19 23.90 -43.89
N ARG D 127 -10.00 24.79 -44.85
CA ARG D 127 -9.02 24.54 -45.92
C ARG D 127 -7.60 24.49 -45.35
N GLU D 128 -7.29 25.39 -44.42
CA GLU D 128 -5.94 25.41 -43.84
C GLU D 128 -5.66 24.17 -42.99
N ILE D 129 -6.67 23.72 -42.25
CA ILE D 129 -6.58 22.47 -41.49
C ILE D 129 -6.22 21.30 -42.41
N GLU D 130 -6.93 21.21 -43.54
CA GLU D 130 -6.65 20.18 -44.53
C GLU D 130 -5.21 20.24 -45.06
N ARG D 131 -4.74 21.45 -45.33
CA ARG D 131 -3.36 21.65 -45.78
C ARG D 131 -2.33 21.28 -44.71
N VAL D 132 -2.60 21.65 -43.47
CA VAL D 132 -1.74 21.27 -42.35
C VAL D 132 -1.60 19.74 -42.28
N ALA D 133 -2.74 19.05 -42.41
CA ALA D 133 -2.76 17.59 -42.28
C ALA D 133 -2.09 16.89 -43.45
N THR D 134 -2.40 17.32 -44.67
CA THR D 134 -2.03 16.53 -45.86
C THR D 134 -0.81 17.04 -46.60
N GLN D 135 -0.56 18.34 -46.54
CA GLN D 135 0.59 18.89 -47.26
C GLN D 135 1.78 19.12 -46.34
N LEU D 136 1.58 19.89 -45.27
CA LEU D 136 2.64 20.15 -44.32
C LEU D 136 2.92 18.95 -43.42
N ARG D 137 1.90 18.12 -43.21
CA ARG D 137 2.01 16.92 -42.39
C ARG D 137 2.51 17.22 -40.96
N LEU D 138 1.96 18.28 -40.37
CA LEU D 138 2.29 18.60 -38.99
C LEU D 138 1.65 17.58 -38.04
N ASN D 139 1.99 17.68 -36.77
CA ASN D 139 1.61 16.64 -35.81
C ASN D 139 0.21 16.76 -35.23
N GLY D 140 -0.42 17.91 -35.41
CA GLY D 140 -1.70 18.17 -34.77
C GLY D 140 -2.00 19.64 -34.92
N LEU D 141 -2.95 20.12 -34.12
CA LEU D 141 -3.44 21.49 -34.25
C LEU D 141 -3.52 22.19 -32.90
N VAL D 142 -3.51 23.51 -32.92
CA VAL D 142 -3.64 24.29 -31.70
C VAL D 142 -4.51 25.51 -31.99
N ILE D 143 -5.35 25.86 -31.02
CA ILE D 143 -6.14 27.08 -31.08
C ILE D 143 -6.24 27.56 -29.64
N ASN D 144 -6.42 28.86 -29.45
CA ASN D 144 -6.42 29.44 -28.11
C ASN D 144 -7.80 29.86 -27.64
N SER D 145 -8.46 28.99 -26.88
CA SER D 145 -9.84 29.15 -26.46
C SER D 145 -10.69 29.93 -27.48
N HIS D 146 -11.38 30.96 -27.03
CA HIS D 146 -12.41 31.62 -27.84
C HIS D 146 -11.90 32.30 -29.11
N THR D 147 -12.80 32.50 -30.06
CA THR D 147 -12.53 33.39 -31.20
C THR D 147 -13.74 34.30 -31.37
N ASN D 148 -13.48 35.60 -31.52
CA ASN D 148 -14.54 36.60 -31.63
C ASN D 148 -15.47 36.61 -30.42
N ASP D 149 -14.94 36.22 -29.26
CA ASP D 149 -15.72 36.11 -28.01
C ASP D 149 -16.89 35.15 -28.14
N LEU D 150 -16.71 34.12 -28.95
CA LEU D 150 -17.67 33.03 -29.07
C LEU D 150 -16.99 31.73 -28.69
N TYR D 151 -17.74 30.77 -28.17
CA TYR D 151 -17.15 29.50 -27.75
C TYR D 151 -17.45 28.42 -28.79
N TYR D 152 -16.80 27.27 -28.67
CA TYR D 152 -16.79 26.31 -29.79
C TYR D 152 -18.02 25.41 -29.86
N ASP D 153 -19.02 25.70 -29.03
CA ASP D 153 -20.35 25.14 -29.20
C ASP D 153 -21.14 25.82 -30.31
N ASP D 154 -20.73 27.03 -30.69
CA ASP D 154 -21.44 27.83 -31.70
C ASP D 154 -21.34 27.13 -33.05
N PRO D 155 -22.49 26.89 -33.71
CA PRO D 155 -22.54 26.21 -35.00
C PRO D 155 -21.78 26.96 -36.10
N PHE D 156 -21.46 28.22 -35.85
CA PHE D 156 -20.61 29.01 -36.74
C PHE D 156 -19.31 28.26 -37.02
N PHE D 157 -18.81 27.54 -36.02
CA PHE D 157 -17.52 26.87 -36.14
C PHE D 157 -17.62 25.42 -36.61
N HIS D 158 -18.81 24.94 -36.94
CA HIS D 158 -18.95 23.56 -37.42
C HIS D 158 -18.04 23.18 -38.60
N PRO D 159 -17.83 24.10 -39.57
CA PRO D 159 -16.91 23.69 -40.66
C PRO D 159 -15.49 23.46 -40.15
N VAL D 160 -15.07 24.17 -39.11
CA VAL D 160 -13.78 23.91 -38.50
C VAL D 160 -13.72 22.49 -37.93
N PHE D 161 -14.70 22.15 -37.10
CA PHE D 161 -14.67 20.85 -36.46
C PHE D 161 -14.89 19.68 -37.42
N GLU D 162 -15.66 19.89 -38.48
CA GLU D 162 -15.81 18.85 -39.48
C GLU D 162 -14.46 18.55 -40.10
N ALA D 163 -13.71 19.61 -40.40
CA ALA D 163 -12.39 19.46 -41.03
C ALA D 163 -11.39 18.81 -40.07
N ILE D 164 -11.42 19.22 -38.81
CA ILE D 164 -10.53 18.65 -37.80
C ILE D 164 -10.81 17.16 -37.62
N GLU D 165 -12.10 16.82 -37.52
CA GLU D 165 -12.46 15.43 -37.35
C GLU D 165 -11.97 14.60 -38.53
N ALA D 166 -12.19 15.10 -39.74
CA ALA D 166 -11.81 14.36 -40.94
C ALA D 166 -10.29 14.18 -41.06
N SER D 167 -9.53 15.17 -40.58
CA SER D 167 -8.08 15.17 -40.71
C SER D 167 -7.42 14.16 -39.77
N GLY D 168 -8.10 13.84 -38.67
CA GLY D 168 -7.54 12.92 -37.70
C GLY D 168 -6.50 13.53 -36.79
N LEU D 169 -6.34 14.85 -36.89
CA LEU D 169 -5.38 15.56 -36.05
C LEU D 169 -6.03 15.95 -34.72
N ALA D 170 -5.30 15.78 -33.63
CA ALA D 170 -5.74 16.20 -32.32
C ALA D 170 -5.66 17.72 -32.22
N LEU D 171 -6.64 18.34 -31.56
CA LEU D 171 -6.65 19.80 -31.40
C LEU D 171 -6.35 20.16 -29.94
N TYR D 172 -5.24 20.85 -29.72
CA TYR D 172 -4.89 21.34 -28.40
C TYR D 172 -5.63 22.66 -28.26
N ILE D 173 -6.56 22.75 -27.30
CA ILE D 173 -7.22 24.02 -27.03
C ILE D 173 -6.51 24.66 -25.84
N HIS D 174 -5.61 25.58 -26.17
CA HIS D 174 -4.77 26.27 -25.21
C HIS D 174 -5.55 27.48 -24.70
N PRO D 175 -5.19 28.01 -23.52
CA PRO D 175 -5.93 29.19 -23.08
C PRO D 175 -5.62 30.46 -23.84
N ARG D 176 -6.51 31.44 -23.67
CA ARG D 176 -6.19 32.86 -23.83
C ARG D 176 -6.93 33.57 -22.71
N ALA D 177 -6.89 34.90 -22.67
CA ALA D 177 -7.56 35.61 -21.60
C ALA D 177 -9.07 35.47 -21.77
N PRO D 178 -9.80 35.51 -20.64
CA PRO D 178 -11.27 35.50 -20.64
C PRO D 178 -11.85 36.38 -21.72
N SER D 179 -12.86 35.86 -22.43
CA SER D 179 -13.54 36.56 -23.50
C SER D 179 -14.36 37.73 -22.96
N LYS D 180 -14.91 38.53 -23.87
CA LYS D 180 -15.74 39.66 -23.44
C LYS D 180 -16.98 39.23 -22.68
N GLN D 181 -17.36 37.97 -22.83
CA GLN D 181 -18.50 37.44 -22.09
C GLN D 181 -18.25 37.43 -20.60
N ILE D 182 -16.98 37.26 -20.19
CA ILE D 182 -16.69 37.07 -18.78
C ILE D 182 -15.58 37.98 -18.24
N ASP D 183 -14.93 38.75 -19.11
CA ASP D 183 -13.70 39.44 -18.70
C ASP D 183 -13.81 40.48 -17.58
N ARG D 184 -15.02 41.00 -17.32
CA ARG D 184 -15.20 42.00 -16.24
C ARG D 184 -14.65 41.55 -14.86
N ALA D 185 -14.78 40.27 -14.56
CA ALA D 185 -14.37 39.76 -13.24
C ALA D 185 -12.88 39.43 -13.16
N PHE D 186 -12.16 39.66 -14.25
CA PHE D 186 -10.76 39.23 -14.35
C PHE D 186 -9.81 40.39 -14.61
N ARG D 187 -10.24 41.60 -14.28
CA ARG D 187 -9.43 42.78 -14.54
C ARG D 187 -8.49 43.12 -13.37
N ASP D 188 -8.60 42.40 -12.26
CA ASP D 188 -7.84 42.72 -11.06
C ASP D 188 -6.89 41.61 -10.64
N TYR D 189 -5.85 41.99 -9.89
CA TYR D 189 -4.94 41.03 -9.26
C TYR D 189 -4.24 40.10 -10.26
N GLY D 190 -4.09 40.56 -11.50
CA GLY D 190 -3.45 39.80 -12.56
C GLY D 190 -4.23 38.58 -12.98
N MET D 191 -5.51 38.56 -12.65
CA MET D 191 -6.35 37.38 -12.91
C MET D 191 -6.71 37.17 -14.38
N ASN D 192 -6.30 38.10 -15.24
CA ASN D 192 -6.47 37.92 -16.68
C ASN D 192 -5.68 36.73 -17.19
N SER D 193 -4.64 36.35 -16.45
CA SER D 193 -3.63 35.44 -16.98
C SER D 193 -3.70 34.02 -16.39
N ALA D 194 -2.57 33.34 -16.39
CA ALA D 194 -2.47 31.94 -15.97
C ALA D 194 -2.95 31.66 -14.53
N ILE D 195 -2.83 32.66 -13.65
CA ILE D 195 -3.19 32.46 -12.25
C ILE D 195 -4.67 32.12 -12.04
N TRP D 196 -5.54 32.52 -12.97
CA TRP D 196 -6.96 32.23 -12.83
C TRP D 196 -7.80 32.31 -14.13
N GLY D 197 -7.74 33.44 -14.83
CA GLY D 197 -8.58 33.63 -16.00
C GLY D 197 -8.39 32.60 -17.10
N TYR D 198 -7.13 32.23 -17.37
CA TYR D 198 -6.85 31.20 -18.37
C TYR D 198 -7.67 29.93 -18.15
N GLY D 199 -7.69 29.47 -16.90
CA GLY D 199 -8.35 28.22 -16.56
C GLY D 199 -9.86 28.31 -16.69
N ILE D 200 -10.40 29.43 -16.24
CA ILE D 200 -11.85 29.62 -16.29
C ILE D 200 -12.34 29.75 -17.74
N GLU D 201 -11.62 30.53 -18.53
CA GLU D 201 -11.94 30.73 -19.94
C GLU D 201 -11.98 29.41 -20.70
N THR D 202 -10.92 28.62 -20.53
CA THR D 202 -10.74 27.43 -21.35
C THR D 202 -11.65 26.30 -20.90
N SER D 203 -11.76 26.09 -19.60
CA SER D 203 -12.62 25.03 -19.10
C SER D 203 -14.08 25.30 -19.48
N THR D 204 -14.49 26.57 -19.43
CA THR D 204 -15.86 26.92 -19.78
C THR D 204 -16.14 26.66 -21.26
N ASN D 205 -15.18 27.00 -22.10
CA ASN D 205 -15.25 26.66 -23.52
C ASN D 205 -15.48 25.14 -23.68
N ALA D 206 -14.61 24.35 -23.09
CA ALA D 206 -14.72 22.89 -23.21
C ALA D 206 -16.04 22.33 -22.65
N VAL D 207 -16.48 22.82 -21.50
CA VAL D 207 -17.76 22.38 -20.94
C VAL D 207 -18.93 22.75 -21.88
N ARG D 208 -18.89 23.93 -22.50
CA ARG D 208 -19.94 24.28 -23.47
C ARG D 208 -19.90 23.31 -24.66
N MET D 209 -18.71 22.98 -25.14
CA MET D 209 -18.56 22.02 -26.23
C MET D 209 -19.21 20.69 -25.88
N ILE D 210 -18.88 20.16 -24.70
CA ILE D 210 -19.47 18.90 -24.25
C ILE D 210 -21.00 18.95 -24.14
N LEU D 211 -21.52 19.94 -23.42
CA LEU D 211 -22.96 20.01 -23.16
C LEU D 211 -23.81 20.33 -24.40
N SER D 212 -23.23 21.00 -25.38
CA SER D 212 -23.93 21.35 -26.62
C SER D 212 -24.12 20.13 -27.52
N GLY D 213 -23.42 19.05 -27.21
CA GLY D 213 -23.50 17.82 -27.99
C GLY D 213 -22.52 17.82 -29.16
N LEU D 214 -21.48 18.63 -29.07
CA LEU D 214 -20.54 18.75 -30.19
C LEU D 214 -19.94 17.39 -30.54
N PHE D 215 -19.76 16.57 -29.51
CA PHE D 215 -19.09 15.28 -29.69
C PHE D 215 -20.05 14.15 -30.07
N ASP D 216 -21.34 14.44 -30.13
CA ASP D 216 -22.24 13.53 -30.83
C ASP D 216 -22.16 13.87 -32.32
N ARG D 217 -22.01 15.17 -32.62
CA ARG D 217 -21.91 15.60 -34.01
C ARG D 217 -20.58 15.15 -34.64
N PHE D 218 -19.51 15.26 -33.85
CA PHE D 218 -18.19 14.89 -34.34
C PHE D 218 -17.52 13.94 -33.35
N PRO D 219 -17.95 12.67 -33.35
CA PRO D 219 -17.52 11.75 -32.29
C PRO D 219 -16.06 11.33 -32.36
N ARG D 220 -15.38 11.62 -33.47
CA ARG D 220 -13.98 11.24 -33.58
C ARG D 220 -13.01 12.37 -33.25
N LEU D 221 -13.53 13.53 -32.84
CA LEU D 221 -12.65 14.61 -32.40
C LEU D 221 -11.78 14.16 -31.24
N LYS D 222 -10.52 14.57 -31.26
CA LYS D 222 -9.67 14.47 -30.07
C LYS D 222 -9.23 15.86 -29.66
N ILE D 223 -9.52 16.21 -28.41
CA ILE D 223 -9.17 17.51 -27.86
C ILE D 223 -8.15 17.31 -26.74
N VAL D 224 -7.17 18.21 -26.66
CA VAL D 224 -6.20 18.16 -25.57
C VAL D 224 -6.32 19.47 -24.77
N LEU D 225 -6.42 19.37 -23.45
CA LEU D 225 -6.37 20.53 -22.58
C LEU D 225 -5.12 20.48 -21.67
N GLY D 226 -4.44 21.61 -21.55
CA GLY D 226 -3.30 21.71 -20.65
C GLY D 226 -3.73 21.99 -19.22
N HIS D 227 -2.75 22.26 -18.36
CA HIS D 227 -3.02 22.69 -16.99
C HIS D 227 -3.90 21.70 -16.26
N MET D 228 -3.48 20.43 -16.34
CA MET D 228 -4.18 19.29 -15.76
C MET D 228 -5.66 19.27 -16.15
N GLY D 229 -5.92 19.53 -17.42
CA GLY D 229 -7.27 19.50 -17.95
C GLY D 229 -8.14 20.69 -17.56
N GLU D 230 -7.49 21.80 -17.19
CA GLU D 230 -8.20 23.01 -16.76
C GLU D 230 -9.21 22.69 -15.66
N ALA D 231 -8.81 21.77 -14.79
CA ALA D 231 -9.60 21.28 -13.63
C ALA D 231 -10.86 20.49 -13.94
N ILE D 232 -11.20 20.32 -15.21
CA ILE D 232 -12.37 19.50 -15.58
C ILE D 232 -12.31 18.08 -14.97
N PRO D 233 -11.10 17.47 -14.90
CA PRO D 233 -11.11 16.15 -14.24
C PRO D 233 -11.61 16.19 -12.80
N PHE D 234 -11.46 17.31 -12.11
CA PHE D 234 -11.93 17.40 -10.74
C PHE D 234 -13.45 17.43 -10.65
N TRP D 235 -14.09 17.97 -11.69
CA TRP D 235 -15.53 18.25 -11.70
C TRP D 235 -16.41 17.15 -12.28
N LEU D 236 -15.79 16.04 -12.69
CA LEU D 236 -16.50 15.04 -13.50
C LEU D 236 -17.77 14.47 -12.85
N TRP D 237 -17.72 14.23 -11.54
CA TRP D 237 -18.86 13.61 -10.87
C TRP D 237 -20.05 14.57 -10.86
N ARG D 238 -19.78 15.83 -10.53
CA ARG D 238 -20.80 16.88 -10.51
C ARG D 238 -21.35 17.17 -11.90
N LEU D 239 -20.47 17.19 -12.89
CA LEU D 239 -20.91 17.38 -14.27
C LEU D 239 -21.91 16.30 -14.66
N ASP D 240 -21.60 15.05 -14.28
CA ASP D 240 -22.49 13.94 -14.57
C ASP D 240 -23.78 14.03 -13.77
N TYR D 241 -23.65 14.31 -12.48
CA TYR D 241 -24.83 14.27 -11.62
C TYR D 241 -25.87 15.32 -12.03
N MET D 242 -25.39 16.53 -12.27
CA MET D 242 -26.27 17.64 -12.56
C MET D 242 -26.78 17.68 -14.01
N HIS D 243 -26.29 16.76 -14.84
CA HIS D 243 -26.72 16.74 -16.25
C HIS D 243 -28.22 16.50 -16.43
N GLY D 244 -28.81 15.66 -15.59
CA GLY D 244 -30.24 15.40 -15.68
C GLY D 244 -31.02 16.69 -15.52
N ASN D 245 -30.66 17.47 -14.50
CA ASN D 245 -31.27 18.79 -14.30
C ASN D 245 -31.10 19.70 -15.51
N ALA D 246 -29.90 19.67 -16.10
CA ALA D 246 -29.60 20.51 -17.25
C ALA D 246 -30.52 20.18 -18.44
N THR D 247 -30.73 18.90 -18.72
CA THR D 247 -31.57 18.52 -19.85
C THR D 247 -33.06 18.57 -19.54
N THR D 248 -33.41 18.40 -18.26
CA THR D 248 -34.82 18.38 -17.85
C THR D 248 -35.41 19.80 -17.70
N PHE D 249 -34.67 20.70 -17.04
CA PHE D 249 -35.14 22.06 -16.77
C PHE D 249 -34.37 23.16 -17.49
N GLY D 250 -33.17 22.85 -17.98
CA GLY D 250 -32.25 23.88 -18.43
C GLY D 250 -32.11 24.01 -19.93
N GLY D 251 -32.81 23.17 -20.67
CA GLY D 251 -32.80 23.25 -22.13
C GLY D 251 -31.56 22.66 -22.79
N ALA D 252 -30.73 21.97 -22.01
CA ALA D 252 -29.58 21.28 -22.57
C ALA D 252 -30.06 20.12 -23.44
N PRO D 253 -29.38 19.89 -24.57
CA PRO D 253 -29.83 18.81 -25.44
C PRO D 253 -29.54 17.43 -24.84
N LYS D 254 -30.39 16.45 -25.13
CA LYS D 254 -30.09 15.08 -24.72
C LYS D 254 -28.84 14.59 -25.45
N LEU D 255 -27.95 13.93 -24.72
CA LEU D 255 -26.70 13.44 -25.27
C LEU D 255 -26.66 11.91 -25.25
N LYS D 256 -25.87 11.32 -26.15
CA LYS D 256 -25.72 9.87 -26.18
C LYS D 256 -24.95 9.33 -24.97
N LEU D 257 -23.98 10.10 -24.48
CA LEU D 257 -23.15 9.68 -23.35
C LEU D 257 -23.29 10.65 -22.18
N LYS D 258 -22.68 10.32 -21.05
CA LYS D 258 -22.57 11.24 -19.92
C LYS D 258 -21.43 12.22 -20.18
N PRO D 259 -21.50 13.43 -19.58
CA PRO D 259 -20.41 14.39 -19.75
C PRO D 259 -19.02 13.82 -19.48
N SER D 260 -18.82 13.10 -18.38
CA SER D 260 -17.50 12.55 -18.06
C SER D 260 -17.06 11.52 -19.12
N GLU D 261 -18.00 10.87 -19.77
CA GLU D 261 -17.67 9.87 -20.78
C GLU D 261 -17.18 10.52 -22.06
N TYR D 262 -17.70 11.70 -22.37
CA TYR D 262 -17.11 12.48 -23.47
C TYR D 262 -15.71 12.93 -23.11
N PHE D 263 -15.53 13.33 -21.86
CA PHE D 263 -14.21 13.78 -21.44
C PHE D 263 -13.17 12.68 -21.57
N ARG D 264 -13.48 11.48 -21.10
CA ARG D 264 -12.56 10.36 -21.27
C ARG D 264 -12.41 9.90 -22.72
N ARG D 265 -13.50 9.91 -23.49
CA ARG D 265 -13.45 9.37 -24.85
C ARG D 265 -12.80 10.34 -25.81
N ASN D 266 -13.14 11.61 -25.66
CA ASN D 266 -12.73 12.65 -26.61
C ASN D 266 -11.59 13.57 -26.17
N PHE D 267 -11.24 13.55 -24.89
CA PHE D 267 -10.20 14.47 -24.41
C PHE D 267 -9.00 13.72 -23.86
N ALA D 268 -7.84 14.37 -23.94
CA ALA D 268 -6.68 14.00 -23.15
C ALA D 268 -6.19 15.27 -22.49
N ILE D 269 -5.29 15.16 -21.52
CA ILE D 269 -4.83 16.33 -20.80
C ILE D 269 -3.30 16.36 -20.69
N THR D 270 -2.76 17.55 -20.42
CA THR D 270 -1.35 17.67 -20.12
C THR D 270 -1.12 18.30 -18.75
N THR D 271 0.10 18.16 -18.24
CA THR D 271 0.42 18.62 -16.88
C THR D 271 1.03 20.02 -16.86
N SER D 272 0.96 20.73 -17.98
CA SER D 272 1.57 22.06 -18.08
C SER D 272 1.16 22.96 -16.93
N GLY D 273 2.14 23.53 -16.25
CA GLY D 273 1.85 24.49 -15.19
C GLY D 273 1.19 23.91 -13.94
N VAL D 274 1.14 22.58 -13.82
CA VAL D 274 0.55 21.94 -12.65
C VAL D 274 1.47 20.82 -12.21
N GLU D 275 2.57 21.20 -11.58
CA GLU D 275 3.60 20.24 -11.17
C GLU D 275 3.29 19.69 -9.78
N SER D 276 2.15 19.03 -9.67
CA SER D 276 1.64 18.46 -8.41
C SER D 276 1.50 16.96 -8.57
N HIS D 277 2.30 16.19 -7.83
CA HIS D 277 2.15 14.75 -7.87
C HIS D 277 0.74 14.31 -7.45
N ALA D 278 0.15 15.02 -6.49
CA ALA D 278 -1.19 14.68 -6.03
C ALA D 278 -2.22 14.88 -7.13
N ALA D 279 -2.07 15.95 -7.89
CA ALA D 279 -3.04 16.27 -8.94
C ALA D 279 -2.82 15.29 -10.09
N LEU D 280 -1.57 14.89 -10.27
CA LEU D 280 -1.21 13.96 -11.34
C LEU D 280 -1.82 12.60 -11.05
N ARG D 281 -1.67 12.15 -9.81
CA ARG D 281 -2.20 10.85 -9.40
C ARG D 281 -3.71 10.83 -9.50
N TYR D 282 -4.37 11.92 -9.09
CA TYR D 282 -5.82 12.02 -9.20
C TYR D 282 -6.22 11.89 -10.67
N SER D 283 -5.55 12.63 -11.55
CA SER D 283 -5.93 12.63 -12.96
C SER D 283 -5.76 11.25 -13.59
N ILE D 284 -4.64 10.60 -13.29
CA ILE D 284 -4.43 9.23 -13.77
C ILE D 284 -5.54 8.30 -13.27
N GLU D 285 -5.93 8.45 -12.01
CA GLU D 285 -6.98 7.59 -11.47
C GLU D 285 -8.33 7.77 -12.18
N VAL D 286 -8.74 9.01 -12.46
CA VAL D 286 -10.09 9.24 -12.96
C VAL D 286 -10.18 9.22 -14.50
N LEU D 287 -9.05 9.45 -15.16
CA LEU D 287 -9.01 9.52 -16.62
C LEU D 287 -8.40 8.28 -17.26
N GLY D 288 -7.53 7.60 -16.51
CA GLY D 288 -6.73 6.52 -17.08
C GLY D 288 -5.36 7.01 -17.49
N PRO D 289 -4.33 6.15 -17.37
CA PRO D 289 -2.94 6.57 -17.66
C PRO D 289 -2.70 6.93 -19.13
N GLU D 290 -3.55 6.48 -20.05
CA GLU D 290 -3.36 6.83 -21.46
C GLU D 290 -3.77 8.26 -21.80
N ASN D 291 -4.47 8.91 -20.88
CA ASN D 291 -5.05 10.23 -21.14
C ASN D 291 -4.27 11.39 -20.57
N VAL D 292 -3.08 11.15 -20.02
CA VAL D 292 -2.33 12.23 -19.36
C VAL D 292 -0.93 12.34 -19.96
N MET D 293 -0.59 13.55 -20.41
CA MET D 293 0.70 13.81 -21.04
C MET D 293 1.48 14.86 -20.29
N TRP D 294 2.80 14.68 -20.22
CA TRP D 294 3.67 15.66 -19.59
C TRP D 294 3.86 16.88 -20.50
N ALA D 295 4.05 18.05 -19.89
CA ALA D 295 4.40 19.26 -20.63
C ALA D 295 5.23 20.20 -19.76
N ILE D 296 5.90 21.17 -20.38
CA ILE D 296 6.65 22.16 -19.63
C ILE D 296 5.93 23.51 -19.56
N ASP D 297 5.40 23.94 -20.71
CA ASP D 297 4.87 25.31 -20.89
C ASP D 297 6.02 26.31 -20.98
N TYR D 298 7.13 25.87 -21.57
CA TYR D 298 8.26 26.74 -21.89
C TYR D 298 7.82 27.70 -23.01
N PRO D 299 8.24 28.98 -22.94
CA PRO D 299 9.16 29.57 -21.96
C PRO D 299 8.43 30.25 -20.80
N TYR D 300 7.13 30.00 -20.63
CA TYR D 300 6.37 30.62 -19.55
C TYR D 300 6.67 29.96 -18.21
N GLN D 301 7.18 28.74 -18.29
CA GLN D 301 7.66 27.99 -17.14
C GLN D 301 9.05 27.50 -17.47
N PRO D 302 9.90 27.31 -16.46
CA PRO D 302 11.26 26.82 -16.71
C PRO D 302 11.28 25.30 -16.88
N MET D 303 12.31 24.80 -17.56
CA MET D 303 12.36 23.38 -17.85
C MET D 303 12.75 22.48 -16.67
N ALA D 304 13.77 22.86 -15.88
CA ALA D 304 14.27 21.92 -14.87
C ALA D 304 13.22 21.47 -13.85
N PRO D 305 12.41 22.40 -13.33
CA PRO D 305 11.36 21.95 -12.39
C PRO D 305 10.34 21.00 -13.03
N ALA D 306 9.89 21.32 -14.25
CA ALA D 306 8.95 20.48 -14.97
C ALA D 306 9.50 19.08 -15.19
N VAL D 307 10.75 19.00 -15.65
CA VAL D 307 11.45 17.72 -15.82
C VAL D 307 11.56 16.94 -14.50
N GLN D 308 11.94 17.60 -13.43
CA GLN D 308 12.14 16.87 -12.18
C GLN D 308 10.81 16.41 -11.56
N PHE D 309 9.76 17.17 -11.86
CA PHE D 309 8.40 16.77 -11.51
C PHE D 309 8.05 15.38 -12.04
N ILE D 310 8.29 15.15 -13.32
CA ILE D 310 7.88 13.88 -13.89
C ILE D 310 8.89 12.75 -13.59
N ARG D 311 10.17 13.09 -13.55
CA ARG D 311 11.22 12.10 -13.19
C ARG D 311 11.03 11.57 -11.79
N THR D 312 10.43 12.36 -10.91
CA THR D 312 10.26 11.95 -9.52
C THR D 312 8.82 11.53 -9.20
N ALA D 313 7.96 11.42 -10.21
CA ALA D 313 6.56 11.14 -9.93
C ALA D 313 6.42 9.74 -9.31
N PRO D 314 5.64 9.64 -8.21
CA PRO D 314 5.47 8.35 -7.53
C PRO D 314 4.46 7.46 -8.26
N ILE D 315 4.81 7.06 -9.47
CA ILE D 315 4.00 6.19 -10.30
C ILE D 315 4.96 5.13 -10.87
N PRO D 316 4.41 3.96 -11.28
CA PRO D 316 5.31 2.93 -11.81
C PRO D 316 6.02 3.39 -13.07
N GLU D 317 7.13 2.75 -13.40
CA GLU D 317 7.93 3.19 -14.55
C GLU D 317 7.19 3.10 -15.86
N ASP D 318 6.33 2.10 -16.03
CA ASP D 318 5.65 2.00 -17.33
C ASP D 318 4.62 3.11 -17.50
N VAL D 319 3.89 3.43 -16.44
CA VAL D 319 2.95 4.55 -16.49
C VAL D 319 3.70 5.86 -16.63
N LYS D 320 4.87 5.97 -15.97
CA LYS D 320 5.67 7.19 -16.09
C LYS D 320 6.13 7.40 -17.54
N ALA D 321 6.49 6.32 -18.23
CA ALA D 321 6.90 6.43 -19.64
C ALA D 321 5.74 6.88 -20.54
N MET D 322 4.54 6.40 -20.24
CA MET D 322 3.34 6.81 -20.96
C MET D 322 3.14 8.31 -20.79
N VAL D 323 3.18 8.77 -19.55
CA VAL D 323 2.94 10.18 -19.28
C VAL D 323 4.05 11.05 -19.85
N ALA D 324 5.30 10.59 -19.72
CA ALA D 324 6.45 11.39 -20.12
C ALA D 324 6.57 11.59 -21.63
N GLY D 325 6.13 10.61 -22.40
CA GLY D 325 6.28 10.71 -23.86
C GLY D 325 5.47 9.72 -24.70
N GLY D 326 5.12 8.58 -24.13
CA GLY D 326 4.42 7.56 -24.90
C GLY D 326 3.05 7.98 -25.42
N ASN D 327 2.24 8.57 -24.55
CA ASN D 327 0.93 9.07 -24.93
C ASN D 327 1.03 10.16 -25.99
N ALA D 328 2.00 11.06 -25.84
CA ALA D 328 2.16 12.12 -26.83
C ALA D 328 2.59 11.56 -28.18
N ALA D 329 3.42 10.53 -28.15
CA ALA D 329 3.91 9.96 -29.41
C ALA D 329 2.75 9.37 -30.21
N ARG D 330 1.77 8.82 -29.50
CA ARG D 330 0.58 8.25 -30.11
C ARG D 330 -0.37 9.34 -30.58
N ILE D 331 -0.68 10.26 -29.67
CA ILE D 331 -1.69 11.28 -29.93
C ILE D 331 -1.24 12.25 -31.01
N PHE D 332 0.03 12.64 -30.96
CA PHE D 332 0.56 13.60 -31.94
C PHE D 332 1.44 13.01 -33.03
N ARG D 333 1.29 11.72 -33.30
N ARG D 333 1.27 11.72 -33.30
CA ARG D 333 1.92 11.09 -34.47
CA ARG D 333 1.92 11.06 -34.43
C ARG D 333 3.44 11.27 -34.52
C ARG D 333 3.43 11.32 -34.51
N ILE D 334 4.13 11.02 -33.41
CA ILE D 334 5.58 11.19 -33.38
C ILE D 334 6.25 9.82 -33.37
N THR D 335 7.17 9.60 -34.29
CA THR D 335 7.96 8.38 -34.25
C THR D 335 9.05 8.48 -33.17
N SER E 1 -21.74 4.18 16.54
CA SER E 1 -21.76 4.30 15.09
C SER E 1 -21.22 5.66 14.64
N LEU E 2 -21.18 5.87 13.32
CA LEU E 2 -20.62 7.07 12.76
C LEU E 2 -21.54 8.27 12.97
N ARG E 3 -21.04 9.34 13.60
CA ARG E 3 -21.83 10.54 13.76
C ARG E 3 -21.82 11.38 12.49
N LEU E 4 -22.96 11.48 11.83
CA LEU E 4 -23.07 12.18 10.56
C LEU E 4 -23.72 13.53 10.73
N ILE E 5 -22.97 14.59 10.47
CA ILE E 5 -23.50 15.95 10.51
C ILE E 5 -23.41 16.55 9.11
N ALA E 6 -24.55 16.69 8.44
CA ALA E 6 -24.55 17.22 7.06
C ALA E 6 -24.50 18.74 7.09
N THR E 7 -23.53 19.33 6.39
CA THR E 7 -23.26 20.76 6.57
C THR E 7 -23.82 21.75 5.53
N GLU E 8 -24.47 21.27 4.47
CA GLU E 8 -25.00 22.21 3.47
C GLU E 8 -26.48 21.95 3.19
N GLU E 9 -27.30 22.05 4.22
CA GLU E 9 -28.67 21.57 4.10
C GLU E 9 -29.66 22.72 4.03
N ALA E 10 -30.24 22.90 2.86
CA ALA E 10 -31.03 24.08 2.55
C ALA E 10 -32.42 24.05 3.16
N VAL E 11 -32.90 25.23 3.55
CA VAL E 11 -34.23 25.38 4.11
C VAL E 11 -34.79 26.73 3.61
N THR E 12 -36.11 26.90 3.67
CA THR E 12 -36.67 28.23 3.48
C THR E 12 -37.77 28.49 4.51
N PHE E 13 -38.24 29.72 4.57
CA PHE E 13 -39.33 30.13 5.47
C PHE E 13 -40.36 30.93 4.66
N GLN E 14 -41.62 30.87 5.08
CA GLN E 14 -42.70 31.51 4.34
C GLN E 14 -42.48 32.99 3.99
N PRO E 15 -41.99 33.82 4.94
CA PRO E 15 -41.80 35.22 4.52
C PRO E 15 -40.80 35.38 3.39
N VAL E 16 -39.79 34.53 3.32
CA VAL E 16 -38.81 34.62 2.23
C VAL E 16 -39.41 34.10 0.92
N VAL E 17 -40.13 32.98 1.02
CA VAL E 17 -40.85 32.45 -0.11
C VAL E 17 -41.78 33.51 -0.71
N ASP E 18 -42.54 34.19 0.14
CA ASP E 18 -43.48 35.19 -0.35
C ASP E 18 -42.76 36.33 -1.06
N ALA E 19 -41.61 36.74 -0.52
CA ALA E 19 -40.84 37.81 -1.13
C ALA E 19 -40.25 37.39 -2.48
N LEU E 20 -39.74 36.16 -2.55
CA LEU E 20 -39.19 35.63 -3.80
C LEU E 20 -40.28 35.45 -4.86
N ARG E 21 -41.47 35.05 -4.44
CA ARG E 21 -42.64 35.00 -5.32
C ARG E 21 -42.86 36.34 -5.98
N ALA E 22 -42.98 37.38 -5.17
CA ALA E 22 -43.14 38.72 -5.68
C ALA E 22 -41.97 39.10 -6.58
N HIS E 23 -40.74 38.79 -6.16
CA HIS E 23 -39.56 39.19 -6.93
C HIS E 23 -39.55 38.52 -8.31
N SER E 24 -40.05 37.29 -8.36
CA SER E 24 -40.08 36.50 -9.59
C SER E 24 -40.84 37.19 -10.73
N ARG E 25 -41.74 38.10 -10.37
CA ARG E 25 -42.57 38.79 -11.36
C ARG E 25 -41.93 40.09 -11.84
N THR E 26 -40.76 40.41 -11.32
CA THR E 26 -40.10 41.66 -11.71
C THR E 26 -39.24 41.52 -12.96
N ASP E 27 -38.64 42.66 -13.34
CA ASP E 27 -37.78 42.82 -14.51
C ASP E 27 -36.32 42.45 -14.27
N ASP E 28 -35.99 42.05 -13.05
CA ASP E 28 -34.62 41.74 -12.64
C ASP E 28 -33.90 40.86 -13.69
N ALA E 29 -32.73 41.29 -14.13
CA ALA E 29 -31.97 40.58 -15.16
C ALA E 29 -30.95 39.60 -14.56
N SER E 30 -30.88 39.54 -13.24
CA SER E 30 -29.96 38.60 -12.57
C SER E 30 -30.16 37.18 -13.07
N LEU E 31 -29.05 36.48 -13.28
CA LEU E 31 -29.10 35.10 -13.74
C LEU E 31 -29.80 34.19 -12.72
N ASP E 32 -29.89 34.64 -11.47
CA ASP E 32 -30.64 33.89 -10.48
C ASP E 32 -32.15 33.86 -10.73
N MET E 33 -32.63 34.69 -11.65
CA MET E 33 -34.06 34.66 -11.97
C MET E 33 -34.50 33.35 -12.62
N ILE E 34 -33.55 32.59 -13.17
CA ILE E 34 -33.87 31.27 -13.70
C ILE E 34 -34.34 30.36 -12.57
N LEU E 35 -33.50 30.21 -11.56
CA LEU E 35 -33.87 29.45 -10.36
C LEU E 35 -35.11 30.03 -9.69
N VAL E 36 -35.16 31.36 -9.56
CA VAL E 36 -36.25 32.00 -8.84
C VAL E 36 -37.59 31.72 -9.52
N ARG E 37 -37.61 31.76 -10.86
CA ARG E 37 -38.85 31.44 -11.58
C ARG E 37 -39.20 29.94 -11.54
N ASP E 38 -38.17 29.09 -11.64
CA ASP E 38 -38.37 27.64 -11.61
C ASP E 38 -38.92 27.14 -10.27
N VAL E 39 -38.57 27.83 -9.19
CA VAL E 39 -38.94 27.34 -7.85
C VAL E 39 -40.03 28.21 -7.19
N TYR E 40 -39.87 29.53 -7.29
CA TYR E 40 -40.73 30.44 -6.53
C TYR E 40 -41.78 31.15 -7.37
N GLY E 41 -41.71 30.96 -8.68
CA GLY E 41 -42.55 31.69 -9.60
C GLY E 41 -43.98 31.20 -9.68
N ASP E 42 -44.79 31.88 -10.48
CA ASP E 42 -46.19 31.53 -10.66
C ASP E 42 -46.36 30.34 -11.62
N GLU E 43 -45.30 30.03 -12.36
CA GLU E 43 -45.33 28.92 -13.32
C GLU E 43 -44.12 28.00 -13.12
N PRO E 44 -44.01 27.42 -11.91
CA PRO E 44 -42.73 26.78 -11.52
C PRO E 44 -42.44 25.43 -12.19
N ALA E 45 -41.31 25.33 -12.86
CA ALA E 45 -40.88 24.09 -13.49
C ALA E 45 -40.48 23.04 -12.45
N ARG E 46 -40.24 23.50 -11.22
CA ARG E 46 -39.88 22.60 -10.13
C ARG E 46 -40.83 22.80 -8.97
N PRO E 47 -42.08 22.35 -9.13
CA PRO E 47 -43.16 22.73 -8.21
C PRO E 47 -43.05 22.15 -6.80
N ALA E 48 -42.29 21.07 -6.66
CA ALA E 48 -42.21 20.39 -5.38
C ALA E 48 -41.17 21.03 -4.45
N MET E 49 -40.31 21.88 -5.01
CA MET E 49 -39.11 22.31 -4.28
C MET E 49 -39.41 23.17 -3.05
N ILE E 50 -40.38 24.08 -3.14
CA ILE E 50 -40.71 24.91 -1.98
C ILE E 50 -41.14 24.05 -0.80
N GLY E 51 -41.95 23.02 -1.05
CA GLY E 51 -42.39 22.14 0.00
C GLY E 51 -41.22 21.39 0.63
N ARG E 52 -40.29 20.93 -0.21
CA ARG E 52 -39.16 20.18 0.32
C ARG E 52 -38.19 21.06 1.08
N LEU E 53 -38.00 22.29 0.61
CA LEU E 53 -37.15 23.25 1.30
C LEU E 53 -37.76 23.65 2.65
N SER E 54 -39.07 23.84 2.69
CA SER E 54 -39.74 24.35 3.89
C SER E 54 -39.84 23.28 4.97
N ASP E 55 -39.91 22.02 4.54
CA ASP E 55 -40.07 20.92 5.48
C ASP E 55 -38.81 20.62 6.30
N VAL E 56 -38.97 20.55 7.61
CA VAL E 56 -37.86 20.22 8.49
C VAL E 56 -38.15 18.94 9.28
N THR E 57 -39.35 18.87 9.86
CA THR E 57 -39.71 17.78 10.77
C THR E 57 -40.52 16.63 10.13
N GLY E 58 -40.82 16.74 8.85
CA GLY E 58 -41.56 15.70 8.15
C GLY E 58 -40.66 14.74 7.38
N GLU E 59 -40.73 14.81 6.05
CA GLU E 59 -39.91 13.95 5.20
C GLU E 59 -38.42 14.08 5.50
N ARG E 60 -37.94 15.31 5.71
CA ARG E 60 -36.52 15.51 5.99
C ARG E 60 -36.05 14.67 7.18
N LEU E 61 -36.74 14.80 8.30
CA LEU E 61 -36.38 14.08 9.52
C LEU E 61 -36.57 12.57 9.35
N ALA E 62 -37.61 12.17 8.65
CA ALA E 62 -37.83 10.76 8.34
C ALA E 62 -36.68 10.17 7.49
N GLU E 63 -36.22 10.92 6.51
CA GLU E 63 -35.08 10.50 5.70
C GLU E 63 -33.81 10.47 6.53
N MET E 64 -33.67 11.41 7.45
CA MET E 64 -32.51 11.40 8.33
C MET E 64 -32.50 10.13 9.17
N ASP E 65 -33.66 9.79 9.71
CA ASP E 65 -33.78 8.58 10.52
C ASP E 65 -33.51 7.31 9.72
N SER E 66 -34.05 7.22 8.51
N SER E 66 -34.05 7.22 8.51
CA SER E 66 -33.91 6.04 7.66
CA SER E 66 -33.90 6.00 7.71
C SER E 66 -32.47 5.79 7.25
C SER E 66 -32.46 5.78 7.25
N ASN E 67 -31.71 6.87 7.11
CA ASN E 67 -30.32 6.78 6.68
C ASN E 67 -29.27 6.93 7.80
N GLY E 68 -29.72 7.04 9.05
CA GLY E 68 -28.79 7.14 10.15
C GLY E 68 -28.01 8.45 10.19
N VAL E 69 -28.66 9.53 9.75
CA VAL E 69 -28.05 10.86 9.77
C VAL E 69 -28.43 11.58 11.06
N ASP E 70 -27.42 11.94 11.85
N ASP E 70 -27.43 11.98 11.82
CA ASP E 70 -27.66 12.58 13.14
CA ASP E 70 -27.68 12.57 13.13
C ASP E 70 -28.24 13.99 12.98
C ASP E 70 -28.18 14.02 13.06
N MET E 71 -27.56 14.83 12.21
CA MET E 71 -27.91 16.25 12.13
C MET E 71 -27.87 16.84 10.74
N HIS E 72 -28.65 17.91 10.55
CA HIS E 72 -28.48 18.81 9.42
C HIS E 72 -28.10 20.17 9.97
N LEU E 73 -27.04 20.77 9.41
CA LEU E 73 -26.73 22.17 9.64
C LEU E 73 -27.49 22.97 8.60
N LEU E 74 -28.54 23.67 9.03
CA LEU E 74 -29.49 24.31 8.12
C LEU E 74 -29.03 25.69 7.68
N SER E 75 -29.27 26.02 6.41
CA SER E 75 -28.97 27.35 5.89
C SER E 75 -30.11 27.84 5.00
N LEU E 76 -30.44 29.12 5.08
CA LEU E 76 -31.42 29.67 4.16
C LEU E 76 -30.90 29.49 2.74
N THR E 77 -31.72 28.89 1.89
CA THR E 77 -31.27 28.44 0.58
C THR E 77 -30.89 29.63 -0.30
N ALA E 78 -29.99 29.42 -1.26
CA ALA E 78 -29.67 30.48 -2.22
C ALA E 78 -30.94 30.89 -2.98
N PRO E 79 -31.08 32.18 -3.32
CA PRO E 79 -30.13 33.29 -3.20
C PRO E 79 -30.26 34.06 -1.90
N GLY E 80 -30.80 33.44 -0.86
CA GLY E 80 -30.92 34.08 0.44
C GLY E 80 -31.79 35.32 0.37
N VAL E 81 -31.34 36.41 1.00
CA VAL E 81 -32.07 37.67 0.93
C VAL E 81 -31.32 38.68 0.07
N GLN E 82 -30.39 38.18 -0.73
CA GLN E 82 -29.47 39.04 -1.49
C GLN E 82 -30.03 39.71 -2.74
N MET E 83 -31.16 39.23 -3.26
CA MET E 83 -31.70 39.83 -4.48
C MET E 83 -32.53 41.08 -4.20
N PHE E 84 -32.98 41.24 -2.96
CA PHE E 84 -33.88 42.34 -2.61
C PHE E 84 -33.16 43.67 -2.45
N ASP E 85 -33.92 44.76 -2.44
CA ASP E 85 -33.33 46.06 -2.09
C ASP E 85 -32.87 46.03 -0.64
N ALA E 86 -32.04 47.00 -0.26
CA ALA E 86 -31.39 46.95 1.05
C ALA E 86 -32.36 46.92 2.23
N GLU E 87 -33.40 47.75 2.18
CA GLU E 87 -34.38 47.76 3.26
C GLU E 87 -35.09 46.41 3.40
N THR E 88 -35.47 45.83 2.26
CA THR E 88 -36.18 44.56 2.26
C THR E 88 -35.30 43.40 2.69
N GLY E 89 -34.09 43.33 2.14
CA GLY E 89 -33.12 42.31 2.55
C GLY E 89 -32.82 42.36 4.04
N THR E 90 -32.59 43.55 4.58
CA THR E 90 -32.27 43.73 5.99
C THR E 90 -33.42 43.26 6.89
N ARG E 91 -34.64 43.59 6.49
CA ARG E 91 -35.81 43.24 7.27
C ARG E 91 -36.01 41.73 7.24
N LEU E 92 -35.85 41.13 6.06
CA LEU E 92 -36.08 39.69 5.89
C LEU E 92 -34.96 38.85 6.48
N ALA E 93 -33.75 39.38 6.55
CA ALA E 93 -32.66 38.62 7.18
C ALA E 93 -32.99 38.41 8.67
N ARG E 94 -33.45 39.48 9.32
CA ARG E 94 -33.84 39.41 10.73
C ARG E 94 -34.92 38.35 10.95
N ILE E 95 -35.97 38.41 10.14
CA ILE E 95 -37.09 37.47 10.24
C ILE E 95 -36.61 36.03 10.01
N ALA E 96 -35.83 35.84 8.96
CA ALA E 96 -35.33 34.50 8.63
C ALA E 96 -34.40 33.95 9.70
N ASN E 97 -33.61 34.83 10.31
CA ASN E 97 -32.71 34.38 11.38
C ASN E 97 -33.48 34.00 12.65
N ASP E 98 -34.50 34.79 12.99
CA ASP E 98 -35.38 34.42 14.09
C ASP E 98 -36.04 33.06 13.83
N LEU E 99 -36.52 32.85 12.62
CA LEU E 99 -37.16 31.59 12.27
C LEU E 99 -36.17 30.42 12.28
N MET E 100 -34.93 30.68 11.85
CA MET E 100 -33.87 29.66 11.92
C MET E 100 -33.62 29.27 13.37
N ALA E 101 -33.46 30.26 14.23
CA ALA E 101 -33.27 30.02 15.67
C ALA E 101 -34.40 29.18 16.26
N GLN E 102 -35.62 29.51 15.86
N GLN E 102 -35.63 29.47 15.86
CA GLN E 102 -36.82 28.79 16.28
CA GLN E 102 -36.77 28.72 16.38
C GLN E 102 -36.75 27.33 15.82
C GLN E 102 -36.84 27.30 15.81
N THR E 103 -36.48 27.16 14.54
CA THR E 103 -36.46 25.84 13.90
C THR E 103 -35.44 24.95 14.59
N VAL E 104 -34.27 25.51 14.88
CA VAL E 104 -33.22 24.77 15.56
C VAL E 104 -33.65 24.36 16.96
N ALA E 105 -34.30 25.28 17.68
CA ALA E 105 -34.67 24.97 19.06
C ALA E 105 -35.85 24.02 19.20
N ALA E 106 -36.55 23.74 18.11
CA ALA E 106 -37.59 22.73 18.15
C ALA E 106 -37.00 21.32 18.25
N ASN E 107 -35.81 21.14 17.66
CA ASN E 107 -35.13 19.83 17.68
C ASN E 107 -33.62 20.00 17.65
N PRO E 108 -33.04 20.55 18.73
CA PRO E 108 -31.62 20.94 18.70
C PRO E 108 -30.65 19.76 18.72
N THR E 109 -31.13 18.54 18.94
CA THR E 109 -30.23 17.39 18.83
C THR E 109 -30.11 16.94 17.37
N ARG E 110 -31.00 17.44 16.51
CA ARG E 110 -31.05 17.01 15.12
C ARG E 110 -30.72 18.13 14.14
N PHE E 111 -30.85 19.38 14.58
CA PHE E 111 -30.58 20.51 13.68
C PHE E 111 -29.72 21.58 14.35
N ALA E 112 -28.79 22.13 13.56
CA ALA E 112 -28.04 23.31 13.95
C ALA E 112 -28.31 24.32 12.85
N GLY E 113 -27.95 25.57 13.02
CA GLY E 113 -28.31 26.55 12.01
C GLY E 113 -27.28 27.63 11.72
N LEU E 114 -27.20 28.05 10.47
CA LEU E 114 -26.42 29.21 10.07
C LEU E 114 -27.35 30.41 9.87
N GLY E 115 -26.95 31.57 10.35
CA GLY E 115 -27.70 32.79 10.11
C GLY E 115 -27.23 33.43 8.82
N THR E 116 -28.02 34.34 8.26
CA THR E 116 -27.59 35.03 7.06
C THR E 116 -27.74 36.55 7.25
N PHE E 117 -27.48 37.32 6.21
CA PHE E 117 -27.49 38.76 6.35
C PHE E 117 -27.61 39.39 4.97
N ALA E 118 -27.90 40.68 4.94
CA ALA E 118 -28.08 41.39 3.68
C ALA E 118 -26.89 42.34 3.45
N PRO E 119 -25.87 41.87 2.69
CA PRO E 119 -24.67 42.68 2.50
C PRO E 119 -24.91 43.92 1.64
N GLN E 120 -26.11 44.04 1.05
CA GLN E 120 -26.50 45.25 0.34
C GLN E 120 -26.31 46.50 1.21
N ASP E 121 -26.41 46.31 2.54
CA ASP E 121 -26.19 47.37 3.53
C ASP E 121 -25.15 46.86 4.55
N PRO E 122 -23.86 47.06 4.25
CA PRO E 122 -22.81 46.49 5.10
C PRO E 122 -22.93 46.82 6.58
N ALA E 123 -23.26 48.07 6.92
CA ALA E 123 -23.39 48.44 8.33
C ALA E 123 -24.52 47.68 9.02
N SER E 124 -25.68 47.57 8.36
CA SER E 124 -26.78 46.82 8.97
C SER E 124 -26.48 45.32 9.01
N ALA E 125 -25.76 44.83 8.00
CA ALA E 125 -25.37 43.42 8.00
C ALA E 125 -24.46 43.10 9.17
N ALA E 126 -23.54 44.02 9.47
CA ALA E 126 -22.61 43.85 10.59
C ALA E 126 -23.37 43.78 11.92
N ARG E 127 -24.41 44.60 12.04
CA ARG E 127 -25.23 44.57 13.24
C ARG E 127 -25.97 43.23 13.34
N GLU E 128 -26.44 42.71 12.21
CA GLU E 128 -27.19 41.46 12.24
C GLU E 128 -26.28 40.28 12.52
N ILE E 129 -25.07 40.33 11.97
CA ILE E 129 -24.05 39.33 12.26
C ILE E 129 -23.80 39.24 13.77
N GLU E 130 -23.66 40.39 14.40
CA GLU E 130 -23.48 40.45 15.84
C GLU E 130 -24.68 39.87 16.58
N ARG E 131 -25.89 40.17 16.10
CA ARG E 131 -27.10 39.63 16.72
C ARG E 131 -27.15 38.11 16.58
N VAL E 132 -26.81 37.61 15.40
CA VAL E 132 -26.79 36.16 15.17
C VAL E 132 -25.84 35.46 16.12
N ALA E 133 -24.68 36.06 16.35
CA ALA E 133 -23.64 35.44 17.16
C ALA E 133 -23.96 35.49 18.65
N THR E 134 -24.38 36.65 19.14
CA THR E 134 -24.52 36.87 20.58
C THR E 134 -25.96 36.73 21.10
N GLN E 135 -26.94 37.18 20.33
CA GLN E 135 -28.31 37.15 20.83
C GLN E 135 -29.03 35.85 20.47
N LEU E 136 -28.85 35.36 19.25
CA LEU E 136 -29.54 34.16 18.82
C LEU E 136 -28.71 32.89 19.07
N ARG E 137 -27.41 33.07 19.25
CA ARG E 137 -26.48 31.96 19.46
C ARG E 137 -26.56 30.88 18.38
N LEU E 138 -26.64 31.32 17.12
CA LEU E 138 -26.61 30.38 16.00
C LEU E 138 -25.20 29.84 15.77
N ASN E 139 -25.09 28.81 14.93
CA ASN E 139 -23.83 28.07 14.79
C ASN E 139 -22.79 28.69 13.84
N GLY E 140 -23.23 29.63 13.01
CA GLY E 140 -22.35 30.20 12.03
C GLY E 140 -23.18 31.03 11.07
N LEU E 141 -22.59 31.37 9.94
CA LEU E 141 -23.22 32.25 8.96
C LEU E 141 -23.19 31.64 7.57
N VAL E 142 -24.11 32.09 6.72
CA VAL E 142 -24.12 31.69 5.31
C VAL E 142 -24.44 32.90 4.46
N ILE E 143 -23.80 32.97 3.28
CA ILE E 143 -24.09 34.00 2.30
C ILE E 143 -23.88 33.34 0.96
N ASN E 144 -24.54 33.83 -0.08
CA ASN E 144 -24.49 33.16 -1.39
C ASN E 144 -23.72 33.97 -2.39
N SER E 145 -22.46 33.57 -2.59
CA SER E 145 -21.51 34.31 -3.42
C SER E 145 -21.78 35.81 -3.53
N HIS E 146 -21.86 36.35 -4.73
CA HIS E 146 -21.87 37.82 -4.88
C HIS E 146 -23.07 38.53 -4.26
N THR E 147 -22.89 39.83 -4.02
CA THR E 147 -23.99 40.73 -3.71
C THR E 147 -23.83 41.99 -4.55
N ASN E 148 -24.92 42.43 -5.16
CA ASN E 148 -24.91 43.59 -6.06
C ASN E 148 -23.93 43.42 -7.24
N ASP E 149 -23.66 42.17 -7.61
CA ASP E 149 -22.70 41.86 -8.67
C ASP E 149 -21.30 42.35 -8.33
N LEU E 150 -20.99 42.35 -7.04
CA LEU E 150 -19.65 42.64 -6.55
C LEU E 150 -19.13 41.45 -5.75
N TYR E 151 -17.81 41.26 -5.74
CA TYR E 151 -17.23 40.15 -5.00
C TYR E 151 -16.60 40.64 -3.69
N TYR E 152 -16.24 39.70 -2.83
CA TYR E 152 -15.95 40.07 -1.44
C TYR E 152 -14.53 40.62 -1.19
N ASP E 153 -13.79 40.83 -2.28
CA ASP E 153 -12.60 41.68 -2.22
C ASP E 153 -12.95 43.17 -2.14
N ASP E 154 -14.16 43.55 -2.56
CA ASP E 154 -14.53 44.96 -2.59
C ASP E 154 -14.54 45.50 -1.17
N PRO E 155 -13.85 46.64 -0.94
CA PRO E 155 -13.80 47.25 0.39
C PRO E 155 -15.17 47.71 0.91
N PHE E 156 -16.15 47.80 0.03
CA PHE E 156 -17.53 48.07 0.41
C PHE E 156 -17.96 47.11 1.49
N PHE E 157 -17.48 45.87 1.40
CA PHE E 157 -17.90 44.83 2.33
C PHE E 157 -17.00 44.68 3.56
N HIS E 158 -16.01 45.57 3.72
CA HIS E 158 -15.16 45.48 4.90
C HIS E 158 -15.91 45.45 6.25
N PRO E 159 -16.97 46.27 6.44
CA PRO E 159 -17.71 46.20 7.70
C PRO E 159 -18.34 44.84 7.98
N VAL E 160 -18.65 44.08 6.94
CA VAL E 160 -19.20 42.73 7.10
C VAL E 160 -18.11 41.82 7.64
N PHE E 161 -16.95 41.84 7.00
CA PHE E 161 -15.90 40.90 7.40
C PHE E 161 -15.26 41.26 8.74
N GLU E 162 -15.22 42.54 9.06
CA GLU E 162 -14.82 42.97 10.40
C GLU E 162 -15.73 42.33 11.44
N ALA E 163 -17.04 42.36 11.19
CA ALA E 163 -17.99 41.80 12.13
C ALA E 163 -17.92 40.27 12.19
N ILE E 164 -17.75 39.62 11.03
CA ILE E 164 -17.65 38.18 11.01
C ILE E 164 -16.41 37.74 11.78
N GLU E 165 -15.28 38.39 11.49
CA GLU E 165 -14.04 38.00 12.18
C GLU E 165 -14.15 38.14 13.70
N ALA E 166 -14.76 39.24 14.15
CA ALA E 166 -14.91 39.48 15.58
C ALA E 166 -15.89 38.52 16.23
N SER E 167 -16.86 38.06 15.46
CA SER E 167 -17.90 37.17 15.99
C SER E 167 -17.35 35.77 16.25
N GLY E 168 -16.34 35.39 15.49
CA GLY E 168 -15.78 34.04 15.58
C GLY E 168 -16.60 32.98 14.84
N LEU E 169 -17.67 33.39 14.19
CA LEU E 169 -18.47 32.47 13.40
C LEU E 169 -17.84 32.23 12.04
N ALA E 170 -17.84 30.97 11.61
CA ALA E 170 -17.39 30.65 10.27
C ALA E 170 -18.45 31.06 9.27
N LEU E 171 -18.02 31.52 8.10
CA LEU E 171 -18.94 31.91 7.06
C LEU E 171 -18.91 30.91 5.92
N TYR E 172 -20.04 30.25 5.68
CA TYR E 172 -20.19 29.37 4.52
C TYR E 172 -20.52 30.25 3.32
N ILE E 173 -19.65 30.30 2.32
CA ILE E 173 -19.95 31.00 1.09
C ILE E 173 -20.51 30.01 0.07
N HIS E 174 -21.83 29.96 0.02
CA HIS E 174 -22.58 29.06 -0.83
C HIS E 174 -22.66 29.70 -2.21
N PRO E 175 -22.89 28.90 -3.26
CA PRO E 175 -23.04 29.52 -4.58
C PRO E 175 -24.37 30.25 -4.80
N ARG E 176 -24.39 31.07 -5.84
CA ARG E 176 -25.61 31.52 -6.50
C ARG E 176 -25.19 31.59 -7.97
N ALA E 177 -26.11 31.95 -8.85
CA ALA E 177 -25.77 32.02 -10.27
C ALA E 177 -24.70 33.08 -10.52
N PRO E 178 -23.87 32.84 -11.55
CA PRO E 178 -22.88 33.82 -12.00
C PRO E 178 -23.42 35.25 -12.01
N SER E 179 -22.65 36.17 -11.46
CA SER E 179 -22.99 37.59 -11.43
C SER E 179 -23.05 38.21 -12.84
N LYS E 180 -23.50 39.45 -12.91
CA LYS E 180 -23.56 40.15 -14.20
C LYS E 180 -22.18 40.34 -14.82
N GLN E 181 -21.13 40.23 -14.01
CA GLN E 181 -19.78 40.34 -14.55
C GLN E 181 -19.46 39.20 -15.51
N ILE E 182 -20.07 38.04 -15.26
CA ILE E 182 -19.71 36.85 -16.04
C ILE E 182 -20.91 36.10 -16.62
N ASP E 183 -22.14 36.53 -16.33
CA ASP E 183 -23.29 35.68 -16.68
C ASP E 183 -23.55 35.40 -18.17
N ARG E 184 -23.01 36.24 -19.07
CA ARG E 184 -23.27 36.06 -20.51
C ARG E 184 -22.89 34.66 -21.01
N ALA E 185 -21.85 34.08 -20.41
CA ALA E 185 -21.36 32.76 -20.83
C ALA E 185 -22.12 31.59 -20.22
N PHE E 186 -23.12 31.89 -19.40
CA PHE E 186 -23.79 30.83 -18.64
C PHE E 186 -25.29 30.79 -18.91
N ARG E 187 -25.71 31.31 -20.05
CA ARG E 187 -27.13 31.35 -20.41
C ARG E 187 -27.61 30.11 -21.13
N ASP E 188 -26.69 29.20 -21.43
CA ASP E 188 -27.02 28.05 -22.26
C ASP E 188 -26.80 26.72 -21.54
N TYR E 189 -27.53 25.70 -21.97
CA TYR E 189 -27.34 24.31 -21.50
C TYR E 189 -27.47 24.12 -19.99
N GLY E 190 -28.27 24.98 -19.35
CA GLY E 190 -28.46 24.90 -17.91
C GLY E 190 -27.25 25.29 -17.08
N MET E 191 -26.30 25.97 -17.72
CA MET E 191 -25.02 26.28 -17.07
C MET E 191 -25.12 27.40 -16.03
N ASN E 192 -26.29 28.01 -15.90
CA ASN E 192 -26.50 28.97 -14.81
C ASN E 192 -26.38 28.30 -13.45
N SER E 193 -26.60 27.01 -13.43
CA SER E 193 -26.82 26.30 -12.17
C SER E 193 -25.61 25.47 -11.71
N ALA E 194 -25.92 24.48 -10.89
CA ALA E 194 -24.91 23.65 -10.22
C ALA E 194 -23.96 22.94 -11.19
N ILE E 195 -24.41 22.71 -12.41
CA ILE E 195 -23.61 21.96 -13.38
C ILE E 195 -22.32 22.69 -13.74
N TRP E 196 -22.31 24.02 -13.70
CA TRP E 196 -21.07 24.73 -14.03
C TRP E 196 -20.98 26.12 -13.41
N GLY E 197 -21.99 26.95 -13.68
CA GLY E 197 -21.95 28.33 -13.23
C GLY E 197 -21.76 28.53 -11.73
N TYR E 198 -22.42 27.70 -10.92
CA TYR E 198 -22.30 27.83 -9.47
C TYR E 198 -20.82 27.77 -9.02
N GLY E 199 -20.09 26.80 -9.57
CA GLY E 199 -18.70 26.60 -9.19
C GLY E 199 -17.79 27.73 -9.64
N ILE E 200 -18.00 28.21 -10.87
CA ILE E 200 -17.16 29.26 -11.43
C ILE E 200 -17.38 30.58 -10.68
N GLU E 201 -18.64 30.89 -10.42
CA GLU E 201 -19.00 32.10 -9.68
C GLU E 201 -18.38 32.11 -8.28
N THR E 202 -18.53 31.01 -7.58
CA THR E 202 -18.14 30.95 -6.18
C THR E 202 -16.61 30.87 -6.02
N SER E 203 -15.98 30.04 -6.85
CA SER E 203 -14.53 29.92 -6.80
C SER E 203 -13.86 31.23 -7.18
N THR E 204 -14.43 31.96 -8.13
CA THR E 204 -13.83 33.22 -8.56
C THR E 204 -13.95 34.28 -7.46
N ASN E 205 -15.09 34.28 -6.78
CA ASN E 205 -15.26 35.11 -5.58
C ASN E 205 -14.13 34.82 -4.58
N ALA E 206 -13.97 33.55 -4.20
CA ALA E 206 -12.96 33.18 -3.23
C ALA E 206 -11.52 33.49 -3.64
N VAL E 207 -11.20 33.32 -4.93
CA VAL E 207 -9.87 33.65 -5.42
C VAL E 207 -9.61 35.14 -5.35
N ARG E 208 -10.59 35.95 -5.74
CA ARG E 208 -10.48 37.39 -5.54
C ARG E 208 -10.23 37.76 -4.08
N MET E 209 -10.95 37.11 -3.15
CA MET E 209 -10.78 37.41 -1.74
C MET E 209 -9.35 37.14 -1.30
N ILE E 210 -8.83 35.99 -1.71
CA ILE E 210 -7.46 35.63 -1.37
C ILE E 210 -6.44 36.61 -1.98
N LEU E 211 -6.51 36.81 -3.29
CA LEU E 211 -5.50 37.61 -3.98
C LEU E 211 -5.52 39.09 -3.59
N SER E 212 -6.70 39.56 -3.19
CA SER E 212 -6.85 40.96 -2.78
C SER E 212 -6.22 41.23 -1.42
N GLY E 213 -5.89 40.18 -0.67
CA GLY E 213 -5.29 40.34 0.64
C GLY E 213 -6.31 40.46 1.76
N LEU E 214 -7.56 40.08 1.49
CA LEU E 214 -8.59 40.14 2.52
C LEU E 214 -8.17 39.40 3.79
N PHE E 215 -7.42 38.30 3.64
CA PHE E 215 -7.04 37.50 4.81
C PHE E 215 -5.76 37.95 5.49
N ASP E 216 -5.13 39.01 4.99
CA ASP E 216 -4.14 39.71 5.80
C ASP E 216 -4.86 40.76 6.66
N ARG E 217 -5.93 41.33 6.11
CA ARG E 217 -6.70 42.33 6.85
C ARG E 217 -7.50 41.67 7.98
N PHE E 218 -8.08 40.52 7.67
CA PHE E 218 -8.91 39.78 8.62
C PHE E 218 -8.39 38.35 8.74
N PRO E 219 -7.26 38.16 9.42
CA PRO E 219 -6.61 36.84 9.39
C PRO E 219 -7.31 35.74 10.17
N ARG E 220 -8.28 36.08 11.02
CA ARG E 220 -9.01 35.08 11.79
C ARG E 220 -10.32 34.64 11.15
N LEU E 221 -10.61 35.10 9.94
CA LEU E 221 -11.81 34.66 9.25
C LEU E 221 -11.73 33.17 8.98
N LYS E 222 -12.87 32.48 9.09
CA LYS E 222 -12.96 31.11 8.62
C LYS E 222 -14.04 31.04 7.55
N ILE E 223 -13.63 30.66 6.34
CA ILE E 223 -14.56 30.53 5.24
C ILE E 223 -14.77 29.05 4.96
N VAL E 224 -16.01 28.69 4.60
CA VAL E 224 -16.31 27.33 4.19
C VAL E 224 -16.85 27.36 2.76
N LEU E 225 -16.32 26.48 1.91
CA LEU E 225 -16.84 26.30 0.55
C LEU E 225 -17.33 24.87 0.34
N GLY E 226 -18.52 24.74 -0.25
CA GLY E 226 -19.04 23.43 -0.60
C GLY E 226 -18.45 22.89 -1.89
N HIS E 227 -19.00 21.79 -2.39
CA HIS E 227 -18.68 21.27 -3.72
C HIS E 227 -17.19 21.00 -3.87
N MET E 228 -16.66 20.33 -2.84
CA MET E 228 -15.24 20.02 -2.72
C MET E 228 -14.35 21.24 -2.92
N GLY E 229 -14.72 22.33 -2.27
CA GLY E 229 -13.97 23.57 -2.37
C GLY E 229 -14.09 24.32 -3.68
N GLU E 230 -15.17 24.08 -4.43
CA GLU E 230 -15.36 24.71 -5.75
C GLU E 230 -14.10 24.56 -6.61
N ALA E 231 -13.46 23.40 -6.46
CA ALA E 231 -12.26 22.97 -7.20
C ALA E 231 -10.99 23.75 -6.90
N ILE E 232 -11.06 24.72 -6.00
CA ILE E 232 -9.84 25.43 -5.63
C ILE E 232 -8.72 24.51 -5.08
N PRO E 233 -9.07 23.46 -4.31
CA PRO E 233 -8.02 22.52 -3.92
C PRO E 233 -7.22 21.95 -5.10
N PHE E 234 -7.84 21.84 -6.26
CA PHE E 234 -7.15 21.26 -7.43
C PHE E 234 -6.15 22.25 -8.03
N TRP E 235 -6.43 23.53 -7.86
CA TRP E 235 -5.65 24.60 -8.50
C TRP E 235 -4.54 25.16 -7.62
N LEU E 236 -4.35 24.60 -6.43
CA LEU E 236 -3.42 25.20 -5.46
C LEU E 236 -2.01 25.43 -6.00
N TRP E 237 -1.43 24.45 -6.70
CA TRP E 237 -0.05 24.60 -7.14
C TRP E 237 0.07 25.76 -8.14
N ARG E 238 -0.89 25.86 -9.06
CA ARG E 238 -0.84 26.89 -10.11
C ARG E 238 -1.13 28.28 -9.54
N LEU E 239 -2.04 28.36 -8.58
CA LEU E 239 -2.29 29.62 -7.86
C LEU E 239 -1.01 30.12 -7.21
N ASP E 240 -0.28 29.21 -6.57
CA ASP E 240 0.98 29.57 -5.94
C ASP E 240 2.04 29.95 -6.97
N TYR E 241 2.17 29.14 -8.02
CA TYR E 241 3.28 29.36 -8.96
C TYR E 241 3.14 30.72 -9.64
N MET E 242 1.95 31.01 -10.11
CA MET E 242 1.71 32.20 -10.91
C MET E 242 1.54 33.48 -10.08
N HIS E 243 1.56 33.35 -8.76
CA HIS E 243 1.40 34.54 -7.93
C HIS E 243 2.51 35.58 -8.11
N GLY E 244 3.73 35.12 -8.38
CA GLY E 244 4.85 36.01 -8.62
C GLY E 244 4.59 36.91 -9.81
N ASN E 245 4.13 36.30 -10.91
CA ASN E 245 3.73 37.09 -12.07
C ASN E 245 2.62 38.09 -11.72
N ALA E 246 1.66 37.67 -10.92
CA ALA E 246 0.53 38.52 -10.55
C ALA E 246 1.00 39.77 -9.79
N THR E 247 1.94 39.58 -8.85
CA THR E 247 2.42 40.71 -8.06
C THR E 247 3.49 41.52 -8.79
N THR E 248 4.21 40.89 -9.72
CA THR E 248 5.27 41.58 -10.45
C THR E 248 4.74 42.38 -11.64
N PHE E 249 3.83 41.80 -12.42
CA PHE E 249 3.33 42.46 -13.63
C PHE E 249 1.85 42.83 -13.54
N GLY E 250 1.10 42.14 -12.69
CA GLY E 250 -0.34 42.24 -12.71
C GLY E 250 -0.96 43.17 -11.69
N GLY E 251 -0.13 43.89 -10.94
CA GLY E 251 -0.63 44.82 -9.95
C GLY E 251 -1.31 44.18 -8.75
N ALA E 252 -1.09 42.89 -8.55
CA ALA E 252 -1.66 42.23 -7.39
C ALA E 252 -0.87 42.68 -6.16
N PRO E 253 -1.56 42.83 -5.00
CA PRO E 253 -0.83 43.30 -3.80
C PRO E 253 0.10 42.23 -3.23
N LYS E 254 1.21 42.64 -2.64
CA LYS E 254 2.07 41.68 -1.95
C LYS E 254 1.32 41.10 -0.74
N LEU E 255 1.42 39.78 -0.57
CA LEU E 255 0.74 39.11 0.53
C LEU E 255 1.73 38.54 1.53
N LYS E 256 1.31 38.35 2.78
CA LYS E 256 2.20 37.75 3.77
C LYS E 256 2.42 36.26 3.52
N LEU E 257 1.40 35.59 3.00
CA LEU E 257 1.48 34.14 2.76
C LEU E 257 1.29 33.82 1.28
N LYS E 258 1.52 32.57 0.89
CA LYS E 258 1.17 32.11 -0.45
C LYS E 258 -0.33 31.91 -0.54
N PRO E 259 -0.91 32.01 -1.74
CA PRO E 259 -2.35 31.75 -1.90
C PRO E 259 -2.81 30.41 -1.30
N SER E 260 -2.06 29.32 -1.51
CA SER E 260 -2.48 28.03 -0.97
C SER E 260 -2.44 28.00 0.56
N GLU E 261 -1.58 28.83 1.15
CA GLU E 261 -1.48 28.91 2.59
C GLU E 261 -2.66 29.62 3.18
N TYR E 262 -3.20 30.61 2.45
CA TYR E 262 -4.47 31.19 2.87
C TYR E 262 -5.57 30.17 2.77
N PHE E 263 -5.53 29.33 1.73
CA PHE E 263 -6.64 28.42 1.57
C PHE E 263 -6.66 27.41 2.70
N ARG E 264 -5.48 26.91 3.07
CA ARG E 264 -5.41 25.97 4.17
C ARG E 264 -5.66 26.62 5.53
N ARG E 265 -5.17 27.84 5.72
CA ARG E 265 -5.31 28.52 7.02
C ARG E 265 -6.72 29.03 7.28
N ASN E 266 -7.34 29.62 6.28
CA ASN E 266 -8.59 30.35 6.46
C ASN E 266 -9.83 29.67 5.89
N PHE E 267 -9.63 28.60 5.12
CA PHE E 267 -10.76 27.92 4.49
C PHE E 267 -10.90 26.47 4.95
N ALA E 268 -12.11 25.94 4.84
CA ALA E 268 -12.36 24.52 4.99
C ALA E 268 -13.40 24.21 3.93
N ILE E 269 -13.55 22.94 3.58
CA ILE E 269 -14.44 22.59 2.46
C ILE E 269 -15.44 21.53 2.87
N THR E 270 -16.51 21.42 2.10
CA THR E 270 -17.45 20.32 2.31
C THR E 270 -17.58 19.53 1.00
N THR E 271 -18.13 18.33 1.11
CA THR E 271 -18.22 17.42 -0.02
C THR E 271 -19.56 17.50 -0.75
N SER E 272 -20.34 18.55 -0.49
CA SER E 272 -21.68 18.66 -1.10
C SER E 272 -21.64 18.49 -2.60
N GLY E 273 -22.43 17.54 -3.12
CA GLY E 273 -22.52 17.35 -4.57
C GLY E 273 -21.29 16.82 -5.28
N VAL E 274 -20.31 16.35 -4.52
CA VAL E 274 -19.10 15.76 -5.10
C VAL E 274 -18.86 14.44 -4.37
N GLU E 275 -19.67 13.45 -4.70
CA GLU E 275 -19.59 12.14 -4.06
C GLU E 275 -18.59 11.24 -4.77
N SER E 276 -17.34 11.70 -4.79
CA SER E 276 -16.23 11.02 -5.46
C SER E 276 -15.14 10.70 -4.45
N HIS E 277 -14.91 9.42 -4.22
CA HIS E 277 -13.84 8.99 -3.33
C HIS E 277 -12.48 9.51 -3.77
N ALA E 278 -12.25 9.58 -5.08
CA ALA E 278 -10.98 10.06 -5.61
C ALA E 278 -10.78 11.54 -5.27
N ALA E 279 -11.82 12.34 -5.46
CA ALA E 279 -11.72 13.76 -5.15
C ALA E 279 -11.63 13.99 -3.65
N LEU E 280 -12.29 13.14 -2.87
CA LEU E 280 -12.21 13.24 -1.42
C LEU E 280 -10.78 12.93 -0.95
N ARG E 281 -10.22 11.85 -1.47
CA ARG E 281 -8.86 11.48 -1.12
C ARG E 281 -7.86 12.59 -1.51
N TYR E 282 -7.99 13.13 -2.72
CA TYR E 282 -7.15 14.23 -3.15
C TYR E 282 -7.23 15.41 -2.17
N SER E 283 -8.45 15.81 -1.84
CA SER E 283 -8.65 16.96 -0.95
C SER E 283 -8.07 16.75 0.45
N ILE E 284 -8.27 15.56 1.00
CA ILE E 284 -7.67 15.22 2.28
C ILE E 284 -6.14 15.29 2.21
N GLU E 285 -5.57 14.80 1.11
CA GLU E 285 -4.12 14.85 0.93
C GLU E 285 -3.55 16.28 0.88
N VAL E 286 -4.22 17.18 0.15
CA VAL E 286 -3.66 18.52 -0.06
C VAL E 286 -4.09 19.55 0.98
N LEU E 287 -5.23 19.31 1.65
CA LEU E 287 -5.70 20.28 2.66
C LEU E 287 -5.50 19.78 4.10
N GLY E 288 -5.33 18.48 4.27
CA GLY E 288 -5.33 17.88 5.59
C GLY E 288 -6.74 17.48 5.99
N PRO E 289 -6.87 16.40 6.78
CA PRO E 289 -8.18 15.82 7.12
C PRO E 289 -9.03 16.70 8.03
N GLU E 290 -8.40 17.64 8.73
CA GLU E 290 -9.19 18.58 9.53
C GLU E 290 -9.96 19.61 8.71
N ASN E 291 -9.67 19.71 7.41
CA ASN E 291 -10.25 20.76 6.60
C ASN E 291 -11.37 20.31 5.67
N VAL E 292 -11.80 19.06 5.79
CA VAL E 292 -12.83 18.52 4.91
C VAL E 292 -14.05 18.04 5.72
N MET E 293 -15.24 18.49 5.33
CA MET E 293 -16.48 18.15 6.04
C MET E 293 -17.45 17.48 5.08
N TRP E 294 -18.24 16.54 5.59
CA TRP E 294 -19.25 15.89 4.76
C TRP E 294 -20.51 16.76 4.70
N ALA E 295 -21.22 16.67 3.59
CA ALA E 295 -22.49 17.35 3.44
C ALA E 295 -23.37 16.58 2.48
N ILE E 296 -24.66 16.91 2.47
CA ILE E 296 -25.60 16.25 1.56
C ILE E 296 -26.03 17.17 0.41
N ASP E 297 -26.31 18.44 0.73
CA ASP E 297 -26.95 19.38 -0.19
C ASP E 297 -28.43 19.04 -0.41
N TYR E 298 -29.06 18.52 0.65
CA TYR E 298 -30.50 18.30 0.66
C TYR E 298 -31.20 19.66 0.66
N PRO E 299 -32.34 19.78 -0.06
CA PRO E 299 -33.04 18.77 -0.86
C PRO E 299 -32.66 18.74 -2.33
N TYR E 300 -31.58 19.41 -2.70
CA TYR E 300 -31.13 19.42 -4.10
C TYR E 300 -30.44 18.12 -4.49
N GLN E 301 -29.99 17.36 -3.50
CA GLN E 301 -29.40 16.03 -3.67
C GLN E 301 -30.10 15.12 -2.68
N PRO E 302 -30.23 13.83 -3.01
CA PRO E 302 -30.85 12.85 -2.10
C PRO E 302 -29.89 12.42 -0.99
N MET E 303 -30.46 12.00 0.13
N MET E 303 -30.46 12.03 0.15
CA MET E 303 -29.66 11.72 1.32
CA MET E 303 -29.63 11.71 1.30
C MET E 303 -28.94 10.37 1.28
C MET E 303 -28.89 10.38 1.19
N ALA E 304 -29.59 9.34 0.75
CA ALA E 304 -28.99 7.99 0.76
C ALA E 304 -27.65 7.88 0.02
N PRO E 305 -27.57 8.41 -1.21
CA PRO E 305 -26.27 8.30 -1.89
C PRO E 305 -25.16 9.05 -1.16
N ALA E 306 -25.45 10.24 -0.61
CA ALA E 306 -24.43 11.03 0.07
C ALA E 306 -23.93 10.32 1.33
N VAL E 307 -24.89 9.74 2.07
CA VAL E 307 -24.56 8.97 3.26
C VAL E 307 -23.67 7.76 2.92
N GLN E 308 -24.06 7.02 1.88
CA GLN E 308 -23.33 5.81 1.52
C GLN E 308 -21.95 6.16 0.96
N PHE E 309 -21.86 7.30 0.28
CA PHE E 309 -20.57 7.85 -0.14
C PHE E 309 -19.57 7.94 1.03
N ILE E 310 -19.98 8.54 2.14
CA ILE E 310 -19.04 8.72 3.25
C ILE E 310 -18.83 7.42 4.06
N ARG E 311 -19.89 6.64 4.26
CA ARG E 311 -19.78 5.38 5.00
C ARG E 311 -18.86 4.38 4.32
N THR E 312 -18.71 4.49 3.01
CA THR E 312 -17.90 3.54 2.24
C THR E 312 -16.56 4.13 1.80
N ALA E 313 -16.23 5.32 2.28
CA ALA E 313 -15.02 5.99 1.85
C ALA E 313 -13.78 5.20 2.27
N PRO E 314 -12.85 4.96 1.32
CA PRO E 314 -11.62 4.22 1.56
C PRO E 314 -10.60 5.05 2.34
N ILE E 315 -10.98 5.42 3.57
CA ILE E 315 -10.11 6.17 4.47
C ILE E 315 -10.20 5.55 5.85
N PRO E 316 -9.18 5.78 6.70
CA PRO E 316 -9.23 5.14 8.03
C PRO E 316 -10.43 5.62 8.83
N GLU E 317 -10.82 4.84 9.84
CA GLU E 317 -12.03 5.16 10.60
C GLU E 317 -11.92 6.50 11.33
N ASP E 318 -10.75 6.83 11.85
CA ASP E 318 -10.62 8.09 12.59
C ASP E 318 -10.75 9.30 11.67
N VAL E 319 -10.14 9.24 10.49
CA VAL E 319 -10.32 10.30 9.50
C VAL E 319 -11.77 10.37 9.00
N LYS E 320 -12.39 9.22 8.81
CA LYS E 320 -13.80 9.20 8.41
C LYS E 320 -14.68 9.91 9.43
N ALA E 321 -14.43 9.67 10.71
CA ALA E 321 -15.22 10.31 11.75
C ALA E 321 -15.05 11.83 11.74
N MET E 322 -13.83 12.30 11.50
CA MET E 322 -13.57 13.73 11.37
C MET E 322 -14.37 14.32 10.22
N VAL E 323 -14.28 13.69 9.06
CA VAL E 323 -14.98 14.18 7.87
C VAL E 323 -16.50 14.09 8.04
N ALA E 324 -16.96 13.00 8.64
CA ALA E 324 -18.42 12.76 8.75
C ALA E 324 -19.11 13.73 9.69
N GLY E 325 -18.40 14.18 10.72
CA GLY E 325 -19.03 15.03 11.72
C GLY E 325 -18.13 15.78 12.69
N GLY E 326 -16.95 15.21 12.96
CA GLY E 326 -16.04 15.80 13.94
C GLY E 326 -15.58 17.21 13.60
N ASN E 327 -15.22 17.43 12.34
CA ASN E 327 -14.77 18.75 11.88
C ASN E 327 -15.90 19.77 11.96
N ALA E 328 -17.09 19.36 11.51
CA ALA E 328 -18.26 20.23 11.55
C ALA E 328 -18.57 20.63 12.98
N ALA E 329 -18.47 19.67 13.90
CA ALA E 329 -18.77 19.95 15.31
C ALA E 329 -17.83 21.03 15.84
N ARG E 330 -16.57 20.96 15.43
CA ARG E 330 -15.58 21.96 15.84
C ARG E 330 -15.83 23.32 15.17
N ILE E 331 -15.92 23.32 13.84
CA ILE E 331 -16.02 24.56 13.07
C ILE E 331 -17.33 25.30 13.32
N PHE E 332 -18.40 24.54 13.51
CA PHE E 332 -19.72 25.15 13.72
C PHE E 332 -20.24 25.06 15.16
N ARG E 333 -19.33 24.81 16.10
CA ARG E 333 -19.64 24.85 17.54
C ARG E 333 -20.86 23.98 17.86
N ILE E 334 -20.84 22.74 17.43
CA ILE E 334 -21.96 21.85 17.73
C ILE E 334 -21.55 20.90 18.85
N THR E 335 -22.35 20.83 19.90
CA THR E 335 -22.06 19.87 20.97
C THR E 335 -22.43 18.44 20.53
N SER F 1 -8.60 -9.85 23.78
CA SER F 1 -9.56 -8.82 24.17
C SER F 1 -10.40 -8.31 23.01
N LEU F 2 -10.31 -8.97 21.86
CA LEU F 2 -11.24 -8.68 20.79
C LEU F 2 -12.59 -9.24 21.23
N ARG F 3 -13.63 -8.40 21.27
CA ARG F 3 -14.95 -8.89 21.65
C ARG F 3 -15.63 -9.58 20.48
N LEU F 4 -15.87 -10.88 20.62
CA LEU F 4 -16.45 -11.69 19.55
C LEU F 4 -17.90 -12.05 19.86
N ILE F 5 -18.80 -11.53 19.03
CA ILE F 5 -20.21 -11.87 19.07
C ILE F 5 -20.62 -12.59 17.78
N ALA F 6 -20.82 -13.90 17.87
CA ALA F 6 -21.18 -14.69 16.71
C ALA F 6 -22.68 -14.54 16.45
N THR F 7 -23.05 -14.22 15.21
CA THR F 7 -24.44 -13.80 14.92
C THR F 7 -25.37 -14.83 14.24
N GLU F 8 -24.89 -16.02 13.88
CA GLU F 8 -25.78 -17.00 13.24
C GLU F 8 -25.66 -18.37 13.89
N GLU F 9 -25.94 -18.42 15.18
CA GLU F 9 -25.66 -19.60 15.98
C GLU F 9 -26.94 -20.34 16.29
N ALA F 10 -27.07 -21.51 15.67
CA ALA F 10 -28.32 -22.27 15.68
C ALA F 10 -28.57 -22.98 16.99
N VAL F 11 -29.84 -23.07 17.35
CA VAL F 11 -30.22 -23.78 18.58
C VAL F 11 -31.55 -24.46 18.32
N THR F 12 -31.90 -25.43 19.16
CA THR F 12 -33.26 -25.93 19.09
C THR F 12 -33.78 -26.25 20.49
N PHE F 13 -35.07 -26.55 20.57
CA PHE F 13 -35.71 -26.85 21.84
C PHE F 13 -36.57 -28.10 21.66
N GLN F 14 -36.73 -28.86 22.74
CA GLN F 14 -37.42 -30.14 22.67
C GLN F 14 -38.82 -30.12 22.03
N PRO F 15 -39.66 -29.10 22.33
CA PRO F 15 -40.97 -29.09 21.66
C PRO F 15 -40.86 -29.01 20.13
N VAL F 16 -39.88 -28.27 19.63
CA VAL F 16 -39.70 -28.15 18.20
C VAL F 16 -39.12 -29.45 17.61
N VAL F 17 -38.13 -30.01 18.29
CA VAL F 17 -37.55 -31.29 17.89
C VAL F 17 -38.63 -32.36 17.75
N ASP F 18 -39.47 -32.49 18.77
CA ASP F 18 -40.55 -33.47 18.76
C ASP F 18 -41.49 -33.29 17.56
N ALA F 19 -41.81 -32.05 17.25
CA ALA F 19 -42.70 -31.74 16.14
C ALA F 19 -42.04 -32.05 14.81
N LEU F 20 -40.74 -31.82 14.71
CA LEU F 20 -40.03 -32.11 13.47
C LEU F 20 -39.84 -33.62 13.27
N ARG F 21 -39.70 -34.35 14.37
CA ARG F 21 -39.61 -35.80 14.30
C ARG F 21 -40.88 -36.36 13.69
N ALA F 22 -42.02 -35.86 14.16
CA ALA F 22 -43.30 -36.29 13.63
C ALA F 22 -43.43 -35.88 12.17
N HIS F 23 -43.03 -34.64 11.86
CA HIS F 23 -43.14 -34.15 10.49
C HIS F 23 -42.33 -35.00 9.52
N SER F 24 -41.17 -35.49 9.97
CA SER F 24 -40.27 -36.28 9.13
C SER F 24 -40.94 -37.54 8.59
N ARG F 25 -42.03 -37.96 9.21
CA ARG F 25 -42.71 -39.18 8.79
C ARG F 25 -43.82 -38.91 7.79
N THR F 26 -44.11 -37.63 7.55
CA THR F 26 -45.17 -37.25 6.62
C THR F 26 -44.70 -37.27 5.16
N ASP F 27 -45.63 -37.03 4.24
CA ASP F 27 -45.33 -37.04 2.81
C ASP F 27 -45.13 -35.64 2.24
N ASP F 28 -44.80 -34.69 3.12
CA ASP F 28 -44.44 -33.33 2.74
C ASP F 28 -43.43 -33.38 1.60
N ALA F 29 -43.69 -32.65 0.52
CA ALA F 29 -42.79 -32.66 -0.64
C ALA F 29 -41.75 -31.55 -0.62
N SER F 30 -41.77 -30.71 0.41
CA SER F 30 -40.81 -29.63 0.54
C SER F 30 -39.37 -30.16 0.49
N LEU F 31 -38.50 -29.46 -0.22
CA LEU F 31 -37.10 -29.84 -0.31
C LEU F 31 -36.42 -29.85 1.07
N ASP F 32 -37.00 -29.14 2.04
CA ASP F 32 -36.44 -29.17 3.40
C ASP F 32 -36.58 -30.53 4.07
N MET F 33 -37.37 -31.43 3.48
CA MET F 33 -37.52 -32.75 4.06
C MET F 33 -36.20 -33.53 4.04
N ILE F 34 -35.28 -33.15 3.15
CA ILE F 34 -33.99 -33.81 3.11
C ILE F 34 -33.26 -33.58 4.44
N LEU F 35 -33.09 -32.31 4.80
CA LEU F 35 -32.54 -31.95 6.10
C LEU F 35 -33.37 -32.55 7.25
N VAL F 36 -34.69 -32.45 7.15
CA VAL F 36 -35.53 -32.90 8.25
C VAL F 36 -35.39 -34.40 8.49
N ARG F 37 -35.32 -35.21 7.42
CA ARG F 37 -35.09 -36.64 7.62
C ARG F 37 -33.66 -36.94 8.11
N ASP F 38 -32.67 -36.22 7.61
CA ASP F 38 -31.28 -36.44 7.98
C ASP F 38 -31.00 -36.11 9.45
N VAL F 39 -31.67 -35.09 9.97
CA VAL F 39 -31.46 -34.64 11.35
C VAL F 39 -32.54 -35.11 12.33
N TYR F 40 -33.81 -35.05 11.92
CA TYR F 40 -34.91 -35.33 12.85
C TYR F 40 -35.63 -36.65 12.59
N GLY F 41 -35.19 -37.38 11.57
CA GLY F 41 -35.85 -38.60 11.17
C GLY F 41 -35.56 -39.78 12.08
N ASP F 42 -36.33 -40.85 11.90
CA ASP F 42 -36.19 -42.05 12.73
C ASP F 42 -34.87 -42.78 12.51
N GLU F 43 -34.33 -42.69 11.30
CA GLU F 43 -33.03 -43.27 10.99
C GLU F 43 -32.10 -42.23 10.37
N PRO F 44 -31.61 -41.28 11.19
CA PRO F 44 -30.95 -40.05 10.71
C PRO F 44 -29.51 -40.22 10.24
N ALA F 45 -29.21 -39.71 9.07
CA ALA F 45 -27.85 -39.72 8.54
C ALA F 45 -26.92 -38.86 9.38
N ARG F 46 -27.50 -37.91 10.12
CA ARG F 46 -26.74 -36.98 10.94
C ARG F 46 -27.24 -37.05 12.39
N PRO F 47 -26.98 -38.19 13.05
CA PRO F 47 -27.57 -38.51 14.36
C PRO F 47 -27.15 -37.59 15.52
N ALA F 48 -26.00 -36.94 15.42
CA ALA F 48 -25.51 -36.14 16.54
C ALA F 48 -26.02 -34.71 16.52
N MET F 49 -26.64 -34.31 15.41
CA MET F 49 -27.01 -32.90 15.22
C MET F 49 -28.04 -32.36 16.23
N ILE F 50 -29.09 -33.14 16.54
CA ILE F 50 -30.08 -32.69 17.54
C ILE F 50 -29.43 -32.34 18.88
N GLY F 51 -28.52 -33.19 19.34
CA GLY F 51 -27.86 -32.95 20.61
C GLY F 51 -26.99 -31.71 20.58
N ARG F 52 -26.31 -31.49 19.46
CA ARG F 52 -25.43 -30.34 19.37
C ARG F 52 -26.22 -29.03 19.25
N LEU F 53 -27.36 -29.09 18.57
CA LEU F 53 -28.23 -27.93 18.42
C LEU F 53 -28.88 -27.60 19.76
N SER F 54 -29.28 -28.66 20.48
CA SER F 54 -29.98 -28.51 21.75
C SER F 54 -29.09 -27.97 22.84
N ASP F 55 -27.83 -28.36 22.82
CA ASP F 55 -26.90 -27.95 23.86
C ASP F 55 -26.54 -26.47 23.79
N VAL F 56 -26.61 -25.80 24.94
CA VAL F 56 -26.22 -24.40 25.04
C VAL F 56 -25.14 -24.21 26.11
N THR F 57 -25.34 -24.79 27.28
CA THR F 57 -24.47 -24.52 28.42
C THR F 57 -23.37 -25.58 28.66
N GLY F 58 -23.37 -26.64 27.84
CA GLY F 58 -22.34 -27.67 27.94
C GLY F 58 -21.21 -27.46 26.94
N GLU F 59 -21.16 -28.30 25.91
CA GLU F 59 -20.12 -28.24 24.89
C GLU F 59 -20.03 -26.88 24.19
N ARG F 60 -21.17 -26.28 23.89
CA ARG F 60 -21.19 -25.00 23.19
C ARG F 60 -20.43 -23.94 23.98
N LEU F 61 -20.76 -23.83 25.27
CA LEU F 61 -20.12 -22.84 26.12
C LEU F 61 -18.64 -23.18 26.32
N ALA F 62 -18.33 -24.47 26.45
CA ALA F 62 -16.94 -24.90 26.61
C ALA F 62 -16.13 -24.52 25.37
N GLU F 63 -16.75 -24.65 24.20
CA GLU F 63 -16.04 -24.28 22.96
C GLU F 63 -15.91 -22.77 22.86
N MET F 64 -16.93 -22.04 23.30
CA MET F 64 -16.81 -20.59 23.35
C MET F 64 -15.64 -20.17 24.23
N ASP F 65 -15.52 -20.78 25.41
CA ASP F 65 -14.44 -20.45 26.32
C ASP F 65 -13.06 -20.80 25.76
N SER F 66 -12.93 -21.98 25.15
N SER F 66 -12.92 -21.97 25.15
CA SER F 66 -11.64 -22.43 24.63
CA SER F 66 -11.61 -22.39 24.65
C SER F 66 -11.16 -21.54 23.48
C SER F 66 -11.16 -21.57 23.46
N ASN F 67 -12.10 -20.94 22.76
CA ASN F 67 -11.77 -20.11 21.60
C ASN F 67 -11.88 -18.60 21.84
N GLY F 68 -12.27 -18.20 23.05
CA GLY F 68 -12.32 -16.80 23.37
C GLY F 68 -13.47 -16.06 22.72
N VAL F 69 -14.57 -16.79 22.49
CA VAL F 69 -15.79 -16.21 21.97
C VAL F 69 -16.63 -15.64 23.12
N ASP F 70 -16.94 -14.36 23.06
CA ASP F 70 -17.72 -13.72 24.12
C ASP F 70 -19.19 -14.17 24.11
N MET F 71 -19.81 -14.16 22.94
CA MET F 71 -21.25 -14.41 22.85
C MET F 71 -21.70 -15.19 21.61
N HIS F 72 -22.79 -15.94 21.76
CA HIS F 72 -23.55 -16.40 20.61
C HIS F 72 -24.87 -15.67 20.60
N LEU F 73 -25.24 -15.16 19.43
CA LEU F 73 -26.60 -14.71 19.16
C LEU F 73 -27.39 -15.91 18.65
N LEU F 74 -28.23 -16.49 19.51
CA LEU F 74 -28.95 -17.71 19.19
C LEU F 74 -30.18 -17.50 18.31
N SER F 75 -30.44 -18.44 17.41
CA SER F 75 -31.66 -18.44 16.62
C SER F 75 -32.18 -19.86 16.46
N LEU F 76 -33.50 -20.03 16.50
CA LEU F 76 -34.07 -21.35 16.24
C LEU F 76 -33.65 -21.75 14.84
N THR F 77 -33.07 -22.94 14.74
CA THR F 77 -32.48 -23.42 13.51
C THR F 77 -33.50 -23.62 12.41
N ALA F 78 -33.07 -23.42 11.16
CA ALA F 78 -33.89 -23.72 10.01
C ALA F 78 -34.33 -25.17 10.11
N PRO F 79 -35.56 -25.47 9.68
CA PRO F 79 -36.53 -24.56 9.06
C PRO F 79 -37.46 -23.86 10.05
N GLY F 80 -37.02 -23.70 11.29
CA GLY F 80 -37.84 -22.99 12.28
C GLY F 80 -39.19 -23.66 12.47
N VAL F 81 -40.26 -22.88 12.47
CA VAL F 81 -41.61 -23.42 12.62
C VAL F 81 -42.42 -23.28 11.34
N GLN F 82 -41.72 -22.99 10.24
CA GLN F 82 -42.39 -22.68 8.98
C GLN F 82 -42.96 -23.86 8.19
N MET F 83 -42.56 -25.08 8.53
CA MET F 83 -43.09 -26.25 7.81
C MET F 83 -44.44 -26.71 8.34
N PHE F 84 -44.79 -26.29 9.55
CA PHE F 84 -46.01 -26.76 10.19
C PHE F 84 -47.24 -26.02 9.67
N ASP F 85 -48.42 -26.55 9.96
CA ASP F 85 -49.66 -25.85 9.65
C ASP F 85 -49.72 -24.59 10.51
N ALA F 86 -50.59 -23.66 10.16
CA ALA F 86 -50.61 -22.35 10.82
C ALA F 86 -50.79 -22.45 12.34
N GLU F 87 -51.76 -23.24 12.79
CA GLU F 87 -52.02 -23.36 14.23
C GLU F 87 -50.81 -23.90 14.98
N THR F 88 -50.17 -24.90 14.40
CA THR F 88 -49.03 -25.55 15.03
C THR F 88 -47.82 -24.64 15.05
N GLY F 89 -47.54 -23.97 13.94
CA GLY F 89 -46.42 -23.07 13.85
C GLY F 89 -46.57 -21.91 14.83
N THR F 90 -47.79 -21.40 14.93
CA THR F 90 -48.08 -20.28 15.83
C THR F 90 -47.83 -20.69 17.27
N ARG F 91 -48.32 -21.86 17.63
CA ARG F 91 -48.19 -22.39 18.99
C ARG F 91 -46.71 -22.61 19.33
N LEU F 92 -45.99 -23.28 18.45
CA LEU F 92 -44.58 -23.60 18.69
C LEU F 92 -43.67 -22.38 18.68
N ALA F 93 -44.05 -21.35 17.91
CA ALA F 93 -43.27 -20.11 17.89
C ALA F 93 -43.31 -19.45 19.27
N ARG F 94 -44.48 -19.41 19.88
CA ARG F 94 -44.62 -18.87 21.24
C ARG F 94 -43.75 -19.64 22.22
N ILE F 95 -43.82 -20.97 22.16
CA ILE F 95 -43.04 -21.82 23.04
C ILE F 95 -41.54 -21.63 22.82
N ALA F 96 -41.11 -21.68 21.56
CA ALA F 96 -39.70 -21.53 21.23
C ALA F 96 -39.16 -20.18 21.66
N ASN F 97 -39.97 -19.13 21.51
CA ASN F 97 -39.52 -17.80 21.89
C ASN F 97 -39.42 -17.69 23.41
N ASP F 98 -40.38 -18.28 24.11
CA ASP F 98 -40.30 -18.32 25.57
C ASP F 98 -39.03 -19.05 26.05
N LEU F 99 -38.70 -20.17 25.41
CA LEU F 99 -37.51 -20.93 25.78
C LEU F 99 -36.24 -20.17 25.43
N MET F 100 -36.26 -19.47 24.30
CA MET F 100 -35.14 -18.61 23.92
C MET F 100 -34.92 -17.50 24.94
N ALA F 101 -36.00 -16.83 25.34
CA ALA F 101 -35.92 -15.78 26.35
C ALA F 101 -35.31 -16.33 27.65
N GLN F 102 -35.73 -17.52 28.04
CA GLN F 102 -35.19 -18.15 29.23
C GLN F 102 -33.72 -18.52 29.07
N THR F 103 -33.33 -18.96 27.87
CA THR F 103 -31.95 -19.36 27.66
C THR F 103 -31.04 -18.13 27.79
N VAL F 104 -31.48 -17.02 27.22
CA VAL F 104 -30.72 -15.78 27.30
C VAL F 104 -30.62 -15.25 28.73
N ALA F 105 -31.74 -15.27 29.45
CA ALA F 105 -31.76 -14.76 30.83
C ALA F 105 -30.85 -15.57 31.76
N ALA F 106 -30.65 -16.84 31.44
CA ALA F 106 -29.79 -17.71 32.24
C ALA F 106 -28.32 -17.29 32.21
N ASN F 107 -27.87 -16.82 31.05
CA ASN F 107 -26.49 -16.39 30.88
C ASN F 107 -26.42 -15.20 29.93
N PRO F 108 -26.93 -14.03 30.38
CA PRO F 108 -27.11 -12.89 29.47
C PRO F 108 -25.82 -12.22 29.00
N THR F 109 -24.70 -12.49 29.67
CA THR F 109 -23.41 -11.97 29.18
C THR F 109 -22.80 -12.86 28.11
N ARG F 110 -23.33 -14.07 27.92
CA ARG F 110 -22.80 -15.00 26.92
C ARG F 110 -23.76 -15.28 25.77
N PHE F 111 -25.05 -15.09 25.99
CA PHE F 111 -26.03 -15.38 24.93
C PHE F 111 -27.03 -14.25 24.74
N ALA F 112 -27.26 -13.91 23.47
CA ALA F 112 -28.36 -13.05 23.07
C ALA F 112 -29.29 -13.93 22.22
N GLY F 113 -30.45 -13.44 21.84
CA GLY F 113 -31.39 -14.32 21.15
C GLY F 113 -32.30 -13.63 20.16
N LEU F 114 -32.59 -14.32 19.05
CA LEU F 114 -33.56 -13.85 18.06
C LEU F 114 -34.86 -14.64 18.21
N GLY F 115 -35.99 -13.94 18.23
CA GLY F 115 -37.29 -14.58 18.27
C GLY F 115 -37.73 -14.97 16.88
N THR F 116 -38.59 -15.98 16.76
CA THR F 116 -39.08 -16.34 15.44
C THR F 116 -40.60 -16.23 15.40
N PHE F 117 -41.20 -16.60 14.29
CA PHE F 117 -42.65 -16.47 14.14
C PHE F 117 -43.13 -17.36 12.99
N ALA F 118 -44.44 -17.49 12.87
CA ALA F 118 -45.01 -18.36 11.87
C ALA F 118 -45.82 -17.55 10.86
N PRO F 119 -45.16 -17.10 9.77
CA PRO F 119 -45.74 -16.25 8.74
C PRO F 119 -46.89 -16.92 8.01
N GLN F 120 -47.09 -18.22 8.24
CA GLN F 120 -48.26 -18.93 7.72
C GLN F 120 -49.54 -18.16 8.03
N ASP F 121 -49.53 -17.47 9.18
CA ASP F 121 -50.65 -16.65 9.65
C ASP F 121 -50.07 -15.27 9.97
N PRO F 122 -50.08 -14.36 8.99
CA PRO F 122 -49.43 -13.06 9.18
C PRO F 122 -50.00 -12.28 10.37
N ALA F 123 -51.30 -12.37 10.62
CA ALA F 123 -51.90 -11.64 11.74
C ALA F 123 -51.37 -12.09 13.10
N SER F 124 -51.32 -13.41 13.31
CA SER F 124 -50.80 -13.95 14.56
C SER F 124 -49.29 -13.72 14.65
N ALA F 125 -48.62 -13.80 13.50
CA ALA F 125 -47.17 -13.54 13.46
C ALA F 125 -46.90 -12.09 13.87
N ALA F 126 -47.75 -11.16 13.41
CA ALA F 126 -47.57 -9.76 13.78
C ALA F 126 -47.66 -9.61 15.30
N ARG F 127 -48.56 -10.36 15.92
CA ARG F 127 -48.74 -10.27 17.36
C ARG F 127 -47.57 -10.88 18.11
N GLU F 128 -47.00 -11.96 17.57
CA GLU F 128 -45.84 -12.55 18.23
C GLU F 128 -44.62 -11.66 18.12
N ILE F 129 -44.47 -10.99 16.98
CA ILE F 129 -43.35 -10.09 16.78
C ILE F 129 -43.41 -8.96 17.83
N GLU F 130 -44.60 -8.40 18.00
CA GLU F 130 -44.83 -7.38 19.03
C GLU F 130 -44.52 -7.90 20.43
N ARG F 131 -44.86 -9.16 20.71
CA ARG F 131 -44.60 -9.75 22.01
C ARG F 131 -43.10 -9.96 22.21
N VAL F 132 -42.41 -10.40 21.16
CA VAL F 132 -40.98 -10.65 21.22
C VAL F 132 -40.23 -9.35 21.53
N ALA F 133 -40.69 -8.25 20.94
CA ALA F 133 -40.00 -6.97 21.13
C ALA F 133 -40.28 -6.36 22.49
N THR F 134 -41.54 -6.40 22.92
CA THR F 134 -41.94 -5.60 24.09
C THR F 134 -42.03 -6.39 25.40
N GLN F 135 -42.38 -7.67 25.32
CA GLN F 135 -42.50 -8.45 26.55
C GLN F 135 -41.24 -9.27 26.79
N LEU F 136 -40.78 -10.00 25.79
CA LEU F 136 -39.61 -10.84 25.97
C LEU F 136 -38.34 -9.99 25.86
N ARG F 137 -38.45 -8.89 25.12
CA ARG F 137 -37.32 -8.01 24.88
C ARG F 137 -36.12 -8.76 24.32
N LEU F 138 -36.39 -9.63 23.33
CA LEU F 138 -35.30 -10.31 22.63
C LEU F 138 -34.54 -9.34 21.72
N ASN F 139 -33.40 -9.81 21.21
CA ASN F 139 -32.46 -8.94 20.50
C ASN F 139 -32.81 -8.67 19.04
N GLY F 140 -33.70 -9.48 18.48
CA GLY F 140 -34.07 -9.33 17.09
C GLY F 140 -34.94 -10.49 16.65
N LEU F 141 -35.06 -10.67 15.35
CA LEU F 141 -35.95 -11.69 14.79
C LEU F 141 -35.21 -12.54 13.76
N VAL F 142 -35.71 -13.75 13.55
CA VAL F 142 -35.17 -14.65 12.55
C VAL F 142 -36.28 -15.38 11.84
N ILE F 143 -36.13 -15.56 10.54
CA ILE F 143 -37.07 -16.33 9.75
C ILE F 143 -36.26 -16.99 8.63
N ASN F 144 -36.68 -18.16 8.18
CA ASN F 144 -35.90 -18.89 7.21
C ASN F 144 -36.48 -18.86 5.82
N SER F 145 -35.88 -18.02 4.97
CA SER F 145 -36.42 -17.65 3.65
C SER F 145 -37.94 -17.84 3.51
N HIS F 146 -38.38 -18.62 2.51
CA HIS F 146 -39.79 -18.65 2.11
C HIS F 146 -40.71 -19.25 3.18
N THR F 147 -42.00 -18.92 3.09
CA THR F 147 -43.02 -19.62 3.85
C THR F 147 -44.14 -19.94 2.89
N ASN F 148 -44.62 -21.17 2.92
CA ASN F 148 -45.66 -21.66 2.01
C ASN F 148 -45.26 -21.49 0.55
N ASP F 149 -43.96 -21.50 0.29
CA ASP F 149 -43.43 -21.33 -1.06
C ASP F 149 -43.74 -19.98 -1.68
N LEU F 150 -43.90 -18.98 -0.83
CA LEU F 150 -44.04 -17.59 -1.27
C LEU F 150 -42.87 -16.79 -0.73
N TYR F 151 -42.54 -15.71 -1.43
CA TYR F 151 -41.43 -14.85 -1.01
C TYR F 151 -41.96 -13.56 -0.39
N TYR F 152 -41.08 -12.81 0.26
CA TYR F 152 -41.58 -11.72 1.10
C TYR F 152 -41.91 -10.43 0.35
N ASP F 153 -41.90 -10.47 -0.98
CA ASP F 153 -42.52 -9.39 -1.73
C ASP F 153 -44.04 -9.52 -1.73
N ASP F 154 -44.54 -10.71 -1.40
CA ASP F 154 -45.98 -10.96 -1.49
C ASP F 154 -46.71 -10.09 -0.48
N PRO F 155 -47.73 -9.34 -0.94
CA PRO F 155 -48.53 -8.47 -0.05
C PRO F 155 -49.17 -9.23 1.11
N PHE F 156 -49.32 -10.55 0.95
CA PHE F 156 -49.81 -11.42 2.00
C PHE F 156 -49.05 -11.20 3.32
N PHE F 157 -47.75 -10.89 3.23
CA PHE F 157 -46.92 -10.75 4.43
C PHE F 157 -46.79 -9.31 4.93
N HIS F 158 -47.50 -8.36 4.34
CA HIS F 158 -47.42 -6.96 4.81
C HIS F 158 -47.64 -6.76 6.32
N PRO F 159 -48.60 -7.48 6.93
CA PRO F 159 -48.77 -7.30 8.38
C PRO F 159 -47.53 -7.69 9.18
N VAL F 160 -46.78 -8.67 8.67
CA VAL F 160 -45.53 -9.08 9.30
C VAL F 160 -44.50 -7.95 9.24
N PHE F 161 -44.27 -7.40 8.06
CA PHE F 161 -43.24 -6.38 7.92
C PHE F 161 -43.63 -5.04 8.55
N GLU F 162 -44.92 -4.73 8.55
CA GLU F 162 -45.41 -3.59 9.31
C GLU F 162 -45.05 -3.74 10.79
N ALA F 163 -45.23 -4.93 11.33
CA ALA F 163 -44.95 -5.15 12.75
C ALA F 163 -43.44 -5.14 13.03
N ILE F 164 -42.67 -5.74 12.14
CA ILE F 164 -41.23 -5.73 12.31
C ILE F 164 -40.70 -4.30 12.29
N GLU F 165 -41.15 -3.53 11.32
CA GLU F 165 -40.69 -2.16 11.18
C GLU F 165 -41.03 -1.35 12.43
N ALA F 166 -42.25 -1.49 12.93
CA ALA F 166 -42.66 -0.75 14.12
C ALA F 166 -41.87 -1.16 15.37
N SER F 167 -41.46 -2.43 15.42
CA SER F 167 -40.81 -2.96 16.62
C SER F 167 -39.37 -2.47 16.75
N GLY F 168 -38.76 -2.12 15.63
CA GLY F 168 -37.37 -1.70 15.63
C GLY F 168 -36.38 -2.84 15.60
N LEU F 169 -36.87 -4.08 15.64
CA LEU F 169 -36.01 -5.26 15.62
C LEU F 169 -35.52 -5.59 14.22
N ALA F 170 -34.25 -5.94 14.10
CA ALA F 170 -33.67 -6.38 12.83
C ALA F 170 -34.16 -7.79 12.56
N LEU F 171 -34.34 -8.12 11.28
CA LEU F 171 -34.79 -9.45 10.88
C LEU F 171 -33.71 -10.18 10.11
N TYR F 172 -33.22 -11.28 10.69
CA TYR F 172 -32.24 -12.12 10.03
C TYR F 172 -33.03 -13.05 9.13
N ILE F 173 -32.81 -12.96 7.83
CA ILE F 173 -33.45 -13.88 6.92
C ILE F 173 -32.44 -14.97 6.60
N HIS F 174 -32.53 -16.05 7.37
CA HIS F 174 -31.67 -17.22 7.28
C HIS F 174 -32.15 -18.11 6.12
N PRO F 175 -31.25 -18.92 5.53
CA PRO F 175 -31.73 -19.79 4.45
C PRO F 175 -32.69 -20.90 4.89
N ARG F 176 -33.43 -21.43 3.93
CA ARG F 176 -33.91 -22.82 4.00
C ARG F 176 -33.74 -23.39 2.61
N ALA F 177 -34.14 -24.64 2.40
CA ALA F 177 -33.97 -25.23 1.08
C ALA F 177 -34.86 -24.48 0.09
N PRO F 178 -34.43 -24.44 -1.17
CA PRO F 178 -35.20 -23.85 -2.29
C PRO F 178 -36.68 -24.20 -2.23
N SER F 179 -37.53 -23.20 -2.41
CA SER F 179 -38.98 -23.39 -2.42
C SER F 179 -39.44 -24.28 -3.58
N LYS F 180 -40.73 -24.63 -3.59
CA LYS F 180 -41.25 -25.41 -4.69
C LYS F 180 -41.18 -24.67 -6.03
N GLN F 181 -41.02 -23.35 -5.99
CA GLN F 181 -40.92 -22.57 -7.21
C GLN F 181 -39.66 -22.90 -8.00
N ILE F 182 -38.63 -23.33 -7.29
CA ILE F 182 -37.32 -23.52 -7.89
C ILE F 182 -36.66 -24.87 -7.56
N ASP F 183 -37.26 -25.67 -6.67
CA ASP F 183 -36.55 -26.84 -6.15
C ASP F 183 -36.18 -27.97 -7.13
N ARG F 184 -36.84 -28.01 -8.28
CA ARG F 184 -36.52 -29.04 -9.29
C ARG F 184 -35.05 -29.07 -9.72
N ALA F 185 -34.38 -27.93 -9.62
CA ALA F 185 -32.98 -27.84 -10.07
C ALA F 185 -31.99 -28.11 -8.94
N PHE F 186 -32.52 -28.42 -7.76
CA PHE F 186 -31.67 -28.60 -6.58
C PHE F 186 -31.81 -29.98 -5.95
N ARG F 187 -32.21 -30.97 -6.74
CA ARG F 187 -32.44 -32.32 -6.22
C ARG F 187 -31.22 -33.22 -6.34
N ASP F 188 -30.15 -32.72 -6.95
CA ASP F 188 -28.98 -33.55 -7.19
C ASP F 188 -27.72 -32.98 -6.56
N TYR F 189 -26.76 -33.87 -6.30
CA TYR F 189 -25.42 -33.46 -5.86
C TYR F 189 -25.44 -32.70 -4.52
N GLY F 190 -26.47 -32.94 -3.71
CA GLY F 190 -26.57 -32.29 -2.41
C GLY F 190 -26.83 -30.80 -2.48
N MET F 191 -27.26 -30.33 -3.65
CA MET F 191 -27.48 -28.91 -3.88
C MET F 191 -28.72 -28.35 -3.18
N ASN F 192 -29.49 -29.20 -2.50
CA ASN F 192 -30.61 -28.71 -1.70
C ASN F 192 -30.13 -27.80 -0.58
N SER F 193 -28.88 -27.98 -0.18
CA SER F 193 -28.39 -27.46 1.10
C SER F 193 -27.46 -26.26 0.96
N ALA F 194 -26.55 -26.10 1.92
CA ALA F 194 -25.69 -24.92 1.98
C ALA F 194 -24.75 -24.76 0.78
N ILE F 195 -24.36 -25.88 0.16
CA ILE F 195 -23.43 -25.80 -0.94
C ILE F 195 -23.94 -24.96 -2.12
N TRP F 196 -25.25 -24.79 -2.27
CA TRP F 196 -25.75 -23.95 -3.37
C TRP F 196 -27.21 -23.49 -3.20
N GLY F 197 -28.12 -24.40 -2.91
CA GLY F 197 -29.53 -24.08 -2.86
C GLY F 197 -29.88 -23.03 -1.82
N TYR F 198 -29.26 -23.10 -0.65
CA TYR F 198 -29.54 -22.13 0.42
C TYR F 198 -29.30 -20.71 -0.08
N GLY F 199 -28.16 -20.49 -0.71
CA GLY F 199 -27.82 -19.15 -1.21
C GLY F 199 -28.76 -18.65 -2.30
N ILE F 200 -29.10 -19.52 -3.25
CA ILE F 200 -29.98 -19.15 -4.36
C ILE F 200 -31.38 -18.78 -3.88
N GLU F 201 -31.91 -19.63 -2.99
CA GLU F 201 -33.22 -19.43 -2.38
C GLU F 201 -33.32 -18.09 -1.64
N THR F 202 -32.31 -17.79 -0.83
CA THR F 202 -32.34 -16.65 0.10
C THR F 202 -32.06 -15.35 -0.63
N SER F 203 -31.09 -15.37 -1.55
CA SER F 203 -30.80 -14.18 -2.32
C SER F 203 -31.98 -13.81 -3.23
N THR F 204 -32.63 -14.81 -3.79
CA THR F 204 -33.76 -14.54 -4.70
C THR F 204 -34.91 -13.92 -3.92
N ASN F 205 -35.13 -14.43 -2.70
CA ASN F 205 -36.10 -13.82 -1.81
C ASN F 205 -35.79 -12.34 -1.61
N ALA F 206 -34.57 -12.05 -1.17
CA ALA F 206 -34.17 -10.69 -0.88
C ALA F 206 -34.26 -9.78 -2.12
N VAL F 207 -33.85 -10.30 -3.27
CA VAL F 207 -33.90 -9.50 -4.49
C VAL F 207 -35.35 -9.18 -4.85
N ARG F 208 -36.25 -10.15 -4.68
CA ARG F 208 -37.67 -9.87 -4.87
C ARG F 208 -38.16 -8.78 -3.90
N MET F 209 -37.72 -8.83 -2.65
CA MET F 209 -38.10 -7.82 -1.67
C MET F 209 -37.69 -6.41 -2.13
N ILE F 210 -36.44 -6.27 -2.54
CA ILE F 210 -35.95 -4.99 -3.02
C ILE F 210 -36.68 -4.48 -4.27
N LEU F 211 -36.77 -5.32 -5.29
CA LEU F 211 -37.34 -4.90 -6.57
C LEU F 211 -38.86 -4.61 -6.51
N SER F 212 -39.55 -5.26 -5.58
CA SER F 212 -41.00 -5.08 -5.42
C SER F 212 -41.34 -3.74 -4.79
N GLY F 213 -40.35 -3.09 -4.17
CA GLY F 213 -40.57 -1.81 -3.52
C GLY F 213 -40.90 -1.94 -2.04
N LEU F 214 -40.63 -3.11 -1.47
CA LEU F 214 -40.96 -3.36 -0.06
C LEU F 214 -40.31 -2.30 0.84
N PHE F 215 -39.11 -1.84 0.49
CA PHE F 215 -38.40 -0.90 1.34
C PHE F 215 -38.75 0.57 1.10
N ASP F 216 -39.63 0.83 0.13
CA ASP F 216 -40.30 2.12 0.04
C ASP F 216 -41.56 2.11 0.93
N ARG F 217 -42.18 0.94 1.06
CA ARG F 217 -43.35 0.81 1.92
C ARG F 217 -42.94 0.78 3.39
N PHE F 218 -41.79 0.16 3.67
CA PHE F 218 -41.28 0.02 5.03
C PHE F 218 -39.80 0.42 5.09
N PRO F 219 -39.52 1.73 4.99
CA PRO F 219 -38.15 2.22 4.84
C PRO F 219 -37.26 2.04 6.07
N ARG F 220 -37.86 1.73 7.22
CA ARG F 220 -37.07 1.52 8.43
C ARG F 220 -36.78 0.06 8.71
N LEU F 221 -37.11 -0.85 7.79
CA LEU F 221 -36.76 -2.24 8.00
C LEU F 221 -35.25 -2.42 8.06
N LYS F 222 -34.78 -3.28 8.95
CA LYS F 222 -33.40 -3.75 8.90
C LYS F 222 -33.40 -5.26 8.67
N ILE F 223 -32.79 -5.67 7.56
CA ILE F 223 -32.72 -7.08 7.19
C ILE F 223 -31.26 -7.53 7.33
N VAL F 224 -31.05 -8.73 7.86
CA VAL F 224 -29.69 -9.24 7.92
C VAL F 224 -29.60 -10.53 7.10
N LEU F 225 -28.56 -10.64 6.28
CA LEU F 225 -28.33 -11.84 5.48
C LEU F 225 -27.00 -12.49 5.82
N GLY F 226 -27.01 -13.80 6.01
CA GLY F 226 -25.79 -14.53 6.26
C GLY F 226 -25.01 -14.85 4.99
N HIS F 227 -23.93 -15.62 5.13
CA HIS F 227 -23.21 -16.16 3.99
C HIS F 227 -22.72 -15.07 3.05
N MET F 228 -22.11 -14.06 3.68
CA MET F 228 -21.54 -12.89 3.04
C MET F 228 -22.58 -12.20 2.17
N GLY F 229 -23.77 -12.07 2.72
CA GLY F 229 -24.88 -11.42 2.04
C GLY F 229 -25.52 -12.24 0.94
N GLU F 230 -25.32 -13.55 0.99
CA GLU F 230 -25.83 -14.47 -0.03
C GLU F 230 -25.43 -13.98 -1.42
N ALA F 231 -24.22 -13.42 -1.47
CA ALA F 231 -23.58 -12.93 -2.69
C ALA F 231 -24.18 -11.68 -3.34
N ILE F 232 -25.29 -11.18 -2.80
CA ILE F 232 -25.85 -9.92 -3.29
C ILE F 232 -24.82 -8.76 -3.34
N PRO F 233 -23.91 -8.67 -2.34
CA PRO F 233 -22.86 -7.64 -2.47
C PRO F 233 -22.08 -7.72 -3.80
N PHE F 234 -21.93 -8.92 -4.35
CA PHE F 234 -21.15 -9.07 -5.57
C PHE F 234 -21.91 -8.55 -6.80
N TRP F 235 -23.24 -8.61 -6.72
CA TRP F 235 -24.10 -8.32 -7.85
C TRP F 235 -24.59 -6.88 -7.90
N LEU F 236 -24.12 -6.03 -6.98
CA LEU F 236 -24.70 -4.69 -6.84
C LEU F 236 -24.70 -3.84 -8.11
N TRP F 237 -23.60 -3.85 -8.85
CA TRP F 237 -23.49 -2.97 -10.01
C TRP F 237 -24.50 -3.38 -11.09
N ARG F 238 -24.60 -4.68 -11.33
CA ARG F 238 -25.52 -5.22 -12.33
C ARG F 238 -26.96 -5.02 -11.91
N LEU F 239 -27.26 -5.23 -10.63
CA LEU F 239 -28.60 -4.95 -10.12
C LEU F 239 -29.02 -3.52 -10.43
N ASP F 240 -28.11 -2.58 -10.19
CA ASP F 240 -28.32 -1.18 -10.49
C ASP F 240 -28.41 -0.90 -11.98
N TYR F 241 -27.45 -1.43 -12.74
CA TYR F 241 -27.41 -1.12 -14.16
C TYR F 241 -28.69 -1.57 -14.86
N MET F 242 -29.12 -2.79 -14.58
CA MET F 242 -30.24 -3.39 -15.29
C MET F 242 -31.61 -2.93 -14.78
N HIS F 243 -31.64 -2.13 -13.73
CA HIS F 243 -32.93 -1.74 -13.16
C HIS F 243 -33.79 -0.92 -14.12
N GLY F 244 -33.14 -0.08 -14.93
CA GLY F 244 -33.84 0.73 -15.91
C GLY F 244 -34.64 -0.12 -16.89
N ASN F 245 -34.01 -1.17 -17.43
CA ASN F 245 -34.71 -2.14 -18.26
C ASN F 245 -35.90 -2.78 -17.53
N ALA F 246 -35.65 -3.17 -16.28
CA ALA F 246 -36.69 -3.80 -15.46
C ALA F 246 -37.93 -2.91 -15.30
N THR F 247 -37.75 -1.62 -15.06
CA THR F 247 -38.89 -0.72 -14.92
C THR F 247 -39.46 -0.25 -16.25
N THR F 248 -38.62 -0.25 -17.29
CA THR F 248 -39.04 0.25 -18.58
C THR F 248 -39.88 -0.76 -19.37
N PHE F 249 -39.43 -2.01 -19.44
CA PHE F 249 -40.22 -3.00 -20.14
C PHE F 249 -40.42 -4.32 -19.42
N GLY F 250 -39.98 -4.39 -18.15
CA GLY F 250 -40.07 -5.62 -17.39
C GLY F 250 -41.16 -5.66 -16.34
N GLY F 251 -41.87 -4.56 -16.18
CA GLY F 251 -42.98 -4.49 -15.25
C GLY F 251 -42.60 -4.23 -13.80
N ALA F 252 -41.32 -3.97 -13.54
CA ALA F 252 -40.87 -3.62 -12.19
C ALA F 252 -41.37 -2.23 -11.80
N PRO F 253 -41.77 -2.07 -10.53
CA PRO F 253 -42.26 -0.76 -10.09
C PRO F 253 -41.15 0.27 -9.97
N LYS F 254 -41.46 1.53 -10.24
CA LYS F 254 -40.50 2.59 -10.02
C LYS F 254 -40.16 2.67 -8.52
N LEU F 255 -38.87 2.79 -8.20
CA LEU F 255 -38.42 2.86 -6.81
C LEU F 255 -37.82 4.22 -6.50
N LYS F 256 -37.82 4.61 -5.23
CA LYS F 256 -37.22 5.89 -4.84
C LYS F 256 -35.69 5.89 -4.88
N LEU F 257 -35.08 4.75 -4.59
CA LEU F 257 -33.61 4.59 -4.58
C LEU F 257 -33.18 3.55 -5.64
N LYS F 258 -31.87 3.43 -5.84
CA LYS F 258 -31.31 2.32 -6.62
C LYS F 258 -31.33 1.04 -5.79
N PRO F 259 -31.34 -0.13 -6.46
CA PRO F 259 -31.31 -1.39 -5.69
C PRO F 259 -30.15 -1.48 -4.70
N SER F 260 -28.94 -1.07 -5.11
CA SER F 260 -27.78 -1.17 -4.23
C SER F 260 -27.92 -0.21 -3.05
N GLU F 261 -28.70 0.84 -3.23
CA GLU F 261 -28.92 1.81 -2.17
C GLU F 261 -29.87 1.25 -1.11
N TYR F 262 -30.84 0.44 -1.53
CA TYR F 262 -31.66 -0.26 -0.54
C TYR F 262 -30.79 -1.27 0.18
N PHE F 263 -29.91 -1.91 -0.57
CA PHE F 263 -29.06 -2.91 0.06
C PHE F 263 -28.16 -2.30 1.16
N ARG F 264 -27.49 -1.20 0.88
CA ARG F 264 -26.73 -0.52 1.91
C ARG F 264 -27.57 0.14 3.00
N ARG F 265 -28.73 0.69 2.64
CA ARG F 265 -29.54 1.40 3.65
C ARG F 265 -30.25 0.44 4.60
N ASN F 266 -30.83 -0.62 4.03
CA ASN F 266 -31.72 -1.51 4.77
C ASN F 266 -31.17 -2.88 5.16
N PHE F 267 -30.05 -3.29 4.59
CA PHE F 267 -29.50 -4.61 4.90
C PHE F 267 -28.14 -4.51 5.59
N ALA F 268 -27.80 -5.54 6.36
CA ALA F 268 -26.43 -5.75 6.82
C ALA F 268 -26.15 -7.21 6.55
N ILE F 269 -24.89 -7.63 6.65
CA ILE F 269 -24.54 -9.00 6.30
C ILE F 269 -23.68 -9.65 7.37
N THR F 270 -23.65 -10.97 7.37
CA THR F 270 -22.70 -11.67 8.23
C THR F 270 -21.79 -12.59 7.42
N THR F 271 -20.69 -13.01 8.04
CA THR F 271 -19.67 -13.84 7.39
C THR F 271 -19.87 -15.35 7.55
N SER F 272 -21.04 -15.76 8.04
CA SER F 272 -21.30 -17.18 8.30
C SER F 272 -20.97 -18.05 7.08
N GLY F 273 -20.09 -19.03 7.26
CA GLY F 273 -19.81 -19.97 6.17
C GLY F 273 -19.02 -19.43 4.99
N VAL F 274 -18.52 -18.20 5.11
CA VAL F 274 -17.69 -17.62 4.07
C VAL F 274 -16.44 -17.05 4.72
N GLU F 275 -15.53 -17.95 5.09
CA GLU F 275 -14.34 -17.54 5.81
C GLU F 275 -13.21 -17.22 4.82
N SER F 276 -13.48 -16.23 3.97
CA SER F 276 -12.55 -15.75 2.96
C SER F 276 -12.19 -14.29 3.24
N HIS F 277 -10.91 -14.04 3.53
CA HIS F 277 -10.45 -12.66 3.69
C HIS F 277 -10.71 -11.81 2.44
N ALA F 278 -10.60 -12.42 1.27
CA ALA F 278 -10.87 -11.67 0.04
C ALA F 278 -12.33 -11.25 -0.07
N ALA F 279 -13.25 -12.16 0.25
CA ALA F 279 -14.67 -11.82 0.16
C ALA F 279 -15.04 -10.82 1.25
N LEU F 280 -14.38 -10.92 2.40
CA LEU F 280 -14.60 -9.99 3.50
C LEU F 280 -14.15 -8.58 3.13
N ARG F 281 -12.94 -8.45 2.60
CA ARG F 281 -12.43 -7.17 2.12
C ARG F 281 -13.34 -6.55 1.06
N TYR F 282 -13.75 -7.38 0.10
CA TYR F 282 -14.69 -6.90 -0.93
C TYR F 282 -15.96 -6.31 -0.30
N SER F 283 -16.53 -7.03 0.67
CA SER F 283 -17.82 -6.65 1.22
C SER F 283 -17.69 -5.36 2.04
N ILE F 284 -16.60 -5.24 2.78
CA ILE F 284 -16.32 -4.02 3.53
C ILE F 284 -16.15 -2.84 2.56
N GLU F 285 -15.50 -3.08 1.43
CA GLU F 285 -15.30 -2.00 0.45
C GLU F 285 -16.62 -1.49 -0.15
N VAL F 286 -17.53 -2.40 -0.48
CA VAL F 286 -18.73 -2.00 -1.21
C VAL F 286 -19.94 -1.71 -0.32
N LEU F 287 -19.94 -2.25 0.89
CA LEU F 287 -21.02 -2.00 1.83
C LEU F 287 -20.67 -0.99 2.90
N GLY F 288 -19.39 -0.81 3.19
CA GLY F 288 -18.95 -0.02 4.34
C GLY F 288 -18.77 -0.94 5.54
N PRO F 289 -17.80 -0.62 6.42
CA PRO F 289 -17.45 -1.52 7.54
C PRO F 289 -18.54 -1.62 8.62
N GLU F 290 -19.55 -0.74 8.61
CA GLU F 290 -20.64 -0.83 9.60
C GLU F 290 -21.67 -1.90 9.27
N ASN F 291 -21.61 -2.42 8.04
CA ASN F 291 -22.65 -3.31 7.54
C ASN F 291 -22.21 -4.77 7.49
N VAL F 292 -21.02 -5.07 8.02
CA VAL F 292 -20.53 -6.45 8.02
C VAL F 292 -20.34 -7.00 9.43
N MET F 293 -20.93 -8.17 9.69
CA MET F 293 -20.82 -8.78 11.02
C MET F 293 -20.22 -10.19 10.92
N TRP F 294 -19.46 -10.57 11.94
CA TRP F 294 -18.88 -11.90 12.05
C TRP F 294 -19.91 -12.89 12.57
N ALA F 295 -19.80 -14.14 12.15
CA ALA F 295 -20.63 -15.22 12.68
C ALA F 295 -19.88 -16.54 12.53
N ILE F 296 -20.34 -17.57 13.24
CA ILE F 296 -19.74 -18.90 13.12
C ILE F 296 -20.60 -19.84 12.28
N ASP F 297 -21.92 -19.79 12.50
CA ASP F 297 -22.85 -20.79 11.97
C ASP F 297 -22.71 -22.14 12.72
N TYR F 298 -22.43 -22.06 14.02
CA TYR F 298 -22.35 -23.26 14.85
C TYR F 298 -23.77 -23.79 15.02
N PRO F 299 -23.95 -25.11 15.06
CA PRO F 299 -23.00 -26.22 15.03
C PRO F 299 -22.77 -26.79 13.62
N TYR F 300 -23.30 -26.10 12.61
CA TYR F 300 -23.10 -26.54 11.23
C TYR F 300 -21.67 -26.26 10.76
N GLN F 301 -21.01 -25.32 11.42
CA GLN F 301 -19.59 -25.03 11.20
C GLN F 301 -18.91 -25.03 12.56
N PRO F 302 -17.63 -25.46 12.61
CA PRO F 302 -16.85 -25.46 13.87
C PRO F 302 -16.40 -24.05 14.28
N MET F 303 -16.22 -23.82 15.57
CA MET F 303 -15.91 -22.47 16.04
C MET F 303 -14.48 -22.02 15.76
N ALA F 304 -13.52 -22.92 15.95
CA ALA F 304 -12.12 -22.48 15.90
C ALA F 304 -11.72 -21.84 14.55
N PRO F 305 -12.06 -22.49 13.43
CA PRO F 305 -11.65 -21.85 12.17
C PRO F 305 -12.36 -20.51 11.95
N ALA F 306 -13.60 -20.39 12.40
CA ALA F 306 -14.35 -19.14 12.22
C ALA F 306 -13.71 -18.04 13.06
N VAL F 307 -13.39 -18.34 14.30
CA VAL F 307 -12.68 -17.41 15.15
C VAL F 307 -11.33 -17.01 14.54
N GLN F 308 -10.55 -17.98 14.07
CA GLN F 308 -9.22 -17.67 13.56
C GLN F 308 -9.24 -16.85 12.28
N PHE F 309 -10.30 -17.05 11.48
CA PHE F 309 -10.59 -16.23 10.31
C PHE F 309 -10.69 -14.74 10.65
N ILE F 310 -11.51 -14.39 11.64
CA ILE F 310 -11.66 -12.98 11.98
C ILE F 310 -10.44 -12.43 12.78
N ARG F 311 -9.88 -13.25 13.66
CA ARG F 311 -8.69 -12.82 14.40
C ARG F 311 -7.50 -12.48 13.50
N THR F 312 -7.43 -13.12 12.33
CA THR F 312 -6.29 -12.93 11.43
C THR F 312 -6.64 -12.09 10.22
N ALA F 313 -7.83 -11.47 10.21
CA ALA F 313 -8.26 -10.73 9.04
C ALA F 313 -7.35 -9.53 8.78
N PRO F 314 -6.94 -9.35 7.51
CA PRO F 314 -6.02 -8.25 7.16
C PRO F 314 -6.77 -6.92 7.05
N ILE F 315 -7.28 -6.46 8.18
CA ILE F 315 -7.98 -5.18 8.26
C ILE F 315 -7.53 -4.49 9.55
N PRO F 316 -7.68 -3.15 9.61
CA PRO F 316 -7.27 -2.42 10.81
C PRO F 316 -7.99 -2.92 12.05
N GLU F 317 -7.40 -2.70 13.22
CA GLU F 317 -7.98 -3.22 14.46
C GLU F 317 -9.35 -2.61 14.74
N ASP F 318 -9.54 -1.33 14.42
CA ASP F 318 -10.83 -0.71 14.71
C ASP F 318 -11.94 -1.25 13.82
N VAL F 319 -11.62 -1.54 12.56
CA VAL F 319 -12.59 -2.18 11.68
C VAL F 319 -12.83 -3.64 12.08
N LYS F 320 -11.77 -4.32 12.49
CA LYS F 320 -11.89 -5.68 12.98
C LYS F 320 -12.84 -5.72 14.18
N ALA F 321 -12.71 -4.76 15.09
CA ALA F 321 -13.60 -4.71 16.26
C ALA F 321 -15.07 -4.53 15.85
N MET F 322 -15.31 -3.67 14.86
CA MET F 322 -16.67 -3.49 14.34
C MET F 322 -17.24 -4.80 13.81
N VAL F 323 -16.44 -5.49 12.99
CA VAL F 323 -16.92 -6.71 12.36
C VAL F 323 -17.09 -7.83 13.38
N ALA F 324 -16.13 -7.94 14.29
CA ALA F 324 -16.14 -9.01 15.28
C ALA F 324 -17.28 -8.93 16.28
N GLY F 325 -17.75 -7.74 16.58
CA GLY F 325 -18.80 -7.61 17.58
C GLY F 325 -19.49 -6.27 17.69
N GLY F 326 -18.77 -5.20 17.36
CA GLY F 326 -19.29 -3.85 17.48
C GLY F 326 -20.58 -3.63 16.70
N ASN F 327 -20.60 -4.04 15.44
CA ASN F 327 -21.79 -3.89 14.60
C ASN F 327 -22.97 -4.70 15.12
N ALA F 328 -22.69 -5.92 15.58
CA ALA F 328 -23.73 -6.78 16.10
C ALA F 328 -24.34 -6.18 17.37
N ALA F 329 -23.50 -5.56 18.20
CA ALA F 329 -23.99 -5.00 19.46
C ALA F 329 -24.95 -3.84 19.17
N ARG F 330 -24.65 -3.10 18.11
CA ARG F 330 -25.54 -2.03 17.67
C ARG F 330 -26.84 -2.58 17.08
N ILE F 331 -26.71 -3.43 16.07
CA ILE F 331 -27.85 -3.92 15.31
C ILE F 331 -28.78 -4.81 16.14
N PHE F 332 -28.21 -5.63 17.01
CA PHE F 332 -28.99 -6.53 17.84
C PHE F 332 -29.09 -6.13 19.32
N ARG F 333 -28.88 -4.83 19.60
CA ARG F 333 -29.17 -4.26 20.91
C ARG F 333 -28.50 -5.00 22.06
N ILE F 334 -27.19 -5.21 21.97
CA ILE F 334 -26.46 -5.93 23.00
C ILE F 334 -25.56 -4.96 23.78
N THR F 335 -25.69 -4.94 25.09
CA THR F 335 -24.81 -4.10 25.91
C THR F 335 -23.41 -4.71 26.01
N SER G 1 5.68 6.19 26.78
CA SER G 1 4.30 6.05 26.32
C SER G 1 3.95 4.60 25.92
N LEU G 2 4.77 3.99 25.07
CA LEU G 2 4.58 2.57 24.75
C LEU G 2 4.88 1.72 25.98
N ARG G 3 3.91 0.91 26.41
CA ARG G 3 4.14 0.02 27.56
C ARG G 3 4.85 -1.24 27.12
N LEU G 4 6.09 -1.40 27.58
CA LEU G 4 6.92 -2.53 27.16
C LEU G 4 7.04 -3.52 28.28
N ILE G 5 6.51 -4.71 28.06
CA ILE G 5 6.61 -5.80 29.02
C ILE G 5 7.40 -6.93 28.38
N ALA G 6 8.63 -7.14 28.84
CA ALA G 6 9.50 -8.15 28.24
C ALA G 6 9.17 -9.52 28.84
N THR G 7 8.92 -10.51 27.99
CA THR G 7 8.32 -11.77 28.46
C THR G 7 9.23 -12.99 28.63
N GLU G 8 10.50 -12.90 28.24
CA GLU G 8 11.39 -14.05 28.40
C GLU G 8 12.69 -13.67 29.10
N GLU G 9 12.56 -13.20 30.34
CA GLU G 9 13.68 -12.55 30.99
C GLU G 9 14.19 -13.41 32.12
N ALA G 10 15.38 -13.96 31.90
CA ALA G 10 15.91 -15.01 32.74
C ALA G 10 16.49 -14.48 34.05
N VAL G 11 16.34 -15.28 35.10
CA VAL G 11 16.88 -14.91 36.41
C VAL G 11 17.41 -16.18 37.06
N THR G 12 18.23 -16.04 38.09
CA THR G 12 18.55 -17.20 38.90
C THR G 12 18.59 -16.82 40.37
N PHE G 13 18.67 -17.82 41.24
CA PHE G 13 18.73 -17.61 42.68
C PHE G 13 19.86 -18.45 43.27
N GLN G 14 20.45 -17.99 44.37
CA GLN G 14 21.64 -18.66 44.90
C GLN G 14 21.50 -20.18 45.14
N PRO G 15 20.37 -20.65 45.72
CA PRO G 15 20.27 -22.10 45.94
C PRO G 15 20.36 -22.90 44.64
N VAL G 16 19.86 -22.33 43.55
CA VAL G 16 19.88 -23.00 42.26
C VAL G 16 21.30 -22.94 41.68
N VAL G 17 21.92 -21.77 41.75
CA VAL G 17 23.30 -21.61 41.32
C VAL G 17 24.21 -22.63 42.00
N ASP G 18 24.14 -22.70 43.32
CA ASP G 18 24.96 -23.65 44.08
C ASP G 18 24.74 -25.09 43.65
N ALA G 19 23.48 -25.45 43.38
CA ALA G 19 23.17 -26.81 42.97
C ALA G 19 23.76 -27.13 41.59
N LEU G 20 23.69 -26.17 40.68
CA LEU G 20 24.25 -26.31 39.33
C LEU G 20 25.79 -26.31 39.32
N ARG G 21 26.40 -25.51 40.19
CA ARG G 21 27.86 -25.58 40.36
C ARG G 21 28.27 -27.00 40.74
N ALA G 22 27.62 -27.57 41.75
CA ALA G 22 27.93 -28.95 42.11
C ALA G 22 27.65 -29.88 40.94
N HIS G 23 26.51 -29.71 40.28
CA HIS G 23 26.13 -30.59 39.17
C HIS G 23 27.14 -30.57 38.02
N SER G 24 27.77 -29.42 37.80
CA SER G 24 28.72 -29.22 36.71
C SER G 24 29.93 -30.15 36.84
N ARG G 25 30.13 -30.71 38.03
CA ARG G 25 31.28 -31.58 38.27
C ARG G 25 30.94 -33.04 38.06
N THR G 26 29.68 -33.34 37.77
CA THR G 26 29.26 -34.73 37.65
C THR G 26 29.44 -35.24 36.21
N ASP G 27 29.22 -36.54 36.02
CA ASP G 27 29.42 -37.16 34.71
C ASP G 27 28.13 -37.25 33.89
N ASP G 28 27.16 -36.41 34.21
CA ASP G 28 25.91 -36.30 33.45
C ASP G 28 26.22 -36.14 31.96
N ALA G 29 25.58 -36.96 31.12
CA ALA G 29 25.80 -36.92 29.68
C ALA G 29 24.88 -35.96 28.94
N SER G 30 23.98 -35.30 29.67
CA SER G 30 23.04 -34.38 29.04
C SER G 30 23.78 -33.30 28.24
N LEU G 31 23.23 -32.94 27.08
CA LEU G 31 23.83 -31.90 26.26
C LEU G 31 23.80 -30.53 26.96
N ASP G 32 22.94 -30.37 27.97
CA ASP G 32 22.93 -29.13 28.76
C ASP G 32 24.21 -28.92 29.58
N MET G 33 25.01 -29.97 29.74
CA MET G 33 26.23 -29.85 30.52
C MET G 33 27.23 -28.88 29.88
N ILE G 34 27.09 -28.63 28.57
CA ILE G 34 27.93 -27.62 27.92
C ILE G 34 27.64 -26.25 28.52
N LEU G 35 26.37 -25.86 28.49
CA LEU G 35 25.95 -24.61 29.13
C LEU G 35 26.28 -24.59 30.62
N VAL G 36 26.01 -25.71 31.29
CA VAL G 36 26.18 -25.73 32.74
C VAL G 36 27.64 -25.53 33.14
N ARG G 37 28.57 -26.19 32.44
CA ARG G 37 30.00 -25.95 32.69
C ARG G 37 30.47 -24.56 32.24
N ASP G 38 29.90 -24.05 31.14
CA ASP G 38 30.30 -22.74 30.64
C ASP G 38 29.93 -21.62 31.62
N VAL G 39 28.78 -21.77 32.27
CA VAL G 39 28.24 -20.72 33.14
C VAL G 39 28.44 -21.00 34.63
N TYR G 40 28.22 -22.24 35.04
CA TYR G 40 28.22 -22.58 36.47
C TYR G 40 29.45 -23.37 36.92
N GLY G 41 30.32 -23.72 35.98
CA GLY G 41 31.48 -24.52 36.30
C GLY G 41 32.59 -23.82 37.06
N ASP G 42 33.59 -24.59 37.48
CA ASP G 42 34.72 -24.05 38.23
C ASP G 42 35.62 -23.15 37.38
N GLU G 43 35.62 -23.39 36.07
CA GLU G 43 36.42 -22.58 35.15
C GLU G 43 35.52 -22.10 34.02
N PRO G 44 34.55 -21.22 34.34
CA PRO G 44 33.49 -20.88 33.37
C PRO G 44 34.01 -20.12 32.15
N ALA G 45 33.62 -20.57 30.96
CA ALA G 45 33.98 -19.83 29.74
C ALA G 45 33.13 -18.58 29.61
N ARG G 46 32.01 -18.55 30.34
CA ARG G 46 31.08 -17.42 30.27
C ARG G 46 30.85 -16.86 31.67
N PRO G 47 31.90 -16.25 32.24
CA PRO G 47 31.90 -15.91 33.68
C PRO G 47 30.97 -14.75 34.06
N ALA G 48 30.41 -14.03 33.09
CA ALA G 48 29.56 -12.88 33.38
C ALA G 48 28.12 -13.29 33.66
N MET G 49 27.74 -14.48 33.21
CA MET G 49 26.33 -14.84 33.17
C MET G 49 25.66 -15.02 34.53
N ILE G 50 26.33 -15.65 35.49
CA ILE G 50 25.71 -15.83 36.81
C ILE G 50 25.32 -14.48 37.41
N GLY G 51 26.25 -13.53 37.36
CA GLY G 51 26.01 -12.20 37.91
C GLY G 51 24.89 -11.45 37.24
N ARG G 52 24.81 -11.55 35.92
CA ARG G 52 23.72 -10.91 35.18
C ARG G 52 22.37 -11.55 35.48
N LEU G 53 22.34 -12.88 35.53
CA LEU G 53 21.13 -13.63 35.87
C LEU G 53 20.64 -13.36 37.29
N SER G 54 21.58 -13.29 38.23
CA SER G 54 21.25 -13.12 39.64
C SER G 54 20.72 -11.71 39.93
N ASP G 55 21.22 -10.73 39.18
CA ASP G 55 20.89 -9.34 39.45
C ASP G 55 19.50 -8.96 38.93
N VAL G 56 18.71 -8.34 39.79
CA VAL G 56 17.38 -7.88 39.43
C VAL G 56 17.24 -6.36 39.57
N THR G 57 17.60 -5.83 40.72
CA THR G 57 17.37 -4.42 41.01
C THR G 57 18.58 -3.51 40.80
N GLY G 58 19.70 -4.08 40.35
CA GLY G 58 20.86 -3.27 40.02
C GLY G 58 20.94 -2.90 38.55
N GLU G 59 21.93 -3.46 37.86
CA GLU G 59 22.12 -3.22 36.44
C GLU G 59 20.86 -3.48 35.60
N ARG G 60 20.14 -4.55 35.90
CA ARG G 60 18.95 -4.92 35.14
C ARG G 60 17.91 -3.80 35.16
N LEU G 61 17.57 -3.34 36.35
CA LEU G 61 16.60 -2.28 36.51
C LEU G 61 17.15 -0.96 35.93
N ALA G 62 18.45 -0.73 36.10
CA ALA G 62 19.06 0.46 35.52
C ALA G 62 18.93 0.48 34.00
N GLU G 63 19.15 -0.66 33.36
CA GLU G 63 19.00 -0.76 31.91
C GLU G 63 17.54 -0.63 31.48
N MET G 64 16.64 -1.16 32.30
CA MET G 64 15.22 -1.01 31.99
C MET G 64 14.85 0.48 31.96
N ASP G 65 15.31 1.22 32.97
CA ASP G 65 15.02 2.66 33.04
C ASP G 65 15.63 3.42 31.86
N SER G 66 16.87 3.12 31.54
N SER G 66 16.88 3.12 31.54
CA SER G 66 17.60 3.80 30.47
CA SER G 66 17.56 3.85 30.47
C SER G 66 16.97 3.55 29.10
C SER G 66 16.94 3.57 29.10
N ASN G 67 16.29 2.42 28.96
CA ASN G 67 15.64 2.06 27.69
C ASN G 67 14.11 2.17 27.71
N GLY G 68 13.55 2.65 28.82
CA GLY G 68 12.12 2.85 28.91
C GLY G 68 11.30 1.56 28.85
N VAL G 69 11.83 0.52 29.47
CA VAL G 69 11.13 -0.77 29.60
C VAL G 69 10.35 -0.80 30.91
N ASP G 70 9.05 -1.02 30.84
CA ASP G 70 8.20 -1.00 32.04
C ASP G 70 8.46 -2.20 32.93
N MET G 71 8.46 -3.40 32.35
CA MET G 71 8.53 -4.62 33.15
C MET G 71 9.34 -5.73 32.51
N HIS G 72 9.90 -6.60 33.35
CA HIS G 72 10.37 -7.90 32.92
C HIS G 72 9.45 -8.93 33.54
N LEU G 73 9.03 -9.90 32.73
CA LEU G 73 8.39 -11.10 33.25
C LEU G 73 9.52 -12.10 33.48
N LEU G 74 9.83 -12.34 34.75
CA LEU G 74 10.99 -13.16 35.12
C LEU G 74 10.72 -14.66 35.10
N SER G 75 11.72 -15.44 34.66
CA SER G 75 11.66 -16.89 34.70
C SER G 75 13.00 -17.49 35.14
N LEU G 76 12.97 -18.54 35.95
CA LEU G 76 14.19 -19.26 36.29
C LEU G 76 14.83 -19.73 35.00
N THR G 77 16.11 -19.38 34.82
CA THR G 77 16.81 -19.67 33.58
C THR G 77 16.91 -21.17 33.31
N ALA G 78 16.90 -21.53 32.03
CA ALA G 78 17.15 -22.91 31.62
C ALA G 78 18.52 -23.37 32.15
N PRO G 79 18.64 -24.64 32.55
CA PRO G 79 17.69 -25.75 32.51
C PRO G 79 16.79 -25.87 33.74
N GLY G 80 16.57 -24.76 34.44
CA GLY G 80 15.68 -24.76 35.60
C GLY G 80 16.11 -25.74 36.66
N VAL G 81 15.17 -26.59 37.11
CA VAL G 81 15.48 -27.60 38.10
C VAL G 81 15.37 -29.00 37.53
N GLN G 82 15.37 -29.08 36.20
CA GLN G 82 15.05 -30.31 35.49
C GLN G 82 16.19 -31.30 35.36
N MET G 83 17.41 -30.87 35.62
CA MET G 83 18.55 -31.79 35.54
C MET G 83 18.75 -32.60 36.82
N PHE G 84 18.17 -32.14 37.94
CA PHE G 84 18.38 -32.80 39.22
C PHE G 84 17.53 -34.05 39.38
N ASP G 85 17.83 -34.88 40.38
CA ASP G 85 16.95 -36.02 40.68
C ASP G 85 15.61 -35.49 41.19
N ALA G 86 14.60 -36.35 41.27
CA ALA G 86 13.24 -35.92 41.58
C ALA G 86 13.16 -35.13 42.88
N GLU G 87 13.70 -35.72 43.95
CA GLU G 87 13.68 -35.12 45.28
C GLU G 87 14.37 -33.75 45.30
N THR G 88 15.53 -33.65 44.67
CA THR G 88 16.26 -32.39 44.64
C THR G 88 15.53 -31.32 43.83
N GLY G 89 15.09 -31.68 42.63
CA GLY G 89 14.31 -30.79 41.79
C GLY G 89 13.04 -30.30 42.48
N THR G 90 12.32 -31.21 43.12
CA THR G 90 11.08 -30.84 43.80
C THR G 90 11.35 -29.82 44.92
N ARG G 91 12.43 -30.03 45.66
CA ARG G 91 12.82 -29.13 46.75
C ARG G 91 13.26 -27.77 46.24
N LEU G 92 14.09 -27.79 45.20
CA LEU G 92 14.61 -26.54 44.66
C LEU G 92 13.53 -25.74 43.93
N ALA G 93 12.54 -26.40 43.35
CA ALA G 93 11.45 -25.66 42.73
C ALA G 93 10.67 -24.83 43.75
N ARG G 94 10.35 -25.42 44.89
CA ARG G 94 9.64 -24.70 45.94
C ARG G 94 10.45 -23.48 46.38
N ILE G 95 11.74 -23.67 46.58
CA ILE G 95 12.63 -22.59 46.99
C ILE G 95 12.72 -21.46 45.95
N ALA G 96 12.93 -21.84 44.69
CA ALA G 96 13.03 -20.87 43.62
C ALA G 96 11.72 -20.13 43.44
N ASN G 97 10.61 -20.83 43.65
CA ASN G 97 9.31 -20.17 43.48
C ASN G 97 9.04 -19.19 44.59
N ASP G 98 9.42 -19.54 45.82
CA ASP G 98 9.28 -18.59 46.93
C ASP G 98 10.14 -17.35 46.65
N LEU G 99 11.37 -17.55 46.18
CA LEU G 99 12.25 -16.43 45.90
C LEU G 99 11.78 -15.59 44.71
N MET G 100 11.17 -16.24 43.71
CA MET G 100 10.52 -15.50 42.62
C MET G 100 9.40 -14.59 43.14
N ALA G 101 8.53 -15.13 43.99
CA ALA G 101 7.41 -14.36 44.50
C ALA G 101 7.89 -13.17 45.36
N GLN G 102 8.97 -13.39 46.11
CA GLN G 102 9.60 -12.35 46.92
C GLN G 102 10.21 -11.27 46.04
N THR G 103 10.85 -11.68 44.95
CA THR G 103 11.45 -10.75 44.00
C THR G 103 10.38 -9.86 43.39
N VAL G 104 9.28 -10.46 42.99
CA VAL G 104 8.16 -9.74 42.41
C VAL G 104 7.53 -8.78 43.43
N ALA G 105 7.31 -9.26 44.64
CA ALA G 105 6.71 -8.43 45.70
C ALA G 105 7.58 -7.22 46.08
N ALA G 106 8.88 -7.32 45.89
CA ALA G 106 9.78 -6.19 46.18
C ALA G 106 9.63 -5.04 45.18
N ASN G 107 9.29 -5.35 43.94
CA ASN G 107 9.08 -4.31 42.92
C ASN G 107 8.00 -4.70 41.93
N PRO G 108 6.73 -4.75 42.39
CA PRO G 108 5.68 -5.38 41.59
C PRO G 108 5.20 -4.57 40.38
N THR G 109 5.60 -3.31 40.26
CA THR G 109 5.30 -2.55 39.04
C THR G 109 6.36 -2.77 37.98
N ARG G 110 7.50 -3.34 38.37
CA ARG G 110 8.62 -3.55 37.44
C ARG G 110 8.85 -5.02 37.06
N PHE G 111 8.43 -5.93 37.93
CA PHE G 111 8.65 -7.36 37.68
C PHE G 111 7.42 -8.19 37.93
N ALA G 112 7.17 -9.11 37.00
CA ALA G 112 6.19 -10.17 37.18
C ALA G 112 6.99 -11.46 37.15
N GLY G 113 6.38 -12.59 37.45
CA GLY G 113 7.15 -13.80 37.57
C GLY G 113 6.43 -15.07 37.18
N LEU G 114 7.16 -15.98 36.55
CA LEU G 114 6.67 -17.31 36.21
C LEU G 114 7.27 -18.30 37.20
N GLY G 115 6.44 -19.20 37.73
CA GLY G 115 6.94 -20.26 38.58
C GLY G 115 7.35 -21.47 37.77
N THR G 116 8.20 -22.31 38.34
CA THR G 116 8.55 -23.53 37.64
C THR G 116 8.27 -24.76 38.50
N PHE G 117 8.60 -25.92 37.98
CA PHE G 117 8.32 -27.15 38.71
C PHE G 117 9.29 -28.22 38.25
N ALA G 118 9.27 -29.36 38.92
CA ALA G 118 10.11 -30.50 38.56
C ALA G 118 9.25 -31.66 38.04
N PRO G 119 9.08 -31.74 36.71
CA PRO G 119 8.23 -32.77 36.09
C PRO G 119 8.81 -34.17 36.25
N GLN G 120 10.03 -34.30 36.78
CA GLN G 120 10.58 -35.61 37.15
C GLN G 120 9.60 -36.39 38.03
N ASP G 121 8.83 -35.65 38.85
CA ASP G 121 7.83 -36.25 39.73
C ASP G 121 6.51 -35.53 39.44
N PRO G 122 5.72 -36.07 38.49
CA PRO G 122 4.50 -35.40 38.04
C PRO G 122 3.51 -35.02 39.15
N ALA G 123 3.24 -35.92 40.09
CA ALA G 123 2.28 -35.59 41.16
C ALA G 123 2.76 -34.45 42.06
N SER G 124 4.06 -34.43 42.38
CA SER G 124 4.60 -33.33 43.18
C SER G 124 4.63 -32.03 42.39
N ALA G 125 4.88 -32.13 41.09
CA ALA G 125 4.86 -30.94 40.23
C ALA G 125 3.45 -30.35 40.19
N ALA G 126 2.44 -31.21 40.13
CA ALA G 126 1.05 -30.78 40.12
C ALA G 126 0.71 -30.03 41.42
N ARG G 127 1.22 -30.54 42.54
CA ARG G 127 0.99 -29.85 43.81
C ARG G 127 1.64 -28.46 43.82
N GLU G 128 2.85 -28.36 43.25
CA GLU G 128 3.56 -27.10 43.24
C GLU G 128 2.92 -26.11 42.27
N ILE G 129 2.38 -26.62 41.16
CA ILE G 129 1.67 -25.78 40.21
C ILE G 129 0.47 -25.13 40.89
N GLU G 130 -0.29 -25.94 41.64
CA GLU G 130 -1.40 -25.41 42.43
C GLU G 130 -0.94 -24.34 43.43
N ARG G 131 0.19 -24.58 44.09
CA ARG G 131 0.71 -23.63 45.08
C ARG G 131 1.11 -22.33 44.41
N VAL G 132 1.79 -22.44 43.27
CA VAL G 132 2.18 -21.27 42.48
C VAL G 132 0.98 -20.42 42.08
N ALA G 133 -0.11 -21.10 41.72
CA ALA G 133 -1.32 -20.42 41.26
C ALA G 133 -2.10 -19.76 42.38
N THR G 134 -2.34 -20.49 43.46
CA THR G 134 -3.31 -20.02 44.44
C THR G 134 -2.67 -19.37 45.67
N GLN G 135 -1.48 -19.82 46.03
CA GLN G 135 -0.81 -19.28 47.21
C GLN G 135 0.20 -18.17 46.84
N LEU G 136 1.11 -18.46 45.93
CA LEU G 136 2.09 -17.46 45.53
C LEU G 136 1.49 -16.42 44.60
N ARG G 137 0.47 -16.81 43.84
CA ARG G 137 -0.21 -15.95 42.89
C ARG G 137 0.75 -15.35 41.85
N LEU G 138 1.67 -16.19 41.40
CA LEU G 138 2.56 -15.82 40.29
C LEU G 138 1.80 -15.74 38.97
N ASN G 139 2.46 -15.17 37.98
CA ASN G 139 1.80 -14.76 36.75
C ASN G 139 1.62 -15.87 35.72
N GLY G 140 2.34 -16.97 35.89
CA GLY G 140 2.29 -18.05 34.92
C GLY G 140 3.35 -19.08 35.26
N LEU G 141 3.65 -19.95 34.31
CA LEU G 141 4.60 -21.03 34.55
C LEU G 141 5.65 -21.10 33.46
N VAL G 142 6.80 -21.67 33.80
CA VAL G 142 7.86 -21.89 32.81
C VAL G 142 8.49 -23.27 33.02
N ILE G 143 8.82 -23.93 31.93
CA ILE G 143 9.51 -25.22 31.97
C ILE G 143 10.37 -25.25 30.72
N ASN G 144 11.48 -25.98 30.78
CA ASN G 144 12.47 -25.93 29.71
C ASN G 144 12.50 -27.19 28.89
N SER G 145 11.78 -27.16 27.77
CA SER G 145 11.51 -28.31 26.92
C SER G 145 11.51 -29.65 27.67
N HIS G 146 12.34 -30.60 27.24
CA HIS G 146 12.22 -31.97 27.74
C HIS G 146 12.52 -32.14 29.22
N THR G 147 12.00 -33.24 29.78
CA THR G 147 12.43 -33.70 31.10
C THR G 147 12.73 -35.18 31.01
N ASN G 148 13.90 -35.57 31.51
CA ASN G 148 14.34 -36.97 31.48
C ASN G 148 14.38 -37.52 30.04
N ASP G 149 14.59 -36.63 29.09
CA ASP G 149 14.69 -36.98 27.67
C ASP G 149 13.37 -37.55 27.14
N LEU G 150 12.28 -37.11 27.76
CA LEU G 150 10.93 -37.37 27.28
C LEU G 150 10.26 -36.06 26.90
N TYR G 151 9.38 -36.12 25.92
CA TYR G 151 8.61 -34.95 25.49
C TYR G 151 7.20 -34.98 26.07
N TYR G 152 6.50 -33.84 25.98
CA TYR G 152 5.26 -33.66 26.74
C TYR G 152 4.02 -34.27 26.11
N ASP G 153 4.20 -35.05 25.05
CA ASP G 153 3.13 -35.94 24.60
C ASP G 153 3.06 -37.16 25.50
N ASP G 154 4.13 -37.45 26.24
CA ASP G 154 4.16 -38.67 27.06
C ASP G 154 3.10 -38.60 28.16
N PRO G 155 2.23 -39.62 28.24
CA PRO G 155 1.20 -39.72 29.28
C PRO G 155 1.73 -39.62 30.72
N PHE G 156 3.02 -39.88 30.91
CA PHE G 156 3.66 -39.72 32.22
C PHE G 156 3.41 -38.33 32.79
N PHE G 157 3.31 -37.34 31.91
CA PHE G 157 3.17 -35.95 32.35
C PHE G 157 1.72 -35.46 32.42
N HIS G 158 0.76 -36.35 32.20
CA HIS G 158 -0.65 -35.94 32.24
C HIS G 158 -1.06 -35.24 33.55
N PRO G 159 -0.57 -35.70 34.72
CA PRO G 159 -0.92 -34.98 35.96
C PRO G 159 -0.42 -33.54 35.96
N VAL G 160 0.70 -33.27 35.29
CA VAL G 160 1.22 -31.92 35.20
C VAL G 160 0.24 -31.08 34.40
N PHE G 161 -0.12 -31.55 33.21
CA PHE G 161 -0.95 -30.75 32.34
C PHE G 161 -2.38 -30.63 32.84
N GLU G 162 -2.83 -31.61 33.60
CA GLU G 162 -4.13 -31.52 34.22
C GLU G 162 -4.13 -30.35 35.20
N ALA G 163 -3.07 -30.26 35.99
CA ALA G 163 -2.94 -29.20 36.98
C ALA G 163 -2.76 -27.84 36.32
N ILE G 164 -1.93 -27.77 35.28
CA ILE G 164 -1.73 -26.51 34.56
C ILE G 164 -3.06 -26.01 33.98
N GLU G 165 -3.78 -26.89 33.31
CA GLU G 165 -5.07 -26.51 32.73
C GLU G 165 -6.04 -26.01 33.80
N ALA G 166 -6.09 -26.69 34.94
CA ALA G 166 -6.99 -26.29 36.02
C ALA G 166 -6.62 -24.94 36.63
N SER G 167 -5.33 -24.63 36.62
CA SER G 167 -4.82 -23.41 37.26
C SER G 167 -5.16 -22.17 36.46
N GLY G 168 -5.31 -22.34 35.16
CA GLY G 168 -5.51 -21.22 34.24
C GLY G 168 -4.23 -20.46 33.90
N LEU G 169 -3.10 -20.88 34.47
CA LEU G 169 -1.81 -20.26 34.17
C LEU G 169 -1.29 -20.71 32.80
N ALA G 170 -0.81 -19.76 32.00
CA ALA G 170 -0.11 -20.08 30.78
C ALA G 170 1.25 -20.69 31.08
N LEU G 171 1.68 -21.63 30.23
CA LEU G 171 2.98 -22.29 30.39
C LEU G 171 3.94 -21.89 29.27
N TYR G 172 4.99 -21.17 29.64
CA TYR G 172 6.05 -20.83 28.70
C TYR G 172 6.95 -22.05 28.58
N ILE G 173 7.02 -22.66 27.41
CA ILE G 173 7.96 -23.75 27.19
C ILE G 173 9.21 -23.18 26.55
N HIS G 174 10.20 -22.94 27.39
CA HIS G 174 11.47 -22.35 27.01
C HIS G 174 12.37 -23.47 26.52
N PRO G 175 13.39 -23.14 25.71
CA PRO G 175 14.31 -24.20 25.26
C PRO G 175 15.24 -24.75 26.33
N ARG G 176 15.83 -25.90 26.04
CA ARG G 176 17.08 -26.34 26.65
C ARG G 176 17.80 -27.06 25.51
N ALA G 177 18.99 -27.60 25.77
CA ALA G 177 19.70 -28.34 24.72
C ALA G 177 18.89 -29.56 24.28
N PRO G 178 19.02 -29.94 23.00
CA PRO G 178 18.46 -31.19 22.48
C PRO G 178 18.61 -32.35 23.44
N SER G 179 17.54 -33.09 23.62
CA SER G 179 17.53 -34.26 24.48
C SER G 179 18.42 -35.37 23.93
N LYS G 180 18.55 -36.44 24.71
CA LYS G 180 19.37 -37.58 24.29
C LYS G 180 18.81 -38.29 23.06
N GLN G 181 17.53 -38.06 22.78
CA GLN G 181 16.93 -38.66 21.60
C GLN G 181 17.53 -38.08 20.31
N ILE G 182 18.01 -36.84 20.37
CA ILE G 182 18.49 -36.14 19.18
C ILE G 182 19.87 -35.47 19.32
N ASP G 183 20.49 -35.53 20.51
CA ASP G 183 21.68 -34.71 20.75
C ASP G 183 22.93 -35.04 19.92
N ARG G 184 23.04 -36.27 19.42
CA ARG G 184 24.18 -36.66 18.60
C ARG G 184 24.48 -35.70 17.43
N ALA G 185 23.44 -35.12 16.86
CA ALA G 185 23.60 -34.25 15.68
C ALA G 185 23.91 -32.79 16.05
N PHE G 186 23.99 -32.50 17.35
CA PHE G 186 24.15 -31.13 17.83
C PHE G 186 25.42 -30.92 18.67
N ARG G 187 26.41 -31.77 18.45
CA ARG G 187 27.64 -31.72 19.25
C ARG G 187 28.72 -30.83 18.63
N ASP G 188 28.48 -30.38 17.40
CA ASP G 188 29.46 -29.57 16.67
C ASP G 188 29.01 -28.13 16.40
N TYR G 189 29.99 -27.24 16.24
CA TYR G 189 29.78 -25.87 15.78
C TYR G 189 28.87 -25.07 16.70
N GLY G 190 28.85 -25.43 17.98
CA GLY G 190 28.05 -24.72 18.98
C GLY G 190 26.55 -24.94 18.80
N MET G 191 26.18 -25.96 18.04
CA MET G 191 24.77 -26.19 17.74
C MET G 191 23.93 -26.73 18.90
N ASN G 192 24.57 -27.02 20.03
CA ASN G 192 23.80 -27.39 21.22
C ASN G 192 22.89 -26.24 21.70
N SER G 193 23.26 -25.02 21.34
CA SER G 193 22.74 -23.83 21.99
C SER G 193 21.68 -23.10 21.14
N ALA G 194 21.52 -21.81 21.39
CA ALA G 194 20.50 -20.99 20.74
C ALA G 194 20.61 -20.91 19.21
N ILE G 195 21.82 -21.10 18.69
CA ILE G 195 22.04 -20.98 17.25
C ILE G 195 21.25 -22.02 16.45
N TRP G 196 20.95 -23.18 17.04
CA TRP G 196 20.18 -24.19 16.30
C TRP G 196 19.46 -25.21 17.21
N GLY G 197 20.21 -25.86 18.08
CA GLY G 197 19.64 -26.90 18.93
C GLY G 197 18.41 -26.51 19.71
N TYR G 198 18.45 -25.35 20.33
CA TYR G 198 17.33 -24.87 21.13
C TYR G 198 16.01 -24.91 20.35
N GLY G 199 16.01 -24.37 19.14
CA GLY G 199 14.78 -24.30 18.36
C GLY G 199 14.28 -25.66 17.87
N ILE G 200 15.21 -26.53 17.49
CA ILE G 200 14.87 -27.88 17.03
C ILE G 200 14.28 -28.70 18.18
N GLU G 201 14.95 -28.66 19.32
CA GLU G 201 14.49 -29.35 20.52
C GLU G 201 13.10 -28.90 20.93
N THR G 202 12.90 -27.59 21.02
CA THR G 202 11.65 -27.05 21.56
C THR G 202 10.49 -27.21 20.57
N SER G 203 10.73 -26.93 19.30
CA SER G 203 9.65 -27.02 18.31
C SER G 203 9.20 -28.47 18.16
N THR G 204 10.14 -29.41 18.26
CA THR G 204 9.79 -30.82 18.13
C THR G 204 8.93 -31.27 19.31
N ASN G 205 9.25 -30.76 20.50
CA ASN G 205 8.44 -31.03 21.70
C ASN G 205 7.01 -30.54 21.46
N ALA G 206 6.89 -29.29 21.04
CA ALA G 206 5.60 -28.70 20.72
C ALA G 206 4.80 -29.45 19.65
N VAL G 207 5.46 -29.84 18.56
CA VAL G 207 4.79 -30.61 17.51
C VAL G 207 4.31 -31.98 18.02
N ARG G 208 5.14 -32.68 18.79
CA ARG G 208 4.69 -33.91 19.41
C ARG G 208 3.44 -33.64 20.27
N MET G 209 3.45 -32.56 21.03
CA MET G 209 2.31 -32.27 21.90
C MET G 209 1.03 -32.11 21.09
N ILE G 210 1.10 -31.36 20.00
CA ILE G 210 -0.05 -31.13 19.12
C ILE G 210 -0.49 -32.42 18.44
N LEU G 211 0.44 -33.12 17.81
CA LEU G 211 0.10 -34.29 17.01
C LEU G 211 -0.42 -35.46 17.86
N SER G 212 0.00 -35.50 19.12
CA SER G 212 -0.45 -36.56 20.02
C SER G 212 -1.88 -36.35 20.50
N GLY G 213 -2.43 -35.16 20.28
CA GLY G 213 -3.78 -34.86 20.74
C GLY G 213 -3.86 -34.31 22.15
N LEU G 214 -2.73 -33.84 22.68
CA LEU G 214 -2.72 -33.28 24.03
C LEU G 214 -3.76 -32.18 24.21
N PHE G 215 -3.98 -31.39 23.17
CA PHE G 215 -4.88 -30.25 23.26
C PHE G 215 -6.35 -30.60 23.04
N ASP G 216 -6.62 -31.86 22.71
CA ASP G 216 -7.99 -32.37 22.80
C ASP G 216 -8.26 -32.89 24.22
N ARG G 217 -7.24 -33.44 24.86
CA ARG G 217 -7.37 -33.88 26.25
C ARG G 217 -7.45 -32.68 27.22
N PHE G 218 -6.68 -31.64 26.94
CA PHE G 218 -6.63 -30.44 27.77
C PHE G 218 -6.83 -29.21 26.89
N PRO G 219 -8.06 -28.96 26.43
CA PRO G 219 -8.28 -27.87 25.46
C PRO G 219 -8.07 -26.45 26.00
N ARG G 220 -8.03 -26.25 27.32
CA ARG G 220 -7.85 -24.90 27.86
C ARG G 220 -6.39 -24.57 28.19
N LEU G 221 -5.47 -25.47 27.85
CA LEU G 221 -4.04 -25.16 27.99
C LEU G 221 -3.66 -23.95 27.16
N LYS G 222 -2.82 -23.08 27.73
CA LYS G 222 -2.18 -22.03 26.96
C LYS G 222 -0.67 -22.21 27.04
N ILE G 223 -0.04 -22.39 25.88
CA ILE G 223 1.40 -22.58 25.80
C ILE G 223 2.02 -21.36 25.13
N VAL G 224 3.17 -20.93 25.65
CA VAL G 224 3.89 -19.83 25.02
C VAL G 224 5.25 -20.33 24.56
N LEU G 225 5.63 -19.97 23.34
CA LEU G 225 6.93 -20.34 22.78
C LEU G 225 7.68 -19.08 22.38
N GLY G 226 8.96 -19.02 22.73
CA GLY G 226 9.80 -17.89 22.38
C GLY G 226 10.35 -18.03 20.97
N HIS G 227 11.28 -17.16 20.62
CA HIS G 227 12.03 -17.27 19.36
C HIS G 227 11.11 -17.34 18.15
N MET G 228 10.16 -16.42 18.12
CA MET G 228 9.11 -16.36 17.09
C MET G 228 8.45 -17.70 16.91
N GLY G 229 8.07 -18.31 18.04
CA GLY G 229 7.37 -19.57 18.02
C GLY G 229 8.20 -20.76 17.58
N GLU G 230 9.52 -20.64 17.72
CA GLU G 230 10.45 -21.72 17.34
C GLU G 230 10.21 -22.20 15.90
N ALA G 231 9.87 -21.22 15.05
CA ALA G 231 9.60 -21.38 13.62
C ALA G 231 8.35 -22.19 13.27
N ILE G 232 7.62 -22.67 14.27
CA ILE G 232 6.36 -23.35 13.96
C ILE G 232 5.39 -22.51 13.11
N PRO G 233 5.31 -21.19 13.36
CA PRO G 233 4.45 -20.40 12.47
C PRO G 233 4.80 -20.51 10.98
N PHE G 234 6.06 -20.76 10.65
CA PHE G 234 6.48 -20.86 9.26
C PHE G 234 6.02 -22.17 8.62
N TRP G 235 5.83 -23.19 9.45
CA TRP G 235 5.51 -24.55 8.97
C TRP G 235 4.02 -24.88 8.97
N LEU G 236 3.16 -23.92 9.34
CA LEU G 236 1.74 -24.22 9.53
C LEU G 236 1.05 -24.90 8.34
N TRP G 237 1.34 -24.45 7.12
CA TRP G 237 0.59 -24.96 5.96
C TRP G 237 0.94 -26.45 5.73
N ARG G 238 2.22 -26.76 5.85
CA ARG G 238 2.72 -28.12 5.63
C ARG G 238 2.28 -29.05 6.77
N LEU G 239 2.29 -28.56 8.00
CA LEU G 239 1.77 -29.33 9.15
C LEU G 239 0.32 -29.73 8.89
N ASP G 240 -0.49 -28.78 8.46
CA ASP G 240 -1.87 -29.08 8.10
C ASP G 240 -1.98 -30.04 6.93
N TYR G 241 -1.30 -29.73 5.84
CA TYR G 241 -1.42 -30.53 4.63
C TYR G 241 -1.06 -32.01 4.85
N MET G 242 0.07 -32.24 5.49
CA MET G 242 0.57 -33.59 5.69
C MET G 242 -0.13 -34.38 6.80
N HIS G 243 -1.01 -33.73 7.54
CA HIS G 243 -1.66 -34.39 8.69
C HIS G 243 -2.53 -35.58 8.26
N GLY G 244 -3.15 -35.47 7.10
CA GLY G 244 -3.93 -36.58 6.56
C GLY G 244 -3.11 -37.85 6.40
N ASN G 245 -1.95 -37.73 5.75
CA ASN G 245 -1.00 -38.85 5.67
C ASN G 245 -0.60 -39.36 7.05
N ALA G 246 -0.41 -38.44 7.99
CA ALA G 246 -0.01 -38.80 9.34
C ALA G 246 -1.04 -39.71 10.02
N THR G 247 -2.32 -39.38 9.89
CA THR G 247 -3.36 -40.15 10.55
C THR G 247 -3.80 -41.35 9.72
N THR G 248 -3.56 -41.31 8.41
CA THR G 248 -3.93 -42.42 7.55
C THR G 248 -2.90 -43.55 7.53
N PHE G 249 -1.63 -43.21 7.31
CA PHE G 249 -0.58 -44.22 7.20
C PHE G 249 0.40 -44.19 8.37
N GLY G 250 0.40 -43.10 9.14
CA GLY G 250 1.44 -42.91 10.15
C GLY G 250 1.03 -43.26 11.58
N GLY G 251 -0.23 -43.60 11.76
CA GLY G 251 -0.70 -43.99 13.08
C GLY G 251 -0.94 -42.84 14.03
N ALA G 252 -0.88 -41.62 13.50
CA ALA G 252 -1.21 -40.44 14.30
C ALA G 252 -2.69 -40.50 14.66
N PRO G 253 -3.03 -40.08 15.87
CA PRO G 253 -4.44 -40.15 16.28
C PRO G 253 -5.26 -39.08 15.57
N LYS G 254 -6.52 -39.38 15.30
CA LYS G 254 -7.41 -38.39 14.72
C LYS G 254 -7.61 -37.25 15.72
N LEU G 255 -7.59 -36.02 15.23
CA LEU G 255 -7.74 -34.84 16.07
C LEU G 255 -9.02 -34.08 15.75
N LYS G 256 -9.52 -33.33 16.72
CA LYS G 256 -10.74 -32.55 16.49
C LYS G 256 -10.50 -31.38 15.54
N LEU G 257 -9.31 -30.78 15.63
CA LEU G 257 -8.93 -29.62 14.81
C LEU G 257 -7.72 -29.93 13.94
N LYS G 258 -7.39 -29.00 13.03
CA LYS G 258 -6.15 -29.06 12.28
C LYS G 258 -5.00 -28.63 13.19
N PRO G 259 -3.78 -29.13 12.92
CA PRO G 259 -2.58 -28.74 13.65
C PRO G 259 -2.42 -27.22 13.80
N SER G 260 -2.60 -26.49 12.70
CA SER G 260 -2.45 -25.04 12.77
C SER G 260 -3.54 -24.40 13.64
N GLU G 261 -4.69 -25.06 13.73
CA GLU G 261 -5.79 -24.54 14.55
C GLU G 261 -5.50 -24.71 16.04
N TYR G 262 -4.83 -25.80 16.42
CA TYR G 262 -4.32 -25.89 17.79
C TYR G 262 -3.28 -24.82 18.02
N PHE G 263 -2.47 -24.53 17.01
CA PHE G 263 -1.40 -23.58 17.25
C PHE G 263 -1.99 -22.21 17.52
N ARG G 264 -3.01 -21.83 16.76
CA ARG G 264 -3.63 -20.52 16.97
C ARG G 264 -4.50 -20.46 18.22
N ARG G 265 -5.17 -21.57 18.55
CA ARG G 265 -6.06 -21.61 19.71
C ARG G 265 -5.31 -21.70 21.03
N ASN G 266 -4.33 -22.60 21.08
CA ASN G 266 -3.68 -22.94 22.34
C ASN G 266 -2.29 -22.35 22.54
N PHE G 267 -1.72 -21.73 21.51
CA PHE G 267 -0.37 -21.20 21.64
C PHE G 267 -0.32 -19.69 21.42
N ALA G 268 0.68 -19.05 22.01
CA ALA G 268 1.03 -17.68 21.65
C ALA G 268 2.55 -17.68 21.58
N ILE G 269 3.12 -16.64 20.98
CA ILE G 269 4.56 -16.63 20.75
C ILE G 269 5.19 -15.33 21.19
N THR G 270 6.51 -15.35 21.42
CA THR G 270 7.26 -14.13 21.68
C THR G 270 8.37 -13.93 20.67
N THR G 271 8.94 -12.73 20.65
CA THR G 271 9.94 -12.36 19.65
C THR G 271 11.36 -12.48 20.18
N SER G 272 11.53 -13.14 21.32
CA SER G 272 12.87 -13.28 21.91
C SER G 272 13.88 -13.83 20.91
N GLY G 273 15.00 -13.12 20.76
CA GLY G 273 16.06 -13.58 19.89
C GLY G 273 15.78 -13.55 18.41
N VAL G 274 14.66 -12.98 18.00
CA VAL G 274 14.32 -12.89 16.57
C VAL G 274 13.87 -11.46 16.30
N GLU G 275 14.83 -10.54 16.25
CA GLU G 275 14.50 -9.13 16.05
C GLU G 275 14.45 -8.80 14.55
N SER G 276 13.50 -9.44 13.87
CA SER G 276 13.33 -9.28 12.44
C SER G 276 11.93 -8.74 12.16
N HIS G 277 11.87 -7.56 11.55
CA HIS G 277 10.58 -6.97 11.20
C HIS G 277 9.81 -7.85 10.23
N ALA G 278 10.54 -8.52 9.34
CA ALA G 278 9.93 -9.41 8.37
C ALA G 278 9.31 -10.61 9.05
N ALA G 279 10.04 -11.24 9.96
CA ALA G 279 9.50 -12.39 10.67
C ALA G 279 8.31 -12.01 11.57
N LEU G 280 8.41 -10.85 12.21
CA LEU G 280 7.31 -10.31 13.01
C LEU G 280 6.04 -10.12 12.18
N ARG G 281 6.16 -9.45 11.02
CA ARG G 281 4.98 -9.22 10.19
C ARG G 281 4.39 -10.54 9.73
N TYR G 282 5.25 -11.50 9.37
CA TYR G 282 4.77 -12.81 8.94
C TYR G 282 3.92 -13.43 10.05
N SER G 283 4.45 -13.41 11.27
CA SER G 283 3.78 -14.03 12.41
C SER G 283 2.46 -13.35 12.79
N ILE G 284 2.43 -12.02 12.75
CA ILE G 284 1.17 -11.30 12.95
C ILE G 284 0.15 -11.70 11.87
N GLU G 285 0.62 -11.79 10.62
CA GLU G 285 -0.26 -12.18 9.54
C GLU G 285 -0.87 -13.58 9.72
N VAL G 286 -0.08 -14.56 10.14
CA VAL G 286 -0.58 -15.94 10.16
C VAL G 286 -1.16 -16.39 11.50
N LEU G 287 -0.76 -15.70 12.57
CA LEU G 287 -1.28 -16.02 13.90
C LEU G 287 -2.34 -15.05 14.38
N GLY G 288 -2.31 -13.83 13.86
CA GLY G 288 -3.16 -12.77 14.38
C GLY G 288 -2.38 -11.96 15.39
N PRO G 289 -2.69 -10.66 15.52
CA PRO G 289 -1.87 -9.78 16.36
C PRO G 289 -2.03 -10.03 17.87
N GLU G 290 -3.09 -10.72 18.30
CA GLU G 290 -3.25 -11.03 19.73
C GLU G 290 -2.31 -12.13 20.21
N ASN G 291 -1.69 -12.85 19.27
CA ASN G 291 -0.92 -14.04 19.58
C ASN G 291 0.59 -13.83 19.61
N VAL G 292 1.03 -12.57 19.48
CA VAL G 292 2.47 -12.28 19.42
C VAL G 292 2.89 -11.32 20.53
N MET G 293 3.88 -11.70 21.32
CA MET G 293 4.37 -10.83 22.38
C MET G 293 5.85 -10.47 22.19
N TRP G 294 6.20 -9.26 22.59
CA TRP G 294 7.61 -8.86 22.60
C TRP G 294 8.35 -9.45 23.79
N ALA G 295 9.65 -9.66 23.62
CA ALA G 295 10.55 -10.12 24.67
C ALA G 295 11.96 -9.66 24.36
N ILE G 296 12.83 -9.71 25.36
CA ILE G 296 14.23 -9.36 25.18
C ILE G 296 15.12 -10.60 25.16
N ASP G 297 14.84 -11.53 26.06
CA ASP G 297 15.74 -12.65 26.35
C ASP G 297 16.99 -12.16 27.09
N TYR G 298 16.83 -11.16 27.96
CA TYR G 298 17.90 -10.71 28.84
C TYR G 298 18.16 -11.78 29.90
N PRO G 299 19.43 -12.00 30.27
CA PRO G 299 20.65 -11.32 29.83
C PRO G 299 21.37 -11.95 28.64
N TYR G 300 20.76 -12.94 28.00
CA TYR G 300 21.38 -13.60 26.85
C TYR G 300 21.37 -12.71 25.60
N GLN G 301 20.43 -11.77 25.54
CA GLN G 301 20.41 -10.70 24.53
C GLN G 301 20.43 -9.38 25.27
N PRO G 302 21.04 -8.35 24.68
CA PRO G 302 21.00 -7.02 25.31
C PRO G 302 19.64 -6.35 25.13
N MET G 303 19.29 -5.43 26.04
CA MET G 303 17.97 -4.79 25.98
C MET G 303 17.79 -3.77 24.85
N ALA G 304 18.77 -2.89 24.64
CA ALA G 304 18.57 -1.75 23.73
C ALA G 304 18.16 -2.18 22.32
N PRO G 305 18.88 -3.14 21.70
CA PRO G 305 18.47 -3.51 20.35
C PRO G 305 17.06 -4.10 20.32
N ALA G 306 16.71 -4.88 21.33
CA ALA G 306 15.36 -5.48 21.39
C ALA G 306 14.29 -4.41 21.51
N VAL G 307 14.55 -3.43 22.39
CA VAL G 307 13.63 -2.34 22.53
C VAL G 307 13.44 -1.56 21.23
N GLN G 308 14.55 -1.24 20.57
CA GLN G 308 14.49 -0.44 19.36
C GLN G 308 13.87 -1.21 18.19
N PHE G 309 14.02 -2.53 18.20
CA PHE G 309 13.31 -3.40 17.27
C PHE G 309 11.80 -3.19 17.32
N ILE G 310 11.20 -3.25 18.51
CA ILE G 310 9.76 -3.09 18.59
C ILE G 310 9.32 -1.63 18.42
N ARG G 311 10.09 -0.68 18.98
CA ARG G 311 9.71 0.73 18.84
C ARG G 311 9.67 1.18 17.37
N THR G 312 10.47 0.53 16.51
CA THR G 312 10.53 0.91 15.11
C THR G 312 9.80 -0.05 14.17
N ALA G 313 9.05 -1.01 14.73
CA ALA G 313 8.37 -1.99 13.90
C ALA G 313 7.37 -1.32 12.97
N PRO G 314 7.37 -1.72 11.69
CA PRO G 314 6.50 -1.07 10.72
C PRO G 314 5.09 -1.65 10.77
N ILE G 315 4.41 -1.42 11.90
CA ILE G 315 3.04 -1.88 12.15
C ILE G 315 2.28 -0.71 12.79
N PRO G 316 0.95 -0.70 12.69
CA PRO G 316 0.20 0.42 13.27
C PRO G 316 0.39 0.49 14.78
N GLU G 317 0.15 1.66 15.35
CA GLU G 317 0.39 1.86 16.77
C GLU G 317 -0.45 0.96 17.69
N ASP G 318 -1.70 0.69 17.32
CA ASP G 318 -2.49 -0.19 18.17
C ASP G 318 -1.96 -1.63 18.20
N VAL G 319 -1.59 -2.16 17.05
CA VAL G 319 -0.98 -3.49 17.01
C VAL G 319 0.36 -3.49 17.76
N LYS G 320 1.13 -2.43 17.59
CA LYS G 320 2.39 -2.31 18.32
C LYS G 320 2.17 -2.39 19.83
N ALA G 321 1.15 -1.70 20.33
CA ALA G 321 0.87 -1.72 21.77
C ALA G 321 0.50 -3.12 22.25
N MET G 322 -0.21 -3.86 21.41
CA MET G 322 -0.57 -5.25 21.72
C MET G 322 0.68 -6.10 21.84
N VAL G 323 1.58 -5.99 20.86
CA VAL G 323 2.79 -6.81 20.86
C VAL G 323 3.74 -6.38 21.97
N ALA G 324 3.82 -5.07 22.19
CA ALA G 324 4.77 -4.54 23.15
C ALA G 324 4.44 -4.92 24.60
N GLY G 325 3.16 -5.09 24.90
CA GLY G 325 2.77 -5.37 26.27
C GLY G 325 1.34 -5.75 26.55
N GLY G 326 0.42 -5.33 25.70
CA GLY G 326 -0.98 -5.59 25.92
C GLY G 326 -1.32 -7.08 25.95
N ASN G 327 -0.79 -7.83 24.98
CA ASN G 327 -1.00 -9.27 24.94
C ASN G 327 -0.46 -9.95 26.17
N ALA G 328 0.76 -9.57 26.58
CA ALA G 328 1.37 -10.16 27.75
C ALA G 328 0.57 -9.84 29.01
N ALA G 329 0.03 -8.63 29.09
CA ALA G 329 -0.78 -8.24 30.25
C ALA G 329 -2.00 -9.14 30.38
N ARG G 330 -2.55 -9.54 29.24
CA ARG G 330 -3.71 -10.42 29.20
C ARG G 330 -3.32 -11.85 29.57
N ILE G 331 -2.35 -12.40 28.85
CA ILE G 331 -1.95 -13.80 28.99
C ILE G 331 -1.31 -14.09 30.36
N PHE G 332 -0.50 -13.16 30.84
CA PHE G 332 0.18 -13.35 32.12
C PHE G 332 -0.38 -12.54 33.30
N ARG G 333 -1.64 -12.12 33.20
CA ARG G 333 -2.39 -11.60 34.34
C ARG G 333 -1.68 -10.42 35.00
N ILE G 334 -1.26 -9.44 34.20
CA ILE G 334 -0.53 -8.31 34.73
C ILE G 334 -1.40 -7.05 34.66
N THR G 335 -1.59 -6.39 35.79
CA THR G 335 -2.34 -5.15 35.80
C THR G 335 -1.51 -3.96 35.25
N SER H 1 -8.57 20.32 17.07
CA SER H 1 -8.42 18.89 17.38
C SER H 1 -6.96 18.53 17.63
N LEU H 2 -6.13 18.60 16.59
CA LEU H 2 -4.71 18.27 16.71
C LEU H 2 -4.01 19.27 17.64
N ARG H 3 -3.41 18.75 18.72
CA ARG H 3 -2.68 19.60 19.64
C ARG H 3 -1.27 19.87 19.12
N LEU H 4 -1.01 21.12 18.78
CA LEU H 4 0.29 21.50 18.24
C LEU H 4 1.19 22.18 19.25
N ILE H 5 2.32 21.56 19.57
CA ILE H 5 3.31 22.14 20.48
C ILE H 5 4.63 22.32 19.72
N ALA H 6 4.96 23.56 19.38
CA ALA H 6 6.15 23.84 18.58
C ALA H 6 7.38 23.90 19.49
N THR H 7 8.42 23.14 19.14
CA THR H 7 9.53 22.90 20.09
C THR H 7 10.83 23.69 19.91
N GLU H 8 10.95 24.52 18.87
CA GLU H 8 12.21 25.24 18.70
C GLU H 8 11.92 26.72 18.45
N GLU H 9 11.27 27.35 19.43
CA GLU H 9 10.75 28.69 19.21
C GLU H 9 11.58 29.71 19.98
N ALA H 10 12.33 30.50 19.24
CA ALA H 10 13.33 31.39 19.78
C ALA H 10 12.69 32.63 20.36
N VAL H 11 13.29 33.13 21.42
CA VAL H 11 12.86 34.36 22.08
C VAL H 11 14.13 35.06 22.55
N THR H 12 14.04 36.34 22.87
CA THR H 12 15.15 37.01 23.53
C THR H 12 14.61 37.96 24.60
N PHE H 13 15.51 38.45 25.44
CA PHE H 13 15.13 39.38 26.51
C PHE H 13 16.07 40.56 26.46
N GLN H 14 15.58 41.71 26.91
CA GLN H 14 16.35 42.95 26.83
C GLN H 14 17.78 42.92 27.42
N PRO H 15 17.99 42.30 28.60
CA PRO H 15 19.37 42.27 29.11
C PRO H 15 20.33 41.53 28.17
N VAL H 16 19.84 40.48 27.50
CA VAL H 16 20.68 39.74 26.57
C VAL H 16 20.89 40.55 25.29
N VAL H 17 19.81 41.16 24.80
CA VAL H 17 19.90 42.03 23.63
C VAL H 17 20.94 43.13 23.83
N ASP H 18 20.89 43.80 24.97
CA ASP H 18 21.85 44.86 25.27
C ASP H 18 23.30 44.35 25.29
N ALA H 19 23.51 43.18 25.87
CA ALA H 19 24.84 42.62 25.96
C ALA H 19 25.35 42.27 24.58
N LEU H 20 24.45 41.80 23.72
CA LEU H 20 24.81 41.41 22.36
C LEU H 20 25.03 42.63 21.47
N ARG H 21 24.31 43.71 21.72
CA ARG H 21 24.55 44.96 21.01
C ARG H 21 25.98 45.44 21.28
N ALA H 22 26.40 45.36 22.53
CA ALA H 22 27.75 45.74 22.91
C ALA H 22 28.76 44.78 22.29
N HIS H 23 28.43 43.49 22.30
CA HIS H 23 29.33 42.49 21.74
C HIS H 23 29.54 42.67 20.24
N SER H 24 28.52 43.17 19.54
CA SER H 24 28.57 43.37 18.10
C SER H 24 29.66 44.36 17.68
N ARG H 25 30.13 45.17 18.63
CA ARG H 25 31.13 46.18 18.32
C ARG H 25 32.56 45.71 18.58
N THR H 26 32.71 44.52 19.17
CA THR H 26 34.04 44.00 19.52
C THR H 26 34.71 43.31 18.33
N ASP H 27 35.94 42.88 18.52
CA ASP H 27 36.70 42.21 17.44
C ASP H 27 36.68 40.70 17.54
N ASP H 28 35.67 40.17 18.24
CA ASP H 28 35.45 38.72 18.33
C ASP H 28 35.53 38.10 16.94
N ALA H 29 36.33 37.05 16.80
CA ALA H 29 36.52 36.39 15.50
C ALA H 29 35.57 35.22 15.28
N SER H 30 34.72 34.95 16.28
CA SER H 30 33.74 33.88 16.14
C SER H 30 32.87 34.11 14.91
N LEU H 31 32.57 33.02 14.21
CA LEU H 31 31.76 33.07 13.01
C LEU H 31 30.33 33.53 13.33
N ASP H 32 29.94 33.42 14.60
CA ASP H 32 28.63 33.90 15.03
C ASP H 32 28.49 35.42 14.92
N MET H 33 29.60 36.13 14.80
CA MET H 33 29.57 37.60 14.68
C MET H 33 28.87 38.07 13.40
N ILE H 34 28.76 37.20 12.40
CA ILE H 34 27.96 37.52 11.22
C ILE H 34 26.49 37.71 11.63
N LEU H 35 25.92 36.73 12.32
CA LEU H 35 24.58 36.86 12.87
C LEU H 35 24.49 38.02 13.86
N VAL H 36 25.45 38.12 14.78
CA VAL H 36 25.37 39.14 15.82
C VAL H 36 25.36 40.54 15.23
N ARG H 37 26.16 40.77 14.19
CA ARG H 37 26.13 42.08 13.54
C ARG H 37 24.83 42.31 12.72
N ASP H 38 24.33 41.26 12.08
CA ASP H 38 23.13 41.34 11.25
C ASP H 38 21.89 41.64 12.08
N VAL H 39 21.82 41.08 13.29
CA VAL H 39 20.63 41.22 14.12
C VAL H 39 20.80 42.27 15.23
N TYR H 40 21.96 42.27 15.89
CA TYR H 40 22.15 43.08 17.09
C TYR H 40 23.08 44.26 16.90
N GLY H 41 23.65 44.41 15.72
CA GLY H 41 24.61 45.46 15.45
C GLY H 41 24.02 46.84 15.18
N ASP H 42 24.90 47.84 15.06
CA ASP H 42 24.48 49.23 14.91
C ASP H 42 23.93 49.56 13.52
N GLU H 43 24.29 48.75 12.53
CA GLU H 43 23.74 48.93 11.19
C GLU H 43 23.18 47.60 10.71
N PRO H 44 22.08 47.16 11.33
CA PRO H 44 21.66 45.76 11.11
C PRO H 44 21.03 45.49 9.74
N ALA H 45 21.53 44.45 9.08
CA ALA H 45 20.94 43.95 7.85
C ALA H 45 19.56 43.33 8.11
N ARG H 46 19.30 42.95 9.36
CA ARG H 46 18.02 42.32 9.73
C ARG H 46 17.36 43.08 10.88
N PRO H 47 16.92 44.33 10.61
CA PRO H 47 16.49 45.24 11.67
C PRO H 47 15.20 44.85 12.40
N ALA H 48 14.37 44.02 11.80
CA ALA H 48 13.09 43.66 12.43
C ALA H 48 13.24 42.49 13.39
N MET H 49 14.39 41.82 13.35
CA MET H 49 14.52 40.55 14.07
C MET H 49 14.47 40.69 15.61
N ILE H 50 15.14 41.69 16.17
CA ILE H 50 15.13 41.88 17.63
C ILE H 50 13.71 41.99 18.17
N GLY H 51 12.89 42.79 17.51
CA GLY H 51 11.50 42.98 17.91
C GLY H 51 10.71 41.69 17.81
N ARG H 52 10.96 40.93 16.76
CA ARG H 52 10.21 39.70 16.54
C ARG H 52 10.61 38.64 17.56
N LEU H 53 11.90 38.56 17.87
CA LEU H 53 12.38 37.65 18.91
C LEU H 53 11.86 38.04 20.30
N SER H 54 11.81 39.33 20.57
CA SER H 54 11.40 39.81 21.89
C SER H 54 9.90 39.62 22.14
N ASP H 55 9.11 39.71 21.08
CA ASP H 55 7.67 39.62 21.22
C ASP H 55 7.18 38.22 21.56
N VAL H 56 6.34 38.13 22.59
CA VAL H 56 5.72 36.87 22.97
C VAL H 56 4.20 36.96 22.92
N THR H 57 3.63 38.00 23.51
CA THR H 57 2.16 38.08 23.61
C THR H 57 1.49 38.94 22.52
N GLY H 58 2.29 39.47 21.60
CA GLY H 58 1.72 40.26 20.52
C GLY H 58 1.56 39.47 19.23
N GLU H 59 2.36 39.79 18.23
CA GLU H 59 2.31 39.12 16.93
C GLU H 59 2.50 37.61 17.05
N ARG H 60 3.39 37.17 17.94
CA ARG H 60 3.63 35.74 18.11
C ARG H 60 2.35 35.03 18.51
N LEU H 61 1.67 35.56 19.52
CA LEU H 61 0.46 34.92 20.01
C LEU H 61 -0.68 35.03 18.98
N ALA H 62 -0.80 36.19 18.33
CA ALA H 62 -1.80 36.34 17.27
C ALA H 62 -1.60 35.31 16.13
N GLU H 63 -0.35 35.08 15.74
CA GLU H 63 -0.04 34.09 14.71
C GLU H 63 -0.34 32.67 15.19
N MET H 64 -0.06 32.39 16.46
CA MET H 64 -0.40 31.09 17.01
C MET H 64 -1.92 30.88 16.93
N ASP H 65 -2.69 31.91 17.24
CA ASP H 65 -4.15 31.81 17.22
C ASP H 65 -4.69 31.63 15.80
N SER H 66 -4.14 32.39 14.86
CA SER H 66 -4.54 32.33 13.45
C SER H 66 -4.29 30.97 12.83
N ASN H 67 -3.26 30.27 13.30
CA ASN H 67 -2.87 28.97 12.73
C ASN H 67 -3.24 27.77 13.59
N GLY H 68 -3.87 28.03 14.73
CA GLY H 68 -4.31 26.96 15.59
C GLY H 68 -3.17 26.22 16.28
N VAL H 69 -2.12 26.96 16.59
CA VAL H 69 -1.00 26.39 17.35
C VAL H 69 -1.28 26.53 18.84
N ASP H 70 -1.16 25.43 19.59
CA ASP H 70 -1.52 25.46 21.01
C ASP H 70 -0.43 26.09 21.85
N MET H 71 0.81 25.70 21.62
CA MET H 71 1.94 26.16 22.43
C MET H 71 3.24 26.40 21.67
N HIS H 72 4.06 27.33 22.17
CA HIS H 72 5.47 27.39 21.80
C HIS H 72 6.29 26.98 23.01
N LEU H 73 7.26 26.11 22.80
CA LEU H 73 8.31 25.86 23.78
C LEU H 73 9.42 26.85 23.46
N LEU H 74 9.57 27.85 24.32
CA LEU H 74 10.48 28.96 24.08
C LEU H 74 11.89 28.62 24.50
N SER H 75 12.86 29.13 23.74
CA SER H 75 14.27 29.00 24.12
C SER H 75 15.01 30.29 23.76
N LEU H 76 15.91 30.72 24.63
CA LEU H 76 16.77 31.88 24.33
C LEU H 76 17.51 31.60 23.03
N THR H 77 17.40 32.53 22.10
CA THR H 77 17.89 32.30 20.74
C THR H 77 19.41 32.18 20.72
N ALA H 78 19.93 31.40 19.76
CA ALA H 78 21.35 31.32 19.52
C ALA H 78 21.90 32.73 19.29
N PRO H 79 23.10 33.02 19.80
CA PRO H 79 24.05 32.13 20.46
C PRO H 79 23.90 32.08 21.99
N GLY H 80 22.70 32.36 22.49
CA GLY H 80 22.47 32.34 23.93
C GLY H 80 23.39 33.28 24.69
N VAL H 81 24.03 32.76 25.75
CA VAL H 81 24.97 33.52 26.55
C VAL H 81 26.40 33.00 26.38
N GLN H 82 26.59 32.16 25.37
CA GLN H 82 27.84 31.44 25.19
C GLN H 82 28.99 32.28 24.62
N MET H 83 28.67 33.43 24.02
CA MET H 83 29.73 34.28 23.46
C MET H 83 30.42 35.15 24.49
N PHE H 84 29.80 35.32 25.65
CA PHE H 84 30.32 36.21 26.68
C PHE H 84 31.40 35.53 27.51
N ASP H 85 32.16 36.32 28.27
CA ASP H 85 33.11 35.75 29.22
C ASP H 85 32.33 35.02 30.30
N ALA H 86 33.02 34.19 31.09
CA ALA H 86 32.34 33.31 32.04
C ALA H 86 31.48 34.04 33.08
N GLU H 87 32.02 35.10 33.69
CA GLU H 87 31.26 35.84 34.69
C GLU H 87 30.01 36.50 34.09
N THR H 88 30.17 37.11 32.93
CA THR H 88 29.04 37.74 32.24
C THR H 88 28.00 36.70 31.82
N GLY H 89 28.46 35.63 31.18
CA GLY H 89 27.56 34.60 30.74
C GLY H 89 26.79 34.01 31.91
N THR H 90 27.48 33.71 33.00
CA THR H 90 26.84 33.15 34.19
C THR H 90 25.76 34.08 34.73
N ARG H 91 26.09 35.37 34.84
N ARG H 91 26.11 35.37 34.81
CA ARG H 91 25.13 36.36 35.34
CA ARG H 91 25.23 36.43 35.30
C ARG H 91 23.90 36.45 34.43
C ARG H 91 23.96 36.54 34.45
N LEU H 92 24.12 36.57 33.13
CA LEU H 92 23.00 36.71 32.18
C LEU H 92 22.15 35.45 32.03
N ALA H 93 22.72 34.27 32.25
CA ALA H 93 21.93 33.04 32.19
C ALA H 93 20.89 33.01 33.32
N ARG H 94 21.30 33.43 34.51
CA ARG H 94 20.38 33.48 35.63
C ARG H 94 19.22 34.44 35.31
N ILE H 95 19.59 35.62 34.83
CA ILE H 95 18.63 36.65 34.44
C ILE H 95 17.68 36.18 33.34
N ALA H 96 18.24 35.62 32.27
CA ALA H 96 17.44 35.13 31.16
C ALA H 96 16.49 34.01 31.59
N ASN H 97 17.00 33.10 32.41
CA ASN H 97 16.16 32.03 32.96
C ASN H 97 15.02 32.53 33.84
N ASP H 98 15.28 33.52 34.70
CA ASP H 98 14.20 34.10 35.51
C ASP H 98 13.16 34.74 34.60
N LEU H 99 13.61 35.43 33.57
CA LEU H 99 12.69 36.07 32.62
C LEU H 99 11.86 35.03 31.88
N MET H 100 12.49 33.93 31.51
CA MET H 100 11.81 32.84 30.84
C MET H 100 10.71 32.27 31.75
N ALA H 101 11.07 32.00 33.01
CA ALA H 101 10.09 31.47 33.97
C ALA H 101 8.90 32.41 34.12
N GLN H 102 9.17 33.71 34.19
CA GLN H 102 8.10 34.72 34.27
C GLN H 102 7.24 34.74 33.03
N THR H 103 7.87 34.62 31.86
CA THR H 103 7.15 34.64 30.60
C THR H 103 6.19 33.46 30.52
N VAL H 104 6.67 32.31 30.95
CA VAL H 104 5.86 31.10 30.98
C VAL H 104 4.72 31.22 31.99
N ALA H 105 5.00 31.78 33.16
CA ALA H 105 3.98 31.91 34.20
C ALA H 105 2.85 32.87 33.80
N ALA H 106 3.13 33.78 32.88
CA ALA H 106 2.12 34.74 32.44
C ALA H 106 1.07 34.11 31.52
N ASN H 107 1.47 33.10 30.76
CA ASN H 107 0.53 32.39 29.90
C ASN H 107 0.91 30.92 29.79
N PRO H 108 0.75 30.17 30.89
CA PRO H 108 1.28 28.80 30.97
C PRO H 108 0.54 27.76 30.12
N THR H 109 -0.62 28.09 29.56
CA THR H 109 -1.27 27.15 28.63
C THR H 109 -0.78 27.34 27.20
N ARG H 110 -0.11 28.45 26.94
CA ARG H 110 0.38 28.73 25.57
C ARG H 110 1.91 28.68 25.44
N PHE H 111 2.62 28.79 26.56
CA PHE H 111 4.08 28.79 26.53
C PHE H 111 4.70 27.89 27.59
N ALA H 112 5.65 27.08 27.14
CA ALA H 112 6.55 26.34 28.01
C ALA H 112 7.93 26.93 27.73
N GLY H 113 8.94 26.55 28.51
CA GLY H 113 10.24 27.17 28.34
C GLY H 113 11.41 26.30 28.70
N LEU H 114 12.50 26.51 27.97
CA LEU H 114 13.76 25.83 28.23
C LEU H 114 14.69 26.84 28.90
N GLY H 115 15.41 26.42 29.92
CA GLY H 115 16.39 27.26 30.57
C GLY H 115 17.74 27.08 29.89
N THR H 116 18.60 28.09 29.95
CA THR H 116 19.93 27.91 29.38
C THR H 116 20.99 28.07 30.47
N PHE H 117 22.26 28.02 30.08
CA PHE H 117 23.37 28.11 31.02
C PHE H 117 24.64 28.53 30.31
N ALA H 118 25.67 28.87 31.08
CA ALA H 118 26.92 29.33 30.51
C ALA H 118 28.01 28.32 30.80
N PRO H 119 28.22 27.36 29.88
CA PRO H 119 29.19 26.28 30.11
C PRO H 119 30.64 26.75 30.06
N GLN H 120 30.88 28.04 29.83
CA GLN H 120 32.21 28.63 30.05
C GLN H 120 32.75 28.28 31.44
N ASP H 121 31.84 28.14 32.41
CA ASP H 121 32.14 27.81 33.79
C ASP H 121 31.28 26.62 34.16
N PRO H 122 31.78 25.39 33.94
CA PRO H 122 30.96 24.19 34.11
C PRO H 122 30.38 24.03 35.52
N ALA H 123 31.11 24.44 36.55
CA ALA H 123 30.63 24.31 37.92
C ALA H 123 29.44 25.24 38.18
N SER H 124 29.54 26.48 37.71
CA SER H 124 28.46 27.44 37.91
C SER H 124 27.24 27.05 37.07
N ALA H 125 27.50 26.47 35.89
CA ALA H 125 26.43 26.02 35.00
C ALA H 125 25.69 24.83 35.61
N ALA H 126 26.44 23.95 36.27
CA ALA H 126 25.85 22.85 37.01
C ALA H 126 24.87 23.36 38.07
N ARG H 127 25.28 24.40 38.79
CA ARG H 127 24.39 25.00 39.79
C ARG H 127 23.15 25.62 39.14
N GLU H 128 23.32 26.24 37.97
CA GLU H 128 22.18 26.87 37.30
C GLU H 128 21.20 25.84 36.77
N ILE H 129 21.73 24.73 36.26
CA ILE H 129 20.91 23.64 35.78
C ILE H 129 20.03 23.12 36.92
N GLU H 130 20.63 22.91 38.07
CA GLU H 130 19.90 22.51 39.27
C GLU H 130 18.80 23.51 39.64
N ARG H 131 19.10 24.80 39.59
CA ARG H 131 18.12 25.83 39.91
C ARG H 131 16.97 25.82 38.88
N VAL H 132 17.32 25.69 37.60
CA VAL H 132 16.33 25.65 36.52
C VAL H 132 15.36 24.48 36.71
N ALA H 133 15.89 23.33 37.12
CA ALA H 133 15.07 22.13 37.26
C ALA H 133 14.20 22.15 38.51
N THR H 134 14.76 22.62 39.63
CA THR H 134 14.11 22.47 40.94
C THR H 134 13.42 23.72 41.46
N GLN H 135 13.95 24.90 41.15
CA GLN H 135 13.36 26.14 41.66
C GLN H 135 12.46 26.78 40.61
N LEU H 136 13.00 26.97 39.41
CA LEU H 136 12.22 27.56 38.32
C LEU H 136 11.22 26.57 37.76
N ARG H 137 11.59 25.29 37.80
CA ARG H 137 10.77 24.21 37.25
C ARG H 137 10.42 24.43 35.78
N LEU H 138 11.41 24.85 35.00
CA LEU H 138 11.25 24.98 33.56
C LEU H 138 11.17 23.58 32.92
N ASN H 139 10.86 23.56 31.64
CA ASN H 139 10.52 22.31 30.95
C ASN H 139 11.70 21.49 30.44
N GLY H 140 12.85 22.13 30.31
CA GLY H 140 14.03 21.44 29.80
C GLY H 140 15.15 22.46 29.69
N LEU H 141 16.17 22.11 28.93
CA LEU H 141 17.34 22.96 28.78
C LEU H 141 17.66 23.19 27.30
N VAL H 142 18.38 24.26 27.03
CA VAL H 142 18.85 24.54 25.68
C VAL H 142 20.28 25.08 25.72
N ILE H 143 21.09 24.65 24.77
CA ILE H 143 22.44 25.19 24.62
C ILE H 143 22.71 25.19 23.12
N ASN H 144 23.55 26.11 22.64
CA ASN H 144 23.79 26.23 21.20
C ASN H 144 25.13 25.68 20.81
N SER H 145 25.12 24.44 20.33
CA SER H 145 26.32 23.67 20.00
C SER H 145 27.55 24.06 20.84
N HIS H 146 28.67 24.39 20.19
CA HIS H 146 29.94 24.54 20.92
C HIS H 146 29.98 25.69 21.95
N THR H 147 30.90 25.57 22.89
CA THR H 147 31.25 26.68 23.77
C THR H 147 32.76 26.78 23.80
N ASN H 148 33.27 27.99 23.59
CA ASN H 148 34.72 28.24 23.54
C ASN H 148 35.41 27.37 22.51
N ASP H 149 34.69 27.06 21.42
CA ASP H 149 35.21 26.27 20.32
C ASP H 149 35.60 24.87 20.74
N LEU H 150 34.94 24.38 21.78
CA LEU H 150 35.10 23.01 22.22
C LEU H 150 33.78 22.29 22.05
N TYR H 151 33.84 20.97 21.86
CA TYR H 151 32.64 20.17 21.72
C TYR H 151 32.37 19.37 22.98
N TYR H 152 31.17 18.83 23.09
CA TYR H 152 30.70 18.30 24.36
C TYR H 152 31.19 16.91 24.70
N ASP H 153 32.12 16.38 23.90
CA ASP H 153 32.88 15.20 24.30
C ASP H 153 33.99 15.57 25.28
N ASP H 154 34.33 16.86 25.35
CA ASP H 154 35.44 17.30 26.19
C ASP H 154 35.11 17.11 27.69
N PRO H 155 35.96 16.39 28.42
CA PRO H 155 35.79 16.14 29.86
C PRO H 155 35.61 17.40 30.70
N PHE H 156 36.07 18.52 30.17
CA PHE H 156 35.84 19.84 30.79
C PHE H 156 34.36 20.04 31.11
N PHE H 157 33.48 19.53 30.25
CA PHE H 157 32.05 19.73 30.41
C PHE H 157 31.35 18.65 31.23
N HIS H 158 32.10 17.69 31.79
CA HIS H 158 31.47 16.65 32.60
C HIS H 158 30.56 17.14 33.74
N PRO H 159 30.97 18.18 34.49
CA PRO H 159 30.05 18.66 35.53
C PRO H 159 28.71 19.15 34.99
N VAL H 160 28.68 19.63 33.76
CA VAL H 160 27.44 20.04 33.14
C VAL H 160 26.53 18.83 32.93
N PHE H 161 27.08 17.79 32.29
CA PHE H 161 26.23 16.66 31.90
C PHE H 161 25.82 15.81 33.09
N GLU H 162 26.68 15.76 34.10
CA GLU H 162 26.33 15.15 35.40
C GLU H 162 25.10 15.84 35.99
N ALA H 163 25.11 17.17 36.02
CA ALA H 163 23.97 17.93 36.51
C ALA H 163 22.72 17.75 35.62
N ILE H 164 22.92 17.72 34.31
CA ILE H 164 21.80 17.55 33.39
C ILE H 164 21.17 16.17 33.59
N GLU H 165 22.02 15.15 33.64
CA GLU H 165 21.52 13.79 33.82
C GLU H 165 20.76 13.65 35.12
N ALA H 166 21.28 14.23 36.19
CA ALA H 166 20.64 14.15 37.51
C ALA H 166 19.32 14.89 37.54
N SER H 167 19.22 15.97 36.76
CA SER H 167 18.02 16.79 36.76
C SER H 167 16.82 16.13 36.08
N GLY H 168 17.09 15.22 35.15
CA GLY H 168 16.03 14.61 34.38
C GLY H 168 15.51 15.49 33.24
N LEU H 169 16.09 16.68 33.09
CA LEU H 169 15.70 17.58 32.01
C LEU H 169 16.36 17.20 30.69
N ALA H 170 15.59 17.21 29.62
CA ALA H 170 16.12 17.00 28.27
C ALA H 170 16.88 18.24 27.82
N LEU H 171 17.97 18.05 27.08
CA LEU H 171 18.78 19.16 26.58
C LEU H 171 18.68 19.27 25.07
N TYR H 172 18.12 20.39 24.61
CA TYR H 172 18.04 20.70 23.20
C TYR H 172 19.38 21.30 22.83
N ILE H 173 20.12 20.63 21.96
CA ILE H 173 21.33 21.22 21.43
C ILE H 173 21.02 21.87 20.09
N HIS H 174 20.78 23.18 20.14
CA HIS H 174 20.45 23.99 18.99
C HIS H 174 21.74 24.38 18.28
N PRO H 175 21.67 24.70 16.97
CA PRO H 175 22.89 25.18 16.30
C PRO H 175 23.43 26.53 16.77
N ARG H 176 24.71 26.76 16.45
CA ARG H 176 25.25 28.11 16.30
C ARG H 176 26.21 28.01 15.12
N ALA H 177 26.86 29.10 14.75
CA ALA H 177 27.73 29.06 13.59
C ALA H 177 28.91 28.12 13.89
N PRO H 178 29.45 27.47 12.85
CA PRO H 178 30.63 26.60 12.96
C PRO H 178 31.72 27.16 13.85
N SER H 179 32.34 26.31 14.66
CA SER H 179 33.36 26.75 15.58
C SER H 179 34.65 27.13 14.85
N LYS H 180 35.59 27.70 15.59
CA LYS H 180 36.89 28.05 15.03
C LYS H 180 37.63 26.83 14.48
N GLN H 181 37.25 25.64 14.96
CA GLN H 181 37.88 24.41 14.47
C GLN H 181 37.55 24.15 12.99
N ILE H 182 36.41 24.67 12.53
CA ILE H 182 35.93 24.38 11.19
C ILE H 182 35.44 25.59 10.39
N ASP H 183 35.40 26.78 10.98
CA ASP H 183 34.74 27.91 10.33
C ASP H 183 35.35 28.42 9.01
N ARG H 184 36.61 28.08 8.77
N ARG H 184 36.62 28.09 8.77
CA ARG H 184 37.29 28.55 7.56
CA ARG H 184 37.29 28.54 7.55
C ARG H 184 36.58 28.15 6.25
C ARG H 184 36.53 28.19 6.27
N ALA H 185 35.86 27.03 6.28
CA ALA H 185 35.16 26.54 5.10
C ALA H 185 33.75 27.11 4.94
N PHE H 186 33.35 27.96 5.88
CA PHE H 186 31.97 28.44 5.94
C PHE H 186 31.86 29.96 5.86
N ARG H 187 32.84 30.61 5.24
CA ARG H 187 32.84 32.07 5.17
C ARG H 187 32.16 32.58 3.90
N ASP H 188 31.80 31.68 3.00
CA ASP H 188 31.29 32.10 1.70
C ASP H 188 29.87 31.64 1.45
N TYR H 189 29.17 32.38 0.60
CA TYR H 189 27.84 32.01 0.12
C TYR H 189 26.81 31.84 1.26
N GLY H 190 27.00 32.56 2.36
CA GLY H 190 26.10 32.50 3.49
C GLY H 190 26.10 31.18 4.25
N MET H 191 27.17 30.39 4.06
CA MET H 191 27.22 29.05 4.65
C MET H 191 27.46 29.04 6.16
N ASN H 192 27.69 30.22 6.73
CA ASN H 192 27.86 30.31 8.19
C ASN H 192 26.58 29.92 8.90
N SER H 193 25.46 30.05 8.18
CA SER H 193 24.14 30.04 8.80
C SER H 193 23.39 28.73 8.58
N ALA H 194 22.05 28.83 8.58
CA ALA H 194 21.17 27.68 8.54
C ALA H 194 21.30 26.86 7.27
N ILE H 195 21.69 27.50 6.18
CA ILE H 195 21.79 26.80 4.90
C ILE H 195 22.82 25.65 4.89
N TRP H 196 23.87 25.72 5.71
CA TRP H 196 24.79 24.59 5.77
C TRP H 196 25.62 24.46 7.07
N GLY H 197 26.24 25.55 7.49
CA GLY H 197 27.11 25.52 8.66
C GLY H 197 26.43 25.06 9.95
N TYR H 198 25.19 25.51 10.17
CA TYR H 198 24.46 25.15 11.39
C TYR H 198 24.38 23.62 11.55
N GLY H 199 24.06 22.94 10.46
CA GLY H 199 23.93 21.49 10.47
C GLY H 199 25.25 20.76 10.68
N ILE H 200 26.29 21.18 9.97
CA ILE H 200 27.58 20.53 10.10
C ILE H 200 28.16 20.70 11.50
N GLU H 201 28.07 21.92 12.02
CA GLU H 201 28.55 22.22 13.37
C GLU H 201 27.86 21.38 14.44
N THR H 202 26.54 21.31 14.37
CA THR H 202 25.75 20.68 15.42
C THR H 202 25.82 19.18 15.30
N SER H 203 25.72 18.66 14.07
CA SER H 203 25.81 17.22 13.90
C SER H 203 27.18 16.70 14.32
N THR H 204 28.24 17.47 14.04
CA THR H 204 29.59 17.01 14.36
C THR H 204 29.79 16.98 15.87
N ASN H 205 29.21 17.96 16.56
CA ASN H 205 29.21 17.99 18.02
C ASN H 205 28.57 16.70 18.54
N ALA H 206 27.37 16.41 18.06
CA ALA H 206 26.60 15.25 18.52
C ALA H 206 27.33 13.93 18.25
N VAL H 207 27.93 13.81 17.07
CA VAL H 207 28.68 12.61 16.73
C VAL H 207 29.90 12.44 17.65
N ARG H 208 30.61 13.53 17.95
CA ARG H 208 31.72 13.43 18.90
C ARG H 208 31.19 12.96 20.27
N MET H 209 30.02 13.45 20.66
CA MET H 209 29.46 13.08 21.96
C MET H 209 29.25 11.56 22.00
N ILE H 210 28.63 11.03 20.95
CA ILE H 210 28.36 9.60 20.90
C ILE H 210 29.63 8.77 20.86
N LEU H 211 30.55 9.14 19.96
CA LEU H 211 31.76 8.34 19.76
C LEU H 211 32.72 8.38 20.96
N SER H 212 32.67 9.44 21.75
CA SER H 212 33.57 9.55 22.91
C SER H 212 33.10 8.69 24.08
N GLY H 213 31.88 8.17 23.97
CA GLY H 213 31.31 7.34 25.02
C GLY H 213 30.61 8.15 26.09
N LEU H 214 30.27 9.39 25.78
CA LEU H 214 29.58 10.25 26.76
C LEU H 214 28.31 9.57 27.29
N PHE H 215 27.65 8.81 26.43
CA PHE H 215 26.39 8.17 26.81
C PHE H 215 26.54 6.83 27.52
N ASP H 216 27.77 6.34 27.64
CA ASP H 216 28.03 5.27 28.61
C ASP H 216 28.25 5.88 30.00
N ARG H 217 28.91 7.05 30.02
CA ARG H 217 29.17 7.74 31.28
C ARG H 217 27.88 8.31 31.88
N PHE H 218 27.02 8.85 31.02
CA PHE H 218 25.76 9.46 31.41
C PHE H 218 24.61 8.86 30.59
N PRO H 219 24.24 7.61 30.90
CA PRO H 219 23.27 6.86 30.08
C PRO H 219 21.83 7.36 30.15
N ARG H 220 21.49 8.19 31.13
CA ARG H 220 20.13 8.71 31.22
C ARG H 220 19.94 10.09 30.58
N LEU H 221 21.00 10.62 29.96
CA LEU H 221 20.87 11.85 29.19
C LEU H 221 19.84 11.75 28.09
N LYS H 222 19.04 12.80 27.94
CA LYS H 222 18.19 12.96 26.76
C LYS H 222 18.62 14.22 26.00
N ILE H 223 18.99 14.02 24.73
CA ILE H 223 19.40 15.12 23.88
C ILE H 223 18.38 15.27 22.76
N VAL H 224 18.07 16.51 22.41
CA VAL H 224 17.14 16.79 21.31
C VAL H 224 17.88 17.61 20.27
N LEU H 225 17.77 17.19 19.00
CA LEU H 225 18.37 17.89 17.86
C LEU H 225 17.28 18.36 16.90
N GLY H 226 17.35 19.60 16.45
CA GLY H 226 16.39 20.13 15.49
C GLY H 226 16.79 19.78 14.07
N HIS H 227 16.06 20.33 13.10
CA HIS H 227 16.45 20.22 11.70
C HIS H 227 16.56 18.76 11.25
N MET H 228 15.52 18.00 11.59
CA MET H 228 15.41 16.57 11.32
C MET H 228 16.65 15.82 11.81
N GLY H 229 17.09 16.16 13.02
CA GLY H 229 18.21 15.49 13.65
C GLY H 229 19.56 15.87 13.07
N GLU H 230 19.62 17.03 12.42
CA GLU H 230 20.84 17.52 11.76
C GLU H 230 21.44 16.44 10.86
N ALA H 231 20.54 15.72 10.20
CA ALA H 231 20.86 14.66 9.23
C ALA H 231 21.48 13.38 9.79
N ILE H 232 21.73 13.35 11.09
CA ILE H 232 22.26 12.12 11.69
C ILE H 232 21.39 10.86 11.43
N PRO H 233 20.04 11.00 11.47
CA PRO H 233 19.24 9.82 11.12
C PRO H 233 19.57 9.24 9.74
N PHE H 234 20.04 10.07 8.83
CA PHE H 234 20.38 9.56 7.50
C PHE H 234 21.68 8.76 7.48
N TRP H 235 22.56 9.05 8.43
CA TRP H 235 23.90 8.48 8.45
C TRP H 235 24.01 7.26 9.38
N LEU H 236 22.91 6.76 9.91
CA LEU H 236 23.00 5.75 10.98
C LEU H 236 23.68 4.46 10.54
N TRP H 237 23.43 4.02 9.32
CA TRP H 237 23.97 2.72 8.91
C TRP H 237 25.48 2.80 8.79
N ARG H 238 25.97 3.91 8.23
CA ARG H 238 27.40 4.11 8.02
C ARG H 238 28.13 4.33 9.34
N LEU H 239 27.52 5.11 10.24
CA LEU H 239 28.06 5.29 11.58
C LEU H 239 28.28 3.96 12.27
N ASP H 240 27.29 3.08 12.20
CA ASP H 240 27.43 1.74 12.77
C ASP H 240 28.48 0.90 12.07
N TYR H 241 28.43 0.90 10.73
CA TYR H 241 29.32 0.01 9.99
C TYR H 241 30.79 0.36 10.24
N MET H 242 31.10 1.64 10.16
CA MET H 242 32.48 2.08 10.26
C MET H 242 33.00 2.15 11.70
N HIS H 243 32.14 1.87 12.68
CA HIS H 243 32.56 2.00 14.07
C HIS H 243 33.65 0.99 14.43
N GLY H 244 33.61 -0.20 13.81
CA GLY H 244 34.64 -1.20 14.03
C GLY H 244 36.03 -0.70 13.67
N ASN H 245 36.15 -0.11 12.48
CA ASN H 245 37.40 0.51 12.08
C ASN H 245 37.85 1.58 13.07
N ALA H 246 36.89 2.38 13.53
CA ALA H 246 37.17 3.49 14.44
C ALA H 246 37.80 3.00 15.74
N THR H 247 37.27 1.91 16.30
CA THR H 247 37.81 1.37 17.54
C THR H 247 39.03 0.47 17.31
N THR H 248 39.18 -0.03 16.09
CA THR H 248 40.29 -0.94 15.82
C THR H 248 41.59 -0.21 15.51
N PHE H 249 41.55 0.71 14.54
CA PHE H 249 42.77 1.44 14.24
C PHE H 249 42.63 2.96 14.39
N GLY H 250 41.42 3.42 14.67
CA GLY H 250 41.18 4.85 14.74
C GLY H 250 41.32 5.52 16.10
N GLY H 251 41.52 4.72 17.15
CA GLY H 251 41.65 5.25 18.49
C GLY H 251 40.34 5.61 19.19
N ALA H 252 39.22 5.14 18.66
CA ALA H 252 37.94 5.38 19.30
C ALA H 252 37.78 4.43 20.49
N PRO H 253 37.13 4.90 21.56
CA PRO H 253 36.95 4.00 22.70
C PRO H 253 35.86 2.97 22.44
N LYS H 254 35.99 1.81 23.08
CA LYS H 254 34.98 0.78 23.00
C LYS H 254 33.72 1.24 23.71
N LEU H 255 32.58 1.07 23.04
CA LEU H 255 31.28 1.47 23.56
C LEU H 255 30.42 0.26 23.86
N LYS H 256 29.50 0.43 24.81
CA LYS H 256 28.57 -0.64 25.16
C LYS H 256 27.55 -0.91 24.06
N LEU H 257 27.10 0.15 23.37
CA LEU H 257 26.10 0.05 22.30
C LEU H 257 26.67 0.47 20.96
N LYS H 258 25.92 0.25 19.88
CA LYS H 258 26.29 0.78 18.57
C LYS H 258 25.94 2.25 18.53
N PRO H 259 26.63 3.04 17.68
CA PRO H 259 26.31 4.46 17.55
C PRO H 259 24.82 4.76 17.32
N SER H 260 24.14 4.01 16.45
CA SER H 260 22.74 4.28 16.15
C SER H 260 21.84 3.90 17.32
N GLU H 261 22.33 3.00 18.16
CA GLU H 261 21.60 2.61 19.36
C GLU H 261 21.63 3.72 20.40
N TYR H 262 22.76 4.41 20.54
CA TYR H 262 22.82 5.62 21.35
C TYR H 262 21.88 6.67 20.78
N PHE H 263 21.85 6.79 19.46
CA PHE H 263 21.01 7.82 18.88
C PHE H 263 19.52 7.57 19.17
N ARG H 264 19.07 6.33 19.02
CA ARG H 264 17.69 6.02 19.30
C ARG H 264 17.37 6.04 20.80
N ARG H 265 18.34 5.65 21.63
CA ARG H 265 18.09 5.55 23.07
C ARG H 265 18.13 6.92 23.75
N ASN H 266 19.08 7.75 23.33
CA ASN H 266 19.42 8.98 24.04
C ASN H 266 19.01 10.27 23.36
N PHE H 267 18.70 10.20 22.06
CA PHE H 267 18.28 11.38 21.29
C PHE H 267 16.82 11.32 20.84
N ALA H 268 16.24 12.49 20.64
CA ALA H 268 14.98 12.65 19.91
C ALA H 268 15.24 13.81 18.96
N ILE H 269 14.38 14.00 17.97
CA ILE H 269 14.65 15.01 16.93
C ILE H 269 13.43 15.86 16.71
N THR H 270 13.62 17.05 16.13
CA THR H 270 12.50 17.88 15.74
C THR H 270 12.54 18.18 14.23
N THR H 271 11.43 18.65 13.70
CA THR H 271 11.31 18.91 12.26
C THR H 271 11.59 20.35 11.87
N SER H 272 12.15 21.14 12.79
CA SER H 272 12.40 22.55 12.52
C SER H 272 13.14 22.78 11.21
N GLY H 273 12.55 23.56 10.32
CA GLY H 273 13.22 23.96 9.09
C GLY H 273 13.40 22.83 8.09
N VAL H 274 12.75 21.69 8.33
CA VAL H 274 12.78 20.58 7.38
C VAL H 274 11.35 20.11 7.15
N GLU H 275 10.60 20.92 6.39
CA GLU H 275 9.21 20.64 6.10
C GLU H 275 9.08 19.74 4.88
N SER H 276 9.62 18.53 5.02
CA SER H 276 9.65 17.53 3.96
C SER H 276 8.97 16.25 4.45
N HIS H 277 7.85 15.90 3.82
CA HIS H 277 7.15 14.69 4.19
C HIS H 277 8.01 13.46 3.99
N ALA H 278 8.85 13.45 2.94
CA ALA H 278 9.75 12.34 2.71
C ALA H 278 10.79 12.16 3.82
N ALA H 279 11.36 13.26 4.28
CA ALA H 279 12.37 13.21 5.33
C ALA H 279 11.72 12.86 6.68
N LEU H 280 10.49 13.33 6.85
CA LEU H 280 9.72 13.01 8.06
C LEU H 280 9.43 11.51 8.11
N ARG H 281 8.97 10.95 7.00
CA ARG H 281 8.64 9.53 6.95
C ARG H 281 9.87 8.66 7.17
N TYR H 282 10.99 9.04 6.54
CA TYR H 282 12.26 8.36 6.78
C TYR H 282 12.61 8.31 8.26
N SER H 283 12.57 9.49 8.89
CA SER H 283 12.94 9.59 10.31
C SER H 283 12.07 8.73 11.22
N ILE H 284 10.76 8.77 10.99
CA ILE H 284 9.84 7.94 11.74
C ILE H 284 10.19 6.47 11.55
N GLU H 285 10.52 6.09 10.31
CA GLU H 285 10.86 4.71 10.02
C GLU H 285 12.13 4.21 10.72
N VAL H 286 13.16 5.06 10.77
CA VAL H 286 14.43 4.60 11.32
C VAL H 286 14.61 4.91 12.80
N LEU H 287 13.88 5.89 13.32
CA LEU H 287 13.99 6.26 14.75
C LEU H 287 12.83 5.76 15.59
N GLY H 288 11.68 5.53 14.96
CA GLY H 288 10.45 5.23 15.69
C GLY H 288 9.64 6.51 15.89
N PRO H 289 8.31 6.38 15.91
CA PRO H 289 7.43 7.56 15.98
C PRO H 289 7.52 8.32 17.32
N GLU H 290 8.00 7.67 18.37
CA GLU H 290 8.15 8.32 19.67
C GLU H 290 9.31 9.32 19.72
N ASN H 291 10.17 9.28 18.70
CA ASN H 291 11.40 10.05 18.74
C ASN H 291 11.40 11.30 17.85
N VAL H 292 10.25 11.63 17.26
CA VAL H 292 10.16 12.76 16.34
C VAL H 292 9.13 13.80 16.80
N MET H 293 9.57 15.06 16.89
CA MET H 293 8.72 16.14 17.35
C MET H 293 8.61 17.24 16.30
N TRP H 294 7.45 17.87 16.24
CA TRP H 294 7.25 18.99 15.33
C TRP H 294 7.79 20.28 15.95
N ALA H 295 8.27 21.18 15.10
CA ALA H 295 8.71 22.51 15.51
C ALA H 295 8.47 23.51 14.37
N ILE H 296 8.52 24.80 14.68
CA ILE H 296 8.40 25.83 13.66
C ILE H 296 9.73 26.49 13.34
N ASP H 297 10.47 26.83 14.40
CA ASP H 297 11.71 27.64 14.33
C ASP H 297 11.33 29.10 14.12
N TYR H 298 10.22 29.51 14.75
CA TYR H 298 9.77 30.91 14.71
C TYR H 298 10.75 31.72 15.55
N PRO H 299 11.07 32.95 15.14
CA PRO H 299 10.62 33.73 13.99
C PRO H 299 11.50 33.59 12.76
N TYR H 300 12.46 32.66 12.77
CA TYR H 300 13.33 32.47 11.62
C TYR H 300 12.62 31.75 10.47
N GLN H 301 11.53 31.07 10.81
CA GLN H 301 10.63 30.45 9.84
C GLN H 301 9.24 30.93 10.16
N PRO H 302 8.37 31.04 9.14
CA PRO H 302 6.98 31.44 9.36
C PRO H 302 6.09 30.29 9.86
N MET H 303 5.05 30.62 10.63
CA MET H 303 4.27 29.55 11.26
C MET H 303 3.36 28.79 10.29
N ALA H 304 2.67 29.49 9.39
CA ALA H 304 1.66 28.83 8.56
C ALA H 304 2.19 27.61 7.77
N PRO H 305 3.31 27.77 7.03
CA PRO H 305 3.80 26.60 6.30
C PRO H 305 4.20 25.44 7.20
N ALA H 306 4.83 25.73 8.34
CA ALA H 306 5.22 24.65 9.26
C ALA H 306 3.98 23.92 9.77
N VAL H 307 2.95 24.67 10.15
CA VAL H 307 1.70 24.09 10.61
C VAL H 307 1.06 23.22 9.54
N GLN H 308 1.04 23.73 8.30
CA GLN H 308 0.37 23.00 7.22
C GLN H 308 1.14 21.73 6.84
N PHE H 309 2.47 21.79 6.99
CA PHE H 309 3.34 20.64 6.81
C PHE H 309 2.91 19.45 7.68
N ILE H 310 2.68 19.70 8.96
CA ILE H 310 2.34 18.58 9.85
C ILE H 310 0.85 18.20 9.74
N ARG H 311 -0.03 19.19 9.59
CA ARG H 311 -1.46 18.88 9.39
C ARG H 311 -1.74 18.03 8.15
N THR H 312 -0.86 18.12 7.16
CA THR H 312 -1.05 17.38 5.91
C THR H 312 -0.12 16.17 5.79
N ALA H 313 0.62 15.85 6.85
CA ALA H 313 1.59 14.75 6.77
C ALA H 313 0.91 13.41 6.46
N PRO H 314 1.45 12.66 5.49
CA PRO H 314 0.86 11.37 5.10
C PRO H 314 1.20 10.28 6.09
N ILE H 315 0.72 10.45 7.32
CA ILE H 315 0.93 9.48 8.39
C ILE H 315 -0.41 9.29 9.13
N PRO H 316 -0.58 8.15 9.82
CA PRO H 316 -1.83 7.93 10.56
C PRO H 316 -2.05 9.00 11.63
N GLU H 317 -3.31 9.24 11.97
CA GLU H 317 -3.65 10.31 12.90
C GLU H 317 -3.00 10.13 14.28
N ASP H 318 -2.88 8.88 14.73
CA ASP H 318 -2.25 8.67 16.04
C ASP H 318 -0.76 9.01 16.03
N VAL H 319 -0.06 8.63 14.97
CA VAL H 319 1.34 9.02 14.82
C VAL H 319 1.46 10.55 14.63
N LYS H 320 0.53 11.13 13.89
CA LYS H 320 0.54 12.59 13.71
C LYS H 320 0.40 13.30 15.07
N ALA H 321 -0.52 12.83 15.91
CA ALA H 321 -0.70 13.43 17.24
C ALA H 321 0.58 13.32 18.07
N MET H 322 1.28 12.20 17.98
CA MET H 322 2.56 12.06 18.68
C MET H 322 3.58 13.10 18.22
N VAL H 323 3.75 13.20 16.91
CA VAL H 323 4.71 14.14 16.34
C VAL H 323 4.30 15.59 16.60
N ALA H 324 3.01 15.88 16.48
CA ALA H 324 2.50 17.23 16.61
C ALA H 324 2.65 17.80 18.02
N GLY H 325 2.57 16.94 19.03
CA GLY H 325 2.64 17.44 20.40
C GLY H 325 2.75 16.41 21.50
N GLY H 326 2.33 15.18 21.23
CA GLY H 326 2.34 14.14 22.25
C GLY H 326 3.72 13.82 22.77
N ASN H 327 4.68 13.67 21.85
CA ASN H 327 6.07 13.40 22.20
C ASN H 327 6.70 14.56 22.98
N ALA H 328 6.48 15.79 22.52
CA ALA H 328 6.98 16.98 23.21
C ALA H 328 6.41 17.10 24.63
N ALA H 329 5.14 16.76 24.78
CA ALA H 329 4.50 16.81 26.09
C ALA H 329 5.20 15.87 27.08
N ARG H 330 5.58 14.69 26.59
CA ARG H 330 6.28 13.72 27.40
C ARG H 330 7.70 14.18 27.69
N ILE H 331 8.42 14.53 26.64
CA ILE H 331 9.85 14.81 26.76
C ILE H 331 10.10 16.11 27.53
N PHE H 332 9.24 17.10 27.30
CA PHE H 332 9.41 18.39 27.97
C PHE H 332 8.44 18.68 29.12
N ARG H 333 7.85 17.62 29.67
CA ARG H 333 7.05 17.72 30.90
C ARG H 333 5.93 18.74 30.80
N ILE H 334 5.13 18.65 29.76
CA ILE H 334 4.03 19.57 29.56
C ILE H 334 2.71 18.86 29.80
N THR H 335 1.89 19.40 30.68
CA THR H 335 0.54 18.87 30.85
C THR H 335 -0.37 19.27 29.69
MN MN I . 35.39 4.62 -1.47
C1 1DF J . 38.00 3.81 3.47
CO1 1DF J . 36.67 3.91 3.06
CO2 1DF J . 39.03 4.19 2.61
CM1 1DF J . 36.38 4.39 1.78
CM2 1DF J . 38.73 4.66 1.35
OM 1DF J . 39.70 5.05 0.46
CZ 1DF J . 37.42 4.75 0.94
CC 1DF J . 38.39 3.32 4.81
CV 1DF J . 40.96 5.45 0.87
O1 1DF J . 37.61 2.61 5.49
O2 1DF J . 39.53 3.62 5.27
O3 1DF J . 37.23 4.82 -0.42
N 1DF J . 35.04 4.80 1.42
O11 1DF J . 34.75 5.16 0.19
O22 1DF J . 34.12 4.80 2.32
C1 EDO K . 14.12 32.56 3.05
O1 EDO K . 15.41 32.05 2.66
C2 EDO K . 13.03 31.94 2.18
O2 EDO K . 13.01 32.54 0.88
MN MN L . 9.82 -34.17 -2.62
C1 1DF M . 6.78 -37.65 0.67
CO1 1DF M . 6.93 -36.26 0.56
CO2 1DF M . 7.68 -38.48 0.04
CM1 1DF M . 8.00 -35.75 -0.18
CM2 1DF M . 8.73 -37.96 -0.70
OM 1DF M . 9.61 -38.80 -1.33
CZ 1DF M . 8.90 -36.60 -0.82
CC 1DF M . 5.66 -38.29 1.43
CV 1DF M . 9.98 -39.98 -0.72
O1 1DF M . 5.81 -39.46 1.87
O2 1DF M . 4.56 -37.70 1.60
O3 1DF M . 9.58 -36.15 -1.95
N 1DF M . 8.32 -34.36 -0.08
O11 1DF M . 9.26 -33.85 -0.83
O22 1DF M . 7.65 -33.61 0.73
C1 PEG N . 26.43 -13.09 20.19
O1 PEG N . 26.70 -14.15 19.27
C2 PEG N . 27.45 -11.95 20.02
O2 PEG N . 27.59 -11.64 18.63
C3 PEG N . 26.70 -10.62 18.18
C4 PEG N . 27.38 -9.84 17.07
O4 PEG N . 26.45 -8.93 16.46
MN MN O . -24.73 -11.03 -23.35
C1 1DF P . -29.79 -8.81 -22.42
CO1 1DF P . -28.55 -8.77 -21.76
CO2 1DF P . -29.97 -9.71 -23.46
CM1 1DF P . -27.53 -9.64 -22.13
CM2 1DF P . -28.94 -10.57 -23.82
OM 1DF P . -29.12 -11.46 -24.85
CZ 1DF P . -27.73 -10.54 -23.17
CC 1DF P . -30.89 -7.88 -22.08
CV 1DF P . -30.41 -11.77 -25.24
O1 1DF P . -32.08 -8.13 -22.44
O2 1DF P . -30.65 -6.82 -21.43
O3 1DF P . -26.65 -11.05 -23.86
N 1DF P . -26.45 -9.87 -21.21
O11 1DF P . -25.39 -10.59 -21.52
O22 1DF P . -26.54 -9.34 -20.03
C1 EDO Q . -16.49 -30.05 5.68
O1 EDO Q . -15.67 -31.07 5.10
C2 EDO Q . -17.95 -30.50 5.63
O2 EDO Q . -18.49 -30.24 4.33
MN MN R . 0.94 27.68 -22.45
C1 1DF S . 1.49 32.69 -19.83
CO1 1DF S . 1.19 31.40 -19.39
CO2 1DF S . 1.42 32.98 -21.18
CM1 1DF S . 0.83 30.41 -20.32
CM2 1DF S . 1.06 32.01 -22.09
OM 1DF S . 0.99 32.28 -23.44
CZ 1DF S . 0.77 30.72 -21.67
CC 1DF S . 1.90 33.79 -18.90
CV 1DF S . 0.62 33.54 -23.88
O1 1DF S . 2.44 33.52 -17.78
O2 1DF S . 1.76 34.98 -19.26
O3 1DF S . 0.95 29.73 -22.60
N 1DF S . 0.31 29.15 -19.87
O11 1DF S . 0.13 28.14 -20.72
O22 1DF S . -0.01 28.99 -18.64
C1 EDO T . -30.84 14.06 -11.71
O1 EDO T . -29.83 13.08 -12.01
C2 EDO T . -30.19 15.40 -11.40
O2 EDO T . -29.51 15.90 -12.55
MN MN U . -26.42 23.91 -1.87
C1 1DF V . -29.33 23.74 -6.72
CO1 1DF V . -28.18 23.12 -6.26
CO2 1DF V . -29.85 24.82 -6.02
CM1 1DF V . -27.58 23.59 -5.09
CM2 1DF V . -29.23 25.28 -4.87
OM 1DF V . -29.74 26.34 -4.18
CZ 1DF V . -28.10 24.66 -4.39
CC 1DF V . -30.04 23.28 -7.96
CV 1DF V . -30.61 27.16 -4.85
O1 1DF V . -29.84 22.12 -8.39
O2 1DF V . -30.85 24.05 -8.55
O3 1DF V . -27.92 24.75 -3.04
N 1DF V . -26.25 23.17 -4.77
O11 1DF V . -25.68 23.53 -3.63
O22 1DF V . -25.62 22.43 -5.62
C1 PEG W . 8.17 30.99 -8.36
O1 PEG W . 8.47 31.91 -7.29
C2 PEG W . 7.31 31.64 -9.44
O2 PEG W . 7.42 33.07 -9.42
C3 PEG W . 7.44 33.64 -10.74
C4 PEG W . 6.20 33.24 -11.54
O4 PEG W . 5.00 33.71 -10.92
C1 PEG X . -37.97 16.25 -6.07
O1 PEG X . -39.23 16.16 -5.42
C2 PEG X . -37.35 17.62 -5.83
O2 PEG X . -38.30 18.65 -6.09
C3 PEG X . -38.69 18.64 -7.47
C4 PEG X . -39.37 19.94 -7.83
O4 PEG X . -40.58 19.66 -8.56
C1 EDO Y . -8.58 43.76 2.14
O1 EDO Y . -7.28 44.33 2.33
C2 EDO Y . -8.80 43.35 0.69
O2 EDO Y . -10.11 43.72 0.27
C1 EDO Z . -20.79 2.95 -2.82
O1 EDO Z . -19.39 3.16 -2.59
C2 EDO Z . -21.40 4.20 -3.45
O2 EDO Z . -21.13 5.31 -2.57
MN MN AA . -27.08 -21.20 9.49
C1 1DF BA . -26.72 -26.39 7.37
CO1 1DF BA . -26.05 -25.19 7.13
CO2 1DF BA . -27.90 -26.38 8.11
CM1 1DF BA . -26.56 -23.99 7.65
CM2 1DF BA . -28.41 -25.19 8.61
OM 1DF BA . -29.57 -25.18 9.34
CZ 1DF BA . -27.74 -24.00 8.38
CC 1DF BA . -26.19 -27.68 6.85
CV 1DF BA . -30.55 -26.12 9.07
O1 1DF BA . -26.98 -28.63 6.62
O2 1DF BA . -24.96 -27.85 6.68
O3 1DF BA . -27.95 -22.99 9.30
N 1DF BA . -26.03 -22.76 7.19
O11 1DF BA . -26.46 -21.59 7.62
O22 1DF BA . -25.11 -22.81 6.29
C1 PEG CA . -30.51 -0.17 -18.51
O1 PEG CA . -31.26 -0.63 -17.39
C2 PEG CA . -30.69 1.33 -18.67
O2 PEG CA . -30.26 2.00 -17.49
C3 PEG CA . -30.46 3.41 -17.54
C4 PEG CA . -29.69 4.08 -16.41
O4 PEG CA . -28.43 3.42 -16.25
MN MN DA . 15.75 -17.53 26.89
C1 1DF EA . 21.13 -18.83 25.85
CO1 1DF EA . 20.09 -18.28 25.09
CO2 1DF EA . 20.85 -19.41 27.09
CM1 1DF EA . 18.79 -18.30 25.58
CM2 1DF EA . 19.54 -19.43 27.55
OM 1DF EA . 19.21 -19.98 28.76
CZ 1DF EA . 18.53 -18.88 26.81
CC 1DF EA . 22.55 -18.80 25.38
CV 1DF EA . 20.14 -20.76 29.42
O1 1DF EA . 23.38 -19.62 25.87
O2 1DF EA . 22.93 -17.96 24.54
O3 1DF EA . 17.45 -18.47 27.54
N 1DF EA . 17.70 -18.02 24.72
O11 1DF EA . 16.45 -17.97 25.16
O22 1DF EA . 17.97 -17.75 23.47
C1 EDO FA . -2.37 -35.65 2.78
O1 EDO FA . -2.15 -35.49 4.19
C2 EDO FA . -3.82 -35.33 2.43
O2 EDO FA . -4.21 -34.08 3.00
MN MN GA . 16.40 27.65 15.56
C1 1DF HA . 18.54 31.39 11.88
CO1 1DF HA . 17.98 30.12 11.75
CO2 1DF HA . 18.89 31.87 13.13
CM1 1DF HA . 17.78 29.34 12.90
CM2 1DF HA . 18.68 31.09 14.26
OM 1DF HA . 19.03 31.53 15.51
CZ 1DF HA . 18.13 29.83 14.14
CC 1DF HA . 18.74 32.25 10.68
CV 1DF HA . 19.91 32.57 15.67
O1 1DF HA . 18.07 32.03 9.63
O2 1DF HA . 19.55 33.20 10.72
O3 1DF HA . 17.56 29.29 15.27
N 1DF HA . 17.51 27.95 12.76
O11 1DF HA . 17.26 27.21 13.81
O22 1DF HA . 17.53 27.42 11.56
C1 PEG IA . 31.56 -5.17 12.54
O1 PEG IA . 30.66 -4.99 11.43
C2 PEG IA . 32.98 -4.84 12.10
O2 PEG IA . 33.00 -3.69 11.25
C3 PEG IA . 34.32 -3.42 10.79
C4 PEG IA . 34.36 -2.15 9.95
O4 PEG IA . 34.09 -1.00 10.77
C1 EDO JA . 28.97 -2.64 21.18
O1 EDO JA . 27.88 -3.56 21.09
C2 EDO JA . 29.10 -1.94 19.83
O2 EDO JA . 29.79 -0.69 19.95
C1 EDO KA . 2.02 21.71 2.30
O1 EDO KA . 2.78 21.27 3.43
C2 EDO KA . 0.86 20.75 2.05
O2 EDO KA . 1.32 19.40 1.94
#